data_1JM7
#
_entry.id   1JM7
#
_cell.length_a   ?
_cell.length_b   ?
_cell.length_c   ?
_cell.angle_alpha   ?
_cell.angle_beta   ?
_cell.angle_gamma   ?
#
loop_
_entity.id
_entity.type
_entity.pdbx_description
1 polymer 'BREAST CANCER TYPE 1 SUSCEPTIBILITY PROTEIN'
2 polymer 'BRCA1-ASSOCIATED RING DOMAIN PROTEIN 1'
3 non-polymer 'ZINC ION'
#
loop_
_entity_poly.entity_id
_entity_poly.type
_entity_poly.pdbx_seq_one_letter_code
_entity_poly.pdbx_strand_id
1 'polypeptide(L)'
;MDLSALRVEEVQNVINAMQKILECPICLELIKEPVSTKCDHIFCKFCMLKLLNQKKGPSQCPLCKNDITKRSLQESTRFS
QLVEELLKIICAFQLDTGLEYANSYNFAKKGK
;
A
2 'polypeptide(L)'
;MEPDGRGAWAHSRAALDRLEKLLRCSRCTNILREPVCLGGCEHIFCSNCVSDCIGTGCPVCYTPAWIQDLKINRQLDSMI
QLCSKLRNLLHDNELSDLKEDKPRKSLFNDAGNKKGK
;
B
#
loop_
_chem_comp.id
_chem_comp.type
_chem_comp.name
_chem_comp.formula
ZN non-polymer 'ZINC ION' 'Zn 2'
#
# COMPACT_ATOMS: atom_id res chain seq x y z
N MET A 1 23.99 8.83 16.30
CA MET A 1 23.16 10.01 15.97
C MET A 1 21.72 9.61 15.65
N ASP A 2 20.82 9.86 16.60
CA ASP A 2 19.41 9.52 16.42
C ASP A 2 18.61 10.75 15.98
N LEU A 3 19.24 11.60 15.18
CA LEU A 3 18.59 12.81 14.69
C LEU A 3 18.13 13.69 15.86
N SER A 4 18.87 13.62 16.96
CA SER A 4 18.54 14.41 18.14
C SER A 4 17.17 14.01 18.70
N ALA A 5 16.68 12.84 18.31
CA ALA A 5 15.38 12.37 18.78
C ALA A 5 14.27 13.37 18.47
N LEU A 6 14.51 14.24 17.50
CA LEU A 6 13.52 15.26 17.13
C LEU A 6 12.57 14.71 16.08
N ARG A 7 11.33 14.44 16.47
CA ARG A 7 10.31 13.93 15.56
C ARG A 7 10.80 12.66 14.87
N VAL A 8 11.49 11.81 15.62
CA VAL A 8 12.01 10.56 15.07
C VAL A 8 11.11 9.38 15.43
N GLU A 9 10.46 9.48 16.59
CA GLU A 9 9.58 8.42 17.06
C GLU A 9 8.27 8.41 16.26
N GLU A 10 7.85 9.58 15.80
CA GLU A 10 6.63 9.70 15.01
C GLU A 10 6.77 9.01 13.66
N VAL A 11 7.87 9.30 12.97
CA VAL A 11 8.13 8.72 11.66
C VAL A 11 8.15 7.19 11.74
N GLN A 12 9.02 6.67 12.60
CA GLN A 12 9.15 5.22 12.77
C GLN A 12 7.78 4.56 12.97
N ASN A 13 6.86 5.30 13.59
CA ASN A 13 5.52 4.80 13.83
C ASN A 13 4.73 4.70 12.53
N VAL A 14 5.04 5.60 11.60
CA VAL A 14 4.36 5.61 10.31
C VAL A 14 4.93 4.55 9.38
N ILE A 15 6.22 4.25 9.55
CA ILE A 15 6.88 3.24 8.73
C ILE A 15 6.40 1.84 9.09
N ASN A 16 6.14 1.62 10.37
CA ASN A 16 5.67 0.33 10.85
C ASN A 16 4.24 0.06 10.40
N ALA A 17 3.36 1.03 10.66
CA ALA A 17 1.95 0.91 10.29
C ALA A 17 1.82 0.71 8.77
N MET A 18 2.76 1.26 8.02
CA MET A 18 2.73 1.14 6.56
C MET A 18 3.01 -0.30 6.13
N GLN A 19 3.99 -0.93 6.76
CA GLN A 19 4.34 -2.30 6.44
C GLN A 19 3.15 -3.23 6.67
N LYS A 20 2.29 -2.87 7.62
CA LYS A 20 1.10 -3.67 7.93
C LYS A 20 0.23 -3.84 6.70
N ILE A 21 0.04 -2.75 5.95
CA ILE A 21 -0.78 -2.79 4.74
C ILE A 21 -0.12 -3.65 3.66
N LEU A 22 1.21 -3.70 3.69
CA LEU A 22 1.96 -4.48 2.71
C LEU A 22 2.51 -5.76 3.35
N GLU A 23 1.74 -6.33 4.28
CA GLU A 23 2.15 -7.55 4.97
C GLU A 23 1.48 -8.78 4.36
N CYS A 24 1.61 -9.90 5.03
CA CYS A 24 1.03 -11.16 4.57
C CYS A 24 -0.11 -11.60 5.48
N PRO A 25 -1.22 -12.11 4.90
CA PRO A 25 -2.39 -12.54 5.66
C PRO A 25 -2.39 -14.03 6.00
N ILE A 26 -1.26 -14.72 5.79
CA ILE A 26 -1.20 -16.15 6.08
C ILE A 26 0.12 -16.55 6.75
N CYS A 27 1.24 -16.18 6.14
CA CYS A 27 2.55 -16.52 6.70
C CYS A 27 3.24 -15.31 7.32
N LEU A 28 2.61 -14.14 7.20
CA LEU A 28 3.17 -12.93 7.76
C LEU A 28 4.54 -12.60 7.15
N GLU A 29 4.73 -12.97 5.89
CA GLU A 29 6.00 -12.71 5.21
C GLU A 29 5.81 -11.66 4.12
N LEU A 30 6.60 -10.59 4.18
CA LEU A 30 6.54 -9.51 3.19
C LEU A 30 6.30 -10.06 1.78
N ILE A 31 5.05 -9.95 1.33
CA ILE A 31 4.67 -10.44 0.01
C ILE A 31 5.56 -9.86 -1.08
N LYS A 32 5.95 -10.70 -2.04
CA LYS A 32 6.80 -10.27 -3.14
C LYS A 32 6.01 -10.23 -4.44
N GLU A 33 5.22 -11.27 -4.68
CA GLU A 33 4.39 -11.35 -5.87
C GLU A 33 2.92 -11.14 -5.53
N PRO A 34 2.52 -9.87 -5.31
CA PRO A 34 1.14 -9.53 -4.97
C PRO A 34 0.14 -10.04 -6.01
N VAL A 35 -0.79 -10.88 -5.57
CA VAL A 35 -1.80 -11.44 -6.46
C VAL A 35 -3.19 -11.27 -5.86
N SER A 36 -4.13 -10.77 -6.68
CA SER A 36 -5.50 -10.56 -6.24
C SER A 36 -6.30 -11.86 -6.26
N THR A 37 -6.85 -12.23 -5.11
CA THR A 37 -7.64 -13.44 -5.01
C THR A 37 -9.12 -13.15 -5.24
N LYS A 38 -9.89 -14.20 -5.53
CA LYS A 38 -11.32 -14.07 -5.79
C LYS A 38 -12.00 -13.17 -4.76
N CYS A 39 -11.45 -13.12 -3.55
CA CYS A 39 -12.01 -12.29 -2.49
C CYS A 39 -11.35 -10.92 -2.44
N ASP A 40 -10.83 -10.48 -3.57
CA ASP A 40 -10.17 -9.17 -3.66
C ASP A 40 -9.08 -9.03 -2.60
N HIS A 41 -8.35 -10.11 -2.36
CA HIS A 41 -7.28 -10.09 -1.37
C HIS A 41 -5.92 -10.32 -2.03
N ILE A 42 -4.86 -9.89 -1.35
CA ILE A 42 -3.51 -10.04 -1.87
C ILE A 42 -2.79 -11.23 -1.22
N PHE A 43 -1.81 -11.77 -1.93
CA PHE A 43 -1.03 -12.91 -1.44
C PHE A 43 0.37 -12.90 -2.03
N CYS A 44 1.15 -13.92 -1.70
CA CYS A 44 2.51 -14.03 -2.20
C CYS A 44 2.60 -15.05 -3.34
N LYS A 45 1.47 -15.31 -3.98
CA LYS A 45 1.41 -16.27 -5.09
C LYS A 45 1.61 -17.69 -4.58
N PHE A 46 2.79 -17.98 -4.06
CA PHE A 46 3.10 -19.31 -3.54
C PHE A 46 2.11 -19.73 -2.46
N CYS A 47 1.64 -18.76 -1.68
CA CYS A 47 0.69 -19.04 -0.61
C CYS A 47 -0.58 -19.69 -1.17
N MET A 48 -0.95 -19.30 -2.38
CA MET A 48 -2.14 -19.85 -3.03
C MET A 48 -1.92 -21.30 -3.43
N LEU A 49 -0.68 -21.62 -3.82
CA LEU A 49 -0.34 -22.97 -4.24
C LEU A 49 -0.62 -23.96 -3.11
N LYS A 50 -0.21 -23.60 -1.90
CA LYS A 50 -0.41 -24.46 -0.73
C LYS A 50 -1.88 -24.48 -0.32
N LEU A 51 -2.52 -23.31 -0.38
CA LEU A 51 -3.93 -23.19 -0.03
C LEU A 51 -4.80 -24.00 -0.98
N LEU A 52 -4.35 -24.12 -2.23
CA LEU A 52 -5.10 -24.87 -3.23
C LEU A 52 -4.61 -26.31 -3.31
N ASN A 53 -3.33 -26.51 -2.98
CA ASN A 53 -2.74 -27.84 -3.01
C ASN A 53 -3.37 -28.75 -1.96
N GLN A 54 -3.81 -28.16 -0.85
CA GLN A 54 -4.44 -28.91 0.23
C GLN A 54 -5.67 -29.63 -0.27
N LYS A 55 -5.79 -30.92 0.07
CA LYS A 55 -6.93 -31.73 -0.34
C LYS A 55 -8.20 -31.28 0.38
N LYS A 56 -8.70 -30.10 0.00
CA LYS A 56 -9.90 -29.56 0.61
C LYS A 56 -10.74 -28.78 -0.41
N GLY A 57 -10.46 -29.03 -1.69
CA GLY A 57 -11.20 -28.33 -2.74
C GLY A 57 -10.79 -26.88 -2.87
N PRO A 58 -11.70 -26.02 -3.38
CA PRO A 58 -11.42 -24.59 -3.56
C PRO A 58 -10.76 -23.97 -2.33
N SER A 59 -9.80 -23.08 -2.56
CA SER A 59 -9.09 -22.41 -1.48
C SER A 59 -10.07 -21.67 -0.56
N GLN A 60 -9.68 -21.49 0.69
CA GLN A 60 -10.52 -20.80 1.66
C GLN A 60 -9.84 -19.54 2.18
N CYS A 61 -10.35 -18.38 1.74
CA CYS A 61 -9.80 -17.09 2.15
C CYS A 61 -9.68 -17.00 3.67
N PRO A 62 -8.45 -17.08 4.21
CA PRO A 62 -8.23 -16.99 5.66
C PRO A 62 -8.47 -15.58 6.21
N LEU A 63 -8.66 -14.62 5.31
CA LEU A 63 -8.90 -13.24 5.71
C LEU A 63 -10.35 -13.05 6.17
N CYS A 64 -11.27 -13.74 5.52
CA CYS A 64 -12.69 -13.65 5.87
C CYS A 64 -13.21 -14.99 6.38
N LYS A 65 -13.00 -16.04 5.60
CA LYS A 65 -13.46 -17.37 5.98
C LYS A 65 -13.30 -18.36 4.83
N ASN A 66 -13.53 -17.89 3.61
CA ASN A 66 -13.42 -18.74 2.43
C ASN A 66 -13.69 -17.94 1.15
N ASP A 67 -14.11 -18.64 0.08
CA ASP A 67 -14.41 -18.00 -1.20
C ASP A 67 -13.15 -17.78 -2.04
N ILE A 68 -12.56 -18.88 -2.50
CA ILE A 68 -11.35 -18.84 -3.32
C ILE A 68 -11.22 -20.10 -4.17
N THR A 69 -10.74 -19.94 -5.39
CA THR A 69 -10.56 -21.07 -6.30
C THR A 69 -9.32 -20.87 -7.17
N LYS A 70 -8.89 -21.95 -7.81
CA LYS A 70 -7.72 -21.90 -8.68
C LYS A 70 -7.92 -20.91 -9.82
N ARG A 71 -8.88 -21.21 -10.69
CA ARG A 71 -9.17 -20.33 -11.83
C ARG A 71 -9.91 -19.08 -11.36
N SER A 72 -9.23 -18.27 -10.57
CA SER A 72 -9.82 -17.04 -10.06
C SER A 72 -8.76 -15.95 -9.89
N LEU A 73 -7.84 -16.17 -8.96
CA LEU A 73 -6.77 -15.22 -8.70
C LEU A 73 -5.94 -14.97 -9.95
N GLN A 74 -5.16 -13.90 -9.94
CA GLN A 74 -4.31 -13.56 -11.08
C GLN A 74 -3.33 -12.45 -10.72
N GLU A 75 -2.06 -12.66 -11.03
CA GLU A 75 -1.03 -11.67 -10.74
C GLU A 75 -1.33 -10.34 -11.42
N SER A 76 -1.87 -9.41 -10.65
CA SER A 76 -2.21 -8.08 -11.17
C SER A 76 -1.09 -7.09 -10.91
N THR A 77 -0.30 -7.35 -9.88
CA THR A 77 0.82 -6.46 -9.53
C THR A 77 0.30 -5.08 -9.14
N ARG A 78 -0.41 -5.02 -8.02
CA ARG A 78 -0.95 -3.75 -7.53
C ARG A 78 -0.26 -3.33 -6.24
N PHE A 79 0.06 -4.30 -5.40
CA PHE A 79 0.73 -4.03 -4.13
C PHE A 79 2.20 -4.42 -4.20
N SER A 80 2.78 -4.31 -5.39
CA SER A 80 4.18 -4.66 -5.60
C SER A 80 5.09 -3.48 -5.24
N GLN A 81 4.94 -2.38 -5.98
CA GLN A 81 5.74 -1.19 -5.75
C GLN A 81 5.55 -0.68 -4.32
N LEU A 82 4.36 -0.91 -3.78
CA LEU A 82 4.05 -0.47 -2.42
C LEU A 82 4.92 -1.20 -1.39
N VAL A 83 5.27 -2.44 -1.71
CA VAL A 83 6.10 -3.24 -0.82
C VAL A 83 7.58 -2.93 -1.01
N GLU A 84 8.00 -2.86 -2.28
CA GLU A 84 9.39 -2.57 -2.61
C GLU A 84 9.75 -1.15 -2.19
N GLU A 85 8.89 -0.20 -2.51
CA GLU A 85 9.12 1.20 -2.17
C GLU A 85 9.25 1.37 -0.66
N LEU A 86 8.28 0.82 0.08
CA LEU A 86 8.29 0.91 1.53
C LEU A 86 9.64 0.48 2.10
N LEU A 87 10.15 -0.63 1.59
CA LEU A 87 11.43 -1.16 2.03
C LEU A 87 12.54 -0.11 1.92
N LYS A 88 12.49 0.67 0.85
CA LYS A 88 13.50 1.71 0.63
C LYS A 88 13.33 2.87 1.62
N ILE A 89 12.10 3.04 2.12
CA ILE A 89 11.81 4.10 3.08
C ILE A 89 12.44 3.80 4.42
N ILE A 90 12.35 2.55 4.85
CA ILE A 90 12.92 2.13 6.12
C ILE A 90 14.44 2.24 6.11
N CYS A 91 15.04 1.97 4.95
CA CYS A 91 16.49 2.04 4.80
C CYS A 91 16.99 3.46 5.05
N ALA A 92 16.26 4.44 4.54
CA ALA A 92 16.65 5.84 4.71
C ALA A 92 16.57 6.25 6.18
N PHE A 93 15.58 5.71 6.89
CA PHE A 93 15.40 6.03 8.30
C PHE A 93 16.65 5.66 9.11
N GLN A 94 17.07 4.41 8.99
CA GLN A 94 18.24 3.93 9.70
C GLN A 94 19.51 4.61 9.19
N LEU A 95 19.50 4.97 7.91
CA LEU A 95 20.65 5.63 7.30
C LEU A 95 20.98 6.94 8.02
N ASP A 96 19.94 7.68 8.40
CA ASP A 96 20.12 8.94 9.09
C ASP A 96 19.95 8.76 10.60
N THR A 97 18.71 8.56 11.02
CA THR A 97 18.41 8.38 12.44
C THR A 97 19.15 7.16 13.01
N GLY A 98 18.99 6.02 12.34
CA GLY A 98 19.63 4.81 12.78
C GLY A 98 18.88 4.11 13.90
N LEU A 99 17.56 4.31 13.94
CA LEU A 99 16.72 3.69 14.95
C LEU A 99 16.23 2.32 14.50
N GLU A 100 15.80 1.51 15.46
CA GLU A 100 15.30 0.17 15.16
C GLU A 100 13.98 0.24 14.41
N TYR A 101 13.73 -0.76 13.57
CA TYR A 101 12.50 -0.81 12.79
C TYR A 101 11.57 -1.90 13.32
N ALA A 102 12.07 -3.14 13.35
CA ALA A 102 11.28 -4.26 13.84
C ALA A 102 12.12 -5.54 13.90
N ASN A 103 11.77 -6.43 14.81
CA ASN A 103 12.49 -7.68 14.98
C ASN A 103 11.54 -8.83 15.30
N MET B 1 25.28 27.64 4.09
CA MET B 1 25.41 26.17 4.28
C MET B 1 24.12 25.45 3.93
N GLU B 2 23.01 25.91 4.50
CA GLU B 2 21.71 25.31 4.24
C GLU B 2 20.61 26.38 4.21
N PRO B 3 19.48 26.07 3.55
CA PRO B 3 18.35 27.01 3.46
C PRO B 3 17.64 27.21 4.79
N ASP B 4 17.45 26.11 5.51
CA ASP B 4 16.78 26.16 6.81
C ASP B 4 17.62 25.48 7.88
N GLY B 5 18.93 25.52 7.72
CA GLY B 5 19.82 24.90 8.68
C GLY B 5 19.59 23.41 8.81
N ARG B 6 20.35 22.63 8.04
CA ARG B 6 20.23 21.18 8.07
C ARG B 6 18.89 20.74 7.48
N GLY B 7 17.81 21.02 8.19
CA GLY B 7 16.49 20.64 7.71
C GLY B 7 16.09 19.24 8.16
N ALA B 8 16.94 18.27 7.88
CA ALA B 8 16.67 16.89 8.26
C ALA B 8 15.40 16.38 7.60
N TRP B 9 15.18 15.08 7.68
CA TRP B 9 13.99 14.46 7.10
C TRP B 9 13.92 14.72 5.59
N ALA B 10 15.08 14.84 4.97
CA ALA B 10 15.16 15.09 3.54
C ALA B 10 14.90 13.82 2.74
N HIS B 11 15.63 12.75 3.08
CA HIS B 11 15.47 11.47 2.41
C HIS B 11 14.06 10.92 2.61
N SER B 12 13.46 11.23 3.75
CA SER B 12 12.11 10.77 4.07
C SER B 12 11.08 11.45 3.16
N ARG B 13 11.33 12.73 2.86
CA ARG B 13 10.42 13.49 2.00
C ARG B 13 10.30 12.85 0.63
N ALA B 14 11.44 12.46 0.06
CA ALA B 14 11.46 11.83 -1.25
C ALA B 14 10.72 10.49 -1.23
N ALA B 15 10.76 9.82 -0.09
CA ALA B 15 10.10 8.52 0.06
C ALA B 15 8.58 8.69 0.02
N LEU B 16 8.09 9.76 0.63
CA LEU B 16 6.66 10.04 0.67
C LEU B 16 6.09 10.18 -0.74
N ASP B 17 6.75 11.01 -1.55
CA ASP B 17 6.31 11.24 -2.93
C ASP B 17 6.29 9.93 -3.71
N ARG B 18 7.27 9.08 -3.45
CA ARG B 18 7.37 7.80 -4.14
C ARG B 18 6.15 6.93 -3.85
N LEU B 19 5.83 6.76 -2.57
CA LEU B 19 4.69 5.96 -2.15
C LEU B 19 3.39 6.59 -2.63
N GLU B 20 3.36 7.92 -2.69
CA GLU B 20 2.18 8.64 -3.12
C GLU B 20 1.80 8.26 -4.56
N LYS B 21 2.80 8.05 -5.39
CA LYS B 21 2.58 7.68 -6.79
C LYS B 21 1.78 6.39 -6.88
N LEU B 22 1.96 5.51 -5.89
CA LEU B 22 1.25 4.24 -5.86
C LEU B 22 -0.18 4.41 -5.36
N LEU B 23 -0.48 5.58 -4.79
CA LEU B 23 -1.82 5.86 -4.27
C LEU B 23 -2.54 6.89 -5.14
N ARG B 24 -1.77 7.73 -5.82
CA ARG B 24 -2.33 8.77 -6.67
C ARG B 24 -3.35 8.19 -7.65
N CYS B 25 -4.59 8.65 -7.55
CA CYS B 25 -5.66 8.18 -8.41
C CYS B 25 -5.31 8.42 -9.89
N SER B 26 -5.93 7.63 -10.77
CA SER B 26 -5.69 7.76 -12.20
C SER B 26 -6.53 8.88 -12.80
N ARG B 27 -7.77 9.00 -12.32
CA ARG B 27 -8.68 10.02 -12.81
C ARG B 27 -8.38 11.37 -12.15
N CYS B 28 -8.41 11.39 -10.82
CA CYS B 28 -8.14 12.61 -10.07
C CYS B 28 -6.66 12.99 -10.12
N THR B 29 -5.83 12.08 -10.64
CA THR B 29 -4.40 12.30 -10.73
C THR B 29 -3.83 12.90 -9.45
N ASN B 30 -4.31 12.40 -8.31
CA ASN B 30 -3.86 12.88 -7.01
C ASN B 30 -4.17 11.86 -5.92
N ILE B 31 -3.75 12.16 -4.70
CA ILE B 31 -3.99 11.28 -3.57
C ILE B 31 -5.49 11.02 -3.38
N LEU B 32 -5.85 9.76 -3.17
CA LEU B 32 -7.25 9.38 -3.00
C LEU B 32 -7.51 8.95 -1.55
N ARG B 33 -8.78 8.65 -1.27
CA ARG B 33 -9.18 8.22 0.08
C ARG B 33 -10.24 7.13 -0.01
N GLU B 34 -9.93 5.96 0.52
CA GLU B 34 -10.86 4.83 0.50
C GLU B 34 -11.34 4.56 -0.93
N PRO B 35 -10.40 4.42 -1.88
CA PRO B 35 -10.72 4.16 -3.28
C PRO B 35 -11.25 2.75 -3.52
N VAL B 36 -11.44 2.41 -4.79
CA VAL B 36 -11.93 1.09 -5.17
C VAL B 36 -11.00 0.44 -6.19
N CYS B 37 -10.86 -0.87 -6.09
CA CYS B 37 -10.00 -1.61 -7.01
C CYS B 37 -10.49 -1.47 -8.45
N LEU B 38 -11.21 -2.48 -8.94
CA LEU B 38 -11.74 -2.46 -10.31
C LEU B 38 -10.63 -2.76 -11.33
N GLY B 39 -9.54 -2.00 -11.24
CA GLY B 39 -8.43 -2.21 -12.15
C GLY B 39 -7.74 -3.54 -11.94
N GLY B 40 -8.39 -4.62 -12.38
CA GLY B 40 -7.82 -5.94 -12.23
C GLY B 40 -6.40 -6.03 -12.77
N CYS B 41 -6.08 -5.15 -13.72
CA CYS B 41 -4.74 -5.14 -14.31
C CYS B 41 -3.73 -4.52 -13.36
N GLU B 42 -3.58 -3.20 -13.40
CA GLU B 42 -2.64 -2.51 -12.54
C GLU B 42 -3.04 -1.05 -12.34
N HIS B 43 -4.33 -0.76 -12.52
CA HIS B 43 -4.84 0.59 -12.35
C HIS B 43 -5.75 0.68 -11.12
N ILE B 44 -5.91 1.90 -10.61
CA ILE B 44 -6.75 2.12 -9.43
C ILE B 44 -7.36 3.51 -9.46
N PHE B 45 -8.58 3.63 -8.93
CA PHE B 45 -9.26 4.92 -8.89
C PHE B 45 -10.07 5.06 -7.61
N CYS B 46 -10.59 6.26 -7.37
CA CYS B 46 -11.39 6.52 -6.17
C CYS B 46 -12.71 5.77 -6.23
N SER B 47 -13.51 5.87 -5.17
CA SER B 47 -14.79 5.20 -5.10
C SER B 47 -15.92 6.15 -5.55
N ASN B 48 -15.56 7.17 -6.32
CA ASN B 48 -16.53 8.14 -6.81
C ASN B 48 -16.17 8.64 -8.20
N CYS B 49 -15.31 7.90 -8.89
CA CYS B 49 -14.88 8.28 -10.24
C CYS B 49 -15.08 7.13 -11.21
N VAL B 50 -14.67 5.93 -10.80
CA VAL B 50 -14.81 4.74 -11.63
C VAL B 50 -16.28 4.36 -11.80
N SER B 51 -17.08 4.69 -10.80
CA SER B 51 -18.51 4.38 -10.82
C SER B 51 -19.16 4.91 -12.10
N ASP B 52 -18.56 5.94 -12.69
CA ASP B 52 -19.08 6.53 -13.91
C ASP B 52 -18.41 5.93 -15.15
N CYS B 53 -17.90 4.72 -15.01
CA CYS B 53 -17.24 4.03 -16.12
C CYS B 53 -17.03 2.56 -15.79
N ILE B 54 -17.97 1.98 -15.04
CA ILE B 54 -17.88 0.57 -14.66
C ILE B 54 -18.31 -0.33 -15.81
N GLY B 55 -19.16 0.19 -16.69
CA GLY B 55 -19.62 -0.59 -17.82
C GLY B 55 -18.48 -1.16 -18.65
N THR B 56 -17.34 -0.47 -18.64
CA THR B 56 -16.18 -0.92 -19.39
C THR B 56 -15.10 -1.46 -18.47
N GLY B 57 -14.47 -0.58 -17.70
CA GLY B 57 -13.42 -0.99 -16.79
C GLY B 57 -12.37 0.08 -16.59
N CYS B 58 -11.15 -0.22 -17.05
CA CYS B 58 -10.04 0.73 -16.92
C CYS B 58 -9.96 1.62 -18.17
N PRO B 59 -9.79 2.94 -17.97
CA PRO B 59 -9.69 3.90 -19.08
C PRO B 59 -8.33 3.87 -19.77
N VAL B 60 -7.35 3.22 -19.14
CA VAL B 60 -6.01 3.13 -19.72
C VAL B 60 -5.72 1.73 -20.25
N CYS B 61 -5.63 0.77 -19.34
CA CYS B 61 -5.37 -0.61 -19.70
C CYS B 61 -6.52 -1.20 -20.52
N TYR B 62 -7.66 -0.53 -20.50
CA TYR B 62 -8.83 -1.00 -21.23
C TYR B 62 -9.27 -2.37 -20.72
N THR B 63 -8.87 -2.70 -19.50
CA THR B 63 -9.22 -3.99 -18.90
C THR B 63 -10.66 -3.97 -18.40
N PRO B 64 -11.40 -5.08 -18.59
CA PRO B 64 -12.80 -5.18 -18.14
C PRO B 64 -12.92 -5.20 -16.62
N ALA B 65 -13.97 -4.58 -16.10
CA ALA B 65 -14.20 -4.54 -14.67
C ALA B 65 -14.36 -5.93 -14.09
N TRP B 66 -13.86 -6.12 -12.86
CA TRP B 66 -13.94 -7.42 -12.21
C TRP B 66 -14.94 -7.38 -11.05
N ILE B 67 -15.20 -6.19 -10.52
CA ILE B 67 -16.13 -6.03 -9.42
C ILE B 67 -17.38 -5.29 -9.88
N GLN B 68 -18.52 -5.97 -9.84
CA GLN B 68 -19.78 -5.37 -10.25
C GLN B 68 -20.23 -4.31 -9.25
N ASP B 69 -20.06 -4.60 -7.96
CA ASP B 69 -20.43 -3.66 -6.91
C ASP B 69 -19.27 -2.76 -6.53
N LEU B 70 -19.57 -1.52 -6.17
CA LEU B 70 -18.53 -0.56 -5.78
C LEU B 70 -17.85 -1.00 -4.49
N LYS B 71 -16.93 -1.95 -4.60
CA LYS B 71 -16.21 -2.46 -3.45
C LYS B 71 -15.21 -1.42 -2.94
N ILE B 72 -14.60 -1.71 -1.79
CA ILE B 72 -13.62 -0.80 -1.19
C ILE B 72 -12.34 -1.53 -0.82
N ASN B 73 -11.25 -0.79 -0.69
CA ASN B 73 -9.96 -1.37 -0.34
C ASN B 73 -9.42 -0.76 0.95
N ARG B 74 -9.63 -1.46 2.06
CA ARG B 74 -9.17 -0.99 3.36
C ARG B 74 -7.65 -0.82 3.36
N GLN B 75 -6.96 -1.65 2.59
CA GLN B 75 -5.51 -1.58 2.50
C GLN B 75 -5.05 -0.24 1.94
N LEU B 76 -5.40 0.02 0.69
CA LEU B 76 -5.04 1.27 0.04
C LEU B 76 -5.56 2.47 0.82
N ASP B 77 -6.71 2.31 1.46
CA ASP B 77 -7.32 3.37 2.25
C ASP B 77 -6.43 3.74 3.42
N SER B 78 -5.97 2.73 4.15
CA SER B 78 -5.11 2.94 5.31
C SER B 78 -3.75 3.51 4.88
N MET B 79 -3.32 3.14 3.67
CA MET B 79 -2.05 3.62 3.14
C MET B 79 -2.07 5.13 2.96
N ILE B 80 -3.21 5.66 2.54
CA ILE B 80 -3.35 7.09 2.32
C ILE B 80 -3.23 7.86 3.64
N GLN B 81 -3.96 7.41 4.64
CA GLN B 81 -3.94 8.06 5.96
C GLN B 81 -2.52 8.09 6.52
N LEU B 82 -1.81 6.98 6.38
CA LEU B 82 -0.44 6.87 6.87
C LEU B 82 0.46 7.87 6.16
N CYS B 83 0.33 7.95 4.83
CA CYS B 83 1.13 8.86 4.03
C CYS B 83 0.92 10.30 4.49
N SER B 84 -0.30 10.61 4.90
CA SER B 84 -0.63 11.96 5.38
C SER B 84 0.20 12.31 6.59
N LYS B 85 0.41 11.35 7.47
CA LYS B 85 1.20 11.56 8.68
C LYS B 85 2.60 12.04 8.34
N LEU B 86 3.32 11.23 7.57
CA LEU B 86 4.68 11.58 7.16
C LEU B 86 4.75 12.99 6.60
N ARG B 87 3.70 13.39 5.90
CA ARG B 87 3.63 14.73 5.30
C ARG B 87 3.77 15.80 6.39
N ASN B 88 3.14 15.56 7.54
CA ASN B 88 3.19 16.51 8.65
C ASN B 88 4.53 16.41 9.37
N LEU B 89 5.07 15.20 9.45
CA LEU B 89 6.35 14.98 10.12
C LEU B 89 7.45 15.79 9.46
N LEU B 90 7.40 15.88 8.13
CA LEU B 90 8.40 16.62 7.37
C LEU B 90 8.17 18.13 7.50
N HIS B 91 6.91 18.52 7.50
CA HIS B 91 6.55 19.93 7.61
C HIS B 91 6.87 20.47 9.00
N ASP B 92 6.58 19.66 10.02
CA ASP B 92 6.84 20.05 11.40
C ASP B 92 6.06 21.31 11.76
N ASN B 93 5.05 21.15 12.61
CA ASN B 93 4.23 22.27 13.04
C ASN B 93 4.88 23.02 14.20
N GLU B 94 5.44 24.19 13.90
CA GLU B 94 6.10 25.01 14.91
C GLU B 94 5.15 26.08 15.45
N LEU B 95 4.46 25.77 16.53
CA LEU B 95 3.52 26.69 17.14
C LEU B 95 3.23 26.31 18.59
N SER B 96 3.33 27.29 19.49
CA SER B 96 3.07 27.04 20.91
C SER B 96 1.59 27.21 21.23
N ASP B 97 1.13 28.45 21.26
CA ASP B 97 -0.26 28.75 21.55
C ASP B 97 -1.06 28.94 20.27
ZN ZN C . 2.84 -15.34 2.25
ZN ZN D . -11.43 -12.44 2.12
ZN ZN E . -10.56 9.35 -8.73
ZN ZN F . -5.62 -0.68 -16.25
N MET A 1 22.79 7.15 17.55
CA MET A 1 22.60 8.56 17.11
C MET A 1 21.13 8.93 17.03
N ASP A 2 20.83 10.20 17.32
CA ASP A 2 19.45 10.68 17.27
C ASP A 2 19.40 12.14 16.85
N LEU A 3 18.24 12.58 16.37
CA LEU A 3 18.06 13.95 15.93
C LEU A 3 17.26 14.75 16.96
N SER A 4 17.67 14.66 18.21
CA SER A 4 17.01 15.37 19.31
C SER A 4 15.70 14.69 19.70
N ALA A 5 15.39 13.58 19.06
CA ALA A 5 14.16 12.85 19.37
C ALA A 5 12.92 13.73 19.23
N LEU A 6 13.05 14.79 18.43
CA LEU A 6 11.94 15.72 18.21
C LEU A 6 10.68 14.99 17.80
N ARG A 7 10.85 13.86 17.12
CA ARG A 7 9.72 13.05 16.67
C ARG A 7 10.19 11.79 15.94
N VAL A 8 10.67 10.82 16.71
CA VAL A 8 11.16 9.58 16.14
C VAL A 8 10.20 8.43 16.44
N GLU A 9 9.76 8.34 17.69
CA GLU A 9 8.84 7.29 18.10
C GLU A 9 7.55 7.35 17.30
N GLU A 10 7.13 8.57 16.95
CA GLU A 10 5.90 8.77 16.18
C GLU A 10 6.06 8.24 14.76
N VAL A 11 7.08 8.72 14.07
CA VAL A 11 7.34 8.29 12.69
C VAL A 11 7.55 6.78 12.62
N GLN A 12 8.26 6.24 13.60
CA GLN A 12 8.53 4.80 13.66
C GLN A 12 7.24 3.99 13.55
N ASN A 13 6.22 4.41 14.28
CA ASN A 13 4.93 3.74 14.27
C ASN A 13 4.28 3.84 12.90
N VAL A 14 4.56 4.94 12.20
CA VAL A 14 3.99 5.15 10.87
C VAL A 14 4.54 4.16 9.86
N ILE A 15 5.79 3.72 10.09
CA ILE A 15 6.42 2.77 9.18
C ILE A 15 5.94 1.35 9.45
N ASN A 16 5.69 1.04 10.73
CA ASN A 16 5.22 -0.29 11.11
C ASN A 16 3.83 -0.56 10.54
N ALA A 17 2.91 0.35 10.79
CA ALA A 17 1.53 0.21 10.29
C ALA A 17 1.51 0.07 8.78
N MET A 18 2.29 0.90 8.10
CA MET A 18 2.36 0.87 6.64
C MET A 18 2.73 -0.52 6.13
N GLN A 19 3.78 -1.09 6.72
CA GLN A 19 4.24 -2.41 6.33
C GLN A 19 3.14 -3.46 6.51
N LYS A 20 2.35 -3.29 7.57
CA LYS A 20 1.25 -4.21 7.86
C LYS A 20 0.23 -4.19 6.72
N ILE A 21 0.05 -3.03 6.10
CA ILE A 21 -0.89 -2.89 5.00
C ILE A 21 -0.43 -3.67 3.77
N LEU A 22 0.89 -3.78 3.62
CA LEU A 22 1.46 -4.51 2.49
C LEU A 22 2.14 -5.80 2.97
N GLU A 23 1.62 -6.37 4.04
CA GLU A 23 2.17 -7.59 4.60
C GLU A 23 1.55 -8.82 3.94
N CYS A 24 1.75 -9.98 4.55
CA CYS A 24 1.22 -11.23 4.01
C CYS A 24 0.12 -11.79 4.92
N PRO A 25 -0.96 -12.32 4.32
CA PRO A 25 -2.09 -12.87 5.07
C PRO A 25 -2.01 -14.37 5.32
N ILE A 26 -0.84 -14.97 5.08
CA ILE A 26 -0.70 -16.42 5.29
C ILE A 26 0.66 -16.79 5.88
N CYS A 27 1.74 -16.32 5.27
CA CYS A 27 3.08 -16.63 5.75
C CYS A 27 3.73 -15.42 6.42
N LEU A 28 3.04 -14.29 6.40
CA LEU A 28 3.55 -13.07 7.02
C LEU A 28 4.89 -12.66 6.42
N GLU A 29 5.07 -12.91 5.12
CA GLU A 29 6.30 -12.55 4.44
C GLU A 29 6.06 -11.44 3.42
N LEU A 30 6.84 -10.36 3.52
CA LEU A 30 6.71 -9.22 2.62
C LEU A 30 6.42 -9.68 1.19
N ILE A 31 5.14 -9.61 0.81
CA ILE A 31 4.70 -10.03 -0.52
C ILE A 31 5.56 -9.42 -1.62
N LYS A 32 6.00 -10.25 -2.56
CA LYS A 32 6.82 -9.80 -3.68
C LYS A 32 5.97 -9.69 -4.94
N GLU A 33 5.17 -10.70 -5.20
CA GLU A 33 4.30 -10.72 -6.37
C GLU A 33 2.84 -10.52 -5.94
N PRO A 34 2.48 -9.27 -5.58
CA PRO A 34 1.13 -8.94 -5.14
C PRO A 34 0.07 -9.30 -6.17
N VAL A 35 -0.93 -10.06 -5.73
CA VAL A 35 -2.03 -10.47 -6.60
C VAL A 35 -3.37 -10.09 -5.99
N SER A 36 -4.45 -10.36 -6.71
CA SER A 36 -5.79 -10.03 -6.23
C SER A 36 -6.70 -11.25 -6.29
N THR A 37 -7.12 -11.73 -5.13
CA THR A 37 -8.00 -12.89 -5.05
C THR A 37 -9.46 -12.48 -5.23
N LYS A 38 -10.30 -13.45 -5.61
CA LYS A 38 -11.72 -13.20 -5.82
C LYS A 38 -12.33 -12.41 -4.67
N CYS A 39 -11.73 -12.54 -3.48
CA CYS A 39 -12.23 -11.84 -2.30
C CYS A 39 -11.56 -10.47 -2.14
N ASP A 40 -11.06 -9.93 -3.24
CA ASP A 40 -10.40 -8.63 -3.22
C ASP A 40 -9.26 -8.61 -2.21
N HIS A 41 -8.58 -9.74 -2.07
CA HIS A 41 -7.47 -9.84 -1.12
C HIS A 41 -6.14 -9.90 -1.86
N ILE A 42 -5.05 -9.63 -1.15
CA ILE A 42 -3.72 -9.65 -1.74
C ILE A 42 -2.89 -10.84 -1.26
N PHE A 43 -2.02 -11.35 -2.12
CA PHE A 43 -1.17 -12.49 -1.78
C PHE A 43 0.18 -12.39 -2.48
N CYS A 44 1.02 -13.40 -2.28
CA CYS A 44 2.35 -13.43 -2.89
C CYS A 44 2.37 -14.32 -4.13
N LYS A 45 1.22 -14.42 -4.80
CA LYS A 45 1.12 -15.25 -6.00
C LYS A 45 1.22 -16.73 -5.67
N PHE A 46 2.42 -17.16 -5.26
CA PHE A 46 2.65 -18.56 -4.92
C PHE A 46 1.82 -18.97 -3.70
N CYS A 47 1.49 -18.02 -2.84
CA CYS A 47 0.70 -18.30 -1.65
C CYS A 47 -0.58 -19.07 -2.00
N MET A 48 -1.08 -18.85 -3.21
CA MET A 48 -2.29 -19.52 -3.66
C MET A 48 -1.99 -20.96 -4.07
N LEU A 49 -0.78 -21.18 -4.59
CA LEU A 49 -0.36 -22.51 -5.02
C LEU A 49 -0.27 -23.45 -3.83
N LYS A 50 0.48 -23.05 -2.82
CA LYS A 50 0.65 -23.85 -1.62
C LYS A 50 -0.64 -23.93 -0.80
N LEU A 51 -1.33 -22.80 -0.73
CA LEU A 51 -2.59 -22.72 0.01
C LEU A 51 -3.61 -23.70 -0.56
N LEU A 52 -3.53 -23.96 -1.86
CA LEU A 52 -4.46 -24.87 -2.52
C LEU A 52 -4.12 -26.32 -2.19
N ASN A 53 -2.84 -26.58 -1.96
CA ASN A 53 -2.39 -27.94 -1.62
C ASN A 53 -2.40 -28.15 -0.11
N GLN A 54 -2.17 -27.09 0.64
CA GLN A 54 -2.15 -27.17 2.10
C GLN A 54 -3.49 -27.68 2.63
N LYS A 55 -4.57 -27.35 1.92
CA LYS A 55 -5.90 -27.78 2.32
C LYS A 55 -6.59 -28.57 1.20
N LYS A 56 -7.22 -29.67 1.57
CA LYS A 56 -7.91 -30.51 0.60
C LYS A 56 -9.01 -29.72 -0.13
N GLY A 57 -8.79 -29.49 -1.42
CA GLY A 57 -9.75 -28.75 -2.21
C GLY A 57 -9.25 -27.36 -2.59
N PRO A 58 -10.17 -26.42 -2.88
CA PRO A 58 -9.81 -25.06 -3.26
C PRO A 58 -8.85 -24.41 -2.27
N SER A 59 -8.41 -23.20 -2.59
CA SER A 59 -7.47 -22.48 -1.73
C SER A 59 -8.17 -22.01 -0.46
N GLN A 60 -9.41 -21.55 -0.60
CA GLN A 60 -10.19 -21.08 0.54
C GLN A 60 -9.53 -19.87 1.18
N CYS A 61 -10.09 -18.69 0.93
CA CYS A 61 -9.56 -17.44 1.47
C CYS A 61 -9.39 -17.53 2.99
N PRO A 62 -8.13 -17.59 3.48
CA PRO A 62 -7.86 -17.67 4.91
C PRO A 62 -8.18 -16.37 5.65
N LEU A 63 -8.47 -15.31 4.88
CA LEU A 63 -8.79 -14.02 5.47
C LEU A 63 -10.24 -13.95 5.90
N CYS A 64 -11.10 -14.67 5.19
CA CYS A 64 -12.53 -14.69 5.50
C CYS A 64 -12.98 -16.09 5.90
N LYS A 65 -12.86 -17.02 4.96
CA LYS A 65 -13.25 -18.41 5.19
C LYS A 65 -13.17 -19.22 3.91
N ASN A 66 -13.40 -18.57 2.77
CA ASN A 66 -13.35 -19.24 1.47
C ASN A 66 -13.81 -18.30 0.36
N ASP A 67 -13.10 -18.36 -0.77
CA ASP A 67 -13.42 -17.51 -1.91
C ASP A 67 -12.34 -17.59 -2.98
N ILE A 68 -11.81 -18.79 -3.19
CA ILE A 68 -10.76 -19.01 -4.18
C ILE A 68 -10.82 -20.43 -4.73
N THR A 69 -10.34 -20.60 -5.96
CA THR A 69 -10.33 -21.91 -6.60
C THR A 69 -9.35 -21.94 -7.78
N LYS A 70 -8.06 -21.84 -7.47
CA LYS A 70 -7.03 -21.86 -8.49
C LYS A 70 -7.16 -20.66 -9.43
N ARG A 71 -8.08 -20.75 -10.38
CA ARG A 71 -8.31 -19.67 -11.34
C ARG A 71 -9.30 -18.65 -10.78
N SER A 72 -9.00 -18.12 -9.60
CA SER A 72 -9.87 -17.14 -8.96
C SER A 72 -9.20 -15.77 -8.93
N LEU A 73 -7.96 -15.72 -8.43
CA LEU A 73 -7.22 -14.47 -8.34
C LEU A 73 -6.70 -14.05 -9.72
N GLN A 74 -5.90 -12.99 -9.75
CA GLN A 74 -5.34 -12.50 -11.00
C GLN A 74 -4.00 -11.79 -10.75
N GLU A 75 -3.00 -12.15 -11.53
CA GLU A 75 -1.68 -11.56 -11.40
C GLU A 75 -1.66 -10.14 -11.95
N SER A 76 -1.02 -9.23 -11.22
CA SER A 76 -0.93 -7.83 -11.65
C SER A 76 0.08 -7.08 -10.80
N THR A 77 0.18 -5.77 -11.03
CA THR A 77 1.11 -4.93 -10.29
C THR A 77 0.39 -3.72 -9.69
N ARG A 78 -0.05 -3.86 -8.44
CA ARG A 78 -0.74 -2.78 -7.75
C ARG A 78 -0.10 -2.51 -6.39
N PHE A 79 0.04 -3.55 -5.59
CA PHE A 79 0.63 -3.43 -4.26
C PHE A 79 2.10 -3.86 -4.29
N SER A 80 2.74 -3.68 -5.45
CA SER A 80 4.14 -4.05 -5.60
C SER A 80 5.05 -2.87 -5.27
N GLN A 81 4.92 -1.79 -6.04
CA GLN A 81 5.73 -0.59 -5.84
C GLN A 81 5.54 -0.05 -4.43
N LEU A 82 4.37 -0.29 -3.86
CA LEU A 82 4.06 0.17 -2.50
C LEU A 82 4.91 -0.57 -1.47
N VAL A 83 5.21 -1.83 -1.75
CA VAL A 83 6.02 -2.65 -0.85
C VAL A 83 7.49 -2.29 -0.97
N GLU A 84 7.94 -2.09 -2.22
CA GLU A 84 9.33 -1.75 -2.47
C GLU A 84 9.65 -0.34 -1.96
N GLU A 85 8.77 0.61 -2.29
CA GLU A 85 8.96 1.99 -1.85
C GLU A 85 9.03 2.08 -0.33
N LEU A 86 8.19 1.28 0.34
CA LEU A 86 8.15 1.27 1.79
C LEU A 86 9.50 0.87 2.37
N LEU A 87 10.09 -0.19 1.78
CA LEU A 87 11.39 -0.68 2.23
C LEU A 87 12.43 0.44 2.19
N LYS A 88 12.28 1.35 1.24
CA LYS A 88 13.20 2.46 1.09
C LYS A 88 12.99 3.49 2.19
N ILE A 89 11.74 3.63 2.64
CA ILE A 89 11.41 4.57 3.70
C ILE A 89 11.99 4.13 5.03
N ILE A 90 12.04 2.81 5.24
CA ILE A 90 12.58 2.25 6.47
C ILE A 90 14.09 2.41 6.52
N CYS A 91 14.75 2.11 5.40
CA CYS A 91 16.20 2.22 5.33
C CYS A 91 16.66 3.64 5.62
N ALA A 92 15.85 4.62 5.22
CA ALA A 92 16.18 6.02 5.44
C ALA A 92 16.12 6.36 6.93
N PHE A 93 15.14 5.80 7.62
CA PHE A 93 14.96 6.03 9.06
C PHE A 93 16.22 5.64 9.83
N GLN A 94 16.71 4.43 9.56
CA GLN A 94 17.91 3.93 10.22
C GLN A 94 19.13 4.77 9.87
N LEU A 95 19.10 5.38 8.68
CA LEU A 95 20.20 6.21 8.22
C LEU A 95 20.48 7.35 9.19
N ASP A 96 19.44 8.07 9.56
CA ASP A 96 19.57 9.19 10.49
C ASP A 96 19.32 8.75 11.93
N THR A 97 18.08 8.35 12.22
CA THR A 97 17.70 7.91 13.55
C THR A 97 18.52 6.69 13.96
N GLY A 98 18.45 5.63 13.15
CA GLY A 98 19.18 4.41 13.44
C GLY A 98 18.43 3.50 14.39
N LEU A 99 17.10 3.58 14.36
CA LEU A 99 16.28 2.74 15.22
C LEU A 99 15.98 1.39 14.56
N GLU A 100 15.56 0.42 15.36
CA GLU A 100 15.25 -0.91 14.86
C GLU A 100 13.99 -0.89 14.00
N TYR A 101 13.65 -2.03 13.42
CA TYR A 101 12.47 -2.13 12.57
C TYR A 101 12.06 -3.60 12.39
N ALA A 102 12.95 -4.38 11.78
CA ALA A 102 12.68 -5.79 11.53
C ALA A 102 13.98 -6.60 11.56
N ASN A 103 14.99 -6.11 10.85
CA ASN A 103 16.28 -6.79 10.80
C ASN A 103 17.10 -6.50 12.05
N MET B 1 17.96 25.05 -2.38
CA MET B 1 18.28 24.28 -1.15
C MET B 1 18.27 22.78 -1.43
N GLU B 2 17.09 22.23 -1.69
CA GLU B 2 16.95 20.81 -1.97
C GLU B 2 17.43 19.97 -0.79
N PRO B 3 16.60 19.82 0.25
CA PRO B 3 16.95 19.03 1.44
C PRO B 3 17.44 17.63 1.08
N ASP B 4 18.74 17.41 1.23
CA ASP B 4 19.33 16.11 0.93
C ASP B 4 20.28 15.67 2.03
N GLY B 5 19.72 15.14 3.12
CA GLY B 5 20.55 14.69 4.22
C GLY B 5 21.27 15.84 4.91
N ARG B 6 20.63 17.00 4.96
CA ARG B 6 21.23 18.18 5.59
C ARG B 6 20.64 18.42 6.97
N GLY B 7 19.35 18.70 7.02
CA GLY B 7 18.68 18.94 8.29
C GLY B 7 18.21 17.67 8.95
N ALA B 8 16.90 17.56 9.17
CA ALA B 8 16.32 16.37 9.79
C ALA B 8 15.05 15.95 9.08
N TRP B 9 14.81 14.63 9.04
CA TRP B 9 13.63 14.09 8.39
C TRP B 9 13.61 14.46 6.91
N ALA B 10 14.80 14.58 6.31
CA ALA B 10 14.92 14.91 4.91
C ALA B 10 14.79 13.68 4.03
N HIS B 11 15.55 12.64 4.36
CA HIS B 11 15.52 11.40 3.60
C HIS B 11 14.11 10.79 3.61
N SER B 12 13.38 11.03 4.69
CA SER B 12 12.03 10.51 4.83
C SER B 12 11.06 11.23 3.89
N ARG B 13 11.29 12.52 3.70
CA ARG B 13 10.45 13.33 2.82
C ARG B 13 10.47 12.78 1.40
N ALA B 14 11.66 12.41 0.93
CA ALA B 14 11.82 11.86 -0.41
C ALA B 14 11.14 10.50 -0.55
N ALA B 15 11.42 9.62 0.41
CA ALA B 15 10.84 8.28 0.40
C ALA B 15 9.32 8.34 0.45
N LEU B 16 8.79 9.24 1.29
CA LEU B 16 7.36 9.40 1.45
C LEU B 16 6.71 9.78 0.11
N ASP B 17 7.36 10.66 -0.62
CA ASP B 17 6.85 11.12 -1.91
C ASP B 17 6.72 9.94 -2.88
N ARG B 18 7.60 8.96 -2.73
CA ARG B 18 7.58 7.78 -3.59
C ARG B 18 6.28 7.00 -3.40
N LEU B 19 5.92 6.77 -2.15
CA LEU B 19 4.70 6.03 -1.83
C LEU B 19 3.46 6.82 -2.24
N GLU B 20 3.54 8.14 -2.14
CA GLU B 20 2.43 9.01 -2.50
C GLU B 20 2.05 8.82 -3.96
N LYS B 21 3.04 8.65 -4.83
CA LYS B 21 2.79 8.46 -6.25
C LYS B 21 1.93 7.22 -6.50
N LEU B 22 2.05 6.24 -5.62
CA LEU B 22 1.28 5.00 -5.73
C LEU B 22 -0.17 5.24 -5.33
N LEU B 23 -0.37 6.17 -4.39
CA LEU B 23 -1.72 6.48 -3.92
C LEU B 23 -2.36 7.57 -4.76
N ARG B 24 -1.54 8.36 -5.45
CA ARG B 24 -2.03 9.44 -6.30
C ARG B 24 -3.08 8.93 -7.27
N CYS B 25 -4.29 9.46 -7.15
CA CYS B 25 -5.40 9.05 -8.01
C CYS B 25 -5.05 9.27 -9.49
N SER B 26 -5.69 8.51 -10.36
CA SER B 26 -5.45 8.62 -11.79
C SER B 26 -6.17 9.83 -12.39
N ARG B 27 -7.37 10.10 -11.88
CA ARG B 27 -8.16 11.23 -12.36
C ARG B 27 -7.79 12.50 -11.61
N CYS B 28 -7.91 12.46 -10.29
CA CYS B 28 -7.59 13.60 -9.45
C CYS B 28 -6.09 13.92 -9.48
N THR B 29 -5.30 12.97 -9.98
CA THR B 29 -3.84 13.14 -10.07
C THR B 29 -3.28 13.72 -8.77
N ASN B 30 -3.84 13.32 -7.65
CA ASN B 30 -3.40 13.80 -6.35
C ASN B 30 -3.81 12.84 -5.24
N ILE B 31 -3.61 13.27 -3.99
CA ILE B 31 -3.97 12.44 -2.85
C ILE B 31 -5.46 12.11 -2.85
N LEU B 32 -5.78 10.82 -2.77
CA LEU B 32 -7.17 10.38 -2.77
C LEU B 32 -7.58 9.89 -1.38
N ARG B 33 -8.83 9.43 -1.27
CA ARG B 33 -9.35 8.94 0.01
C ARG B 33 -10.42 7.88 -0.22
N GLU B 34 -10.23 6.72 0.38
CA GLU B 34 -11.18 5.62 0.24
C GLU B 34 -11.42 5.29 -1.23
N PRO B 35 -10.34 5.06 -2.00
CA PRO B 35 -10.44 4.74 -3.43
C PRO B 35 -10.87 3.29 -3.67
N VAL B 36 -10.99 2.93 -4.94
CA VAL B 36 -11.38 1.58 -5.32
C VAL B 36 -10.35 0.94 -6.25
N CYS B 37 -10.27 -0.38 -6.21
CA CYS B 37 -9.32 -1.11 -7.05
C CYS B 37 -9.68 -0.97 -8.53
N LEU B 38 -10.68 -1.71 -8.95
CA LEU B 38 -11.13 -1.69 -10.34
C LEU B 38 -10.19 -2.49 -11.23
N GLY B 39 -10.65 -3.63 -11.65
CA GLY B 39 -9.87 -4.50 -12.51
C GLY B 39 -8.78 -5.23 -11.76
N GLY B 40 -7.80 -4.47 -11.25
CA GLY B 40 -6.71 -5.08 -10.51
C GLY B 40 -5.45 -5.20 -11.34
N CYS B 41 -4.98 -4.07 -11.86
CA CYS B 41 -3.78 -4.04 -12.68
C CYS B 41 -2.73 -3.10 -12.08
N GLU B 42 -2.82 -1.82 -12.42
CA GLU B 42 -1.89 -0.82 -11.91
C GLU B 42 -2.49 0.58 -11.97
N HIS B 43 -3.82 0.65 -11.96
CA HIS B 43 -4.51 1.93 -12.02
C HIS B 43 -5.61 2.00 -10.97
N ILE B 44 -5.45 2.91 -10.00
CA ILE B 44 -6.44 3.08 -8.95
C ILE B 44 -7.01 4.49 -8.95
N PHE B 45 -8.29 4.62 -8.60
CA PHE B 45 -8.94 5.92 -8.57
C PHE B 45 -9.80 6.07 -7.32
N CYS B 46 -10.39 7.25 -7.14
CA CYS B 46 -11.23 7.52 -5.99
C CYS B 46 -12.69 7.21 -6.31
N SER B 47 -13.47 6.95 -5.27
CA SER B 47 -14.89 6.63 -5.44
C SER B 47 -15.63 7.77 -6.13
N ASN B 48 -15.05 8.97 -6.09
CA ASN B 48 -15.66 10.13 -6.71
C ASN B 48 -15.13 10.35 -8.13
N CYS B 49 -14.56 9.31 -8.72
CA CYS B 49 -14.02 9.40 -10.07
C CYS B 49 -14.30 8.12 -10.85
N VAL B 50 -13.89 7.00 -10.27
CA VAL B 50 -14.08 5.70 -10.91
C VAL B 50 -15.57 5.43 -11.17
N SER B 51 -16.41 5.99 -10.31
CA SER B 51 -17.86 5.81 -10.43
C SER B 51 -18.35 6.21 -11.82
N ASP B 52 -17.59 7.07 -12.49
CA ASP B 52 -17.95 7.52 -13.84
C ASP B 52 -17.28 6.67 -14.90
N CYS B 53 -16.95 5.43 -14.55
CA CYS B 53 -16.30 4.51 -15.49
C CYS B 53 -16.39 3.07 -14.99
N ILE B 54 -17.46 2.77 -14.25
CA ILE B 54 -17.66 1.43 -13.72
C ILE B 54 -18.48 0.58 -14.68
N GLY B 55 -18.41 -0.74 -14.52
CA GLY B 55 -19.14 -1.64 -15.38
C GLY B 55 -18.26 -2.21 -16.49
N THR B 56 -17.33 -1.39 -16.96
CA THR B 56 -16.42 -1.82 -18.02
C THR B 56 -15.10 -2.32 -17.43
N GLY B 57 -14.39 -1.43 -16.75
CA GLY B 57 -13.12 -1.81 -16.15
C GLY B 57 -12.11 -0.68 -16.18
N CYS B 58 -11.03 -0.88 -16.93
CA CYS B 58 -9.98 0.12 -17.06
C CYS B 58 -9.79 0.52 -18.52
N PRO B 59 -9.69 1.83 -18.80
CA PRO B 59 -9.51 2.34 -20.16
C PRO B 59 -8.06 2.25 -20.65
N VAL B 60 -7.14 1.96 -19.74
CA VAL B 60 -5.73 1.86 -20.09
C VAL B 60 -5.26 0.40 -20.08
N CYS B 61 -5.21 -0.18 -18.89
CA CYS B 61 -4.79 -1.57 -18.75
C CYS B 61 -5.75 -2.53 -19.44
N TYR B 62 -6.95 -2.04 -19.78
CA TYR B 62 -7.95 -2.85 -20.44
C TYR B 62 -8.43 -3.97 -19.52
N THR B 63 -8.23 -3.79 -18.21
CA THR B 63 -8.64 -4.78 -17.23
C THR B 63 -10.12 -4.58 -16.86
N PRO B 64 -10.98 -5.56 -17.21
CA PRO B 64 -12.42 -5.47 -16.89
C PRO B 64 -12.68 -5.20 -15.42
N ALA B 65 -13.69 -4.40 -15.13
CA ALA B 65 -14.04 -4.06 -13.75
C ALA B 65 -14.34 -5.34 -12.95
N TRP B 66 -13.29 -5.90 -12.35
CA TRP B 66 -13.44 -7.12 -11.54
C TRP B 66 -14.46 -6.92 -10.43
N ILE B 67 -14.68 -5.68 -10.04
CA ILE B 67 -15.64 -5.36 -8.97
C ILE B 67 -16.89 -4.71 -9.54
N GLN B 68 -17.92 -5.53 -9.77
CA GLN B 68 -19.18 -5.03 -10.31
C GLN B 68 -19.78 -3.97 -9.39
N ASP B 69 -19.57 -4.13 -8.09
CA ASP B 69 -20.09 -3.19 -7.11
C ASP B 69 -19.01 -2.22 -6.67
N LEU B 70 -19.42 -1.05 -6.20
CA LEU B 70 -18.49 -0.03 -5.74
C LEU B 70 -17.72 -0.51 -4.51
N LYS B 71 -16.69 -1.31 -4.75
CA LYS B 71 -15.87 -1.85 -3.66
C LYS B 71 -14.90 -0.79 -3.15
N ILE B 72 -14.26 -1.08 -2.03
CA ILE B 72 -13.30 -0.15 -1.44
C ILE B 72 -11.99 -0.85 -1.07
N ASN B 73 -10.90 -0.09 -1.05
CA ASN B 73 -9.59 -0.63 -0.71
C ASN B 73 -9.11 -0.09 0.62
N ARG B 74 -9.48 -0.78 1.70
CA ARG B 74 -9.10 -0.37 3.04
C ARG B 74 -7.58 -0.26 3.17
N GLN B 75 -6.86 -1.17 2.52
CA GLN B 75 -5.41 -1.18 2.57
C GLN B 75 -4.85 0.09 1.97
N LEU B 76 -5.40 0.51 0.83
CA LEU B 76 -4.95 1.73 0.16
C LEU B 76 -5.34 2.96 0.97
N ASP B 77 -6.59 2.98 1.44
CA ASP B 77 -7.09 4.10 2.22
C ASP B 77 -6.34 4.20 3.56
N SER B 78 -6.24 3.08 4.27
CA SER B 78 -5.55 3.05 5.55
C SER B 78 -4.13 3.59 5.40
N MET B 79 -3.53 3.35 4.24
CA MET B 79 -2.18 3.82 3.97
C MET B 79 -2.15 5.34 3.90
N ILE B 80 -3.22 5.92 3.37
CA ILE B 80 -3.31 7.38 3.26
C ILE B 80 -3.17 8.04 4.63
N GLN B 81 -3.86 7.49 5.61
CA GLN B 81 -3.80 8.02 6.97
C GLN B 81 -2.37 7.96 7.50
N LEU B 82 -1.66 6.89 7.16
CA LEU B 82 -0.29 6.70 7.60
C LEU B 82 0.62 7.75 6.96
N CYS B 83 0.52 7.90 5.64
CA CYS B 83 1.33 8.86 4.90
C CYS B 83 1.08 10.27 5.43
N SER B 84 -0.15 10.55 5.82
CA SER B 84 -0.51 11.86 6.35
C SER B 84 0.27 12.16 7.62
N LYS B 85 0.51 11.12 8.41
CA LYS B 85 1.25 11.26 9.67
C LYS B 85 2.66 11.78 9.40
N LEU B 86 3.36 11.14 8.47
CA LEU B 86 4.71 11.55 8.12
C LEU B 86 4.74 12.99 7.64
N ARG B 87 3.68 13.42 6.98
CA ARG B 87 3.59 14.78 6.47
C ARG B 87 3.72 15.79 7.60
N ASN B 88 2.97 15.56 8.67
CA ASN B 88 3.01 16.44 9.84
C ASN B 88 4.22 16.15 10.71
N LEU B 89 4.65 14.90 10.72
CA LEU B 89 5.80 14.49 11.52
C LEU B 89 7.09 15.03 10.91
N LEU B 90 7.14 15.07 9.57
CA LEU B 90 8.31 15.57 8.86
C LEU B 90 8.45 17.07 9.02
N HIS B 91 7.31 17.76 9.03
CA HIS B 91 7.30 19.22 9.17
C HIS B 91 6.31 19.65 10.25
N ASP B 92 6.85 20.10 11.38
CA ASP B 92 6.02 20.54 12.49
C ASP B 92 5.82 22.05 12.45
N ASN B 93 4.84 22.49 11.66
CA ASN B 93 4.55 23.91 11.54
C ASN B 93 3.04 24.16 11.54
N GLU B 94 2.62 25.20 12.25
CA GLU B 94 1.20 25.54 12.35
C GLU B 94 0.83 26.59 11.32
N LEU B 95 -0.46 26.77 11.09
CA LEU B 95 -0.94 27.76 10.13
C LEU B 95 -2.06 28.60 10.74
N SER B 96 -3.01 27.95 11.40
CA SER B 96 -4.12 28.65 12.03
C SER B 96 -3.71 29.20 13.39
N ASP B 97 -3.37 28.30 14.31
CA ASP B 97 -2.96 28.71 15.65
C ASP B 97 -1.44 28.72 15.78
ZN ZN C . 3.26 -15.04 1.37
ZN ZN D . -11.32 -12.93 2.06
ZN ZN E . -10.23 10.49 -8.67
ZN ZN F . -5.51 -0.51 -15.54
N MET A 1 23.75 10.04 17.60
CA MET A 1 22.76 11.09 17.24
C MET A 1 21.37 10.49 17.04
N ASP A 2 20.34 11.31 17.19
CA ASP A 2 18.96 10.87 17.03
C ASP A 2 18.12 11.94 16.36
N LEU A 3 18.75 12.74 15.51
CA LEU A 3 18.04 13.81 14.80
C LEU A 3 17.43 14.79 15.79
N SER A 4 18.07 14.96 16.95
CA SER A 4 17.58 15.86 17.97
C SER A 4 16.17 15.47 18.42
N ALA A 5 15.84 14.19 18.27
CA ALA A 5 14.53 13.69 18.66
C ALA A 5 13.42 14.35 17.84
N LEU A 6 13.02 15.55 18.25
CA LEU A 6 11.98 16.29 17.55
C LEU A 6 10.66 15.54 17.57
N ARG A 7 10.54 14.53 16.72
CA ARG A 7 9.32 13.73 16.64
C ARG A 7 9.54 12.47 15.81
N VAL A 8 10.76 11.94 15.87
CA VAL A 8 11.11 10.73 15.13
C VAL A 8 10.21 9.56 15.51
N GLU A 9 9.77 9.56 16.76
CA GLU A 9 8.90 8.50 17.26
C GLU A 9 7.60 8.42 16.44
N GLU A 10 6.93 9.56 16.31
CA GLU A 10 5.68 9.63 15.56
C GLU A 10 5.89 9.19 14.12
N VAL A 11 7.00 9.63 13.52
CA VAL A 11 7.31 9.29 12.14
C VAL A 11 7.68 7.82 12.01
N GLN A 12 8.26 7.26 13.07
CA GLN A 12 8.66 5.86 13.07
C GLN A 12 7.43 4.95 13.02
N ASN A 13 6.37 5.36 13.69
CA ASN A 13 5.13 4.59 13.74
C ASN A 13 4.42 4.64 12.39
N VAL A 14 4.58 5.76 11.68
CA VAL A 14 3.94 5.93 10.38
C VAL A 14 4.51 4.96 9.36
N ILE A 15 5.83 4.99 9.19
CA ILE A 15 6.51 4.11 8.25
C ILE A 15 6.22 2.65 8.56
N ASN A 16 6.01 2.35 9.84
CA ASN A 16 5.72 0.98 10.27
C ASN A 16 4.35 0.53 9.78
N ALA A 17 3.35 1.36 10.01
CA ALA A 17 1.98 1.06 9.59
C ALA A 17 1.91 0.87 8.08
N MET A 18 2.59 1.73 7.35
CA MET A 18 2.59 1.66 5.89
C MET A 18 3.08 0.30 5.41
N GLN A 19 4.18 -0.16 5.99
CA GLN A 19 4.75 -1.46 5.62
C GLN A 19 3.77 -2.59 5.89
N LYS A 20 3.04 -2.48 7.00
CA LYS A 20 2.05 -3.50 7.36
C LYS A 20 0.99 -3.63 6.29
N ILE A 21 0.62 -2.50 5.69
CA ILE A 21 -0.40 -2.48 4.65
C ILE A 21 0.06 -3.28 3.43
N LEU A 22 1.37 -3.36 3.23
CA LEU A 22 1.92 -4.11 2.10
C LEU A 22 2.72 -5.31 2.60
N GLU A 23 2.16 -6.02 3.56
CA GLU A 23 2.82 -7.20 4.13
C GLU A 23 2.20 -8.49 3.59
N CYS A 24 2.66 -9.61 4.13
CA CYS A 24 2.16 -10.92 3.72
C CYS A 24 1.20 -11.48 4.78
N PRO A 25 0.11 -12.14 4.33
CA PRO A 25 -0.90 -12.69 5.23
C PRO A 25 -0.66 -14.14 5.64
N ILE A 26 0.27 -14.84 5.00
CA ILE A 26 0.51 -16.24 5.34
C ILE A 26 1.99 -16.56 5.53
N CYS A 27 2.85 -15.89 4.78
CA CYS A 27 4.29 -16.12 4.88
C CYS A 27 4.97 -15.01 5.68
N LEU A 28 4.27 -13.89 5.86
CA LEU A 28 4.81 -12.76 6.60
C LEU A 28 6.08 -12.23 5.93
N GLU A 29 6.18 -12.43 4.62
CA GLU A 29 7.34 -11.97 3.87
C GLU A 29 6.95 -10.84 2.92
N LEU A 30 7.67 -9.72 3.03
CA LEU A 30 7.41 -8.55 2.19
C LEU A 30 7.13 -8.96 0.74
N ILE A 31 5.84 -8.99 0.39
CA ILE A 31 5.42 -9.38 -0.95
C ILE A 31 6.18 -8.60 -2.02
N LYS A 32 6.67 -9.31 -3.03
CA LYS A 32 7.41 -8.69 -4.12
C LYS A 32 6.61 -8.74 -5.43
N GLU A 33 5.78 -9.77 -5.56
CA GLU A 33 4.96 -9.93 -6.75
C GLU A 33 3.47 -9.79 -6.41
N PRO A 34 2.97 -8.54 -6.34
CA PRO A 34 1.57 -8.27 -6.02
C PRO A 34 0.61 -9.09 -6.88
N VAL A 35 -0.28 -9.82 -6.22
CA VAL A 35 -1.26 -10.65 -6.91
C VAL A 35 -2.62 -10.58 -6.22
N SER A 36 -3.63 -10.11 -6.94
CA SER A 36 -4.98 -10.00 -6.39
C SER A 36 -5.68 -11.36 -6.39
N THR A 37 -6.38 -11.64 -5.30
CA THR A 37 -7.10 -12.90 -5.16
C THR A 37 -8.60 -12.68 -5.30
N LYS A 38 -9.33 -13.76 -5.58
CA LYS A 38 -10.78 -13.71 -5.74
C LYS A 38 -11.44 -12.96 -4.58
N CYS A 39 -10.78 -12.97 -3.43
CA CYS A 39 -11.31 -12.29 -2.25
C CYS A 39 -10.80 -10.85 -2.16
N ASP A 40 -10.38 -10.30 -3.29
CA ASP A 40 -9.88 -8.93 -3.34
C ASP A 40 -8.72 -8.73 -2.37
N HIS A 41 -7.83 -9.72 -2.32
CA HIS A 41 -6.66 -9.64 -1.43
C HIS A 41 -5.36 -9.80 -2.21
N ILE A 42 -4.27 -9.32 -1.63
CA ILE A 42 -2.96 -9.41 -2.27
C ILE A 42 -2.14 -10.55 -1.69
N PHE A 43 -1.16 -11.01 -2.48
CA PHE A 43 -0.29 -12.10 -2.05
C PHE A 43 1.08 -11.99 -2.73
N CYS A 44 1.95 -12.95 -2.46
CA CYS A 44 3.29 -12.95 -3.06
C CYS A 44 3.61 -14.27 -3.74
N LYS A 45 2.65 -14.77 -4.52
CA LYS A 45 2.82 -16.03 -5.23
C LYS A 45 3.09 -17.17 -4.25
N PHE A 46 2.79 -18.40 -4.69
CA PHE A 46 3.00 -19.58 -3.84
C PHE A 46 1.90 -19.69 -2.79
N CYS A 47 1.64 -18.59 -2.08
CA CYS A 47 0.63 -18.56 -1.03
C CYS A 47 -0.67 -19.22 -1.51
N MET A 48 -0.91 -19.15 -2.81
CA MET A 48 -2.11 -19.75 -3.40
C MET A 48 -1.96 -21.25 -3.55
N LEU A 49 -0.75 -21.67 -3.91
CA LEU A 49 -0.45 -23.09 -4.08
C LEU A 49 -0.56 -23.84 -2.76
N LYS A 50 0.19 -23.38 -1.77
CA LYS A 50 0.18 -24.02 -0.45
C LYS A 50 -1.22 -23.98 0.16
N LEU A 51 -1.86 -22.81 0.10
CA LEU A 51 -3.20 -22.65 0.65
C LEU A 51 -4.19 -23.59 -0.06
N LEU A 52 -3.92 -23.88 -1.33
CA LEU A 52 -4.78 -24.76 -2.10
C LEU A 52 -4.39 -26.22 -1.89
N ASN A 53 -3.11 -26.46 -1.68
CA ASN A 53 -2.60 -27.81 -1.48
C ASN A 53 -2.89 -28.28 -0.06
N GLN A 54 -2.80 -27.37 0.90
CA GLN A 54 -3.05 -27.70 2.30
C GLN A 54 -4.48 -28.21 2.48
N LYS A 55 -5.39 -27.71 1.66
CA LYS A 55 -6.79 -28.12 1.74
C LYS A 55 -7.27 -28.65 0.38
N LYS A 56 -7.63 -29.92 0.34
CA LYS A 56 -8.10 -30.54 -0.89
C LYS A 56 -9.36 -29.84 -1.39
N GLY A 57 -9.20 -29.03 -2.44
CA GLY A 57 -10.33 -28.31 -3.01
C GLY A 57 -10.08 -26.82 -3.08
N PRO A 58 -11.15 -26.02 -3.25
CA PRO A 58 -11.03 -24.56 -3.34
C PRO A 58 -10.25 -23.97 -2.17
N SER A 59 -9.45 -22.94 -2.46
CA SER A 59 -8.65 -22.28 -1.44
C SER A 59 -9.54 -21.70 -0.34
N GLN A 60 -8.92 -21.00 0.61
CA GLN A 60 -9.66 -20.39 1.71
C GLN A 60 -8.95 -19.14 2.21
N CYS A 61 -9.52 -17.98 1.85
CA CYS A 61 -8.94 -16.69 2.26
C CYS A 61 -8.61 -16.69 3.75
N PRO A 62 -7.31 -16.72 4.09
CA PRO A 62 -6.88 -16.70 5.49
C PRO A 62 -7.05 -15.33 6.14
N LEU A 63 -7.45 -14.34 5.34
CA LEU A 63 -7.64 -12.99 5.85
C LEU A 63 -9.00 -12.84 6.51
N CYS A 64 -9.99 -13.55 5.99
CA CYS A 64 -11.35 -13.49 6.54
C CYS A 64 -11.79 -14.87 7.05
N LYS A 65 -11.73 -15.87 6.17
CA LYS A 65 -12.13 -17.23 6.54
C LYS A 65 -12.17 -18.13 5.32
N ASN A 66 -12.56 -17.57 4.18
CA ASN A 66 -12.64 -18.34 2.94
C ASN A 66 -13.30 -17.51 1.83
N ASP A 67 -12.76 -17.61 0.61
CA ASP A 67 -13.28 -16.88 -0.53
C ASP A 67 -12.34 -16.98 -1.73
N ILE A 68 -11.78 -18.17 -1.94
CA ILE A 68 -10.86 -18.39 -3.05
C ILE A 68 -10.96 -19.82 -3.57
N THR A 69 -10.69 -20.00 -4.85
CA THR A 69 -10.75 -21.32 -5.47
C THR A 69 -9.41 -21.67 -6.12
N LYS A 70 -9.35 -22.84 -6.73
CA LYS A 70 -8.14 -23.31 -7.41
C LYS A 70 -8.01 -22.68 -8.78
N ARG A 71 -6.81 -22.19 -9.09
CA ARG A 71 -6.55 -21.57 -10.38
C ARG A 71 -7.44 -20.35 -10.59
N SER A 72 -7.08 -19.24 -9.96
CA SER A 72 -7.85 -18.01 -10.08
C SER A 72 -7.15 -16.85 -9.37
N LEU A 73 -6.11 -16.31 -10.02
CA LEU A 73 -5.35 -15.20 -9.45
C LEU A 73 -5.35 -14.00 -10.40
N GLN A 74 -4.92 -12.86 -9.88
CA GLN A 74 -4.85 -11.64 -10.69
C GLN A 74 -3.55 -10.90 -10.46
N GLU A 75 -2.47 -11.40 -11.05
CA GLU A 75 -1.16 -10.78 -10.90
C GLU A 75 -1.10 -9.46 -11.66
N SER A 76 -1.21 -8.35 -10.92
CA SER A 76 -1.16 -7.03 -11.52
C SER A 76 -0.24 -6.10 -10.74
N THR A 77 0.35 -5.14 -11.43
CA THR A 77 1.26 -4.19 -10.79
C THR A 77 0.49 -3.11 -10.04
N ARG A 78 0.02 -3.46 -8.84
CA ARG A 78 -0.74 -2.52 -8.02
C ARG A 78 0.00 -2.22 -6.73
N PHE A 79 0.27 -3.26 -5.95
CA PHE A 79 0.98 -3.11 -4.68
C PHE A 79 2.45 -3.45 -4.83
N SER A 80 3.01 -3.14 -6.01
CA SER A 80 4.41 -3.42 -6.28
C SER A 80 5.27 -2.21 -5.95
N GLN A 81 4.99 -1.09 -6.60
CA GLN A 81 5.74 0.14 -6.36
C GLN A 81 5.57 0.61 -4.92
N LEU A 82 4.43 0.31 -4.34
CA LEU A 82 4.14 0.71 -2.96
C LEU A 82 5.09 0.01 -1.99
N VAL A 83 5.33 -1.27 -2.22
CA VAL A 83 6.22 -2.04 -1.36
C VAL A 83 7.67 -1.60 -1.54
N GLU A 84 8.07 -1.39 -2.79
CA GLU A 84 9.43 -0.97 -3.09
C GLU A 84 9.69 0.43 -2.55
N GLU A 85 8.77 1.35 -2.83
CA GLU A 85 8.90 2.73 -2.36
C GLU A 85 8.97 2.79 -0.84
N LEU A 86 8.26 1.88 -0.18
CA LEU A 86 8.24 1.83 1.27
C LEU A 86 9.64 1.60 1.82
N LEU A 87 10.38 0.69 1.20
CA LEU A 87 11.74 0.38 1.62
C LEU A 87 12.63 1.62 1.54
N LYS A 88 12.44 2.40 0.48
CA LYS A 88 13.23 3.62 0.29
C LYS A 88 12.94 4.62 1.40
N ILE A 89 11.69 4.69 1.82
CA ILE A 89 11.28 5.60 2.88
C ILE A 89 11.85 5.17 4.23
N ILE A 90 12.02 3.87 4.40
CA ILE A 90 12.55 3.32 5.64
C ILE A 90 14.07 3.48 5.71
N CYS A 91 14.74 3.16 4.60
CA CYS A 91 16.19 3.27 4.53
C CYS A 91 16.64 4.71 4.80
N ALA A 92 16.02 5.66 4.11
CA ALA A 92 16.36 7.07 4.27
C ALA A 92 16.13 7.52 5.71
N PHE A 93 15.05 7.02 6.32
CA PHE A 93 14.72 7.38 7.68
C PHE A 93 15.86 7.02 8.64
N GLN A 94 16.32 5.77 8.55
CA GLN A 94 17.40 5.30 9.41
C GLN A 94 18.73 5.91 8.98
N LEU A 95 18.85 6.24 7.71
CA LEU A 95 20.07 6.84 7.18
C LEU A 95 20.41 8.14 7.90
N ASP A 96 19.38 8.84 8.36
CA ASP A 96 19.56 10.10 9.07
C ASP A 96 19.31 9.92 10.56
N THR A 97 18.09 9.51 10.90
CA THR A 97 17.72 9.31 12.31
C THR A 97 18.60 8.25 12.95
N GLY A 98 18.79 7.13 12.24
CA GLY A 98 19.61 6.06 12.76
C GLY A 98 18.85 5.15 13.70
N LEU A 99 17.53 5.09 13.54
CA LEU A 99 16.69 4.25 14.38
C LEU A 99 16.51 2.87 13.75
N GLU A 100 16.04 1.92 14.54
CA GLU A 100 15.82 0.56 14.07
C GLU A 100 14.40 0.40 13.51
N TYR A 101 14.27 -0.47 12.52
CA TYR A 101 12.96 -0.72 11.90
C TYR A 101 12.41 -2.06 12.32
N ALA A 102 11.13 -2.31 12.01
CA ALA A 102 10.47 -3.56 12.36
C ALA A 102 10.71 -4.62 11.29
N ASN A 103 10.65 -5.88 11.70
CA ASN A 103 10.86 -6.99 10.77
C ASN A 103 9.58 -7.29 10.01
N MET B 1 32.51 10.06 9.37
CA MET B 1 31.83 10.89 10.40
C MET B 1 30.64 11.65 9.81
N GLU B 2 29.62 11.84 10.61
CA GLU B 2 28.41 12.54 10.17
C GLU B 2 27.78 13.32 11.32
N PRO B 3 28.23 14.57 11.55
CA PRO B 3 27.69 15.41 12.63
C PRO B 3 26.27 15.87 12.36
N ASP B 4 25.98 16.16 11.09
CA ASP B 4 24.65 16.62 10.69
C ASP B 4 24.28 17.91 11.40
N GLY B 5 23.06 18.38 11.18
CA GLY B 5 22.61 19.61 11.80
C GLY B 5 22.37 20.72 10.80
N ARG B 6 21.94 20.34 9.59
CA ARG B 6 21.67 21.31 8.54
C ARG B 6 20.60 20.80 7.59
N GLY B 7 19.62 20.10 8.14
CA GLY B 7 18.54 19.57 7.33
C GLY B 7 17.94 18.30 7.92
N ALA B 8 16.64 18.32 8.16
CA ALA B 8 15.94 17.17 8.73
C ALA B 8 14.61 16.93 8.01
N TRP B 9 14.23 15.67 7.92
CA TRP B 9 12.98 15.30 7.26
C TRP B 9 12.98 15.73 5.79
N ALA B 10 14.14 15.63 5.16
CA ALA B 10 14.28 16.02 3.76
C ALA B 10 14.10 14.83 2.84
N HIS B 11 14.90 13.79 3.06
CA HIS B 11 14.84 12.58 2.26
C HIS B 11 13.45 11.94 2.34
N SER B 12 12.81 12.10 3.49
CA SER B 12 11.47 11.54 3.70
C SER B 12 10.46 12.20 2.80
N ARG B 13 10.58 13.52 2.64
CA ARG B 13 9.66 14.27 1.79
C ARG B 13 9.72 13.79 0.35
N ALA B 14 10.92 13.45 -0.11
CA ALA B 14 11.10 12.97 -1.48
C ALA B 14 10.47 11.60 -1.66
N ALA B 15 10.84 10.65 -0.82
CA ALA B 15 10.30 9.29 -0.89
C ALA B 15 8.80 9.30 -0.67
N LEU B 16 8.32 10.22 0.16
CA LEU B 16 6.90 10.32 0.46
C LEU B 16 6.10 10.62 -0.81
N ASP B 17 6.56 11.60 -1.57
CA ASP B 17 5.89 11.98 -2.81
C ASP B 17 5.85 10.81 -3.79
N ARG B 18 6.88 9.98 -3.75
CA ARG B 18 6.97 8.82 -4.63
C ARG B 18 5.80 7.87 -4.40
N LEU B 19 5.41 7.70 -3.13
CA LEU B 19 4.30 6.83 -2.79
C LEU B 19 2.98 7.39 -3.30
N GLU B 20 2.87 8.72 -3.29
CA GLU B 20 1.66 9.39 -3.75
C GLU B 20 1.34 9.00 -5.19
N LYS B 21 2.37 8.95 -6.03
CA LYS B 21 2.20 8.60 -7.43
C LYS B 21 1.54 7.23 -7.59
N LEU B 22 1.65 6.41 -6.55
CA LEU B 22 1.07 5.08 -6.56
C LEU B 22 -0.38 5.10 -6.10
N LEU B 23 -0.75 6.14 -5.36
CA LEU B 23 -2.11 6.28 -4.85
C LEU B 23 -2.94 7.25 -5.70
N ARG B 24 -2.25 8.13 -6.42
CA ARG B 24 -2.93 9.12 -7.27
C ARG B 24 -4.00 8.45 -8.12
N CYS B 25 -5.23 8.97 -8.02
CA CYS B 25 -6.35 8.44 -8.79
C CYS B 25 -6.07 8.46 -10.28
N SER B 26 -6.55 7.45 -11.00
CA SER B 26 -6.34 7.37 -12.44
C SER B 26 -7.06 8.50 -13.16
N ARG B 27 -8.15 8.99 -12.57
CA ARG B 27 -8.92 10.07 -13.16
C ARG B 27 -8.71 11.38 -12.39
N CYS B 28 -9.12 11.39 -11.12
CA CYS B 28 -8.99 12.57 -10.28
C CYS B 28 -7.53 13.01 -10.19
N THR B 29 -6.60 12.09 -10.45
CA THR B 29 -5.17 12.39 -10.41
C THR B 29 -4.82 13.22 -9.18
N ASN B 30 -4.99 12.63 -7.99
CA ASN B 30 -4.69 13.30 -6.75
C ASN B 30 -4.74 12.33 -5.57
N ILE B 31 -4.49 12.84 -4.37
CA ILE B 31 -4.50 12.02 -3.17
C ILE B 31 -5.91 11.50 -2.88
N LEU B 32 -6.33 10.51 -3.64
CA LEU B 32 -7.66 9.92 -3.47
C LEU B 32 -7.85 9.40 -2.05
N ARG B 33 -9.03 8.83 -1.79
CA ARG B 33 -9.34 8.29 -0.47
C ARG B 33 -10.35 7.16 -0.58
N GLU B 34 -10.02 6.01 0.01
CA GLU B 34 -10.89 4.84 -0.01
C GLU B 34 -11.26 4.48 -1.45
N PRO B 35 -10.25 4.29 -2.33
CA PRO B 35 -10.47 3.94 -3.73
C PRO B 35 -10.97 2.51 -3.91
N VAL B 36 -11.11 2.09 -5.16
CA VAL B 36 -11.58 0.74 -5.46
C VAL B 36 -10.54 -0.02 -6.28
N CYS B 37 -10.51 -1.34 -6.11
CA CYS B 37 -9.57 -2.18 -6.83
C CYS B 37 -9.96 -2.34 -8.30
N LEU B 38 -11.26 -2.21 -8.57
CA LEU B 38 -11.79 -2.34 -9.92
C LEU B 38 -11.95 -3.81 -10.32
N GLY B 39 -10.89 -4.59 -10.15
CA GLY B 39 -10.95 -6.00 -10.49
C GLY B 39 -9.74 -6.45 -11.28
N GLY B 40 -9.78 -6.23 -12.59
CA GLY B 40 -8.68 -6.62 -13.45
C GLY B 40 -7.98 -5.44 -14.08
N CYS B 41 -7.87 -4.35 -13.31
CA CYS B 41 -7.23 -3.14 -13.80
C CYS B 41 -6.24 -2.61 -12.76
N GLU B 42 -4.95 -2.73 -13.06
CA GLU B 42 -3.92 -2.26 -12.15
C GLU B 42 -4.16 -0.81 -11.72
N HIS B 43 -4.89 -0.07 -12.55
CA HIS B 43 -5.20 1.32 -12.26
C HIS B 43 -6.31 1.42 -11.21
N ILE B 44 -5.98 2.04 -10.08
CA ILE B 44 -6.94 2.21 -9.00
C ILE B 44 -7.59 3.59 -9.04
N PHE B 45 -8.88 3.64 -8.74
CA PHE B 45 -9.61 4.90 -8.74
C PHE B 45 -10.41 5.07 -7.46
N CYS B 46 -10.95 6.26 -7.25
CA CYS B 46 -11.75 6.55 -6.06
C CYS B 46 -13.02 5.71 -6.04
N SER B 47 -13.75 5.77 -4.94
CA SER B 47 -14.99 5.01 -4.80
C SER B 47 -16.20 5.88 -5.16
N ASN B 48 -15.97 6.88 -6.02
CA ASN B 48 -17.04 7.78 -6.44
C ASN B 48 -16.83 8.22 -7.89
N CYS B 49 -16.03 7.46 -8.64
CA CYS B 49 -15.76 7.78 -10.04
C CYS B 49 -15.99 6.54 -10.91
N VAL B 50 -15.45 5.41 -10.46
CA VAL B 50 -15.59 4.15 -11.18
C VAL B 50 -16.96 3.53 -10.93
N SER B 51 -17.53 3.81 -9.77
CA SER B 51 -18.85 3.28 -9.41
C SER B 51 -19.88 3.56 -10.50
N ASP B 52 -19.64 4.61 -11.28
CA ASP B 52 -20.55 4.98 -12.35
C ASP B 52 -20.11 4.36 -13.69
N CYS B 53 -19.38 3.26 -13.61
CA CYS B 53 -18.90 2.58 -14.80
C CYS B 53 -18.41 1.17 -14.47
N ILE B 54 -19.01 0.55 -13.46
CA ILE B 54 -18.63 -0.79 -13.03
C ILE B 54 -19.28 -1.85 -13.91
N GLY B 55 -20.44 -1.52 -14.47
CA GLY B 55 -21.15 -2.45 -15.32
C GLY B 55 -20.29 -3.00 -16.44
N THR B 56 -19.29 -2.22 -16.86
CA THR B 56 -18.39 -2.64 -17.92
C THR B 56 -17.01 -2.96 -17.37
N GLY B 57 -16.33 -1.95 -16.84
CA GLY B 57 -15.01 -2.15 -16.28
C GLY B 57 -14.15 -0.90 -16.36
N CYS B 58 -13.07 -0.97 -17.11
CA CYS B 58 -12.17 0.17 -17.26
C CYS B 58 -11.98 0.53 -18.73
N PRO B 59 -12.47 1.70 -19.16
CA PRO B 59 -12.36 2.16 -20.55
C PRO B 59 -10.91 2.38 -20.97
N VAL B 60 -10.00 2.42 -20.00
CA VAL B 60 -8.59 2.63 -20.29
C VAL B 60 -7.91 1.33 -20.73
N CYS B 61 -7.79 0.39 -19.81
CA CYS B 61 -7.16 -0.90 -20.11
C CYS B 61 -8.12 -1.81 -20.87
N TYR B 62 -9.39 -1.43 -20.93
CA TYR B 62 -10.39 -2.23 -21.63
C TYR B 62 -10.60 -3.57 -20.94
N THR B 63 -10.56 -3.57 -19.62
CA THR B 63 -10.73 -4.79 -18.84
C THR B 63 -12.12 -4.83 -18.19
N PRO B 64 -12.83 -5.97 -18.31
CA PRO B 64 -14.17 -6.11 -17.73
C PRO B 64 -14.15 -6.05 -16.21
N ALA B 65 -15.18 -5.43 -15.63
CA ALA B 65 -15.28 -5.31 -14.18
C ALA B 65 -15.28 -6.67 -13.51
N TRP B 66 -14.30 -6.90 -12.64
CA TRP B 66 -14.19 -8.16 -11.91
C TRP B 66 -15.02 -8.15 -10.65
N ILE B 67 -15.27 -6.96 -10.11
CA ILE B 67 -16.04 -6.82 -8.89
C ILE B 67 -17.42 -6.22 -9.19
N GLN B 68 -18.46 -7.06 -9.13
CA GLN B 68 -19.82 -6.62 -9.39
C GLN B 68 -20.23 -5.53 -8.42
N ASP B 69 -19.86 -5.69 -7.16
CA ASP B 69 -20.20 -4.71 -6.13
C ASP B 69 -19.05 -3.72 -5.92
N LEU B 70 -19.39 -2.52 -5.49
CA LEU B 70 -18.40 -1.47 -5.27
C LEU B 70 -17.47 -1.86 -4.12
N LYS B 71 -16.49 -2.70 -4.42
CA LYS B 71 -15.54 -3.16 -3.42
C LYS B 71 -14.62 -2.01 -2.99
N ILE B 72 -14.00 -2.16 -1.83
CA ILE B 72 -13.10 -1.15 -1.30
C ILE B 72 -11.76 -1.74 -0.90
N ASN B 73 -10.71 -0.94 -0.98
CA ASN B 73 -9.37 -1.40 -0.63
C ASN B 73 -8.91 -0.76 0.69
N ARG B 74 -9.11 -1.48 1.78
CA ARG B 74 -8.72 -0.99 3.10
C ARG B 74 -7.22 -0.70 3.15
N GLN B 75 -6.46 -1.44 2.35
CA GLN B 75 -5.02 -1.25 2.31
C GLN B 75 -4.65 0.04 1.60
N LEU B 76 -5.06 0.15 0.33
CA LEU B 76 -4.78 1.35 -0.45
C LEU B 76 -5.34 2.60 0.23
N ASP B 77 -6.51 2.44 0.85
CA ASP B 77 -7.15 3.54 1.56
C ASP B 77 -6.29 4.02 2.72
N SER B 78 -5.85 3.08 3.55
CA SER B 78 -5.01 3.40 4.69
C SER B 78 -3.69 4.02 4.24
N MET B 79 -3.22 3.59 3.07
CA MET B 79 -1.97 4.10 2.51
C MET B 79 -2.05 5.61 2.30
N ILE B 80 -3.23 6.08 1.90
CA ILE B 80 -3.44 7.51 1.66
C ILE B 80 -3.36 8.29 2.97
N GLN B 81 -4.02 7.78 4.00
CA GLN B 81 -4.03 8.43 5.31
C GLN B 81 -2.64 8.39 5.93
N LEU B 82 -1.90 7.32 5.64
CA LEU B 82 -0.55 7.16 6.17
C LEU B 82 0.36 8.28 5.70
N CYS B 83 0.33 8.55 4.40
CA CYS B 83 1.16 9.61 3.82
C CYS B 83 0.81 10.96 4.43
N SER B 84 -0.46 11.14 4.77
CA SER B 84 -0.93 12.38 5.36
C SER B 84 -0.19 12.68 6.66
N LYS B 85 0.03 11.63 7.46
CA LYS B 85 0.73 11.77 8.73
C LYS B 85 2.15 12.29 8.51
N LEU B 86 2.90 11.60 7.67
CA LEU B 86 4.28 11.98 7.38
C LEU B 86 4.34 13.39 6.80
N ARG B 87 3.34 13.73 5.99
CA ARG B 87 3.28 15.04 5.36
C ARG B 87 3.23 16.15 6.42
N ASN B 88 2.44 15.93 7.47
CA ASN B 88 2.31 16.91 8.54
C ASN B 88 3.51 16.81 9.50
N LEU B 89 4.02 15.60 9.69
CA LEU B 89 5.15 15.38 10.57
C LEU B 89 6.43 15.97 9.98
N LEU B 90 6.51 15.97 8.65
CA LEU B 90 7.67 16.51 7.95
C LEU B 90 7.75 18.03 8.10
N HIS B 91 6.64 18.69 7.79
CA HIS B 91 6.58 20.15 7.88
C HIS B 91 6.68 20.60 9.33
N ASP B 92 5.60 20.43 10.09
CA ASP B 92 5.58 20.82 11.49
C ASP B 92 4.26 20.42 12.14
N ASN B 93 3.17 20.62 11.41
CA ASN B 93 1.84 20.28 11.92
C ASN B 93 1.50 21.11 13.16
N GLU B 94 0.21 21.39 13.33
CA GLU B 94 -0.24 22.17 14.47
C GLU B 94 0.39 23.55 14.47
N LEU B 95 -0.25 24.49 13.76
CA LEU B 95 0.26 25.85 13.68
C LEU B 95 -0.52 26.78 14.61
N SER B 96 0.13 27.84 15.06
CA SER B 96 -0.50 28.80 15.96
C SER B 96 -0.95 28.13 17.25
N ASP B 97 -0.22 28.38 18.32
CA ASP B 97 -0.54 27.80 19.62
C ASP B 97 0.09 28.61 20.76
ZN ZN C . 3.50 -15.23 1.19
ZN ZN D . -10.67 -12.10 2.50
ZN ZN E . -11.40 9.15 -8.68
ZN ZN F . -7.37 0.16 -17.02
N MET A 1 24.48 7.50 17.83
CA MET A 1 23.89 8.79 17.37
C MET A 1 22.37 8.69 17.26
N ASP A 2 21.68 9.77 17.61
CA ASP A 2 20.23 9.81 17.55
C ASP A 2 19.74 11.15 17.01
N LEU A 3 18.68 11.11 16.20
CA LEU A 3 18.11 12.32 15.63
C LEU A 3 17.67 13.29 16.73
N SER A 4 17.05 14.40 16.32
CA SER A 4 16.58 15.39 17.26
C SER A 4 15.67 14.77 18.33
N ALA A 5 15.05 13.65 17.98
CA ALA A 5 14.14 12.96 18.89
C ALA A 5 12.93 13.81 19.23
N LEU A 6 12.66 14.82 18.40
CA LEU A 6 11.52 15.70 18.62
C LEU A 6 10.20 14.93 18.52
N ARG A 7 10.19 13.87 17.73
CA ARG A 7 9.01 13.06 17.54
C ARG A 7 9.29 11.86 16.64
N VAL A 8 10.38 11.16 16.92
CA VAL A 8 10.77 9.99 16.14
C VAL A 8 9.79 8.84 16.35
N GLU A 9 9.21 8.78 17.55
CA GLU A 9 8.25 7.73 17.87
C GLU A 9 7.05 7.77 16.93
N GLU A 10 6.46 8.96 16.80
CA GLU A 10 5.29 9.13 15.93
C GLU A 10 5.62 8.73 14.49
N VAL A 11 6.68 9.31 13.94
CA VAL A 11 7.09 9.02 12.59
C VAL A 11 7.43 7.55 12.42
N GLN A 12 7.92 6.93 13.49
CA GLN A 12 8.28 5.52 13.47
C GLN A 12 7.03 4.64 13.42
N ASN A 13 5.98 5.10 14.07
CA ASN A 13 4.72 4.35 14.10
C ASN A 13 4.02 4.41 12.74
N VAL A 14 4.07 5.57 12.10
CA VAL A 14 3.45 5.75 10.80
C VAL A 14 4.03 4.78 9.77
N ILE A 15 5.34 4.61 9.80
CA ILE A 15 6.02 3.71 8.88
C ILE A 15 5.67 2.25 9.16
N ASN A 16 5.42 1.95 10.43
CA ASN A 16 5.06 0.60 10.83
C ASN A 16 3.63 0.26 10.42
N ALA A 17 2.73 1.22 10.60
CA ALA A 17 1.32 1.03 10.25
C ALA A 17 1.17 0.74 8.76
N MET A 18 1.71 1.64 7.94
CA MET A 18 1.64 1.48 6.49
C MET A 18 2.24 0.14 6.04
N GLN A 19 3.25 -0.31 6.78
CA GLN A 19 3.92 -1.57 6.46
C GLN A 19 2.92 -2.73 6.53
N LYS A 20 2.03 -2.68 7.50
CA LYS A 20 1.02 -3.72 7.67
C LYS A 20 0.11 -3.80 6.45
N ILE A 21 -0.09 -2.67 5.80
CA ILE A 21 -0.94 -2.60 4.61
C ILE A 21 -0.30 -3.35 3.44
N LEU A 22 1.02 -3.38 3.43
CA LEU A 22 1.76 -4.06 2.37
C LEU A 22 2.47 -5.29 2.91
N GLU A 23 1.87 -5.93 3.90
CA GLU A 23 2.45 -7.12 4.50
C GLU A 23 1.86 -8.39 3.89
N CYS A 24 2.14 -9.53 4.51
CA CYS A 24 1.65 -10.81 4.02
C CYS A 24 0.70 -11.45 5.04
N PRO A 25 -0.40 -12.06 4.56
CA PRO A 25 -1.40 -12.69 5.43
C PRO A 25 -1.16 -14.18 5.66
N ILE A 26 0.01 -14.69 5.27
CA ILE A 26 0.30 -16.11 5.45
C ILE A 26 1.74 -16.36 5.92
N CYS A 27 2.70 -15.83 5.18
CA CYS A 27 4.11 -16.02 5.54
C CYS A 27 4.72 -14.75 6.14
N LEU A 28 3.93 -13.68 6.22
CA LEU A 28 4.40 -12.43 6.78
C LEU A 28 5.61 -11.89 6.02
N GLU A 29 5.67 -12.16 4.72
CA GLU A 29 6.79 -11.70 3.90
C GLU A 29 6.32 -10.60 2.94
N LEU A 30 6.98 -9.44 3.02
CA LEU A 30 6.64 -8.30 2.15
C LEU A 30 6.25 -8.76 0.74
N ILE A 31 4.94 -8.79 0.48
CA ILE A 31 4.43 -9.22 -0.81
C ILE A 31 5.06 -8.44 -1.96
N LYS A 32 5.85 -9.14 -2.77
CA LYS A 32 6.52 -8.52 -3.91
C LYS A 32 5.64 -8.58 -5.15
N GLU A 33 4.95 -9.70 -5.33
CA GLU A 33 4.07 -9.89 -6.48
C GLU A 33 2.61 -9.70 -6.07
N PRO A 34 2.10 -8.47 -6.13
CA PRO A 34 0.71 -8.16 -5.77
C PRO A 34 -0.30 -8.87 -6.66
N VAL A 35 -0.88 -9.95 -6.14
CA VAL A 35 -1.86 -10.72 -6.89
C VAL A 35 -3.23 -10.67 -6.21
N SER A 36 -4.24 -10.26 -6.96
CA SER A 36 -5.60 -10.16 -6.42
C SER A 36 -6.28 -11.52 -6.43
N THR A 37 -6.67 -11.99 -5.24
CA THR A 37 -7.35 -13.27 -5.10
C THR A 37 -8.85 -13.11 -5.31
N LYS A 38 -9.53 -14.23 -5.56
CA LYS A 38 -10.97 -14.23 -5.78
C LYS A 38 -11.70 -13.42 -4.70
N CYS A 39 -11.10 -13.34 -3.53
CA CYS A 39 -11.71 -12.60 -2.42
C CYS A 39 -11.18 -11.16 -2.37
N ASP A 40 -10.73 -10.66 -3.50
CA ASP A 40 -10.20 -9.29 -3.59
C ASP A 40 -9.09 -9.07 -2.56
N HIS A 41 -8.17 -10.03 -2.47
CA HIS A 41 -7.06 -9.93 -1.53
C HIS A 41 -5.72 -10.02 -2.24
N ILE A 42 -4.69 -9.44 -1.63
CA ILE A 42 -3.35 -9.44 -2.21
C ILE A 42 -2.49 -10.55 -1.61
N PHE A 43 -1.56 -11.07 -2.42
CA PHE A 43 -0.67 -12.14 -1.97
C PHE A 43 0.68 -12.04 -2.68
N CYS A 44 1.56 -12.99 -2.41
CA CYS A 44 2.89 -13.01 -3.02
C CYS A 44 2.93 -14.00 -4.19
N LYS A 45 1.77 -14.30 -4.75
CA LYS A 45 1.68 -15.23 -5.87
C LYS A 45 2.02 -16.66 -5.43
N PHE A 46 3.26 -16.88 -5.03
CA PHE A 46 3.71 -18.18 -4.59
C PHE A 46 2.83 -18.71 -3.45
N CYS A 47 2.29 -17.80 -2.65
CA CYS A 47 1.44 -18.18 -1.53
C CYS A 47 0.24 -19.00 -2.01
N MET A 48 -0.28 -18.65 -3.19
CA MET A 48 -1.42 -19.35 -3.76
C MET A 48 -1.07 -20.81 -4.03
N LEU A 49 0.14 -21.04 -4.53
CA LEU A 49 0.58 -22.40 -4.83
C LEU A 49 0.61 -23.26 -3.57
N LYS A 50 1.34 -22.79 -2.56
CA LYS A 50 1.44 -23.51 -1.29
C LYS A 50 0.09 -23.62 -0.61
N LEU A 51 -0.70 -22.54 -0.68
CA LEU A 51 -2.02 -22.52 -0.07
C LEU A 51 -2.95 -23.52 -0.75
N LEU A 52 -2.79 -23.67 -2.06
CA LEU A 52 -3.62 -24.59 -2.83
C LEU A 52 -3.13 -26.02 -2.66
N ASN A 53 -1.82 -26.18 -2.48
CA ASN A 53 -1.23 -27.51 -2.31
C ASN A 53 -1.34 -27.97 -0.87
N GLN A 54 -1.32 -27.01 0.06
CA GLN A 54 -1.43 -27.33 1.48
C GLN A 54 -2.74 -28.06 1.78
N LYS A 55 -2.63 -29.34 2.10
CA LYS A 55 -3.80 -30.16 2.42
C LYS A 55 -4.75 -30.22 1.22
N LYS A 56 -5.55 -31.28 1.16
CA LYS A 56 -6.50 -31.46 0.07
C LYS A 56 -7.66 -30.48 0.18
N GLY A 57 -7.98 -29.81 -0.93
CA GLY A 57 -9.06 -28.84 -0.94
C GLY A 57 -8.62 -27.49 -1.45
N PRO A 58 -9.57 -26.59 -1.73
CA PRO A 58 -9.27 -25.24 -2.24
C PRO A 58 -8.27 -24.51 -1.35
N SER A 59 -8.03 -23.23 -1.66
CA SER A 59 -7.10 -22.42 -0.90
C SER A 59 -7.76 -21.87 0.36
N GLN A 60 -9.05 -21.54 0.26
CA GLN A 60 -9.80 -21.01 1.39
C GLN A 60 -9.20 -19.67 1.85
N CYS A 61 -9.84 -18.58 1.46
CA CYS A 61 -9.39 -17.24 1.83
C CYS A 61 -9.23 -17.12 3.34
N PRO A 62 -7.97 -17.06 3.83
CA PRO A 62 -7.69 -16.94 5.26
C PRO A 62 -7.86 -15.51 5.79
N LEU A 63 -8.33 -14.61 4.93
CA LEU A 63 -8.53 -13.21 5.33
C LEU A 63 -9.98 -12.94 5.68
N CYS A 64 -10.90 -13.62 4.99
CA CYS A 64 -12.33 -13.45 5.25
C CYS A 64 -12.95 -14.72 5.82
N LYS A 65 -13.27 -15.67 4.96
CA LYS A 65 -13.86 -16.93 5.38
C LYS A 65 -14.06 -17.86 4.19
N ASN A 66 -12.96 -18.27 3.57
CA ASN A 66 -13.01 -19.16 2.42
C ASN A 66 -13.72 -18.50 1.24
N ASP A 67 -13.12 -18.63 0.06
CA ASP A 67 -13.67 -18.05 -1.16
C ASP A 67 -12.65 -18.08 -2.29
N ILE A 68 -11.90 -19.18 -2.37
CA ILE A 68 -10.88 -19.33 -3.39
C ILE A 68 -10.72 -20.80 -3.78
N THR A 69 -10.08 -21.05 -4.92
CA THR A 69 -9.87 -22.40 -5.40
C THR A 69 -8.67 -22.46 -6.34
N LYS A 70 -8.73 -21.70 -7.43
CA LYS A 70 -7.65 -21.67 -8.40
C LYS A 70 -7.94 -20.67 -9.52
N ARG A 71 -8.93 -20.99 -10.34
CA ARG A 71 -9.31 -20.11 -11.44
C ARG A 71 -9.94 -18.83 -10.94
N SER A 72 -9.11 -17.93 -10.41
CA SER A 72 -9.60 -16.65 -9.89
C SER A 72 -8.44 -15.79 -9.41
N LEU A 73 -7.31 -15.85 -10.13
CA LEU A 73 -6.13 -15.06 -9.77
C LEU A 73 -5.72 -14.16 -10.93
N GLN A 74 -5.27 -12.95 -10.59
CA GLN A 74 -4.85 -11.99 -11.60
C GLN A 74 -3.79 -11.04 -11.04
N GLU A 75 -2.53 -11.31 -11.35
CA GLU A 75 -1.43 -10.49 -10.87
C GLU A 75 -1.57 -9.06 -11.37
N SER A 76 -2.05 -8.18 -10.48
CA SER A 76 -2.24 -6.78 -10.83
C SER A 76 -1.09 -5.93 -10.30
N THR A 77 -0.87 -4.78 -10.93
CA THR A 77 0.20 -3.87 -10.52
C THR A 77 -0.35 -2.69 -9.74
N ARG A 78 -0.92 -2.97 -8.57
CA ARG A 78 -1.49 -1.93 -7.73
C ARG A 78 -0.72 -1.81 -6.42
N PHE A 79 -0.41 -2.95 -5.82
CA PHE A 79 0.33 -2.98 -4.56
C PHE A 79 1.78 -3.40 -4.80
N SER A 80 2.31 -3.06 -5.97
CA SER A 80 3.68 -3.40 -6.32
C SER A 80 4.65 -2.34 -5.79
N GLN A 81 4.45 -1.11 -6.23
CA GLN A 81 5.31 0.00 -5.82
C GLN A 81 5.12 0.30 -4.34
N LEU A 82 3.91 0.08 -3.84
CA LEU A 82 3.59 0.32 -2.44
C LEU A 82 4.49 -0.52 -1.53
N VAL A 83 4.71 -1.77 -1.92
CA VAL A 83 5.53 -2.68 -1.14
C VAL A 83 7.01 -2.28 -1.21
N GLU A 84 7.50 -2.10 -2.43
CA GLU A 84 8.90 -1.71 -2.64
C GLU A 84 9.18 -0.33 -2.05
N GLU A 85 8.26 0.60 -2.30
CA GLU A 85 8.40 1.96 -1.80
C GLU A 85 8.50 1.98 -0.28
N LEU A 86 7.72 1.11 0.37
CA LEU A 86 7.72 1.02 1.82
C LEU A 86 9.10 0.67 2.34
N LEU A 87 9.79 -0.22 1.63
CA LEU A 87 11.13 -0.65 2.04
C LEU A 87 12.09 0.54 2.07
N LYS A 88 11.97 1.41 1.07
CA LYS A 88 12.83 2.59 0.98
C LYS A 88 12.58 3.53 2.15
N ILE A 89 11.33 3.56 2.63
CA ILE A 89 10.97 4.42 3.74
C ILE A 89 11.53 3.88 5.06
N ILE A 90 11.45 2.57 5.24
CA ILE A 90 11.95 1.93 6.45
C ILE A 90 13.48 1.86 6.45
N CYS A 91 14.04 1.53 5.30
CA CYS A 91 15.49 1.44 5.16
C CYS A 91 16.16 2.78 5.46
N ALA A 92 15.51 3.86 5.03
CA ALA A 92 16.04 5.21 5.26
C ALA A 92 15.96 5.57 6.74
N PHE A 93 14.90 5.14 7.41
CA PHE A 93 14.71 5.43 8.83
C PHE A 93 15.88 4.90 9.64
N GLN A 94 16.21 3.62 9.46
CA GLN A 94 17.30 2.99 10.18
C GLN A 94 18.63 3.69 9.88
N LEU A 95 18.74 4.23 8.67
CA LEU A 95 19.95 4.92 8.25
C LEU A 95 20.19 6.18 9.11
N ASP A 96 19.10 6.78 9.56
CA ASP A 96 19.18 7.98 10.39
C ASP A 96 18.88 7.66 11.84
N THR A 97 17.62 7.33 12.12
CA THR A 97 17.20 7.00 13.48
C THR A 97 17.86 5.72 13.96
N GLY A 98 17.94 4.73 13.08
CA GLY A 98 18.55 3.46 13.42
C GLY A 98 17.79 2.73 14.52
N LEU A 99 16.49 3.00 14.62
CA LEU A 99 15.65 2.36 15.63
C LEU A 99 15.21 0.98 15.16
N GLU A 100 14.96 0.10 16.13
CA GLU A 100 14.53 -1.27 15.83
C GLU A 100 13.18 -1.27 15.13
N TYR A 101 13.06 -2.03 14.05
CA TYR A 101 11.82 -2.11 13.29
C TYR A 101 11.04 -3.37 13.67
N ALA A 102 9.81 -3.47 13.19
CA ALA A 102 8.96 -4.62 13.47
C ALA A 102 9.60 -5.91 12.98
N ASN A 103 9.67 -6.07 11.66
CA ASN A 103 10.27 -7.26 11.06
C ASN A 103 10.99 -6.92 9.77
N MET B 1 26.29 18.66 -2.30
CA MET B 1 24.82 18.78 -2.42
C MET B 1 24.14 18.53 -1.08
N GLU B 2 24.78 18.97 0.00
CA GLU B 2 24.24 18.80 1.34
C GLU B 2 23.69 20.11 1.89
N PRO B 3 22.70 20.05 2.80
CA PRO B 3 22.09 21.24 3.39
C PRO B 3 23.05 21.96 4.35
N ASP B 4 22.51 22.90 5.12
CA ASP B 4 23.32 23.66 6.07
C ASP B 4 22.65 23.70 7.44
N GLY B 5 21.35 24.00 7.44
CA GLY B 5 20.61 24.06 8.69
C GLY B 5 19.73 22.85 8.91
N ARG B 6 19.47 22.52 10.17
CA ARG B 6 18.64 21.38 10.51
C ARG B 6 19.25 20.09 9.97
N GLY B 7 18.48 19.00 10.05
CA GLY B 7 18.97 17.72 9.57
C GLY B 7 18.09 16.57 10.03
N ALA B 8 16.84 16.57 9.61
CA ALA B 8 15.90 15.52 9.99
C ALA B 8 14.67 15.53 9.07
N TRP B 9 14.06 14.36 8.91
CA TRP B 9 12.87 14.24 8.07
C TRP B 9 13.19 14.62 6.62
N ALA B 10 14.38 14.24 6.16
CA ALA B 10 14.80 14.54 4.80
C ALA B 10 14.58 13.35 3.88
N HIS B 11 15.29 12.26 4.15
CA HIS B 11 15.16 11.05 3.34
C HIS B 11 13.75 10.48 3.43
N SER B 12 13.11 10.67 4.58
CA SER B 12 11.76 10.18 4.79
C SER B 12 10.75 10.95 3.93
N ARG B 13 11.05 12.22 3.69
CA ARG B 13 10.18 13.07 2.88
C ARG B 13 10.14 12.59 1.43
N ALA B 14 11.30 12.23 0.91
CA ALA B 14 11.41 11.75 -0.46
C ALA B 14 10.61 10.46 -0.66
N ALA B 15 10.90 9.47 0.18
CA ALA B 15 10.21 8.19 0.10
C ALA B 15 8.70 8.36 0.29
N LEU B 16 8.31 9.34 1.09
CA LEU B 16 6.91 9.61 1.35
C LEU B 16 6.16 9.94 0.06
N ASP B 17 6.76 10.81 -0.75
CA ASP B 17 6.16 11.21 -2.02
C ASP B 17 6.00 10.02 -2.95
N ARG B 18 6.94 9.08 -2.88
CA ARG B 18 6.90 7.89 -3.72
C ARG B 18 5.64 7.08 -3.44
N LEU B 19 5.21 7.06 -2.19
CA LEU B 19 4.01 6.32 -1.80
C LEU B 19 2.76 7.00 -2.33
N GLU B 20 2.74 8.33 -2.25
CA GLU B 20 1.59 9.10 -2.73
C GLU B 20 1.33 8.84 -4.22
N LYS B 21 2.40 8.54 -4.95
CA LYS B 21 2.29 8.26 -6.37
C LYS B 21 1.33 7.10 -6.64
N LEU B 22 1.13 6.26 -5.63
CA LEU B 22 0.25 5.10 -5.76
C LEU B 22 -1.18 5.45 -5.31
N LEU B 23 -1.29 6.44 -4.44
CA LEU B 23 -2.59 6.87 -3.93
C LEU B 23 -3.25 7.86 -4.86
N ARG B 24 -2.43 8.63 -5.60
CA ARG B 24 -2.94 9.62 -6.54
C ARG B 24 -3.95 9.00 -7.51
N CYS B 25 -5.16 9.53 -7.52
CA CYS B 25 -6.21 9.03 -8.40
C CYS B 25 -5.79 9.11 -9.86
N SER B 26 -6.39 8.28 -10.70
CA SER B 26 -6.08 8.25 -12.12
C SER B 26 -6.82 9.36 -12.86
N ARG B 27 -8.06 9.62 -12.44
CA ARG B 27 -8.87 10.66 -13.06
C ARG B 27 -8.73 11.99 -12.32
N CYS B 28 -9.16 12.00 -11.05
CA CYS B 28 -9.08 13.19 -10.23
C CYS B 28 -7.64 13.67 -10.07
N THR B 29 -6.69 12.76 -10.33
CA THR B 29 -5.27 13.08 -10.22
C THR B 29 -4.97 13.87 -8.95
N ASN B 30 -5.14 13.21 -7.80
CA ASN B 30 -4.88 13.84 -6.51
C ASN B 30 -5.10 12.85 -5.37
N ILE B 31 -5.00 13.34 -4.14
CA ILE B 31 -5.19 12.49 -2.97
C ILE B 31 -6.63 12.01 -2.86
N LEU B 32 -6.81 10.70 -2.73
CA LEU B 32 -8.14 10.12 -2.61
C LEU B 32 -8.36 9.53 -1.22
N ARG B 33 -9.58 9.10 -0.95
CA ARG B 33 -9.93 8.52 0.33
C ARG B 33 -10.93 7.38 0.17
N GLU B 34 -10.53 6.17 0.57
CA GLU B 34 -11.39 5.01 0.46
C GLU B 34 -11.82 4.79 -0.99
N PRO B 35 -10.85 4.71 -1.92
CA PRO B 35 -11.13 4.50 -3.34
C PRO B 35 -11.58 3.08 -3.65
N VAL B 36 -11.63 2.75 -4.92
CA VAL B 36 -12.04 1.41 -5.36
C VAL B 36 -11.12 0.88 -6.45
N CYS B 37 -11.00 -0.44 -6.53
CA CYS B 37 -10.16 -1.08 -7.53
C CYS B 37 -10.99 -1.55 -8.72
N LEU B 38 -10.61 -1.11 -9.92
CA LEU B 38 -11.32 -1.48 -11.13
C LEU B 38 -11.34 -2.99 -11.32
N GLY B 39 -10.17 -3.56 -11.58
CA GLY B 39 -10.06 -4.99 -11.78
C GLY B 39 -8.75 -5.56 -11.28
N GLY B 40 -7.82 -5.77 -12.21
CA GLY B 40 -6.52 -6.31 -11.84
C GLY B 40 -5.38 -5.61 -12.56
N CYS B 41 -5.39 -4.28 -12.53
CA CYS B 41 -4.36 -3.49 -13.17
C CYS B 41 -3.68 -2.57 -12.16
N GLU B 42 -3.26 -1.38 -12.60
CA GLU B 42 -2.61 -0.43 -11.72
C GLU B 42 -3.46 0.83 -11.54
N HIS B 43 -4.22 1.17 -12.57
CA HIS B 43 -5.08 2.35 -12.53
C HIS B 43 -6.09 2.25 -11.40
N ILE B 44 -6.08 3.25 -10.51
CA ILE B 44 -7.00 3.29 -9.39
C ILE B 44 -7.76 4.61 -9.34
N PHE B 45 -9.00 4.55 -8.85
CA PHE B 45 -9.83 5.75 -8.76
C PHE B 45 -10.65 5.74 -7.47
N CYS B 46 -11.16 6.91 -7.10
CA CYS B 46 -11.96 7.05 -5.89
C CYS B 46 -13.33 6.40 -6.07
N SER B 47 -14.00 6.14 -4.95
CA SER B 47 -15.32 5.52 -4.98
C SER B 47 -16.35 6.47 -5.56
N ASN B 48 -16.26 6.72 -6.87
CA ASN B 48 -17.20 7.61 -7.54
C ASN B 48 -16.88 7.70 -9.04
N CYS B 49 -15.59 7.71 -9.36
CA CYS B 49 -15.15 7.80 -10.75
C CYS B 49 -15.58 6.55 -11.53
N VAL B 50 -15.35 5.38 -10.95
CA VAL B 50 -15.70 4.13 -11.59
C VAL B 50 -17.21 3.86 -11.49
N SER B 51 -17.81 4.32 -10.40
CA SER B 51 -19.24 4.13 -10.17
C SER B 51 -20.05 4.52 -11.40
N ASP B 52 -19.52 5.45 -12.19
CA ASP B 52 -20.19 5.90 -13.40
C ASP B 52 -20.25 4.80 -14.44
N CYS B 53 -19.10 4.17 -14.70
CA CYS B 53 -19.02 3.10 -15.68
C CYS B 53 -18.16 1.95 -15.16
N ILE B 54 -18.54 1.41 -14.00
CA ILE B 54 -17.82 0.32 -13.39
C ILE B 54 -18.48 -1.01 -13.75
N GLY B 55 -17.65 -2.02 -14.03
CA GLY B 55 -18.16 -3.32 -14.39
C GLY B 55 -17.86 -3.66 -15.84
N THR B 56 -17.78 -2.63 -16.67
CA THR B 56 -17.47 -2.82 -18.09
C THR B 56 -15.99 -3.13 -18.28
N GLY B 57 -15.16 -2.64 -17.38
CA GLY B 57 -13.73 -2.88 -17.46
C GLY B 57 -12.96 -1.65 -17.90
N CYS B 58 -11.80 -1.43 -17.28
CA CYS B 58 -10.97 -0.27 -17.61
C CYS B 58 -10.62 -0.26 -19.10
N PRO B 59 -10.88 0.86 -19.79
CA PRO B 59 -10.58 0.99 -21.22
C PRO B 59 -9.11 1.27 -21.49
N VAL B 60 -8.39 1.71 -20.46
CA VAL B 60 -6.97 2.01 -20.59
C VAL B 60 -6.13 0.73 -20.63
N CYS B 61 -6.12 0.00 -19.52
CA CYS B 61 -5.36 -1.24 -19.43
C CYS B 61 -6.07 -2.38 -20.16
N TYR B 62 -7.30 -2.12 -20.62
CA TYR B 62 -8.07 -3.13 -21.33
C TYR B 62 -8.36 -4.32 -20.44
N THR B 63 -8.55 -4.06 -19.14
CA THR B 63 -8.84 -5.11 -18.18
C THR B 63 -10.29 -5.03 -17.69
N PRO B 64 -10.97 -6.18 -17.56
CA PRO B 64 -12.36 -6.21 -17.10
C PRO B 64 -12.48 -5.94 -15.60
N ALA B 65 -13.55 -5.25 -15.21
CA ALA B 65 -13.78 -4.93 -13.81
C ALA B 65 -14.15 -6.18 -13.01
N TRP B 66 -13.16 -6.78 -12.38
CA TRP B 66 -13.37 -7.99 -11.59
C TRP B 66 -14.41 -7.76 -10.49
N ILE B 67 -14.60 -6.50 -10.12
CA ILE B 67 -15.56 -6.14 -9.08
C ILE B 67 -16.84 -5.57 -9.70
N GLN B 68 -17.81 -6.44 -9.94
CA GLN B 68 -19.08 -6.02 -10.52
C GLN B 68 -19.78 -5.00 -9.64
N ASP B 69 -19.55 -5.10 -8.33
CA ASP B 69 -20.16 -4.17 -7.37
C ASP B 69 -19.18 -3.09 -6.97
N LEU B 70 -19.70 -1.99 -6.43
CA LEU B 70 -18.86 -0.88 -6.00
C LEU B 70 -18.08 -1.24 -4.73
N LYS B 71 -17.07 -2.09 -4.90
CA LYS B 71 -16.24 -2.52 -3.77
C LYS B 71 -15.38 -1.37 -3.27
N ILE B 72 -14.64 -1.61 -2.19
CA ILE B 72 -13.77 -0.60 -1.62
C ILE B 72 -12.39 -1.17 -1.32
N ASN B 73 -11.40 -0.28 -1.22
CA ASN B 73 -10.03 -0.68 -0.93
C ASN B 73 -9.58 -0.18 0.44
N ARG B 74 -9.91 -0.96 1.47
CA ARG B 74 -9.56 -0.60 2.84
C ARG B 74 -8.04 -0.45 2.98
N GLN B 75 -7.30 -1.19 2.18
CA GLN B 75 -5.83 -1.14 2.22
C GLN B 75 -5.33 0.20 1.68
N LEU B 76 -5.89 0.62 0.56
CA LEU B 76 -5.49 1.88 -0.06
C LEU B 76 -5.99 3.06 0.76
N ASP B 77 -7.15 2.90 1.41
CA ASP B 77 -7.72 3.96 2.23
C ASP B 77 -6.79 4.32 3.38
N SER B 78 -6.39 3.30 4.15
CA SER B 78 -5.50 3.52 5.29
C SER B 78 -4.14 4.05 4.81
N MET B 79 -3.75 3.67 3.61
CA MET B 79 -2.47 4.11 3.04
C MET B 79 -2.42 5.63 2.95
N ILE B 80 -3.52 6.22 2.50
CA ILE B 80 -3.59 7.68 2.36
C ILE B 80 -3.45 8.36 3.71
N GLN B 81 -4.22 7.90 4.69
CA GLN B 81 -4.18 8.47 6.03
C GLN B 81 -2.79 8.34 6.63
N LEU B 82 -2.07 7.28 6.24
CA LEU B 82 -0.73 7.04 6.73
C LEU B 82 0.24 8.10 6.20
N CYS B 83 0.24 8.29 4.89
CA CYS B 83 1.12 9.26 4.26
C CYS B 83 0.86 10.67 4.81
N SER B 84 -0.39 10.93 5.17
CA SER B 84 -0.77 12.23 5.71
C SER B 84 -0.09 12.49 7.04
N LYS B 85 0.03 11.44 7.86
CA LYS B 85 0.66 11.55 9.17
C LYS B 85 2.11 12.01 9.04
N LEU B 86 2.85 11.33 8.17
CA LEU B 86 4.26 11.66 7.96
C LEU B 86 4.40 13.09 7.45
N ARG B 87 3.44 13.53 6.64
CA ARG B 87 3.46 14.88 6.08
C ARG B 87 3.47 15.92 7.20
N ASN B 88 2.65 15.69 8.22
CA ASN B 88 2.56 16.61 9.35
C ASN B 88 3.79 16.49 10.25
N LEU B 89 4.36 15.29 10.30
CA LEU B 89 5.53 15.04 11.13
C LEU B 89 6.78 15.65 10.49
N LEU B 90 6.93 15.45 9.18
CA LEU B 90 8.08 15.97 8.45
C LEU B 90 8.12 17.50 8.54
N HIS B 91 7.00 18.14 8.24
CA HIS B 91 6.91 19.60 8.28
C HIS B 91 6.71 20.08 9.71
N ASP B 92 6.03 19.28 10.52
CA ASP B 92 5.77 19.62 11.91
C ASP B 92 4.93 20.89 12.00
N ASN B 93 4.18 21.02 13.09
CA ASN B 93 3.33 22.19 13.30
C ASN B 93 3.93 23.11 14.37
N GLU B 94 5.26 23.20 14.38
CA GLU B 94 5.95 24.05 15.34
C GLU B 94 7.15 24.74 14.70
N LEU B 95 6.92 25.92 14.12
CA LEU B 95 7.99 26.67 13.48
C LEU B 95 7.84 28.16 13.75
N SER B 96 6.67 28.71 13.44
CA SER B 96 6.41 30.13 13.65
C SER B 96 7.39 30.99 12.86
N ASP B 97 7.06 31.24 11.59
CA ASP B 97 7.92 32.05 10.73
C ASP B 97 7.93 33.50 11.19
ZN ZN C . 3.65 -14.55 1.17
ZN ZN D . -11.01 -12.62 2.25
ZN ZN E . -11.20 9.73 -8.69
ZN ZN F . -7.13 -0.16 -15.61
N MET A 1 23.25 8.05 17.67
CA MET A 1 22.47 9.07 16.93
C MET A 1 21.01 8.63 16.77
N ASP A 2 20.09 9.58 16.96
CA ASP A 2 18.67 9.30 16.85
C ASP A 2 17.89 10.56 16.50
N LEU A 3 18.54 11.48 15.78
CA LEU A 3 17.91 12.74 15.38
C LEU A 3 17.40 13.49 16.61
N SER A 4 18.11 13.35 17.72
CA SER A 4 17.72 14.02 18.96
C SER A 4 16.35 13.54 19.44
N ALA A 5 15.90 12.40 18.94
CA ALA A 5 14.61 11.84 19.31
C ALA A 5 13.48 12.83 19.06
N LEU A 6 13.72 13.78 18.16
CA LEU A 6 12.72 14.78 17.83
C LEU A 6 11.80 14.29 16.72
N ARG A 7 10.55 14.01 17.06
CA ARG A 7 9.57 13.53 16.10
C ARG A 7 10.06 12.28 15.39
N VAL A 8 10.86 11.48 16.09
CA VAL A 8 11.41 10.25 15.52
C VAL A 8 10.54 9.05 15.88
N GLU A 9 9.89 9.12 17.04
CA GLU A 9 9.03 8.04 17.50
C GLU A 9 7.76 7.96 16.66
N GLU A 10 7.12 9.11 16.45
CA GLU A 10 5.90 9.18 15.66
C GLU A 10 6.12 8.64 14.25
N VAL A 11 7.10 9.22 13.56
CA VAL A 11 7.42 8.80 12.19
C VAL A 11 7.80 7.32 12.15
N GLN A 12 8.42 6.85 13.23
CA GLN A 12 8.84 5.45 13.31
C GLN A 12 7.65 4.52 13.22
N ASN A 13 6.58 4.85 13.93
CA ASN A 13 5.37 4.04 13.92
C ASN A 13 4.64 4.17 12.60
N VAL A 14 4.70 5.36 12.00
CA VAL A 14 4.03 5.61 10.72
C VAL A 14 4.57 4.67 9.64
N ILE A 15 5.88 4.73 9.40
CA ILE A 15 6.50 3.90 8.38
C ILE A 15 6.22 2.43 8.64
N ASN A 16 6.13 2.06 9.92
CA ASN A 16 5.85 0.68 10.30
C ASN A 16 4.43 0.29 9.91
N ALA A 17 3.51 1.26 10.03
CA ALA A 17 2.12 1.02 9.69
C ALA A 17 1.95 0.86 8.18
N MET A 18 2.73 1.62 7.42
CA MET A 18 2.68 1.56 5.97
C MET A 18 3.04 0.16 5.46
N GLN A 19 3.98 -0.48 6.15
CA GLN A 19 4.42 -1.82 5.77
C GLN A 19 3.32 -2.85 6.03
N LYS A 20 2.61 -2.69 7.14
CA LYS A 20 1.53 -3.60 7.51
C LYS A 20 0.45 -3.61 6.44
N ILE A 21 0.27 -2.48 5.76
CA ILE A 21 -0.72 -2.36 4.71
C ILE A 21 -0.48 -3.37 3.60
N LEU A 22 0.78 -3.52 3.22
CA LEU A 22 1.17 -4.45 2.16
C LEU A 22 1.87 -5.67 2.74
N GLU A 23 1.38 -6.15 3.87
CA GLU A 23 1.97 -7.31 4.53
C GLU A 23 1.29 -8.60 4.07
N CYS A 24 1.73 -9.72 4.63
CA CYS A 24 1.18 -11.02 4.29
C CYS A 24 0.15 -11.46 5.34
N PRO A 25 -0.97 -12.07 4.89
CA PRO A 25 -2.04 -12.51 5.79
C PRO A 25 -1.92 -13.96 6.26
N ILE A 26 -1.06 -14.75 5.64
CA ILE A 26 -0.91 -16.16 6.04
C ILE A 26 0.53 -16.56 6.29
N CYS A 27 1.46 -16.00 5.52
CA CYS A 27 2.88 -16.32 5.68
C CYS A 27 3.59 -15.25 6.49
N LEU A 28 2.98 -14.07 6.60
CA LEU A 28 3.55 -12.97 7.35
C LEU A 28 4.88 -12.53 6.73
N GLU A 29 5.04 -12.77 5.43
CA GLU A 29 6.27 -12.40 4.73
C GLU A 29 6.00 -11.30 3.72
N LEU A 30 6.78 -10.22 3.79
CA LEU A 30 6.63 -9.08 2.88
C LEU A 30 6.33 -9.55 1.45
N ILE A 31 5.06 -9.46 1.06
CA ILE A 31 4.63 -9.87 -0.26
C ILE A 31 5.48 -9.24 -1.35
N LYS A 32 5.88 -10.04 -2.32
CA LYS A 32 6.70 -9.56 -3.44
C LYS A 32 5.87 -9.51 -4.72
N GLU A 33 5.01 -10.51 -4.90
CA GLU A 33 4.16 -10.58 -6.08
C GLU A 33 2.69 -10.42 -5.70
N PRO A 34 2.23 -9.17 -5.51
CA PRO A 34 0.84 -8.89 -5.13
C PRO A 34 -0.17 -9.64 -5.99
N VAL A 35 -1.20 -10.18 -5.36
CA VAL A 35 -2.24 -10.91 -6.06
C VAL A 35 -3.62 -10.56 -5.50
N SER A 36 -4.52 -10.15 -6.40
CA SER A 36 -5.87 -9.78 -6.00
C SER A 36 -6.83 -10.97 -6.13
N THR A 37 -7.26 -11.49 -5.00
CA THR A 37 -8.18 -12.64 -4.98
C THR A 37 -9.59 -12.19 -5.35
N LYS A 38 -10.41 -13.15 -5.77
CA LYS A 38 -11.79 -12.86 -6.16
C LYS A 38 -12.52 -12.05 -5.10
N CYS A 39 -12.08 -12.17 -3.85
CA CYS A 39 -12.69 -11.44 -2.75
C CYS A 39 -11.97 -10.10 -2.49
N ASP A 40 -11.27 -9.62 -3.51
CA ASP A 40 -10.55 -8.35 -3.41
C ASP A 40 -9.55 -8.38 -2.24
N HIS A 41 -8.69 -9.39 -2.25
CA HIS A 41 -7.68 -9.53 -1.19
C HIS A 41 -6.29 -9.65 -1.79
N ILE A 42 -5.30 -9.13 -1.08
CA ILE A 42 -3.91 -9.17 -1.54
C ILE A 42 -3.17 -10.37 -0.96
N PHE A 43 -2.17 -10.84 -1.70
CA PHE A 43 -1.37 -11.99 -1.27
C PHE A 43 -0.01 -11.98 -1.96
N CYS A 44 0.80 -13.00 -1.70
CA CYS A 44 2.13 -13.09 -2.31
C CYS A 44 2.23 -14.31 -3.21
N LYS A 45 1.11 -14.69 -3.83
CA LYS A 45 1.07 -15.84 -4.72
C LYS A 45 1.25 -17.15 -3.95
N PHE A 46 2.42 -17.32 -3.34
CA PHE A 46 2.72 -18.52 -2.57
C PHE A 46 1.58 -18.88 -1.61
N CYS A 47 0.86 -17.86 -1.16
CA CYS A 47 -0.26 -18.07 -0.24
C CYS A 47 -1.36 -18.90 -0.90
N MET A 48 -1.58 -18.68 -2.19
CA MET A 48 -2.60 -19.42 -2.93
C MET A 48 -2.24 -20.90 -3.00
N LEU A 49 -0.95 -21.19 -3.02
CA LEU A 49 -0.48 -22.57 -3.09
C LEU A 49 -0.83 -23.32 -1.82
N LYS A 50 -0.35 -22.83 -0.68
CA LYS A 50 -0.61 -23.45 0.61
C LYS A 50 -2.10 -23.39 0.94
N LEU A 51 -2.75 -22.30 0.57
CA LEU A 51 -4.18 -22.13 0.82
C LEU A 51 -5.00 -23.08 -0.05
N LEU A 52 -4.49 -23.37 -1.25
CA LEU A 52 -5.18 -24.26 -2.17
C LEU A 52 -4.95 -25.72 -1.79
N ASN A 53 -3.72 -26.05 -1.42
CA ASN A 53 -3.37 -27.41 -1.04
C ASN A 53 -3.49 -27.60 0.48
N GLN A 54 -3.90 -26.56 1.18
CA GLN A 54 -4.05 -26.63 2.64
C GLN A 54 -4.96 -27.79 3.04
N LYS A 55 -6.26 -27.61 2.83
CA LYS A 55 -7.24 -28.63 3.17
C LYS A 55 -7.45 -29.59 2.00
N LYS A 56 -8.24 -29.16 1.02
CA LYS A 56 -8.51 -29.98 -0.17
C LYS A 56 -9.44 -29.25 -1.14
N GLY A 57 -9.07 -29.26 -2.40
CA GLY A 57 -9.88 -28.59 -3.42
C GLY A 57 -9.61 -27.10 -3.48
N PRO A 58 -10.58 -26.31 -3.97
CA PRO A 58 -10.44 -24.86 -4.09
C PRO A 58 -9.95 -24.22 -2.79
N SER A 59 -9.29 -23.07 -2.91
CA SER A 59 -8.76 -22.36 -1.75
C SER A 59 -9.90 -21.97 -0.81
N GLN A 60 -9.58 -21.13 0.18
CA GLN A 60 -10.57 -20.68 1.14
C GLN A 60 -10.21 -19.30 1.69
N CYS A 61 -10.84 -18.26 1.14
CA CYS A 61 -10.60 -16.89 1.58
C CYS A 61 -10.62 -16.79 3.10
N PRO A 62 -9.44 -16.65 3.73
CA PRO A 62 -9.32 -16.54 5.18
C PRO A 62 -9.73 -15.16 5.70
N LEU A 63 -10.06 -14.25 4.79
CA LEU A 63 -10.46 -12.90 5.16
C LEU A 63 -11.98 -12.79 5.28
N CYS A 64 -12.69 -13.65 4.55
CA CYS A 64 -14.15 -13.64 4.58
C CYS A 64 -14.70 -14.97 5.09
N LYS A 65 -14.78 -15.95 4.18
CA LYS A 65 -15.29 -17.27 4.54
C LYS A 65 -15.27 -18.20 3.32
N ASN A 66 -14.08 -18.44 2.79
CA ASN A 66 -13.92 -19.31 1.64
C ASN A 66 -14.61 -18.72 0.41
N ASP A 67 -13.90 -18.72 -0.71
CA ASP A 67 -14.43 -18.18 -1.96
C ASP A 67 -13.32 -18.02 -3.01
N ILE A 68 -12.44 -19.02 -3.07
CA ILE A 68 -11.34 -19.00 -4.03
C ILE A 68 -11.09 -20.37 -4.64
N THR A 69 -10.43 -20.40 -5.80
CA THR A 69 -10.13 -21.65 -6.48
C THR A 69 -8.69 -21.69 -6.94
N LYS A 70 -8.33 -22.73 -7.68
CA LYS A 70 -6.97 -22.88 -8.18
C LYS A 70 -6.58 -21.70 -9.07
N ARG A 71 -7.23 -21.60 -10.23
CA ARG A 71 -6.95 -20.52 -11.16
C ARG A 71 -8.15 -19.58 -11.29
N SER A 72 -8.16 -18.52 -10.50
CA SER A 72 -9.24 -17.56 -10.52
C SER A 72 -8.81 -16.23 -9.89
N LEU A 73 -7.52 -15.92 -10.00
CA LEU A 73 -6.99 -14.69 -9.45
C LEU A 73 -6.59 -13.72 -10.55
N GLN A 74 -6.05 -12.57 -10.16
CA GLN A 74 -5.62 -11.56 -11.12
C GLN A 74 -4.31 -10.92 -10.69
N GLU A 75 -3.20 -11.54 -11.06
CA GLU A 75 -1.89 -11.03 -10.71
C GLU A 75 -1.58 -9.74 -11.48
N SER A 76 -1.72 -8.61 -10.79
CA SER A 76 -1.46 -7.31 -11.40
C SER A 76 -0.47 -6.51 -10.57
N THR A 77 0.06 -5.44 -11.16
CA THR A 77 1.03 -4.59 -10.48
C THR A 77 0.33 -3.42 -9.79
N ARG A 78 -0.23 -3.68 -8.61
CA ARG A 78 -0.92 -2.64 -7.85
C ARG A 78 -0.23 -2.39 -6.52
N PHE A 79 -0.11 -3.43 -5.70
CA PHE A 79 0.53 -3.31 -4.41
C PHE A 79 1.97 -3.81 -4.47
N SER A 80 2.60 -3.66 -5.64
CA SER A 80 3.98 -4.09 -5.83
C SER A 80 4.95 -2.97 -5.51
N GLN A 81 4.89 -1.90 -6.30
CA GLN A 81 5.76 -0.75 -6.10
C GLN A 81 5.56 -0.15 -4.71
N LEU A 82 4.35 -0.27 -4.19
CA LEU A 82 4.04 0.25 -2.86
C LEU A 82 4.87 -0.44 -1.78
N VAL A 83 5.09 -1.74 -1.97
CA VAL A 83 5.86 -2.53 -1.02
C VAL A 83 7.34 -2.16 -1.09
N GLU A 84 7.91 -2.21 -2.29
CA GLU A 84 9.31 -1.87 -2.49
C GLU A 84 9.61 -0.46 -1.99
N GLU A 85 8.68 0.46 -2.23
CA GLU A 85 8.85 1.84 -1.79
C GLU A 85 9.01 1.91 -0.28
N LEU A 86 8.20 1.14 0.44
CA LEU A 86 8.25 1.12 1.89
C LEU A 86 9.67 0.83 2.38
N LEU A 87 10.30 -0.18 1.80
CA LEU A 87 11.67 -0.53 2.18
C LEU A 87 12.61 0.64 1.98
N LYS A 88 12.32 1.47 0.97
CA LYS A 88 13.15 2.63 0.68
C LYS A 88 12.96 3.71 1.75
N ILE A 89 11.75 3.80 2.29
CA ILE A 89 11.46 4.78 3.32
C ILE A 89 12.06 4.37 4.66
N ILE A 90 11.93 3.08 4.99
CA ILE A 90 12.46 2.55 6.24
C ILE A 90 13.98 2.68 6.28
N CYS A 91 14.61 2.42 5.15
CA CYS A 91 16.07 2.50 5.06
C CYS A 91 16.57 3.90 5.39
N ALA A 92 15.90 4.91 4.82
CA ALA A 92 16.27 6.30 5.06
C ALA A 92 16.19 6.65 6.55
N PHE A 93 15.23 6.03 7.24
CA PHE A 93 15.04 6.27 8.66
C PHE A 93 16.30 5.92 9.45
N GLN A 94 16.84 4.73 9.19
CA GLN A 94 18.05 4.29 9.88
C GLN A 94 19.26 5.10 9.45
N LEU A 95 19.22 5.63 8.23
CA LEU A 95 20.32 6.42 7.70
C LEU A 95 20.57 7.66 8.56
N ASP A 96 19.50 8.36 8.91
CA ASP A 96 19.61 9.56 9.72
C ASP A 96 19.39 9.24 11.20
N THR A 97 18.18 8.81 11.54
CA THR A 97 17.84 8.48 12.92
C THR A 97 18.65 7.27 13.40
N GLY A 98 18.52 6.16 12.69
CA GLY A 98 19.25 4.96 13.05
C GLY A 98 18.50 4.04 14.00
N LEU A 99 17.20 4.26 14.15
CA LEU A 99 16.38 3.44 15.02
C LEU A 99 16.03 2.12 14.36
N GLU A 100 15.83 1.08 15.17
CA GLU A 100 15.49 -0.24 14.66
C GLU A 100 14.13 -0.21 13.97
N TYR A 101 13.81 -1.29 13.26
CA TYR A 101 12.54 -1.40 12.54
C TYR A 101 11.88 -2.75 12.81
N ALA A 102 10.59 -2.84 12.50
CA ALA A 102 9.84 -4.07 12.70
C ALA A 102 10.45 -5.22 11.90
N ASN A 103 10.34 -6.43 12.43
CA ASN A 103 10.88 -7.61 11.77
C ASN A 103 9.86 -8.21 10.81
N MET B 1 29.29 33.74 7.61
CA MET B 1 28.91 32.33 7.34
C MET B 1 29.56 31.83 6.05
N GLU B 2 29.19 30.62 5.65
CA GLU B 2 29.74 30.01 4.44
C GLU B 2 29.13 28.64 4.19
N PRO B 3 29.32 27.69 5.12
CA PRO B 3 28.79 26.33 4.98
C PRO B 3 27.27 26.29 5.17
N ASP B 4 26.60 25.58 4.26
CA ASP B 4 25.14 25.47 4.33
C ASP B 4 24.70 24.81 5.64
N GLY B 5 23.50 25.16 6.09
CA GLY B 5 22.99 24.60 7.33
C GLY B 5 22.58 23.15 7.18
N ARG B 6 22.46 22.45 8.31
CA ARG B 6 22.07 21.05 8.30
C ARG B 6 20.63 20.88 8.78
N GLY B 7 19.98 19.85 8.27
CA GLY B 7 18.59 19.59 8.67
C GLY B 7 18.32 18.12 8.88
N ALA B 8 17.07 17.71 8.66
CA ALA B 8 16.68 16.32 8.83
C ALA B 8 15.36 16.03 8.12
N TRP B 9 14.96 14.76 8.12
CA TRP B 9 13.71 14.35 7.48
C TRP B 9 13.72 14.71 6.00
N ALA B 10 14.92 14.75 5.42
CA ALA B 10 15.07 15.07 4.00
C ALA B 10 14.61 13.91 3.13
N HIS B 11 15.18 12.74 3.38
CA HIS B 11 14.84 11.54 2.61
C HIS B 11 13.37 11.18 2.80
N SER B 12 12.83 11.51 3.97
CA SER B 12 11.43 11.23 4.26
C SER B 12 10.50 12.05 3.37
N ARG B 13 10.88 13.30 3.13
CA ARG B 13 10.08 14.19 2.30
C ARG B 13 9.93 13.62 0.89
N ALA B 14 11.05 13.22 0.30
CA ALA B 14 11.03 12.66 -1.04
C ALA B 14 10.34 11.30 -1.06
N ALA B 15 10.44 10.58 0.05
CA ALA B 15 9.83 9.26 0.16
C ALA B 15 8.31 9.36 0.17
N LEU B 16 7.79 10.36 0.88
CA LEU B 16 6.35 10.57 0.95
C LEU B 16 5.76 10.80 -0.43
N ASP B 17 6.40 11.65 -1.21
CA ASP B 17 5.93 11.95 -2.56
C ASP B 17 5.99 10.70 -3.44
N ARG B 18 6.94 9.83 -3.17
CA ARG B 18 7.10 8.60 -3.93
C ARG B 18 5.92 7.66 -3.68
N LEU B 19 5.52 7.53 -2.42
CA LEU B 19 4.40 6.66 -2.07
C LEU B 19 3.10 7.20 -2.66
N GLU B 20 2.96 8.52 -2.68
CA GLU B 20 1.75 9.14 -3.21
C GLU B 20 1.60 8.85 -4.69
N LYS B 21 2.73 8.71 -5.38
CA LYS B 21 2.71 8.43 -6.83
C LYS B 21 1.95 7.14 -7.11
N LEU B 22 1.93 6.24 -6.13
CA LEU B 22 1.23 4.97 -6.29
C LEU B 22 -0.21 5.05 -5.77
N LEU B 23 -0.70 6.26 -5.58
CA LEU B 23 -2.05 6.47 -5.07
C LEU B 23 -2.81 7.48 -5.93
N ARG B 24 -2.11 8.54 -6.35
CA ARG B 24 -2.72 9.59 -7.17
C ARG B 24 -3.58 8.99 -8.28
N CYS B 25 -4.89 9.19 -8.18
CA CYS B 25 -5.82 8.67 -9.17
C CYS B 25 -5.45 9.13 -10.58
N SER B 26 -5.86 8.35 -11.58
CA SER B 26 -5.56 8.68 -12.96
C SER B 26 -6.50 9.77 -13.49
N ARG B 27 -7.77 9.70 -13.06
CA ARG B 27 -8.76 10.68 -13.48
C ARG B 27 -8.78 11.88 -12.53
N CYS B 28 -9.09 11.62 -11.27
CA CYS B 28 -9.14 12.68 -10.26
C CYS B 28 -7.78 13.36 -10.11
N THR B 29 -6.72 12.69 -10.55
CA THR B 29 -5.37 13.22 -10.47
C THR B 29 -5.10 13.85 -9.10
N ASN B 30 -5.50 13.14 -8.04
CA ASN B 30 -5.31 13.63 -6.69
C ASN B 30 -5.34 12.47 -5.69
N ILE B 31 -5.42 12.79 -4.40
CA ILE B 31 -5.47 11.77 -3.36
C ILE B 31 -6.70 10.90 -3.49
N LEU B 32 -6.57 9.62 -3.14
CA LEU B 32 -7.67 8.68 -3.22
C LEU B 32 -8.51 8.72 -1.94
N ARG B 33 -9.71 8.13 -2.01
CA ARG B 33 -10.60 8.08 -0.87
C ARG B 33 -11.68 7.03 -1.07
N GLU B 34 -11.49 5.87 -0.45
CA GLU B 34 -12.45 4.78 -0.57
C GLU B 34 -12.67 4.42 -2.05
N PRO B 35 -11.58 4.17 -2.79
CA PRO B 35 -11.66 3.82 -4.21
C PRO B 35 -12.11 2.38 -4.44
N VAL B 36 -12.30 2.01 -5.70
CA VAL B 36 -12.72 0.66 -6.04
C VAL B 36 -11.92 0.12 -7.23
N CYS B 37 -11.63 -1.17 -7.20
CA CYS B 37 -10.88 -1.81 -8.27
C CYS B 37 -11.71 -1.92 -9.54
N LEU B 38 -11.06 -2.24 -10.65
CA LEU B 38 -11.75 -2.37 -11.93
C LEU B 38 -11.84 -3.84 -12.34
N GLY B 39 -10.70 -4.52 -12.34
CA GLY B 39 -10.68 -5.93 -12.72
C GLY B 39 -9.33 -6.57 -12.46
N GLY B 40 -8.30 -6.05 -13.11
CA GLY B 40 -6.97 -6.59 -12.94
C GLY B 40 -6.00 -6.12 -14.01
N CYS B 41 -6.08 -4.84 -14.35
CA CYS B 41 -5.21 -4.27 -15.37
C CYS B 41 -4.37 -3.13 -14.80
N GLU B 42 -4.05 -3.22 -13.52
CA GLU B 42 -3.25 -2.21 -12.85
C GLU B 42 -3.95 -0.85 -12.86
N HIS B 43 -5.27 -0.86 -13.08
CA HIS B 43 -6.04 0.38 -13.11
C HIS B 43 -6.94 0.48 -11.89
N ILE B 44 -6.80 1.58 -11.15
CA ILE B 44 -7.60 1.81 -9.95
C ILE B 44 -8.05 3.26 -9.87
N PHE B 45 -9.28 3.46 -9.40
CA PHE B 45 -9.84 4.81 -9.27
C PHE B 45 -10.78 4.90 -8.08
N CYS B 46 -11.31 6.09 -7.84
CA CYS B 46 -12.24 6.31 -6.73
C CYS B 46 -13.47 5.42 -6.87
N SER B 47 -14.32 5.43 -5.85
CA SER B 47 -15.53 4.63 -5.85
C SER B 47 -16.47 5.05 -6.97
N ASN B 48 -16.61 6.36 -7.16
CA ASN B 48 -17.48 6.90 -8.20
C ASN B 48 -16.69 7.22 -9.46
N CYS B 49 -15.51 6.62 -9.59
CA CYS B 49 -14.65 6.85 -10.76
C CYS B 49 -14.79 5.71 -11.76
N VAL B 50 -15.06 4.51 -11.25
CA VAL B 50 -15.20 3.34 -12.11
C VAL B 50 -16.67 2.94 -12.25
N SER B 51 -17.42 3.09 -11.17
CA SER B 51 -18.85 2.74 -11.16
C SER B 51 -19.55 3.17 -12.44
N ASP B 52 -19.07 4.25 -13.04
CA ASP B 52 -19.67 4.75 -14.29
C ASP B 52 -19.86 3.62 -15.30
N CYS B 53 -18.85 2.78 -15.43
CA CYS B 53 -18.90 1.66 -16.36
C CYS B 53 -18.35 0.38 -15.71
N ILE B 54 -18.16 0.42 -14.40
CA ILE B 54 -17.64 -0.72 -13.67
C ILE B 54 -18.51 -1.96 -13.87
N GLY B 55 -17.87 -3.09 -14.15
CA GLY B 55 -18.61 -4.33 -14.36
C GLY B 55 -18.49 -4.83 -15.79
N THR B 56 -18.26 -3.91 -16.72
CA THR B 56 -18.13 -4.27 -18.13
C THR B 56 -16.67 -4.46 -18.51
N GLY B 57 -15.78 -3.73 -17.84
CA GLY B 57 -14.36 -3.83 -18.12
C GLY B 57 -13.74 -2.48 -18.44
N CYS B 58 -12.53 -2.26 -17.95
CA CYS B 58 -11.82 -1.00 -18.18
C CYS B 58 -11.63 -0.76 -19.67
N PRO B 59 -12.24 0.32 -20.22
CA PRO B 59 -12.11 0.65 -21.63
C PRO B 59 -10.78 1.29 -21.99
N VAL B 60 -9.94 1.50 -20.97
CA VAL B 60 -8.63 2.11 -21.18
C VAL B 60 -7.52 1.06 -21.14
N CYS B 61 -7.78 -0.05 -20.46
CA CYS B 61 -6.81 -1.12 -20.34
C CYS B 61 -7.22 -2.33 -21.18
N TYR B 62 -8.50 -2.41 -21.51
CA TYR B 62 -9.03 -3.52 -22.30
C TYR B 62 -8.93 -4.83 -21.53
N THR B 63 -9.40 -4.82 -20.29
CA THR B 63 -9.36 -6.01 -19.44
C THR B 63 -10.72 -6.23 -18.77
N PRO B 64 -11.18 -7.49 -18.69
CA PRO B 64 -12.46 -7.82 -18.05
C PRO B 64 -12.43 -7.66 -16.54
N ALA B 65 -13.57 -7.32 -15.96
CA ALA B 65 -13.67 -7.13 -14.52
C ALA B 65 -13.93 -8.45 -13.81
N TRP B 66 -13.39 -8.59 -12.61
CA TRP B 66 -13.56 -9.81 -11.83
C TRP B 66 -14.06 -9.50 -10.42
N ILE B 67 -14.60 -8.30 -10.23
CA ILE B 67 -15.11 -7.89 -8.93
C ILE B 67 -16.63 -7.87 -8.91
N GLN B 68 -17.23 -7.45 -10.02
CA GLN B 68 -18.68 -7.39 -10.14
C GLN B 68 -19.24 -6.27 -9.27
N ASP B 69 -19.00 -6.35 -7.97
CA ASP B 69 -19.48 -5.34 -7.03
C ASP B 69 -18.49 -4.19 -6.91
N LEU B 70 -18.79 -3.24 -6.03
CA LEU B 70 -17.93 -2.09 -5.81
C LEU B 70 -17.10 -2.26 -4.55
N LYS B 71 -16.11 -3.15 -4.60
CA LYS B 71 -15.24 -3.40 -3.46
C LYS B 71 -14.31 -2.23 -3.21
N ILE B 72 -14.10 -1.91 -1.93
CA ILE B 72 -13.23 -0.81 -1.55
C ILE B 72 -11.89 -1.31 -1.04
N ASN B 73 -10.82 -0.64 -1.45
CA ASN B 73 -9.47 -1.03 -1.03
C ASN B 73 -9.17 -0.47 0.37
N ARG B 74 -9.54 -1.24 1.39
CA ARG B 74 -9.31 -0.83 2.77
C ARG B 74 -7.82 -0.61 3.03
N GLN B 75 -6.98 -1.36 2.33
CA GLN B 75 -5.54 -1.24 2.48
C GLN B 75 -5.03 0.06 1.88
N LEU B 76 -5.54 0.41 0.71
CA LEU B 76 -5.13 1.64 0.04
C LEU B 76 -5.63 2.86 0.80
N ASP B 77 -6.79 2.75 1.41
CA ASP B 77 -7.37 3.84 2.17
C ASP B 77 -6.47 4.23 3.34
N SER B 78 -5.96 3.21 4.03
CA SER B 78 -5.07 3.43 5.16
C SER B 78 -3.78 4.13 4.73
N MET B 79 -3.34 3.81 3.51
CA MET B 79 -2.12 4.40 2.96
C MET B 79 -2.23 5.92 2.92
N ILE B 80 -3.37 6.42 2.48
CA ILE B 80 -3.61 7.86 2.40
C ILE B 80 -3.48 8.52 3.76
N GLN B 81 -4.27 8.05 4.72
CA GLN B 81 -4.24 8.60 6.07
C GLN B 81 -2.83 8.54 6.65
N LEU B 82 -2.20 7.38 6.53
CA LEU B 82 -0.85 7.19 7.03
C LEU B 82 0.13 8.18 6.40
N CYS B 83 0.01 8.35 5.08
CA CYS B 83 0.87 9.27 4.36
C CYS B 83 0.74 10.69 4.92
N SER B 84 -0.44 11.01 5.42
CA SER B 84 -0.69 12.33 5.99
C SER B 84 0.13 12.54 7.26
N LYS B 85 0.27 11.46 8.03
CA LYS B 85 1.04 11.51 9.27
C LYS B 85 2.47 11.97 9.01
N LEU B 86 3.13 11.29 8.08
CA LEU B 86 4.51 11.61 7.72
C LEU B 86 4.63 13.06 7.27
N ARG B 87 3.60 13.55 6.59
CA ARG B 87 3.59 14.92 6.10
C ARG B 87 3.73 15.92 7.25
N ASN B 88 2.93 15.72 8.29
CA ASN B 88 2.97 16.60 9.45
C ASN B 88 4.30 16.48 10.17
N LEU B 89 4.80 15.25 10.31
CA LEU B 89 6.07 15.01 10.98
C LEU B 89 7.22 15.63 10.19
N LEU B 90 7.08 15.66 8.87
CA LEU B 90 8.11 16.22 8.01
C LEU B 90 8.30 17.72 8.29
N HIS B 91 7.20 18.40 8.55
CA HIS B 91 7.24 19.83 8.84
C HIS B 91 6.51 20.15 10.14
N ASP B 92 7.28 20.46 11.17
CA ASP B 92 6.71 20.79 12.48
C ASP B 92 6.00 22.12 12.44
N ASN B 93 4.87 22.21 13.14
CA ASN B 93 4.08 23.44 13.19
C ASN B 93 4.20 24.10 14.56
N GLU B 94 4.36 23.29 15.59
CA GLU B 94 4.49 23.80 16.96
C GLU B 94 5.95 23.78 17.42
N LEU B 95 6.27 24.67 18.35
CA LEU B 95 7.62 24.75 18.88
C LEU B 95 7.63 24.75 20.41
N SER B 96 8.35 23.80 20.98
CA SER B 96 8.44 23.69 22.43
C SER B 96 9.73 24.30 22.96
N ASP B 97 9.73 25.63 23.10
CA ASP B 97 10.91 26.34 23.60
C ASP B 97 10.49 27.50 24.50
ZN ZN C . 2.57 -15.40 1.92
ZN ZN D . -13.16 -12.64 0.84
ZN ZN E . -10.57 9.29 -9.05
ZN ZN F . -7.46 -0.52 -16.90
N MET A 1 20.78 18.10 19.46
CA MET A 1 19.93 17.47 18.41
C MET A 1 20.11 15.96 18.38
N ASP A 2 19.46 15.26 19.29
CA ASP A 2 19.55 13.81 19.37
C ASP A 2 18.32 13.15 18.75
N LEU A 3 18.46 12.69 17.51
CA LEU A 3 17.36 12.05 16.81
C LEU A 3 17.12 10.65 17.35
N SER A 4 16.46 10.56 18.50
CA SER A 4 16.17 9.27 19.12
C SER A 4 15.13 9.42 20.24
N ALA A 5 14.23 10.39 20.08
CA ALA A 5 13.19 10.63 21.07
C ALA A 5 12.36 11.86 20.71
N LEU A 6 13.01 12.86 20.11
CA LEU A 6 12.33 14.09 19.73
C LEU A 6 11.09 13.80 18.88
N ARG A 7 11.19 12.80 18.01
CA ARG A 7 10.08 12.42 17.15
C ARG A 7 10.39 11.14 16.39
N VAL A 8 10.87 10.13 17.10
CA VAL A 8 11.20 8.85 16.49
C VAL A 8 10.14 7.80 16.82
N GLU A 9 9.71 7.77 18.08
CA GLU A 9 8.70 6.82 18.51
C GLU A 9 7.39 7.00 17.74
N GLU A 10 7.05 8.26 17.45
CA GLU A 10 5.84 8.57 16.72
C GLU A 10 5.93 8.07 15.28
N VAL A 11 7.02 8.40 14.61
CA VAL A 11 7.22 7.98 13.23
C VAL A 11 7.37 6.47 13.13
N GLN A 12 8.05 5.88 14.10
CA GLN A 12 8.26 4.43 14.13
C GLN A 12 6.92 3.69 14.17
N ASN A 13 5.97 4.23 14.93
CA ASN A 13 4.65 3.62 15.06
C ASN A 13 3.89 3.73 13.75
N VAL A 14 4.12 4.82 13.02
CA VAL A 14 3.44 5.05 11.75
C VAL A 14 3.89 4.04 10.70
N ILE A 15 5.21 3.94 10.51
CA ILE A 15 5.77 3.01 9.54
C ILE A 15 5.34 1.57 9.83
N ASN A 16 5.04 1.29 11.09
CA ASN A 16 4.62 -0.05 11.49
C ASN A 16 3.20 -0.34 11.01
N ALA A 17 2.36 0.69 11.03
CA ALA A 17 0.97 0.54 10.59
C ALA A 17 0.88 0.38 9.08
N MET A 18 1.44 1.35 8.35
CA MET A 18 1.43 1.31 6.90
C MET A 18 2.04 0.02 6.37
N GLN A 19 2.95 -0.56 7.14
CA GLN A 19 3.62 -1.80 6.75
C GLN A 19 2.65 -2.97 6.83
N LYS A 20 1.79 -2.97 7.84
CA LYS A 20 0.81 -4.03 8.04
C LYS A 20 -0.17 -4.08 6.88
N ILE A 21 -0.43 -2.93 6.28
CA ILE A 21 -1.36 -2.84 5.16
C ILE A 21 -0.83 -3.61 3.95
N LEU A 22 0.48 -3.54 3.75
CA LEU A 22 1.11 -4.22 2.62
C LEU A 22 1.74 -5.54 3.07
N GLU A 23 1.13 -6.16 4.08
CA GLU A 23 1.62 -7.43 4.60
C GLU A 23 0.94 -8.60 3.89
N CYS A 24 1.09 -9.79 4.44
CA CYS A 24 0.48 -10.98 3.86
C CYS A 24 -0.30 -11.77 4.90
N PRO A 25 -1.50 -12.26 4.55
CA PRO A 25 -2.37 -13.01 5.48
C PRO A 25 -2.06 -14.51 5.57
N ILE A 26 -0.77 -14.86 5.56
CA ILE A 26 -0.39 -16.27 5.66
C ILE A 26 1.00 -16.42 6.28
N CYS A 27 1.89 -15.52 5.92
CA CYS A 27 3.26 -15.54 6.44
C CYS A 27 3.55 -14.30 7.29
N LEU A 28 2.64 -13.33 7.27
CA LEU A 28 2.80 -12.11 8.02
C LEU A 28 4.04 -11.35 7.56
N GLU A 29 4.05 -10.97 6.28
CA GLU A 29 5.17 -10.24 5.71
C GLU A 29 4.75 -9.43 4.49
N LEU A 30 5.66 -8.61 3.98
CA LEU A 30 5.38 -7.79 2.81
C LEU A 30 4.92 -8.64 1.63
N ILE A 31 4.74 -7.99 0.49
CA ILE A 31 4.31 -8.69 -0.72
C ILE A 31 5.06 -8.19 -1.95
N LYS A 32 6.14 -8.88 -2.30
CA LYS A 32 6.95 -8.51 -3.46
C LYS A 32 6.10 -8.56 -4.73
N GLU A 33 5.44 -9.69 -4.95
CA GLU A 33 4.60 -9.88 -6.13
C GLU A 33 3.13 -9.80 -5.76
N PRO A 34 2.57 -8.58 -5.69
CA PRO A 34 1.16 -8.38 -5.33
C PRO A 34 0.22 -8.98 -6.37
N VAL A 35 -0.60 -9.93 -5.95
CA VAL A 35 -1.56 -10.58 -6.83
C VAL A 35 -2.98 -10.48 -6.27
N SER A 36 -3.87 -9.88 -7.04
CA SER A 36 -5.26 -9.71 -6.63
C SER A 36 -6.02 -11.04 -6.74
N THR A 37 -6.45 -11.56 -5.60
CA THR A 37 -7.19 -12.82 -5.57
C THR A 37 -8.65 -12.60 -5.93
N LYS A 38 -9.35 -13.68 -6.25
CA LYS A 38 -10.76 -13.62 -6.62
C LYS A 38 -11.56 -12.77 -5.64
N CYS A 39 -11.10 -12.71 -4.40
CA CYS A 39 -11.79 -11.93 -3.37
C CYS A 39 -11.17 -10.54 -3.23
N ASP A 40 -10.57 -10.05 -4.32
CA ASP A 40 -9.95 -8.73 -4.33
C ASP A 40 -8.96 -8.57 -3.19
N HIS A 41 -8.12 -9.60 -2.99
CA HIS A 41 -7.14 -9.56 -1.92
C HIS A 41 -5.72 -9.64 -2.49
N ILE A 42 -4.76 -9.08 -1.76
CA ILE A 42 -3.37 -9.08 -2.19
C ILE A 42 -2.57 -10.16 -1.48
N PHE A 43 -1.72 -10.86 -2.23
CA PHE A 43 -0.89 -11.92 -1.66
C PHE A 43 0.54 -11.81 -2.18
N CYS A 44 1.40 -12.73 -1.75
CA CYS A 44 2.80 -12.74 -2.18
C CYS A 44 3.01 -13.71 -3.33
N LYS A 45 1.94 -13.96 -4.11
CA LYS A 45 2.02 -14.88 -5.23
C LYS A 45 2.22 -16.32 -4.77
N PHE A 46 3.40 -16.60 -4.22
CA PHE A 46 3.71 -17.94 -3.74
C PHE A 46 2.73 -18.38 -2.65
N CYS A 47 2.19 -17.41 -1.92
CA CYS A 47 1.24 -17.70 -0.85
C CYS A 47 0.04 -18.47 -1.39
N MET A 48 -0.30 -18.24 -2.64
CA MET A 48 -1.43 -18.92 -3.27
C MET A 48 -1.08 -20.36 -3.61
N LEU A 49 0.18 -20.59 -4.00
CA LEU A 49 0.65 -21.92 -4.35
C LEU A 49 0.52 -22.87 -3.17
N LYS A 50 0.91 -22.40 -1.99
CA LYS A 50 0.84 -23.21 -0.78
C LYS A 50 -0.59 -23.33 -0.29
N LEU A 51 -1.35 -22.24 -0.40
CA LEU A 51 -2.74 -22.22 0.02
C LEU A 51 -3.59 -23.11 -0.87
N LEU A 52 -3.19 -23.22 -2.14
CA LEU A 52 -3.93 -24.05 -3.09
C LEU A 52 -3.58 -25.52 -2.92
N ASN A 53 -2.35 -25.78 -2.50
CA ASN A 53 -1.89 -27.15 -2.29
C ASN A 53 -2.18 -27.63 -0.88
N GLN A 54 -2.19 -26.70 0.07
CA GLN A 54 -2.47 -27.02 1.46
C GLN A 54 -3.85 -27.66 1.61
N LYS A 55 -4.77 -27.28 0.75
CA LYS A 55 -6.12 -27.82 0.78
C LYS A 55 -6.48 -28.48 -0.55
N LYS A 56 -7.22 -29.59 -0.47
CA LYS A 56 -7.63 -30.31 -1.66
C LYS A 56 -8.46 -29.43 -2.59
N GLY A 57 -8.09 -29.39 -3.86
CA GLY A 57 -8.82 -28.59 -4.81
C GLY A 57 -8.54 -27.11 -4.67
N PRO A 58 -9.45 -26.23 -5.12
CA PRO A 58 -9.29 -24.78 -5.02
C PRO A 58 -8.92 -24.34 -3.61
N SER A 59 -8.07 -23.33 -3.51
CA SER A 59 -7.64 -22.82 -2.21
C SER A 59 -8.83 -22.29 -1.42
N GLN A 60 -8.56 -21.72 -0.26
CA GLN A 60 -9.61 -21.18 0.60
C GLN A 60 -9.25 -19.78 1.09
N CYS A 61 -9.95 -18.77 0.55
CA CYS A 61 -9.71 -17.39 0.93
C CYS A 61 -9.87 -17.20 2.45
N PRO A 62 -8.77 -16.96 3.17
CA PRO A 62 -8.80 -16.76 4.61
C PRO A 62 -9.33 -15.39 5.02
N LEU A 63 -9.40 -14.48 4.05
CA LEU A 63 -9.89 -13.13 4.31
C LEU A 63 -11.42 -13.10 4.34
N CYS A 64 -12.05 -14.01 3.59
CA CYS A 64 -13.50 -14.06 3.54
C CYS A 64 -13.99 -15.51 3.60
N LYS A 65 -13.14 -16.41 4.09
CA LYS A 65 -13.50 -17.82 4.20
C LYS A 65 -14.07 -18.35 2.89
N ASN A 66 -13.66 -17.74 1.78
CA ASN A 66 -14.13 -18.15 0.47
C ASN A 66 -13.26 -19.27 -0.10
N ASP A 67 -13.50 -19.62 -1.37
CA ASP A 67 -12.74 -20.67 -2.02
C ASP A 67 -12.08 -20.15 -3.30
N ILE A 68 -10.78 -19.86 -3.21
CA ILE A 68 -10.04 -19.35 -4.36
C ILE A 68 -9.58 -20.49 -5.26
N THR A 69 -9.30 -20.17 -6.51
CA THR A 69 -8.86 -21.16 -7.49
C THR A 69 -7.52 -20.76 -8.11
N LYS A 70 -7.05 -21.57 -9.06
CA LYS A 70 -5.79 -21.29 -9.74
C LYS A 70 -5.98 -20.28 -10.86
N ARG A 71 -7.15 -20.31 -11.48
CA ARG A 71 -7.46 -19.39 -12.57
C ARG A 71 -8.26 -18.19 -12.07
N SER A 72 -8.04 -17.81 -10.82
CA SER A 72 -8.75 -16.69 -10.22
C SER A 72 -7.79 -15.54 -9.93
N LEU A 73 -6.55 -15.87 -9.57
CA LEU A 73 -5.55 -14.87 -9.26
C LEU A 73 -5.32 -13.93 -10.45
N GLN A 74 -4.89 -12.71 -10.15
CA GLN A 74 -4.63 -11.72 -11.19
C GLN A 74 -3.39 -10.90 -10.86
N GLU A 75 -2.23 -11.38 -11.30
CA GLU A 75 -0.97 -10.68 -11.05
C GLU A 75 -1.01 -9.28 -11.64
N SER A 76 -1.22 -8.29 -10.77
CA SER A 76 -1.27 -6.90 -11.20
C SER A 76 -0.28 -6.05 -10.41
N THR A 77 -0.39 -4.73 -10.53
CA THR A 77 0.48 -3.82 -9.83
C THR A 77 -0.31 -2.71 -9.14
N ARG A 78 -0.94 -3.05 -8.02
CA ARG A 78 -1.73 -2.09 -7.27
C ARG A 78 -1.09 -1.82 -5.91
N PHE A 79 -0.53 -2.86 -5.31
CA PHE A 79 0.12 -2.73 -4.00
C PHE A 79 1.59 -3.14 -4.08
N SER A 80 2.21 -2.86 -5.23
CA SER A 80 3.62 -3.20 -5.43
C SER A 80 4.52 -2.01 -5.11
N GLN A 81 4.32 -0.90 -5.82
CA GLN A 81 5.12 0.29 -5.62
C GLN A 81 5.01 0.77 -4.17
N LEU A 82 3.87 0.51 -3.54
CA LEU A 82 3.65 0.92 -2.16
C LEU A 82 4.55 0.13 -1.21
N VAL A 83 4.80 -1.14 -1.55
CA VAL A 83 5.65 -1.99 -0.73
C VAL A 83 7.11 -1.59 -0.84
N GLU A 84 7.61 -1.50 -2.08
CA GLU A 84 9.00 -1.13 -2.32
C GLU A 84 9.28 0.26 -1.76
N GLU A 85 8.39 1.21 -2.03
CA GLU A 85 8.55 2.57 -1.55
C GLU A 85 8.60 2.61 -0.03
N LEU A 86 7.88 1.69 0.61
CA LEU A 86 7.85 1.62 2.07
C LEU A 86 9.22 1.27 2.62
N LEU A 87 9.89 0.31 1.98
CA LEU A 87 11.22 -0.12 2.41
C LEU A 87 12.19 1.07 2.41
N LYS A 88 12.03 1.94 1.42
CA LYS A 88 12.88 3.12 1.31
C LYS A 88 12.67 4.06 2.49
N ILE A 89 11.44 4.08 2.99
CA ILE A 89 11.09 4.93 4.12
C ILE A 89 11.67 4.36 5.42
N ILE A 90 11.74 3.04 5.48
CA ILE A 90 12.27 2.36 6.66
C ILE A 90 13.79 2.36 6.66
N CYS A 91 14.37 2.35 5.46
CA CYS A 91 15.82 2.34 5.31
C CYS A 91 16.41 3.69 5.71
N ALA A 92 15.78 4.76 5.25
CA ALA A 92 16.24 6.11 5.57
C ALA A 92 16.01 6.43 7.04
N PHE A 93 14.91 5.95 7.58
CA PHE A 93 14.57 6.19 8.99
C PHE A 93 15.66 5.64 9.91
N GLN A 94 15.90 4.33 9.82
CA GLN A 94 16.92 3.68 10.64
C GLN A 94 18.27 4.34 10.45
N LEU A 95 18.48 4.94 9.27
CA LEU A 95 19.75 5.60 8.97
C LEU A 95 20.05 6.68 10.00
N ASP A 96 19.11 7.60 10.19
CA ASP A 96 19.28 8.68 11.15
C ASP A 96 18.55 8.38 12.46
N THR A 97 18.49 7.10 12.81
CA THR A 97 17.82 6.66 14.03
C THR A 97 18.35 5.31 14.48
N GLY A 98 18.83 5.25 15.72
CA GLY A 98 19.36 4.01 16.25
C GLY A 98 18.28 3.10 16.80
N LEU A 99 17.02 3.43 16.51
CA LEU A 99 15.89 2.64 16.98
C LEU A 99 15.56 1.54 15.98
N GLU A 100 15.90 1.78 14.72
CA GLU A 100 15.65 0.82 13.65
C GLU A 100 14.18 0.41 13.61
N TYR A 101 13.81 -0.37 12.59
CA TYR A 101 12.44 -0.83 12.43
C TYR A 101 12.13 -1.95 13.42
N ALA A 102 12.79 -3.09 13.25
CA ALA A 102 12.58 -4.23 14.13
C ALA A 102 13.53 -5.37 13.80
N ASN A 103 13.78 -6.23 14.77
CA ASN A 103 14.68 -7.37 14.57
C ASN A 103 14.13 -8.33 13.52
N MET B 1 29.89 23.38 -6.23
CA MET B 1 29.47 23.26 -4.81
C MET B 1 28.00 23.63 -4.63
N GLU B 2 27.18 22.62 -4.36
CA GLU B 2 25.75 22.83 -4.17
C GLU B 2 25.21 21.93 -3.05
N PRO B 3 24.09 22.33 -2.43
CA PRO B 3 23.47 21.57 -1.34
C PRO B 3 23.24 20.12 -1.72
N ASP B 4 22.64 19.36 -0.81
CA ASP B 4 22.36 17.95 -1.05
C ASP B 4 21.14 17.49 -0.25
N GLY B 5 21.22 17.64 1.07
CA GLY B 5 20.12 17.23 1.92
C GLY B 5 20.56 16.96 3.35
N ARG B 6 20.93 18.00 4.08
CA ARG B 6 21.39 17.86 5.45
C ARG B 6 20.33 18.37 6.42
N GLY B 7 19.85 17.49 7.29
CA GLY B 7 18.84 17.87 8.26
C GLY B 7 18.05 16.68 8.77
N ALA B 8 17.32 16.89 9.86
CA ALA B 8 16.52 15.83 10.46
C ALA B 8 15.21 15.63 9.70
N TRP B 9 14.79 14.38 9.56
CA TRP B 9 13.55 14.06 8.86
C TRP B 9 13.62 14.53 7.41
N ALA B 10 14.81 14.51 6.84
CA ALA B 10 15.00 14.93 5.46
C ALA B 10 14.86 13.75 4.50
N HIS B 11 15.60 12.68 4.76
CA HIS B 11 15.56 11.50 3.91
C HIS B 11 14.17 10.88 3.93
N SER B 12 13.47 11.03 5.05
CA SER B 12 12.12 10.49 5.19
C SER B 12 11.11 11.34 4.43
N ARG B 13 11.38 12.64 4.34
CA ARG B 13 10.49 13.56 3.64
C ARG B 13 10.34 13.16 2.18
N ALA B 14 11.46 12.86 1.53
CA ALA B 14 11.46 12.47 0.13
C ALA B 14 10.73 11.15 -0.06
N ALA B 15 11.03 10.17 0.78
CA ALA B 15 10.40 8.86 0.70
C ALA B 15 8.89 8.97 0.88
N LEU B 16 8.46 9.93 1.70
CA LEU B 16 7.04 10.14 1.95
C LEU B 16 6.30 10.47 0.66
N ASP B 17 6.80 11.44 -0.08
CA ASP B 17 6.19 11.85 -1.34
C ASP B 17 6.15 10.69 -2.33
N ARG B 18 7.18 9.85 -2.29
CA ARG B 18 7.27 8.70 -3.18
C ARG B 18 6.07 7.78 -2.99
N LEU B 19 5.58 7.68 -1.76
CA LEU B 19 4.45 6.83 -1.45
C LEU B 19 3.14 7.50 -1.87
N GLU B 20 3.10 8.82 -1.75
CA GLU B 20 1.90 9.58 -2.12
C GLU B 20 1.56 9.37 -3.59
N LYS B 21 2.57 9.08 -4.40
CA LYS B 21 2.36 8.84 -5.83
C LYS B 21 1.34 7.73 -6.07
N LEU B 22 1.29 6.77 -5.15
CA LEU B 22 0.35 5.66 -5.25
C LEU B 22 -1.02 6.07 -4.75
N LEU B 23 -1.06 6.99 -3.79
CA LEU B 23 -2.31 7.47 -3.22
C LEU B 23 -2.91 8.59 -4.07
N ARG B 24 -2.07 9.24 -4.86
CA ARG B 24 -2.53 10.33 -5.72
C ARG B 24 -3.41 9.80 -6.85
N CYS B 25 -4.69 10.19 -6.82
CA CYS B 25 -5.64 9.75 -7.84
C CYS B 25 -5.18 10.18 -9.23
N SER B 26 -5.67 9.47 -10.25
CA SER B 26 -5.32 9.78 -11.63
C SER B 26 -6.29 10.78 -12.24
N ARG B 27 -7.54 10.73 -11.79
CA ARG B 27 -8.58 11.64 -12.29
C ARG B 27 -8.67 12.88 -11.41
N CYS B 28 -9.03 12.67 -10.14
CA CYS B 28 -9.16 13.77 -9.20
C CYS B 28 -7.80 14.41 -8.88
N THR B 29 -6.73 13.70 -9.25
CA THR B 29 -5.37 14.18 -9.01
C THR B 29 -5.22 14.74 -7.60
N ASN B 30 -5.66 13.96 -6.62
CA ASN B 30 -5.57 14.37 -5.22
C ASN B 30 -5.40 13.16 -4.31
N ILE B 31 -5.38 13.41 -3.00
CA ILE B 31 -5.23 12.34 -2.02
C ILE B 31 -6.42 11.39 -2.08
N LEU B 32 -6.13 10.10 -2.29
CA LEU B 32 -7.17 9.09 -2.35
C LEU B 32 -7.98 9.05 -1.07
N ARG B 33 -9.29 8.84 -1.20
CA ARG B 33 -10.19 8.78 -0.05
C ARG B 33 -11.24 7.68 -0.24
N GLU B 34 -11.05 6.57 0.45
CA GLU B 34 -11.97 5.44 0.34
C GLU B 34 -12.20 5.08 -1.12
N PRO B 35 -11.13 4.66 -1.82
CA PRO B 35 -11.21 4.30 -3.24
C PRO B 35 -11.68 2.86 -3.45
N VAL B 36 -11.48 2.36 -4.66
CA VAL B 36 -11.88 1.01 -5.01
C VAL B 36 -11.07 0.49 -6.19
N CYS B 37 -11.02 -0.84 -6.33
CA CYS B 37 -10.28 -1.45 -7.42
C CYS B 37 -11.12 -1.50 -8.69
N LEU B 38 -10.50 -1.12 -9.81
CA LEU B 38 -11.20 -1.12 -11.09
C LEU B 38 -11.70 -2.52 -11.44
N GLY B 39 -10.91 -3.53 -11.09
CA GLY B 39 -11.29 -4.90 -11.38
C GLY B 39 -10.16 -5.88 -11.12
N GLY B 40 -9.01 -5.63 -11.73
CA GLY B 40 -7.86 -6.51 -11.55
C GLY B 40 -6.84 -6.36 -12.65
N CYS B 41 -6.57 -5.14 -13.06
CA CYS B 41 -5.61 -4.87 -14.11
C CYS B 41 -4.42 -4.06 -13.59
N GLU B 42 -4.72 -2.94 -12.94
CA GLU B 42 -3.69 -2.06 -12.39
C GLU B 42 -4.29 -0.70 -12.04
N HIS B 43 -5.31 -0.30 -12.79
CA HIS B 43 -5.96 0.98 -12.57
C HIS B 43 -6.64 1.04 -11.21
N ILE B 44 -6.56 2.21 -10.57
CA ILE B 44 -7.18 2.41 -9.26
C ILE B 44 -7.58 3.87 -9.07
N PHE B 45 -8.78 4.10 -8.58
CA PHE B 45 -9.26 5.47 -8.36
C PHE B 45 -10.26 5.53 -7.22
N CYS B 46 -10.66 6.74 -6.85
CA CYS B 46 -11.62 6.94 -5.77
C CYS B 46 -12.98 6.37 -6.14
N SER B 47 -13.81 6.11 -5.14
CA SER B 47 -15.14 5.55 -5.36
C SER B 47 -15.91 6.37 -6.39
N ASN B 48 -15.56 7.65 -6.53
CA ASN B 48 -16.22 8.53 -7.48
C ASN B 48 -15.46 8.58 -8.82
N CYS B 49 -14.59 7.61 -9.03
CA CYS B 49 -13.80 7.54 -10.27
C CYS B 49 -13.58 6.10 -10.72
N VAL B 50 -14.41 5.20 -10.21
CA VAL B 50 -14.30 3.79 -10.56
C VAL B 50 -15.66 3.19 -10.89
N SER B 51 -16.53 4.00 -11.46
CA SER B 51 -17.87 3.55 -11.83
C SER B 51 -18.13 3.76 -13.32
N ASP B 52 -17.60 4.84 -13.87
CA ASP B 52 -17.79 5.15 -15.29
C ASP B 52 -17.27 4.01 -16.16
N CYS B 53 -18.17 3.42 -16.94
CA CYS B 53 -17.80 2.32 -17.83
C CYS B 53 -17.27 1.12 -17.05
N ILE B 54 -17.77 0.96 -15.82
CA ILE B 54 -17.35 -0.14 -14.97
C ILE B 54 -18.45 -1.19 -14.83
N GLY B 55 -18.07 -2.41 -14.47
CA GLY B 55 -19.05 -3.47 -14.32
C GLY B 55 -19.06 -4.40 -15.51
N THR B 56 -18.67 -3.87 -16.67
CA THR B 56 -18.64 -4.65 -17.90
C THR B 56 -17.20 -5.00 -18.27
N GLY B 57 -16.26 -4.15 -17.87
CA GLY B 57 -14.86 -4.38 -18.16
C GLY B 57 -14.13 -3.11 -18.56
N CYS B 58 -12.90 -2.96 -18.07
CA CYS B 58 -12.11 -1.78 -18.38
C CYS B 58 -11.84 -1.68 -19.88
N PRO B 59 -11.99 -0.48 -20.47
CA PRO B 59 -11.76 -0.26 -21.90
C PRO B 59 -10.28 -0.10 -22.24
N VAL B 60 -9.49 0.27 -21.24
CA VAL B 60 -8.05 0.47 -21.43
C VAL B 60 -7.30 -0.86 -21.35
N CYS B 61 -7.27 -1.44 -20.16
CA CYS B 61 -6.58 -2.71 -19.94
C CYS B 61 -7.34 -3.87 -20.59
N TYR B 62 -8.59 -3.62 -20.95
CA TYR B 62 -9.42 -4.65 -21.58
C TYR B 62 -9.64 -5.82 -20.63
N THR B 63 -9.59 -5.54 -19.33
CA THR B 63 -9.79 -6.57 -18.31
C THR B 63 -11.19 -6.47 -17.70
N PRO B 64 -11.98 -7.56 -17.77
CA PRO B 64 -13.33 -7.58 -17.24
C PRO B 64 -13.38 -7.12 -15.78
N ALA B 65 -14.45 -6.41 -15.43
CA ALA B 65 -14.62 -5.90 -14.07
C ALA B 65 -15.19 -6.98 -13.16
N TRP B 66 -14.31 -7.86 -12.69
CA TRP B 66 -14.74 -8.95 -11.81
C TRP B 66 -15.37 -8.42 -10.54
N ILE B 67 -15.03 -7.18 -10.18
CA ILE B 67 -15.58 -6.56 -8.98
C ILE B 67 -17.10 -6.48 -9.04
N GLN B 68 -17.63 -6.05 -10.18
CA GLN B 68 -19.07 -5.94 -10.37
C GLN B 68 -19.64 -4.82 -9.50
N ASP B 69 -19.54 -4.99 -8.19
CA ASP B 69 -20.04 -3.98 -7.25
C ASP B 69 -19.00 -2.90 -6.99
N LEU B 70 -19.41 -1.86 -6.27
CA LEU B 70 -18.50 -0.76 -5.95
C LEU B 70 -18.01 -0.87 -4.51
N LYS B 71 -17.11 -1.83 -4.28
CA LYS B 71 -16.55 -2.04 -2.95
C LYS B 71 -15.48 -1.00 -2.65
N ILE B 72 -14.80 -1.17 -1.51
CA ILE B 72 -13.76 -0.23 -1.11
C ILE B 72 -12.50 -0.96 -0.65
N ASN B 73 -11.34 -0.35 -0.89
CA ASN B 73 -10.07 -0.94 -0.49
C ASN B 73 -9.66 -0.45 0.90
N ARG B 74 -10.17 -1.12 1.93
CA ARG B 74 -9.86 -0.76 3.30
C ARG B 74 -8.35 -0.64 3.52
N GLN B 75 -7.58 -1.39 2.75
CA GLN B 75 -6.12 -1.36 2.86
C GLN B 75 -5.58 -0.03 2.35
N LEU B 76 -6.12 0.43 1.23
CA LEU B 76 -5.68 1.70 0.65
C LEU B 76 -6.17 2.88 1.48
N ASP B 77 -7.36 2.73 2.07
CA ASP B 77 -7.93 3.78 2.89
C ASP B 77 -7.01 4.10 4.07
N SER B 78 -6.75 3.09 4.90
CA SER B 78 -5.88 3.27 6.06
C SER B 78 -4.50 3.74 5.63
N MET B 79 -4.10 3.35 4.43
CA MET B 79 -2.79 3.73 3.91
C MET B 79 -2.71 5.24 3.71
N ILE B 80 -3.75 5.82 3.15
CA ILE B 80 -3.79 7.26 2.91
C ILE B 80 -3.57 8.04 4.20
N GLN B 81 -4.38 7.74 5.22
CA GLN B 81 -4.26 8.40 6.51
C GLN B 81 -2.88 8.15 7.11
N LEU B 82 -2.31 7.00 6.80
CA LEU B 82 -0.99 6.64 7.32
C LEU B 82 0.07 7.64 6.87
N CYS B 83 0.10 7.91 5.56
CA CYS B 83 1.05 8.86 5.01
C CYS B 83 0.89 10.24 5.63
N SER B 84 -0.34 10.60 5.93
CA SER B 84 -0.64 11.90 6.52
C SER B 84 0.07 12.04 7.87
N LYS B 85 0.20 10.94 8.59
CA LYS B 85 0.87 10.94 9.88
C LYS B 85 2.35 11.24 9.74
N LEU B 86 3.00 10.58 8.78
CA LEU B 86 4.41 10.79 8.54
C LEU B 86 4.71 12.24 8.18
N ARG B 87 3.82 12.84 7.40
CA ARG B 87 3.97 14.23 6.98
C ARG B 87 3.89 15.17 8.17
N ASN B 88 2.87 14.97 9.01
CA ASN B 88 2.69 15.80 10.20
C ASN B 88 3.91 15.73 11.11
N LEU B 89 4.58 14.58 11.10
CA LEU B 89 5.77 14.39 11.94
C LEU B 89 6.97 15.10 11.34
N LEU B 90 7.00 15.20 10.01
CA LEU B 90 8.09 15.85 9.31
C LEU B 90 8.23 17.31 9.75
N HIS B 91 7.23 18.12 9.39
CA HIS B 91 7.24 19.53 9.75
C HIS B 91 6.88 19.72 11.22
N ASP B 92 7.91 19.75 12.05
CA ASP B 92 7.73 19.92 13.48
C ASP B 92 8.00 21.37 13.88
N ASN B 93 7.26 21.85 14.88
CA ASN B 93 7.41 23.22 15.36
C ASN B 93 7.14 24.21 14.24
N GLU B 94 5.85 24.45 13.97
CA GLU B 94 5.45 25.39 12.93
C GLU B 94 4.24 26.20 13.37
N LEU B 95 4.31 27.51 13.17
CA LEU B 95 3.21 28.40 13.54
C LEU B 95 3.39 29.78 12.91
N SER B 96 4.60 30.34 13.06
CA SER B 96 4.90 31.66 12.50
C SER B 96 5.48 31.53 11.10
N ASP B 97 6.67 30.97 11.01
CA ASP B 97 7.33 30.79 9.72
C ASP B 97 8.26 29.58 9.73
ZN ZN C . 3.21 -14.12 2.28
ZN ZN D . -12.01 -12.89 0.20
ZN ZN E . -10.67 10.28 -8.64
ZN ZN F . -7.96 -1.23 -16.49
N MET A 1 22.42 7.28 17.45
CA MET A 1 22.59 8.68 16.98
C MET A 1 21.28 9.45 17.04
N ASP A 2 20.29 9.00 16.28
CA ASP A 2 19.00 9.65 16.24
C ASP A 2 19.11 11.09 15.72
N LEU A 3 18.07 11.55 15.05
CA LEU A 3 18.05 12.91 14.50
C LEU A 3 17.64 13.92 15.57
N SER A 4 18.41 13.97 16.64
CA SER A 4 18.13 14.89 17.74
C SER A 4 16.83 14.54 18.45
N ALA A 5 16.28 13.36 18.17
CA ALA A 5 15.04 12.91 18.78
C ALA A 5 13.93 13.95 18.63
N LEU A 6 14.04 14.80 17.62
CA LEU A 6 13.05 15.83 17.37
C LEU A 6 11.75 15.22 16.84
N ARG A 7 11.86 14.10 16.14
CA ARG A 7 10.69 13.42 15.59
C ARG A 7 11.08 12.08 14.96
N VAL A 8 12.06 11.41 15.56
CA VAL A 8 12.51 10.13 15.05
C VAL A 8 11.52 9.02 15.37
N GLU A 9 11.13 8.92 16.64
CA GLU A 9 10.18 7.91 17.07
C GLU A 9 8.85 8.07 16.34
N GLU A 10 8.52 9.30 15.99
CA GLU A 10 7.27 9.59 15.28
C GLU A 10 7.25 8.93 13.91
N VAL A 11 8.21 9.30 13.06
CA VAL A 11 8.30 8.74 11.72
C VAL A 11 8.45 7.22 11.77
N GLN A 12 9.22 6.73 12.74
CA GLN A 12 9.44 5.30 12.89
C GLN A 12 8.13 4.57 13.12
N ASN A 13 7.24 5.18 13.90
CA ASN A 13 5.95 4.58 14.20
C ASN A 13 5.05 4.57 12.96
N VAL A 14 5.24 5.57 12.10
CA VAL A 14 4.44 5.68 10.88
C VAL A 14 4.84 4.61 9.87
N ILE A 15 6.14 4.49 9.63
CA ILE A 15 6.65 3.51 8.68
C ILE A 15 6.19 2.10 9.04
N ASN A 16 6.04 1.84 10.34
CA ASN A 16 5.59 0.54 10.81
C ASN A 16 4.18 0.25 10.32
N ALA A 17 3.27 1.17 10.61
CA ALA A 17 1.88 1.02 10.18
C ALA A 17 1.78 0.93 8.66
N MET A 18 2.67 1.64 7.98
CA MET A 18 2.70 1.63 6.53
C MET A 18 2.97 0.22 6.00
N GLN A 19 3.78 -0.54 6.74
CA GLN A 19 4.10 -1.91 6.36
C GLN A 19 2.90 -2.82 6.55
N LYS A 20 2.06 -2.49 7.52
CA LYS A 20 0.87 -3.28 7.80
C LYS A 20 -0.02 -3.39 6.56
N ILE A 21 -0.11 -2.30 5.81
CA ILE A 21 -0.92 -2.27 4.59
C ILE A 21 -0.32 -3.17 3.52
N LEU A 22 1.01 -3.18 3.44
CA LEU A 22 1.72 -4.00 2.47
C LEU A 22 2.22 -5.30 3.11
N GLU A 23 1.47 -5.78 4.09
CA GLU A 23 1.83 -7.00 4.79
C GLU A 23 1.11 -8.21 4.21
N CYS A 24 1.17 -9.33 4.92
CA CYS A 24 0.52 -10.56 4.48
C CYS A 24 -0.64 -10.94 5.40
N PRO A 25 -1.77 -11.39 4.84
CA PRO A 25 -2.95 -11.75 5.60
C PRO A 25 -3.03 -13.24 5.97
N ILE A 26 -1.92 -13.97 5.84
CA ILE A 26 -1.94 -15.40 6.19
C ILE A 26 -0.64 -15.84 6.87
N CYS A 27 0.50 -15.36 6.39
CA CYS A 27 1.78 -15.74 6.98
C CYS A 27 2.58 -14.52 7.42
N LEU A 28 1.98 -13.34 7.33
CA LEU A 28 2.64 -12.09 7.73
C LEU A 28 3.99 -11.93 7.03
N GLU A 29 4.11 -12.48 5.83
CA GLU A 29 5.36 -12.37 5.07
C GLU A 29 5.25 -11.29 4.00
N LEU A 30 6.11 -10.27 4.11
CA LEU A 30 6.13 -9.16 3.16
C LEU A 30 5.90 -9.66 1.73
N ILE A 31 4.67 -9.55 1.26
CA ILE A 31 4.31 -9.99 -0.08
C ILE A 31 5.24 -9.40 -1.13
N LYS A 32 5.78 -10.26 -1.99
CA LYS A 32 6.69 -9.83 -3.05
C LYS A 32 5.97 -9.83 -4.40
N GLU A 33 5.09 -10.79 -4.59
CA GLU A 33 4.33 -10.91 -5.83
C GLU A 33 2.84 -10.67 -5.58
N PRO A 34 2.43 -9.39 -5.49
CA PRO A 34 1.03 -9.03 -5.25
C PRO A 34 0.06 -9.78 -6.15
N VAL A 35 -0.76 -10.63 -5.54
CA VAL A 35 -1.75 -11.41 -6.29
C VAL A 35 -3.16 -11.03 -5.87
N SER A 36 -3.96 -10.59 -6.83
CA SER A 36 -5.33 -10.19 -6.56
C SER A 36 -6.27 -11.39 -6.61
N THR A 37 -6.95 -11.66 -5.49
CA THR A 37 -7.88 -12.78 -5.42
C THR A 37 -9.27 -12.36 -5.87
N LYS A 38 -10.05 -13.32 -6.35
CA LYS A 38 -11.41 -13.06 -6.82
C LYS A 38 -12.24 -12.32 -5.76
N CYS A 39 -11.84 -12.44 -4.51
CA CYS A 39 -12.56 -11.79 -3.41
C CYS A 39 -12.00 -10.40 -3.13
N ASP A 40 -11.32 -9.81 -4.13
CA ASP A 40 -10.75 -8.48 -3.98
C ASP A 40 -9.79 -8.42 -2.80
N HIS A 41 -8.71 -9.21 -2.88
CA HIS A 41 -7.71 -9.23 -1.82
C HIS A 41 -6.30 -9.32 -2.39
N ILE A 42 -5.31 -9.44 -1.52
CA ILE A 42 -3.93 -9.53 -1.95
C ILE A 42 -3.20 -10.67 -1.23
N PHE A 43 -2.32 -11.36 -1.96
CA PHE A 43 -1.56 -12.47 -1.40
C PHE A 43 -0.17 -12.52 -1.99
N CYS A 44 0.60 -13.53 -1.60
CA CYS A 44 1.97 -13.70 -2.09
C CYS A 44 2.02 -14.75 -3.20
N LYS A 45 0.90 -14.94 -3.89
CA LYS A 45 0.82 -15.92 -4.97
C LYS A 45 0.91 -17.34 -4.43
N PHE A 46 2.07 -17.69 -3.89
CA PHE A 46 2.29 -19.02 -3.33
C PHE A 46 1.27 -19.33 -2.23
N CYS A 47 0.82 -18.28 -1.54
CA CYS A 47 -0.15 -18.43 -0.46
C CYS A 47 -1.41 -19.11 -0.96
N MET A 48 -1.88 -18.69 -2.13
CA MET A 48 -3.09 -19.25 -2.71
C MET A 48 -2.89 -20.73 -3.05
N LEU A 49 -1.67 -21.09 -3.42
CA LEU A 49 -1.34 -22.47 -3.77
C LEU A 49 -1.50 -23.38 -2.56
N LYS A 50 -0.94 -22.95 -1.43
CA LYS A 50 -1.02 -23.73 -0.19
C LYS A 50 -2.44 -23.73 0.36
N LEU A 51 -3.13 -22.61 0.18
CA LEU A 51 -4.50 -22.48 0.67
C LEU A 51 -5.43 -23.47 -0.02
N LEU A 52 -5.11 -23.79 -1.27
CA LEU A 52 -5.91 -24.73 -2.05
C LEU A 52 -5.59 -26.16 -1.66
N ASN A 53 -4.35 -26.40 -1.26
CA ASN A 53 -3.91 -27.74 -0.86
C ASN A 53 -4.14 -27.97 0.64
N GLN A 54 -4.25 -26.87 1.39
CA GLN A 54 -4.45 -26.96 2.84
C GLN A 54 -5.68 -27.82 3.17
N LYS A 55 -6.86 -27.33 2.81
CA LYS A 55 -8.09 -28.05 3.06
C LYS A 55 -8.56 -28.80 1.81
N LYS A 56 -7.62 -29.11 0.93
CA LYS A 56 -7.94 -29.83 -0.31
C LYS A 56 -8.93 -29.03 -1.16
N GLY A 57 -8.93 -29.30 -2.46
CA GLY A 57 -9.83 -28.60 -3.36
C GLY A 57 -9.65 -27.09 -3.31
N PRO A 58 -10.69 -26.33 -3.70
CA PRO A 58 -10.64 -24.86 -3.69
C PRO A 58 -10.17 -24.31 -2.34
N SER A 59 -9.55 -23.14 -2.38
CA SER A 59 -9.06 -22.49 -1.17
C SER A 59 -10.18 -21.76 -0.44
N GLN A 60 -9.88 -21.24 0.74
CA GLN A 60 -10.86 -20.52 1.53
C GLN A 60 -10.34 -19.15 1.96
N CYS A 61 -10.96 -18.09 1.44
CA CYS A 61 -10.54 -16.74 1.77
C CYS A 61 -10.65 -16.48 3.27
N PRO A 62 -9.50 -16.35 3.97
CA PRO A 62 -9.48 -16.10 5.41
C PRO A 62 -9.92 -14.69 5.78
N LEU A 63 -9.99 -13.80 4.79
CA LEU A 63 -10.39 -12.42 5.02
C LEU A 63 -11.89 -12.32 5.24
N CYS A 64 -12.65 -13.19 4.59
CA CYS A 64 -14.11 -13.19 4.72
C CYS A 64 -14.66 -14.61 4.72
N LYS A 65 -13.83 -15.57 5.10
CA LYS A 65 -14.23 -16.97 5.15
C LYS A 65 -14.89 -17.41 3.84
N ASN A 66 -14.45 -16.80 2.73
CA ASN A 66 -14.98 -17.13 1.42
C ASN A 66 -14.37 -18.42 0.89
N ASP A 67 -14.61 -18.70 -0.39
CA ASP A 67 -14.09 -19.91 -1.02
C ASP A 67 -13.40 -19.57 -2.34
N ILE A 68 -12.07 -19.60 -2.34
CA ILE A 68 -11.29 -19.29 -3.53
C ILE A 68 -11.04 -20.55 -4.34
N THR A 69 -10.75 -20.37 -5.63
CA THR A 69 -10.50 -21.49 -6.53
C THR A 69 -9.26 -21.24 -7.38
N LYS A 70 -8.96 -22.18 -8.27
CA LYS A 70 -7.80 -22.06 -9.14
C LYS A 70 -8.17 -21.37 -10.45
N ARG A 71 -7.15 -20.97 -11.22
CA ARG A 71 -7.38 -20.30 -12.50
C ARG A 71 -8.15 -19.00 -12.30
N SER A 72 -7.97 -18.38 -11.14
CA SER A 72 -8.65 -17.13 -10.82
C SER A 72 -7.65 -16.04 -10.45
N LEU A 73 -6.64 -16.42 -9.68
CA LEU A 73 -5.61 -15.47 -9.25
C LEU A 73 -4.93 -14.80 -10.44
N GLN A 74 -4.50 -13.57 -10.26
CA GLN A 74 -3.84 -12.82 -11.33
C GLN A 74 -2.83 -11.84 -10.76
N GLU A 75 -1.56 -12.02 -11.10
CA GLU A 75 -0.49 -11.14 -10.62
C GLU A 75 -0.76 -9.70 -11.03
N SER A 76 -0.37 -8.76 -10.17
CA SER A 76 -0.57 -7.35 -10.46
C SER A 76 0.53 -6.50 -9.80
N THR A 77 0.85 -5.38 -10.42
CA THR A 77 1.88 -4.48 -9.90
C THR A 77 1.26 -3.37 -9.04
N ARG A 78 -0.07 -3.39 -8.91
CA ARG A 78 -0.76 -2.38 -8.12
C ARG A 78 -0.15 -2.26 -6.72
N PHE A 79 -0.18 -3.35 -5.97
CA PHE A 79 0.37 -3.37 -4.63
C PHE A 79 1.78 -3.94 -4.62
N SER A 80 2.56 -3.63 -5.65
CA SER A 80 3.92 -4.10 -5.77
C SER A 80 4.92 -3.02 -5.36
N GLN A 81 4.93 -1.92 -6.10
CA GLN A 81 5.84 -0.81 -5.81
C GLN A 81 5.65 -0.31 -4.38
N LEU A 82 4.42 -0.41 -3.88
CA LEU A 82 4.11 0.04 -2.52
C LEU A 82 4.88 -0.79 -1.50
N VAL A 83 5.12 -2.06 -1.84
CA VAL A 83 5.84 -2.96 -0.95
C VAL A 83 7.35 -2.74 -1.04
N GLU A 84 7.84 -2.59 -2.26
CA GLU A 84 9.26 -2.38 -2.49
C GLU A 84 9.67 -0.96 -2.09
N GLU A 85 8.86 0.01 -2.48
CA GLU A 85 9.14 1.41 -2.16
C GLU A 85 9.23 1.61 -0.65
N LEU A 86 8.29 1.03 0.08
CA LEU A 86 8.28 1.14 1.54
C LEU A 86 9.58 0.64 2.14
N LEU A 87 10.02 -0.54 1.70
CA LEU A 87 11.25 -1.13 2.20
C LEU A 87 12.42 -0.16 2.05
N LYS A 88 12.34 0.69 1.02
CA LYS A 88 13.39 1.68 0.77
C LYS A 88 13.30 2.84 1.76
N ILE A 89 12.07 3.14 2.18
CA ILE A 89 11.85 4.22 3.13
C ILE A 89 12.46 3.90 4.48
N ILE A 90 12.38 2.62 4.87
CA ILE A 90 12.92 2.19 6.16
C ILE A 90 14.45 2.17 6.13
N CYS A 91 15.01 1.84 4.97
CA CYS A 91 16.46 1.78 4.80
C CYS A 91 17.08 3.15 5.05
N ALA A 92 16.54 4.17 4.40
CA ALA A 92 17.04 5.54 4.55
C ALA A 92 16.95 5.99 6.01
N PHE A 93 15.89 5.57 6.70
CA PHE A 93 15.70 5.93 8.09
C PHE A 93 16.89 5.49 8.94
N GLN A 94 17.28 4.23 8.81
CA GLN A 94 18.39 3.68 9.57
C GLN A 94 19.70 4.34 9.14
N LEU A 95 19.76 4.80 7.89
CA LEU A 95 20.96 5.44 7.37
C LEU A 95 21.33 6.67 8.20
N ASP A 96 20.32 7.43 8.63
CA ASP A 96 20.54 8.61 9.43
C ASP A 96 20.24 8.35 10.90
N THR A 97 19.00 7.96 11.19
CA THR A 97 18.58 7.67 12.55
C THR A 97 19.41 6.55 13.15
N GLY A 98 19.55 5.46 12.41
CA GLY A 98 20.34 4.34 12.89
C GLY A 98 19.59 3.50 13.90
N LEU A 99 18.26 3.49 13.80
CA LEU A 99 17.42 2.72 14.71
C LEU A 99 16.87 1.47 14.03
N GLU A 100 16.53 0.47 14.83
CA GLU A 100 15.99 -0.79 14.30
C GLU A 100 14.67 -0.54 13.59
N TYR A 101 14.03 -1.64 13.17
CA TYR A 101 12.75 -1.55 12.47
C TYR A 101 11.74 -2.52 13.08
N ALA A 102 11.99 -3.81 12.91
CA ALA A 102 11.09 -4.84 13.43
C ALA A 102 11.88 -5.96 14.10
N ASN A 103 13.02 -5.61 14.69
CA ASN A 103 13.87 -6.58 15.37
C ASN A 103 14.35 -7.66 14.39
N MET B 1 18.57 32.48 -0.37
CA MET B 1 19.29 33.38 0.58
C MET B 1 18.82 33.17 2.01
N GLU B 2 18.58 31.90 2.36
CA GLU B 2 18.12 31.56 3.70
C GLU B 2 18.58 30.17 4.09
N PRO B 3 19.81 30.04 4.63
CA PRO B 3 20.37 28.75 5.04
C PRO B 3 19.44 27.99 5.97
N ASP B 4 19.88 26.82 6.42
CA ASP B 4 19.09 26.00 7.32
C ASP B 4 19.94 25.44 8.46
N GLY B 5 19.29 25.00 9.53
CA GLY B 5 20.01 24.45 10.66
C GLY B 5 20.49 23.02 10.41
N ARG B 6 19.54 22.09 10.31
CA ARG B 6 19.88 20.69 10.07
C ARG B 6 19.00 20.11 8.98
N GLY B 7 19.62 19.64 7.90
CA GLY B 7 18.89 19.06 6.80
C GLY B 7 18.60 17.59 7.00
N ALA B 8 17.71 17.27 7.93
CA ALA B 8 17.35 15.89 8.21
C ALA B 8 16.04 15.51 7.54
N TRP B 9 15.74 14.21 7.52
CA TRP B 9 14.52 13.71 6.90
C TRP B 9 14.49 14.05 5.42
N ALA B 10 15.64 13.98 4.77
CA ALA B 10 15.74 14.28 3.35
C ALA B 10 15.55 13.02 2.51
N HIS B 11 16.31 11.98 2.83
CA HIS B 11 16.22 10.71 2.11
C HIS B 11 14.81 10.14 2.20
N SER B 12 14.14 10.40 3.32
CA SER B 12 12.78 9.90 3.52
C SER B 12 11.78 10.70 2.70
N ARG B 13 12.08 11.97 2.48
CA ARG B 13 11.20 12.85 1.71
C ARG B 13 11.03 12.32 0.29
N ALA B 14 12.15 11.97 -0.34
CA ALA B 14 12.12 11.45 -1.71
C ALA B 14 11.40 10.11 -1.76
N ALA B 15 11.62 9.28 -0.74
CA ALA B 15 11.00 7.96 -0.68
C ALA B 15 9.51 8.08 -0.42
N LEU B 16 9.13 9.04 0.41
CA LEU B 16 7.72 9.25 0.75
C LEU B 16 6.90 9.54 -0.51
N ASP B 17 7.42 10.42 -1.36
CA ASP B 17 6.74 10.78 -2.60
C ASP B 17 6.61 9.57 -3.52
N ARG B 18 7.61 8.70 -3.49
CA ARG B 18 7.62 7.51 -4.33
C ARG B 18 6.44 6.61 -4.00
N LEU B 19 6.01 6.63 -2.73
CA LEU B 19 4.89 5.81 -2.30
C LEU B 19 3.57 6.41 -2.77
N GLU B 20 3.52 7.75 -2.82
CA GLU B 20 2.31 8.45 -3.25
C GLU B 20 2.02 8.18 -4.73
N LYS B 21 3.06 7.83 -5.48
CA LYS B 21 2.92 7.57 -6.91
C LYS B 21 1.85 6.50 -7.16
N LEU B 22 1.68 5.61 -6.20
CA LEU B 22 0.69 4.54 -6.31
C LEU B 22 -0.64 4.95 -5.69
N LEU B 23 -0.57 5.85 -4.71
CA LEU B 23 -1.79 6.32 -4.04
C LEU B 23 -2.47 7.40 -4.86
N ARG B 24 -1.69 8.17 -5.61
CA ARG B 24 -2.24 9.24 -6.43
C ARG B 24 -3.27 8.69 -7.42
N CYS B 25 -4.45 9.30 -7.42
CA CYS B 25 -5.52 8.88 -8.32
C CYS B 25 -5.09 8.99 -9.77
N SER B 26 -5.67 8.15 -10.63
CA SER B 26 -5.35 8.16 -12.05
C SER B 26 -6.03 9.32 -12.75
N ARG B 27 -7.18 9.73 -12.23
CA ARG B 27 -7.93 10.83 -12.82
C ARG B 27 -7.66 12.13 -12.06
N CYS B 28 -7.93 12.12 -10.76
CA CYS B 28 -7.72 13.30 -9.92
C CYS B 28 -6.24 13.64 -9.82
N THR B 29 -5.38 12.70 -10.20
CA THR B 29 -3.93 12.90 -10.14
C THR B 29 -3.50 13.55 -8.83
N ASN B 30 -3.94 12.97 -7.72
CA ASN B 30 -3.60 13.49 -6.40
C ASN B 30 -4.01 12.51 -5.31
N ILE B 31 -3.84 12.92 -4.06
CA ILE B 31 -4.19 12.07 -2.92
C ILE B 31 -5.68 11.74 -2.94
N LEU B 32 -6.01 10.48 -2.68
CA LEU B 32 -7.40 10.03 -2.67
C LEU B 32 -7.81 9.57 -1.27
N ARG B 33 -9.12 9.52 -1.05
CA ARG B 33 -9.65 9.09 0.25
C ARG B 33 -10.75 8.04 0.06
N GLU B 34 -10.49 6.83 0.51
CA GLU B 34 -11.46 5.75 0.38
C GLU B 34 -11.78 5.48 -1.09
N PRO B 35 -10.74 5.24 -1.91
CA PRO B 35 -10.92 4.97 -3.34
C PRO B 35 -11.57 3.62 -3.61
N VAL B 36 -11.54 3.20 -4.87
CA VAL B 36 -12.12 1.93 -5.26
C VAL B 36 -11.18 1.15 -6.18
N CYS B 37 -11.13 -0.16 -6.00
CA CYS B 37 -10.28 -1.01 -6.83
C CYS B 37 -10.97 -1.37 -8.14
N LEU B 38 -10.34 -1.03 -9.25
CA LEU B 38 -10.89 -1.34 -10.57
C LEU B 38 -11.07 -2.84 -10.75
N GLY B 39 -9.97 -3.57 -10.77
CA GLY B 39 -10.05 -5.01 -10.94
C GLY B 39 -8.71 -5.70 -10.65
N GLY B 40 -7.67 -5.24 -11.32
CA GLY B 40 -6.36 -5.82 -11.13
C GLY B 40 -5.39 -5.49 -12.25
N CYS B 41 -5.41 -4.24 -12.69
CA CYS B 41 -4.54 -3.80 -13.77
C CYS B 41 -3.69 -2.61 -13.34
N GLU B 42 -3.40 -2.53 -12.04
CA GLU B 42 -2.60 -1.44 -11.49
C GLU B 42 -3.31 -0.09 -11.62
N HIS B 43 -4.61 -0.13 -11.92
CA HIS B 43 -5.39 1.10 -12.06
C HIS B 43 -6.25 1.35 -10.84
N ILE B 44 -6.01 2.47 -10.16
CA ILE B 44 -6.78 2.83 -8.97
C ILE B 44 -7.32 4.24 -9.08
N PHE B 45 -8.52 4.45 -8.53
CA PHE B 45 -9.16 5.76 -8.56
C PHE B 45 -10.04 5.97 -7.34
N CYS B 46 -10.52 7.19 -7.15
CA CYS B 46 -11.38 7.51 -6.01
C CYS B 46 -12.71 6.78 -6.13
N SER B 47 -13.61 7.07 -5.19
CA SER B 47 -14.93 6.42 -5.19
C SER B 47 -15.97 7.31 -5.86
N ASN B 48 -15.51 8.19 -6.74
CA ASN B 48 -16.40 9.10 -7.46
C ASN B 48 -15.84 9.43 -8.84
N CYS B 49 -14.95 8.59 -9.35
CA CYS B 49 -14.34 8.80 -10.65
C CYS B 49 -14.34 7.51 -11.46
N VAL B 50 -13.95 6.41 -10.82
CA VAL B 50 -13.90 5.11 -11.47
C VAL B 50 -15.26 4.71 -12.02
N SER B 51 -16.32 5.21 -11.37
CA SER B 51 -17.68 4.90 -11.79
C SER B 51 -17.96 5.44 -13.19
N ASP B 52 -17.52 4.71 -14.20
CA ASP B 52 -17.72 5.11 -15.58
C ASP B 52 -17.80 3.89 -16.51
N CYS B 53 -16.88 2.96 -16.33
CA CYS B 53 -16.85 1.75 -17.13
C CYS B 53 -16.73 0.51 -16.25
N ILE B 54 -17.40 0.54 -15.10
CA ILE B 54 -17.38 -0.57 -14.17
C ILE B 54 -18.30 -1.71 -14.64
N GLY B 55 -17.85 -2.94 -14.44
CA GLY B 55 -18.65 -4.08 -14.85
C GLY B 55 -18.24 -4.61 -16.20
N THR B 56 -17.71 -3.73 -17.04
CA THR B 56 -17.28 -4.11 -18.39
C THR B 56 -15.77 -4.29 -18.45
N GLY B 57 -15.05 -3.54 -17.63
CA GLY B 57 -13.60 -3.62 -17.60
C GLY B 57 -12.93 -2.35 -18.06
N CYS B 58 -11.85 -1.98 -17.40
CA CYS B 58 -11.11 -0.77 -17.75
C CYS B 58 -10.69 -0.80 -19.22
N PRO B 59 -11.21 0.14 -20.04
CA PRO B 59 -10.88 0.22 -21.46
C PRO B 59 -9.47 0.75 -21.71
N VAL B 60 -8.80 1.18 -20.65
CA VAL B 60 -7.44 1.71 -20.76
C VAL B 60 -6.41 0.65 -20.39
N CYS B 61 -6.83 -0.30 -19.56
CA CYS B 61 -5.94 -1.37 -19.12
C CYS B 61 -6.29 -2.69 -19.81
N TYR B 62 -7.53 -2.82 -20.24
CA TYR B 62 -8.00 -4.03 -20.91
C TYR B 62 -7.99 -5.22 -19.95
N THR B 63 -8.45 -4.99 -18.72
CA THR B 63 -8.49 -6.04 -17.72
C THR B 63 -9.84 -6.06 -17.01
N PRO B 64 -10.36 -7.25 -16.69
CA PRO B 64 -11.66 -7.40 -16.01
C PRO B 64 -11.73 -6.57 -14.72
N ALA B 65 -12.91 -6.06 -14.42
CA ALA B 65 -13.10 -5.24 -13.22
C ALA B 65 -13.24 -6.12 -11.98
N TRP B 66 -13.71 -7.34 -12.18
CA TRP B 66 -13.88 -8.28 -11.08
C TRP B 66 -14.82 -7.73 -10.01
N ILE B 67 -15.63 -6.73 -10.39
CA ILE B 67 -16.57 -6.12 -9.47
C ILE B 67 -17.70 -5.42 -10.22
N GLN B 68 -18.93 -5.75 -9.86
CA GLN B 68 -20.11 -5.16 -10.50
C GLN B 68 -20.56 -3.91 -9.75
N ASP B 69 -20.38 -3.92 -8.43
CA ASP B 69 -20.77 -2.78 -7.60
C ASP B 69 -19.56 -1.89 -7.30
N LEU B 70 -19.82 -0.75 -6.67
CA LEU B 70 -18.77 0.20 -6.34
C LEU B 70 -18.06 -0.22 -5.05
N LYS B 71 -17.09 -1.12 -5.17
CA LYS B 71 -16.34 -1.61 -4.02
C LYS B 71 -15.56 -0.48 -3.37
N ILE B 72 -14.80 -0.80 -2.32
CA ILE B 72 -14.01 0.19 -1.61
C ILE B 72 -12.57 -0.28 -1.45
N ASN B 73 -11.67 0.68 -1.27
CA ASN B 73 -10.25 0.37 -1.10
C ASN B 73 -9.82 0.58 0.35
N ARG B 74 -9.84 -0.50 1.12
CA ARG B 74 -9.45 -0.44 2.53
C ARG B 74 -7.96 -0.20 2.68
N GLN B 75 -7.17 -1.11 2.12
CA GLN B 75 -5.71 -1.00 2.19
C GLN B 75 -5.23 0.30 1.55
N LEU B 76 -5.76 0.60 0.37
CA LEU B 76 -5.39 1.82 -0.35
C LEU B 76 -5.66 3.06 0.51
N ASP B 77 -6.86 3.14 1.07
CA ASP B 77 -7.25 4.26 1.90
C ASP B 77 -6.37 4.35 3.14
N SER B 78 -6.11 3.19 3.75
CA SER B 78 -5.28 3.13 4.95
C SER B 78 -3.91 3.75 4.69
N MET B 79 -3.44 3.62 3.45
CA MET B 79 -2.14 4.17 3.05
C MET B 79 -2.22 5.69 2.91
N ILE B 80 -3.41 6.19 2.57
CA ILE B 80 -3.62 7.62 2.41
C ILE B 80 -3.31 8.36 3.70
N GLN B 81 -4.03 8.02 4.76
CA GLN B 81 -3.82 8.66 6.06
C GLN B 81 -2.40 8.40 6.56
N LEU B 82 -1.90 7.21 6.30
CA LEU B 82 -0.55 6.83 6.71
C LEU B 82 0.49 7.77 6.12
N CYS B 83 0.49 7.88 4.79
CA CYS B 83 1.44 8.75 4.11
C CYS B 83 1.31 10.19 4.60
N SER B 84 0.11 10.57 5.01
CA SER B 84 -0.15 11.92 5.52
C SER B 84 0.72 12.20 6.73
N LYS B 85 0.91 11.20 7.58
CA LYS B 85 1.72 11.35 8.78
C LYS B 85 3.18 11.59 8.42
N LEU B 86 3.70 10.76 7.52
CA LEU B 86 5.09 10.88 7.08
C LEU B 86 5.34 12.25 6.46
N ARG B 87 4.37 12.74 5.69
CA ARG B 87 4.49 14.03 5.03
C ARG B 87 4.69 15.15 6.06
N ASN B 88 3.73 15.25 6.99
CA ASN B 88 3.80 16.27 8.02
C ASN B 88 5.05 16.11 8.87
N LEU B 89 5.51 14.87 9.02
CA LEU B 89 6.70 14.59 9.81
C LEU B 89 7.96 15.06 9.08
N LEU B 90 8.15 14.57 7.87
CA LEU B 90 9.31 14.94 7.07
C LEU B 90 9.35 16.45 6.81
N HIS B 91 8.16 17.05 6.70
CA HIS B 91 8.06 18.48 6.46
C HIS B 91 8.12 19.25 7.77
N ASP B 92 7.04 19.21 8.53
CA ASP B 92 6.98 19.91 9.82
C ASP B 92 5.68 19.59 10.54
N ASN B 93 5.79 19.36 11.85
CA ASN B 93 4.61 19.04 12.67
C ASN B 93 4.73 19.67 14.05
N GLU B 94 3.84 20.60 14.36
CA GLU B 94 3.84 21.28 15.64
C GLU B 94 2.44 21.30 16.25
N LEU B 95 2.21 20.43 17.23
CA LEU B 95 0.91 20.36 17.90
C LEU B 95 1.08 20.35 19.41
N SER B 96 2.07 21.09 19.90
CA SER B 96 2.33 21.18 21.33
C SER B 96 2.45 22.63 21.77
N ASP B 97 1.69 23.00 22.80
CA ASP B 97 1.71 24.36 23.32
C ASP B 97 1.84 24.36 24.84
ZN ZN C . 2.23 -14.83 2.34
ZN ZN D . -12.72 -13.07 0.00
ZN ZN E . -10.43 10.06 -8.55
ZN ZN F . -7.24 -0.41 -15.93
N MET A 1 25.38 7.73 15.86
CA MET A 1 24.53 8.88 15.48
C MET A 1 23.07 8.48 15.34
N ASP A 2 22.23 9.02 16.22
CA ASP A 2 20.81 8.72 16.20
C ASP A 2 20.01 9.90 15.64
N LEU A 3 20.61 10.64 14.72
CA LEU A 3 19.95 11.79 14.12
C LEU A 3 19.61 12.84 15.19
N SER A 4 18.82 13.84 14.80
CA SER A 4 18.42 14.89 15.71
C SER A 4 17.56 14.35 16.85
N ALA A 5 16.93 13.20 16.61
CA ALA A 5 16.09 12.56 17.62
C ALA A 5 14.89 13.44 17.95
N LEU A 6 14.56 14.37 17.06
CA LEU A 6 13.43 15.27 17.27
C LEU A 6 12.10 14.53 17.12
N ARG A 7 12.08 13.56 16.21
CA ARG A 7 10.87 12.78 15.97
C ARG A 7 11.19 11.51 15.18
N VAL A 8 12.22 10.79 15.61
CA VAL A 8 12.63 9.57 14.94
C VAL A 8 11.67 8.42 15.26
N GLU A 9 11.10 8.45 16.46
CA GLU A 9 10.16 7.42 16.89
C GLU A 9 8.82 7.57 16.18
N GLU A 10 8.41 8.82 15.96
CA GLU A 10 7.14 9.10 15.31
C GLU A 10 7.18 8.67 13.85
N VAL A 11 8.29 8.96 13.18
CA VAL A 11 8.45 8.61 11.77
C VAL A 11 8.44 7.09 11.58
N GLN A 12 9.10 6.39 12.49
CA GLN A 12 9.16 4.93 12.43
C GLN A 12 7.77 4.32 12.52
N ASN A 13 6.88 4.99 13.25
CA ASN A 13 5.51 4.51 13.43
C ASN A 13 4.75 4.56 12.11
N VAL A 14 4.95 5.65 11.35
CA VAL A 14 4.29 5.82 10.07
C VAL A 14 4.81 4.84 9.04
N ILE A 15 6.13 4.65 9.03
CA ILE A 15 6.77 3.73 8.08
C ILE A 15 6.43 2.29 8.42
N ASN A 16 6.26 2.00 9.70
CA ASN A 16 5.93 0.65 10.15
C ASN A 16 4.46 0.34 9.87
N ALA A 17 3.61 1.36 9.96
CA ALA A 17 2.18 1.18 9.72
C ALA A 17 1.92 0.85 8.25
N MET A 18 2.43 1.69 7.36
CA MET A 18 2.24 1.50 5.92
C MET A 18 2.74 0.13 5.49
N GLN A 19 3.83 -0.32 6.11
CA GLN A 19 4.41 -1.62 5.78
C GLN A 19 3.41 -2.74 6.07
N LYS A 20 2.68 -2.60 7.17
CA LYS A 20 1.69 -3.60 7.55
C LYS A 20 0.62 -3.75 6.48
N ILE A 21 0.34 -2.66 5.77
CA ILE A 21 -0.66 -2.67 4.71
C ILE A 21 -0.21 -3.56 3.56
N LEU A 22 1.10 -3.72 3.41
CA LEU A 22 1.66 -4.55 2.34
C LEU A 22 2.19 -5.86 2.92
N GLU A 23 1.55 -6.34 3.96
CA GLU A 23 1.97 -7.58 4.61
C GLU A 23 1.26 -8.78 4.00
N CYS A 24 1.41 -9.94 4.64
CA CYS A 24 0.80 -11.17 4.17
C CYS A 24 -0.28 -11.65 5.14
N PRO A 25 -1.43 -12.13 4.61
CA PRO A 25 -2.55 -12.58 5.44
C PRO A 25 -2.54 -14.09 5.72
N ILE A 26 -1.41 -14.76 5.49
CA ILE A 26 -1.34 -16.20 5.74
C ILE A 26 0.00 -16.61 6.34
N CYS A 27 1.10 -16.02 5.87
CA CYS A 27 2.42 -16.35 6.37
C CYS A 27 3.20 -15.11 6.81
N LEU A 28 2.52 -13.96 6.82
CA LEU A 28 3.16 -12.71 7.21
C LEU A 28 4.45 -12.46 6.43
N GLU A 29 4.50 -13.00 5.21
CA GLU A 29 5.68 -12.82 4.37
C GLU A 29 5.49 -11.67 3.39
N LEU A 30 6.29 -10.62 3.53
CA LEU A 30 6.20 -9.45 2.66
C LEU A 30 5.92 -9.86 1.21
N ILE A 31 4.65 -9.78 0.83
CA ILE A 31 4.24 -10.14 -0.52
C ILE A 31 5.08 -9.45 -1.58
N LYS A 32 5.47 -10.20 -2.61
CA LYS A 32 6.29 -9.65 -3.69
C LYS A 32 5.50 -9.63 -5.00
N GLU A 33 4.60 -10.58 -5.16
CA GLU A 33 3.78 -10.67 -6.38
C GLU A 33 2.31 -10.42 -6.05
N PRO A 34 1.88 -9.15 -6.03
CA PRO A 34 0.49 -8.79 -5.73
C PRO A 34 -0.50 -9.55 -6.60
N VAL A 35 -1.33 -10.37 -5.95
CA VAL A 35 -2.33 -11.16 -6.67
C VAL A 35 -3.71 -10.99 -6.03
N SER A 36 -4.66 -10.47 -6.81
CA SER A 36 -6.00 -10.26 -6.31
C SER A 36 -6.80 -11.57 -6.27
N THR A 37 -7.35 -11.88 -5.11
CA THR A 37 -8.14 -13.11 -4.95
C THR A 37 -9.62 -12.83 -5.21
N LYS A 38 -10.38 -13.89 -5.43
CA LYS A 38 -11.82 -13.77 -5.71
C LYS A 38 -12.50 -12.87 -4.67
N CYS A 39 -11.93 -12.81 -3.48
CA CYS A 39 -12.48 -11.98 -2.40
C CYS A 39 -11.82 -10.60 -2.37
N ASP A 40 -11.28 -10.18 -3.51
CA ASP A 40 -10.63 -8.88 -3.61
C ASP A 40 -9.52 -8.74 -2.56
N HIS A 41 -8.68 -9.76 -2.45
CA HIS A 41 -7.59 -9.74 -1.48
C HIS A 41 -6.25 -10.00 -2.17
N ILE A 42 -5.17 -9.48 -1.57
CA ILE A 42 -3.83 -9.65 -2.13
C ILE A 42 -3.10 -10.83 -1.48
N PHE A 43 -2.23 -11.47 -2.25
CA PHE A 43 -1.45 -12.61 -1.77
C PHE A 43 -0.07 -12.63 -2.40
N CYS A 44 0.71 -13.66 -2.08
CA CYS A 44 2.06 -13.79 -2.62
C CYS A 44 2.08 -14.78 -3.80
N LYS A 45 0.92 -15.02 -4.39
CA LYS A 45 0.81 -15.94 -5.51
C LYS A 45 1.05 -17.39 -5.07
N PHE A 46 2.28 -17.67 -4.65
CA PHE A 46 2.64 -19.01 -4.20
C PHE A 46 1.74 -19.45 -3.03
N CYS A 47 1.25 -18.48 -2.27
CA CYS A 47 0.39 -18.78 -1.12
C CYS A 47 -0.81 -19.61 -1.55
N MET A 48 -1.37 -19.28 -2.70
CA MET A 48 -2.53 -20.01 -3.22
C MET A 48 -2.17 -21.45 -3.57
N LEU A 49 -0.98 -21.63 -4.14
CA LEU A 49 -0.51 -22.96 -4.51
C LEU A 49 -0.44 -23.89 -3.31
N LYS A 50 0.08 -23.37 -2.20
CA LYS A 50 0.20 -24.15 -0.97
C LYS A 50 -1.10 -24.11 -0.17
N LEU A 51 -1.82 -22.99 -0.28
CA LEU A 51 -3.08 -22.83 0.44
C LEU A 51 -4.18 -23.68 -0.18
N LEU A 52 -4.18 -23.76 -1.51
CA LEU A 52 -5.18 -24.55 -2.22
C LEU A 52 -5.16 -26.01 -1.76
N ASN A 53 -3.98 -26.47 -1.34
CA ASN A 53 -3.82 -27.84 -0.87
C ASN A 53 -4.08 -27.91 0.64
N GLN A 54 -3.11 -27.45 1.43
CA GLN A 54 -3.22 -27.46 2.88
C GLN A 54 -3.48 -28.87 3.41
N LYS A 55 -4.75 -29.29 3.38
CA LYS A 55 -5.12 -30.62 3.85
C LYS A 55 -6.61 -30.87 3.63
N LYS A 56 -7.42 -29.84 3.87
CA LYS A 56 -8.86 -29.95 3.70
C LYS A 56 -9.25 -29.83 2.23
N GLY A 57 -10.54 -29.62 1.97
CA GLY A 57 -11.02 -29.49 0.61
C GLY A 57 -10.60 -28.18 -0.04
N PRO A 58 -11.38 -27.69 -1.01
CA PRO A 58 -11.09 -26.44 -1.71
C PRO A 58 -10.63 -25.33 -0.78
N SER A 59 -9.81 -24.42 -1.30
CA SER A 59 -9.29 -23.30 -0.51
C SER A 59 -10.37 -22.23 -0.31
N GLN A 60 -10.21 -21.43 0.73
CA GLN A 60 -11.16 -20.36 1.03
C GLN A 60 -10.45 -19.13 1.57
N CYS A 61 -10.89 -17.95 1.13
CA CYS A 61 -10.30 -16.70 1.56
C CYS A 61 -10.32 -16.58 3.08
N PRO A 62 -9.15 -16.70 3.74
CA PRO A 62 -9.05 -16.60 5.20
C PRO A 62 -9.23 -15.18 5.72
N LEU A 63 -9.33 -14.22 4.80
CA LEU A 63 -9.50 -12.82 5.17
C LEU A 63 -10.97 -12.49 5.42
N CYS A 64 -11.87 -13.20 4.74
CA CYS A 64 -13.30 -12.97 4.91
C CYS A 64 -14.05 -14.28 5.11
N LYS A 65 -14.37 -14.97 4.01
CA LYS A 65 -15.08 -16.24 4.07
C LYS A 65 -15.51 -16.68 2.68
N ASN A 66 -14.62 -16.51 1.71
CA ASN A 66 -14.91 -16.90 0.33
C ASN A 66 -14.35 -18.29 0.02
N ASP A 67 -14.46 -18.70 -1.24
CA ASP A 67 -13.97 -20.01 -1.66
C ASP A 67 -13.11 -19.89 -2.92
N ILE A 68 -11.80 -20.01 -2.75
CA ILE A 68 -10.87 -19.92 -3.87
C ILE A 68 -10.44 -21.32 -4.32
N THR A 69 -10.43 -21.53 -5.63
CA THR A 69 -10.04 -22.83 -6.19
C THR A 69 -9.45 -22.68 -7.58
N LYS A 70 -8.33 -21.96 -7.67
CA LYS A 70 -7.66 -21.74 -8.94
C LYS A 70 -8.56 -21.00 -9.92
N ARG A 71 -7.96 -20.32 -10.88
CA ARG A 71 -8.70 -19.56 -11.88
C ARG A 71 -9.69 -18.60 -11.22
N SER A 72 -9.39 -18.20 -9.99
CA SER A 72 -10.25 -17.28 -9.25
C SER A 72 -9.53 -15.96 -9.00
N LEU A 73 -8.22 -16.02 -8.82
CA LEU A 73 -7.43 -14.82 -8.57
C LEU A 73 -7.05 -14.13 -9.87
N GLN A 74 -6.50 -12.92 -9.76
CA GLN A 74 -6.08 -12.15 -10.93
C GLN A 74 -4.80 -11.38 -10.64
N GLU A 75 -3.66 -12.01 -10.92
CA GLU A 75 -2.37 -11.38 -10.69
C GLU A 75 -2.26 -10.07 -11.46
N SER A 76 -1.81 -9.02 -10.77
CA SER A 76 -1.65 -7.71 -11.39
C SER A 76 -0.56 -6.91 -10.70
N THR A 77 -0.40 -5.66 -11.12
CA THR A 77 0.62 -4.78 -10.55
C THR A 77 -0.01 -3.59 -9.84
N ARG A 78 -0.55 -3.82 -8.65
CA ARG A 78 -1.18 -2.77 -7.88
C ARG A 78 -0.47 -2.56 -6.55
N PHE A 79 -0.33 -3.64 -5.78
CA PHE A 79 0.34 -3.56 -4.49
C PHE A 79 1.79 -4.05 -4.60
N SER A 80 2.40 -3.80 -5.75
CA SER A 80 3.78 -4.20 -5.99
C SER A 80 4.75 -3.11 -5.56
N GLN A 81 4.64 -1.95 -6.18
CA GLN A 81 5.51 -0.82 -5.86
C GLN A 81 5.35 -0.42 -4.39
N LEU A 82 4.14 -0.54 -3.88
CA LEU A 82 3.86 -0.19 -2.49
C LEU A 82 4.73 -1.00 -1.54
N VAL A 83 5.01 -2.24 -1.91
CA VAL A 83 5.84 -3.12 -1.09
C VAL A 83 7.32 -2.79 -1.26
N GLU A 84 7.78 -2.80 -2.50
CA GLU A 84 9.18 -2.50 -2.81
C GLU A 84 9.54 -1.09 -2.35
N GLU A 85 8.65 -0.13 -2.61
CA GLU A 85 8.88 1.25 -2.23
C GLU A 85 9.11 1.37 -0.72
N LEU A 86 8.28 0.68 0.06
CA LEU A 86 8.39 0.70 1.51
C LEU A 86 9.81 0.35 1.96
N LEU A 87 10.39 -0.65 1.30
CA LEU A 87 11.74 -1.09 1.62
C LEU A 87 12.74 0.04 1.42
N LYS A 88 12.50 0.85 0.39
CA LYS A 88 13.38 1.97 0.09
C LYS A 88 13.27 3.06 1.16
N ILE A 89 12.07 3.28 1.65
CA ILE A 89 11.83 4.29 2.68
C ILE A 89 12.44 3.86 4.02
N ILE A 90 12.25 2.59 4.37
CA ILE A 90 12.78 2.07 5.62
C ILE A 90 14.31 2.00 5.58
N CYS A 91 14.86 1.79 4.39
CA CYS A 91 16.30 1.71 4.22
C CYS A 91 16.96 3.07 4.44
N ALA A 92 16.28 4.13 4.01
CA ALA A 92 16.79 5.48 4.17
C ALA A 92 16.86 5.88 5.64
N PHE A 93 15.86 5.44 6.41
CA PHE A 93 15.81 5.74 7.83
C PHE A 93 17.03 5.21 8.56
N GLN A 94 17.27 3.91 8.42
CA GLN A 94 18.42 3.26 9.06
C GLN A 94 19.72 3.88 8.58
N LEU A 95 19.72 4.39 7.35
CA LEU A 95 20.91 4.99 6.77
C LEU A 95 21.38 6.17 7.62
N ASP A 96 20.44 6.98 8.09
CA ASP A 96 20.76 8.13 8.92
C ASP A 96 20.54 7.83 10.39
N THR A 97 19.28 7.67 10.78
CA THR A 97 18.93 7.38 12.17
C THR A 97 19.56 6.07 12.62
N GLY A 98 19.46 5.05 11.79
CA GLY A 98 20.03 3.75 12.11
C GLY A 98 19.35 3.10 13.30
N LEU A 99 18.07 3.41 13.48
CA LEU A 99 17.30 2.84 14.58
C LEU A 99 16.76 1.47 14.23
N GLU A 100 16.01 0.87 15.15
CA GLU A 100 15.43 -0.45 14.94
C GLU A 100 14.08 -0.34 14.22
N TYR A 101 13.82 -1.26 13.30
CA TYR A 101 12.58 -1.27 12.55
C TYR A 101 11.96 -2.67 12.55
N ALA A 102 12.66 -3.62 11.94
CA ALA A 102 12.18 -4.99 11.86
C ALA A 102 13.28 -5.98 12.22
N ASN A 103 14.38 -5.94 11.48
CA ASN A 103 15.50 -6.83 11.73
C ASN A 103 16.63 -6.10 12.46
N MET B 1 24.88 33.10 15.04
CA MET B 1 24.53 31.70 14.71
C MET B 1 23.28 31.24 15.46
N GLU B 2 22.40 30.54 14.77
CA GLU B 2 21.16 30.05 15.37
C GLU B 2 20.34 29.25 14.37
N PRO B 3 19.91 29.88 13.27
CA PRO B 3 19.11 29.21 12.24
C PRO B 3 19.94 28.23 11.42
N ASP B 4 19.46 26.99 11.34
CA ASP B 4 20.16 25.95 10.59
C ASP B 4 19.43 25.64 9.28
N GLY B 5 18.10 25.68 9.33
CA GLY B 5 17.30 25.40 8.14
C GLY B 5 16.85 23.95 8.08
N ARG B 6 17.47 23.18 7.18
CA ARG B 6 17.11 21.78 7.02
C ARG B 6 18.37 20.90 7.04
N GLY B 7 18.28 19.77 7.74
CA GLY B 7 19.41 18.87 7.82
C GLY B 7 19.00 17.46 8.21
N ALA B 8 17.77 17.09 7.84
CA ALA B 8 17.26 15.76 8.15
C ALA B 8 15.92 15.51 7.47
N TRP B 9 15.50 14.25 7.44
CA TRP B 9 14.23 13.89 6.81
C TRP B 9 14.25 14.22 5.32
N ALA B 10 15.43 14.17 4.72
CA ALA B 10 15.57 14.48 3.30
C ALA B 10 15.16 13.30 2.44
N HIS B 11 15.79 12.15 2.68
CA HIS B 11 15.48 10.93 1.93
C HIS B 11 14.02 10.54 2.11
N SER B 12 13.48 10.85 3.28
CA SER B 12 12.08 10.53 3.59
C SER B 12 11.13 11.35 2.72
N ARG B 13 11.50 12.59 2.45
CA ARG B 13 10.67 13.48 1.63
C ARG B 13 10.49 12.90 0.24
N ALA B 14 11.60 12.65 -0.46
CA ALA B 14 11.55 12.10 -1.80
C ALA B 14 10.85 10.74 -1.81
N ALA B 15 10.97 10.02 -0.71
CA ALA B 15 10.34 8.70 -0.58
C ALA B 15 8.83 8.82 -0.54
N LEU B 16 8.33 9.84 0.15
CA LEU B 16 6.90 10.06 0.27
C LEU B 16 6.26 10.25 -1.10
N ASP B 17 6.91 11.02 -1.96
CA ASP B 17 6.41 11.28 -3.30
C ASP B 17 6.29 9.97 -4.09
N ARG B 18 7.28 9.10 -3.93
CA ARG B 18 7.29 7.82 -4.63
C ARG B 18 6.05 7.00 -4.27
N LEU B 19 5.82 6.82 -2.98
CA LEU B 19 4.68 6.04 -2.51
C LEU B 19 3.37 6.66 -3.00
N GLU B 20 3.33 7.98 -3.06
CA GLU B 20 2.15 8.70 -3.51
C GLU B 20 1.79 8.32 -4.95
N LYS B 21 2.81 7.94 -5.72
CA LYS B 21 2.62 7.56 -7.11
C LYS B 21 1.62 6.42 -7.22
N LEU B 22 1.58 5.56 -6.20
CA LEU B 22 0.67 4.42 -6.19
C LEU B 22 -0.73 4.86 -5.77
N LEU B 23 -0.80 5.89 -4.95
CA LEU B 23 -2.09 6.40 -4.48
C LEU B 23 -2.66 7.44 -5.44
N ARG B 24 -1.79 8.05 -6.24
CA ARG B 24 -2.20 9.05 -7.21
C ARG B 24 -3.31 8.52 -8.11
N CYS B 25 -4.49 9.12 -8.00
CA CYS B 25 -5.63 8.70 -8.81
C CYS B 25 -5.34 8.86 -10.30
N SER B 26 -6.05 8.11 -11.12
CA SER B 26 -5.87 8.16 -12.56
C SER B 26 -6.64 9.33 -13.17
N ARG B 27 -7.80 9.63 -12.59
CA ARG B 27 -8.64 10.72 -13.08
C ARG B 27 -8.28 12.02 -12.36
N CYS B 28 -8.38 12.01 -11.03
CA CYS B 28 -8.08 13.18 -10.23
C CYS B 28 -6.60 13.56 -10.32
N THR B 29 -5.79 12.63 -10.82
CA THR B 29 -4.34 12.85 -10.97
C THR B 29 -3.76 13.50 -9.72
N ASN B 30 -4.20 13.04 -8.56
CA ASN B 30 -3.72 13.58 -7.29
C ASN B 30 -4.05 12.63 -6.14
N ILE B 31 -3.78 13.07 -4.92
CA ILE B 31 -4.05 12.26 -3.73
C ILE B 31 -5.54 11.99 -3.60
N LEU B 32 -5.90 10.71 -3.45
CA LEU B 32 -7.29 10.30 -3.30
C LEU B 32 -7.59 9.88 -1.86
N ARG B 33 -8.87 9.72 -1.56
CA ARG B 33 -9.28 9.32 -0.21
C ARG B 33 -10.21 8.11 -0.27
N GLU B 34 -9.66 6.95 0.10
CA GLU B 34 -10.43 5.71 0.09
C GLU B 34 -11.00 5.43 -1.30
N PRO B 35 -10.13 5.22 -2.30
CA PRO B 35 -10.54 4.93 -3.67
C PRO B 35 -11.35 3.65 -3.78
N VAL B 36 -11.44 3.11 -4.99
CA VAL B 36 -12.18 1.88 -5.24
C VAL B 36 -11.57 1.10 -6.40
N CYS B 37 -11.47 -0.21 -6.24
CA CYS B 37 -10.90 -1.08 -7.26
C CYS B 37 -11.73 -1.01 -8.55
N LEU B 38 -11.14 -1.42 -9.66
CA LEU B 38 -11.83 -1.41 -10.94
C LEU B 38 -12.46 -2.76 -11.23
N GLY B 39 -11.64 -3.78 -11.40
CA GLY B 39 -12.14 -5.11 -11.68
C GLY B 39 -11.11 -6.19 -11.40
N GLY B 40 -10.05 -6.21 -12.19
CA GLY B 40 -9.01 -7.21 -12.01
C GLY B 40 -7.66 -6.74 -12.53
N CYS B 41 -7.41 -5.44 -12.45
CA CYS B 41 -6.16 -4.87 -12.92
C CYS B 41 -5.46 -4.11 -11.78
N GLU B 42 -4.75 -3.04 -12.13
CA GLU B 42 -4.05 -2.24 -11.12
C GLU B 42 -4.58 -0.81 -11.07
N HIS B 43 -5.13 -0.35 -12.18
CA HIS B 43 -5.67 1.01 -12.25
C HIS B 43 -6.74 1.24 -11.17
N ILE B 44 -6.56 2.29 -10.40
CA ILE B 44 -7.50 2.62 -9.33
C ILE B 44 -7.97 4.07 -9.44
N PHE B 45 -9.15 4.36 -8.91
CA PHE B 45 -9.71 5.70 -8.96
C PHE B 45 -10.54 5.99 -7.71
N CYS B 46 -10.87 7.26 -7.50
CA CYS B 46 -11.67 7.67 -6.36
C CYS B 46 -13.03 7.00 -6.38
N SER B 47 -13.69 6.95 -5.23
CA SER B 47 -15.01 6.35 -5.12
C SER B 47 -15.99 6.99 -6.11
N ASN B 48 -15.73 8.24 -6.47
CA ASN B 48 -16.58 8.97 -7.39
C ASN B 48 -15.87 9.24 -8.71
N CYS B 49 -14.85 8.43 -9.00
CA CYS B 49 -14.07 8.59 -10.23
C CYS B 49 -14.06 7.28 -11.02
N VAL B 50 -13.83 6.18 -10.32
CA VAL B 50 -13.79 4.87 -10.96
C VAL B 50 -15.10 4.57 -11.68
N SER B 51 -16.20 5.11 -11.16
CA SER B 51 -17.52 4.91 -11.75
C SER B 51 -17.58 5.49 -13.17
N ASP B 52 -17.06 4.74 -14.13
CA ASP B 52 -17.06 5.19 -15.52
C ASP B 52 -17.37 4.03 -16.46
N CYS B 53 -16.53 3.01 -16.43
CA CYS B 53 -16.72 1.83 -17.28
C CYS B 53 -16.71 0.56 -16.45
N ILE B 54 -17.33 0.61 -15.28
CA ILE B 54 -17.40 -0.53 -14.38
C ILE B 54 -18.38 -1.58 -14.89
N GLY B 55 -19.37 -1.13 -15.66
CA GLY B 55 -20.36 -2.04 -16.20
C GLY B 55 -19.73 -3.17 -17.02
N THR B 56 -18.57 -2.89 -17.59
CA THR B 56 -17.86 -3.89 -18.39
C THR B 56 -16.54 -4.28 -17.75
N GLY B 57 -15.61 -3.32 -17.69
CA GLY B 57 -14.32 -3.57 -17.09
C GLY B 57 -13.40 -2.36 -17.16
N CYS B 58 -12.19 -2.57 -17.66
CA CYS B 58 -11.22 -1.48 -17.78
C CYS B 58 -10.89 -1.21 -19.25
N PRO B 59 -10.86 0.07 -19.65
CA PRO B 59 -10.55 0.46 -21.04
C PRO B 59 -9.06 0.43 -21.33
N VAL B 60 -8.24 0.50 -20.28
CA VAL B 60 -6.79 0.49 -20.45
C VAL B 60 -6.25 -0.94 -20.47
N CYS B 61 -6.33 -1.62 -19.33
CA CYS B 61 -5.83 -2.99 -19.22
C CYS B 61 -6.74 -3.96 -19.97
N TYR B 62 -7.93 -3.50 -20.36
CA TYR B 62 -8.88 -4.33 -21.08
C TYR B 62 -9.30 -5.52 -20.24
N THR B 63 -9.28 -5.36 -18.92
CA THR B 63 -9.65 -6.41 -18.00
C THR B 63 -11.13 -6.30 -17.62
N PRO B 64 -11.85 -7.43 -17.56
CA PRO B 64 -13.28 -7.44 -17.19
C PRO B 64 -13.51 -7.00 -15.76
N ALA B 65 -14.61 -6.28 -15.53
CA ALA B 65 -14.94 -5.80 -14.20
C ALA B 65 -15.28 -6.96 -13.27
N TRP B 66 -14.24 -7.53 -12.67
CA TRP B 66 -14.42 -8.66 -11.75
C TRP B 66 -15.33 -8.27 -10.57
N ILE B 67 -15.39 -6.98 -10.28
CA ILE B 67 -16.22 -6.48 -9.19
C ILE B 67 -17.48 -5.82 -9.73
N GLN B 68 -18.62 -6.50 -9.54
CA GLN B 68 -19.90 -5.97 -10.00
C GLN B 68 -20.20 -4.63 -9.35
N ASP B 69 -19.72 -4.45 -8.13
CA ASP B 69 -19.94 -3.21 -7.40
C ASP B 69 -18.62 -2.47 -7.15
N LEU B 70 -18.68 -1.37 -6.42
CA LEU B 70 -17.50 -0.59 -6.12
C LEU B 70 -16.97 -0.92 -4.73
N LYS B 71 -16.09 -1.91 -4.67
CA LYS B 71 -15.50 -2.33 -3.39
C LYS B 71 -14.42 -1.35 -2.94
N ILE B 72 -14.42 -1.04 -1.64
CA ILE B 72 -13.44 -0.11 -1.08
C ILE B 72 -12.17 -0.84 -0.68
N ASN B 73 -11.02 -0.20 -0.91
CA ASN B 73 -9.74 -0.79 -0.56
C ASN B 73 -9.25 -0.28 0.79
N ARG B 74 -9.54 -1.05 1.84
CA ARG B 74 -9.14 -0.68 3.19
C ARG B 74 -7.63 -0.51 3.28
N GLN B 75 -6.90 -1.27 2.47
CA GLN B 75 -5.44 -1.21 2.47
C GLN B 75 -4.95 0.04 1.75
N LEU B 76 -5.39 0.21 0.50
CA LEU B 76 -4.99 1.37 -0.29
C LEU B 76 -5.44 2.67 0.39
N ASP B 77 -6.59 2.60 1.06
CA ASP B 77 -7.12 3.78 1.75
C ASP B 77 -6.19 4.22 2.86
N SER B 78 -5.84 3.29 3.74
CA SER B 78 -4.94 3.59 4.85
C SER B 78 -3.58 4.03 4.34
N MET B 79 -3.19 3.52 3.18
CA MET B 79 -1.91 3.87 2.58
C MET B 79 -1.82 5.37 2.33
N ILE B 80 -2.94 5.96 1.91
CA ILE B 80 -2.98 7.39 1.63
C ILE B 80 -2.80 8.20 2.92
N GLN B 81 -3.59 7.86 3.93
CA GLN B 81 -3.52 8.55 5.22
C GLN B 81 -2.12 8.41 5.83
N LEU B 82 -1.48 7.28 5.55
CA LEU B 82 -0.14 7.02 6.07
C LEU B 82 0.86 8.03 5.51
N CYS B 83 0.90 8.16 4.20
CA CYS B 83 1.81 9.08 3.54
C CYS B 83 1.55 10.52 4.00
N SER B 84 0.30 10.81 4.32
CA SER B 84 -0.08 12.14 4.78
C SER B 84 0.59 12.47 6.10
N LYS B 85 0.76 11.46 6.94
CA LYS B 85 1.40 11.65 8.24
C LYS B 85 2.86 12.06 8.07
N LEU B 86 3.57 11.34 7.20
CA LEU B 86 4.98 11.63 6.94
C LEU B 86 5.16 13.07 6.44
N ARG B 87 4.19 13.53 5.66
CA ARG B 87 4.25 14.88 5.11
C ARG B 87 4.28 15.92 6.23
N ASN B 88 3.47 15.70 7.26
CA ASN B 88 3.42 16.61 8.40
C ASN B 88 4.70 16.55 9.21
N LEU B 89 5.21 15.35 9.42
CA LEU B 89 6.44 15.15 10.19
C LEU B 89 7.63 15.75 9.46
N LEU B 90 7.68 15.56 8.14
CA LEU B 90 8.77 16.09 7.33
C LEU B 90 8.80 17.61 7.39
N HIS B 91 7.64 18.22 7.56
CA HIS B 91 7.54 19.67 7.63
C HIS B 91 6.63 20.10 8.78
N ASP B 92 7.23 20.68 9.81
CA ASP B 92 6.48 21.13 10.98
C ASP B 92 6.81 22.58 11.30
N ASN B 93 6.05 23.16 12.23
CA ASN B 93 6.26 24.55 12.64
C ASN B 93 6.90 24.61 14.03
N GLU B 94 6.95 25.81 14.59
CA GLU B 94 7.53 26.02 15.90
C GLU B 94 6.58 26.80 16.81
N LEU B 95 5.29 26.60 16.61
CA LEU B 95 4.27 27.29 17.40
C LEU B 95 3.99 26.53 18.70
N SER B 96 3.50 27.26 19.70
CA SER B 96 3.18 26.66 20.99
C SER B 96 2.17 27.50 21.75
N ASP B 97 1.10 26.86 22.21
CA ASP B 97 0.05 27.55 22.96
C ASP B 97 0.43 27.69 24.43
ZN ZN C . 2.64 -15.19 1.72
ZN ZN D . -11.82 -12.13 2.25
ZN ZN E . -10.19 10.57 -8.96
ZN ZN F . -6.82 -1.39 -15.82
N MET A 1 24.88 16.72 13.95
CA MET A 1 23.52 16.16 13.72
C MET A 1 23.06 15.32 14.91
N ASP A 2 22.08 15.83 15.64
CA ASP A 2 21.55 15.13 16.81
C ASP A 2 20.22 14.46 16.48
N LEU A 3 20.10 13.95 15.26
CA LEU A 3 18.88 13.29 14.82
C LEU A 3 18.57 12.07 15.69
N SER A 4 17.88 12.30 16.80
CA SER A 4 17.53 11.23 17.73
C SER A 4 16.65 11.76 18.86
N ALA A 5 15.77 12.68 18.53
CA ALA A 5 14.86 13.27 19.52
C ALA A 5 13.86 14.21 18.86
N LEU A 6 14.34 15.00 17.90
CA LEU A 6 13.48 15.94 17.20
C LEU A 6 12.45 15.21 16.33
N ARG A 7 11.44 14.63 16.98
CA ARG A 7 10.40 13.91 16.27
C ARG A 7 10.99 12.73 15.48
N VAL A 8 11.32 11.66 16.19
CA VAL A 8 11.89 10.48 15.57
C VAL A 8 11.04 9.25 15.85
N GLU A 9 10.58 9.12 17.09
CA GLU A 9 9.75 7.98 17.48
C GLU A 9 8.42 8.01 16.74
N GLU A 10 7.93 9.20 16.43
CA GLU A 10 6.67 9.36 15.73
C GLU A 10 6.76 8.77 14.32
N VAL A 11 7.81 9.12 13.60
CA VAL A 11 8.01 8.63 12.25
C VAL A 11 8.10 7.11 12.21
N GLN A 12 8.64 6.54 13.29
CA GLN A 12 8.79 5.09 13.39
C GLN A 12 7.43 4.41 13.31
N ASN A 13 6.47 4.91 14.08
CA ASN A 13 5.12 4.34 14.09
C ASN A 13 4.49 4.43 12.71
N VAL A 14 4.84 5.47 11.97
CA VAL A 14 4.32 5.66 10.62
C VAL A 14 4.87 4.62 9.65
N ILE A 15 6.19 4.59 9.52
CA ILE A 15 6.85 3.65 8.62
C ILE A 15 6.51 2.21 9.00
N ASN A 16 6.29 1.98 10.28
CA ASN A 16 5.95 0.64 10.78
C ASN A 16 4.53 0.26 10.35
N ALA A 17 3.59 1.17 10.59
CA ALA A 17 2.19 0.93 10.23
C ALA A 17 2.05 0.70 8.73
N MET A 18 2.89 1.37 7.95
CA MET A 18 2.85 1.24 6.50
C MET A 18 3.19 -0.19 6.08
N GLN A 19 4.19 -0.77 6.73
CA GLN A 19 4.61 -2.12 6.43
C GLN A 19 3.47 -3.11 6.64
N LYS A 20 2.70 -2.90 7.71
CA LYS A 20 1.58 -3.77 8.02
C LYS A 20 0.56 -3.76 6.89
N ILE A 21 0.44 -2.62 6.22
CA ILE A 21 -0.49 -2.48 5.10
C ILE A 21 -0.06 -3.33 3.92
N LEU A 22 1.25 -3.52 3.77
CA LEU A 22 1.80 -4.32 2.69
C LEU A 22 2.34 -5.64 3.22
N GLU A 23 1.73 -6.13 4.30
CA GLU A 23 2.15 -7.39 4.92
C GLU A 23 1.41 -8.58 4.30
N CYS A 24 1.50 -9.72 4.96
CA CYS A 24 0.86 -10.93 4.47
C CYS A 24 -0.27 -11.37 5.42
N PRO A 25 -1.41 -11.81 4.85
CA PRO A 25 -2.57 -12.22 5.64
C PRO A 25 -2.61 -13.72 5.95
N ILE A 26 -1.48 -14.42 5.78
CA ILE A 26 -1.46 -15.85 6.05
C ILE A 26 -0.15 -16.32 6.68
N CYS A 27 0.98 -15.76 6.22
CA CYS A 27 2.28 -16.14 6.75
C CYS A 27 3.09 -14.92 7.18
N LEU A 28 2.46 -13.75 7.19
CA LEU A 28 3.13 -12.52 7.58
C LEU A 28 4.45 -12.33 6.83
N GLU A 29 4.51 -12.87 5.61
CA GLU A 29 5.71 -12.75 4.79
C GLU A 29 5.60 -11.59 3.82
N LEU A 30 6.50 -10.61 3.95
CA LEU A 30 6.50 -9.43 3.08
C LEU A 30 6.17 -9.80 1.64
N ILE A 31 4.91 -9.61 1.26
CA ILE A 31 4.45 -9.95 -0.07
C ILE A 31 5.32 -9.30 -1.15
N LYS A 32 6.02 -10.14 -1.91
CA LYS A 32 6.90 -9.66 -2.97
C LYS A 32 6.13 -9.56 -4.29
N GLU A 33 5.32 -10.57 -4.57
CA GLU A 33 4.52 -10.59 -5.79
C GLU A 33 3.07 -10.22 -5.49
N PRO A 34 2.74 -8.91 -5.57
CA PRO A 34 1.38 -8.44 -5.29
C PRO A 34 0.34 -9.00 -6.26
N VAL A 35 -0.55 -9.82 -5.73
CA VAL A 35 -1.59 -10.44 -6.54
C VAL A 35 -2.96 -10.20 -5.92
N SER A 36 -4.01 -10.31 -6.73
CA SER A 36 -5.38 -10.10 -6.25
C SER A 36 -6.15 -11.40 -6.22
N THR A 37 -6.76 -11.71 -5.07
CA THR A 37 -7.54 -12.93 -4.91
C THR A 37 -9.01 -12.68 -5.23
N LYS A 38 -9.72 -13.75 -5.56
CA LYS A 38 -11.15 -13.66 -5.89
C LYS A 38 -11.92 -12.94 -4.80
N CYS A 39 -11.39 -12.92 -3.58
CA CYS A 39 -12.05 -12.26 -2.46
C CYS A 39 -11.59 -10.80 -2.34
N ASP A 40 -11.13 -10.22 -3.44
CA ASP A 40 -10.67 -8.84 -3.45
C ASP A 40 -9.61 -8.60 -2.38
N HIS A 41 -8.70 -9.56 -2.25
CA HIS A 41 -7.62 -9.47 -1.26
C HIS A 41 -6.27 -9.58 -1.93
N ILE A 42 -5.20 -9.51 -1.13
CA ILE A 42 -3.84 -9.61 -1.65
C ILE A 42 -3.09 -10.77 -1.03
N PHE A 43 -2.20 -11.37 -1.82
CA PHE A 43 -1.40 -12.50 -1.36
C PHE A 43 -0.01 -12.48 -1.98
N CYS A 44 0.80 -13.49 -1.68
CA CYS A 44 2.14 -13.59 -2.22
C CYS A 44 2.20 -14.55 -3.40
N LYS A 45 1.06 -14.73 -4.06
CA LYS A 45 0.98 -15.63 -5.21
C LYS A 45 1.14 -17.09 -4.78
N PHE A 46 2.33 -17.42 -4.29
CA PHE A 46 2.62 -18.79 -3.85
C PHE A 46 1.66 -19.21 -2.73
N CYS A 47 1.21 -18.23 -1.95
CA CYS A 47 0.30 -18.50 -0.84
C CYS A 47 -0.98 -19.18 -1.34
N MET A 48 -1.39 -18.83 -2.55
CA MET A 48 -2.59 -19.40 -3.15
C MET A 48 -2.39 -20.88 -3.46
N LEU A 49 -1.19 -21.21 -3.95
CA LEU A 49 -0.86 -22.60 -4.29
C LEU A 49 -0.96 -23.49 -3.06
N LYS A 50 -0.27 -23.12 -1.99
CA LYS A 50 -0.28 -23.90 -0.76
C LYS A 50 -1.69 -23.97 -0.19
N LEU A 51 -2.39 -22.84 -0.17
CA LEU A 51 -3.74 -22.78 0.36
C LEU A 51 -4.71 -23.54 -0.55
N LEU A 52 -4.42 -23.54 -1.85
CA LEU A 52 -5.26 -24.23 -2.81
C LEU A 52 -5.08 -25.74 -2.72
N ASN A 53 -3.83 -26.18 -2.72
CA ASN A 53 -3.53 -27.60 -2.63
C ASN A 53 -4.02 -28.18 -1.31
N GLN A 54 -3.84 -27.43 -0.22
CA GLN A 54 -4.26 -27.87 1.10
C GLN A 54 -5.77 -28.10 1.13
N LYS A 55 -6.20 -29.06 1.96
CA LYS A 55 -7.62 -29.38 2.08
C LYS A 55 -8.17 -29.86 0.75
N LYS A 56 -9.23 -30.67 0.82
CA LYS A 56 -9.87 -31.20 -0.38
C LYS A 56 -10.78 -30.16 -1.02
N GLY A 57 -10.34 -29.61 -2.14
CA GLY A 57 -11.13 -28.61 -2.84
C GLY A 57 -10.43 -27.26 -2.89
N PRO A 58 -11.08 -26.24 -3.50
CA PRO A 58 -10.51 -24.90 -3.61
C PRO A 58 -9.99 -24.38 -2.26
N SER A 59 -9.40 -23.18 -2.29
CA SER A 59 -8.86 -22.56 -1.09
C SER A 59 -9.93 -21.73 -0.40
N GLN A 60 -9.72 -21.47 0.90
CA GLN A 60 -10.67 -20.67 1.67
C GLN A 60 -10.03 -19.36 2.12
N CYS A 61 -10.55 -18.25 1.60
CA CYS A 61 -10.02 -16.93 1.96
C CYS A 61 -10.06 -16.71 3.47
N PRO A 62 -8.89 -16.70 4.13
CA PRO A 62 -8.80 -16.51 5.58
C PRO A 62 -9.13 -15.08 6.01
N LEU A 63 -9.29 -14.19 5.03
CA LEU A 63 -9.61 -12.80 5.32
C LEU A 63 -11.12 -12.61 5.51
N CYS A 64 -11.91 -13.45 4.87
CA CYS A 64 -13.37 -13.35 4.96
C CYS A 64 -14.00 -14.74 4.90
N LYS A 65 -13.26 -15.76 5.28
CA LYS A 65 -13.75 -17.14 5.27
C LYS A 65 -14.39 -17.47 3.93
N ASN A 66 -13.93 -16.81 2.86
CA ASN A 66 -14.46 -17.04 1.52
C ASN A 66 -13.86 -18.31 0.92
N ASP A 67 -14.06 -18.49 -0.38
CA ASP A 67 -13.54 -19.65 -1.08
C ASP A 67 -12.92 -19.25 -2.43
N ILE A 68 -11.60 -19.30 -2.49
CA ILE A 68 -10.88 -18.94 -3.72
C ILE A 68 -10.57 -20.18 -4.56
N THR A 69 -10.35 -19.97 -5.85
CA THR A 69 -10.04 -21.06 -6.75
C THR A 69 -8.90 -20.68 -7.69
N LYS A 70 -8.07 -21.66 -8.05
CA LYS A 70 -6.94 -21.43 -8.94
C LYS A 70 -7.42 -21.10 -10.35
N ARG A 71 -7.75 -19.84 -10.58
CA ARG A 71 -8.23 -19.40 -11.88
C ARG A 71 -8.54 -17.89 -11.88
N SER A 72 -9.08 -17.41 -10.76
CA SER A 72 -9.42 -16.01 -10.63
C SER A 72 -8.31 -15.23 -9.92
N LEU A 73 -7.07 -15.60 -10.21
CA LEU A 73 -5.92 -14.94 -9.61
C LEU A 73 -5.11 -14.18 -10.65
N GLN A 74 -5.15 -12.85 -10.56
CA GLN A 74 -4.43 -12.00 -11.51
C GLN A 74 -3.39 -11.14 -10.78
N GLU A 75 -2.11 -11.41 -11.04
CA GLU A 75 -1.03 -10.66 -10.42
C GLU A 75 -1.09 -9.18 -10.82
N SER A 76 -1.61 -8.36 -9.91
CA SER A 76 -1.72 -6.93 -10.16
C SER A 76 -0.52 -6.18 -9.57
N THR A 77 0.16 -5.42 -10.41
CA THR A 77 1.32 -4.65 -9.97
C THR A 77 0.89 -3.32 -9.35
N ARG A 78 0.07 -3.39 -8.31
CA ARG A 78 -0.40 -2.20 -7.63
C ARG A 78 0.18 -2.10 -6.22
N PHE A 79 0.44 -3.26 -5.62
CA PHE A 79 1.00 -3.31 -4.27
C PHE A 79 2.46 -3.73 -4.31
N SER A 80 3.13 -3.42 -5.41
CA SER A 80 4.55 -3.78 -5.58
C SER A 80 5.44 -2.66 -5.04
N GLN A 81 5.35 -1.49 -5.65
CA GLN A 81 6.15 -0.35 -5.23
C GLN A 81 5.91 -0.01 -3.77
N LEU A 82 4.69 -0.27 -3.30
CA LEU A 82 4.32 -0.01 -1.91
C LEU A 82 5.20 -0.80 -0.96
N VAL A 83 5.22 -2.12 -1.13
CA VAL A 83 6.03 -2.98 -0.28
C VAL A 83 7.51 -2.62 -0.38
N GLU A 84 8.01 -2.54 -1.60
CA GLU A 84 9.41 -2.20 -1.84
C GLU A 84 9.72 -0.81 -1.29
N GLU A 85 8.75 0.09 -1.39
CA GLU A 85 8.92 1.45 -0.91
C GLU A 85 9.23 1.46 0.58
N LEU A 86 8.53 0.62 1.34
CA LEU A 86 8.74 0.53 2.78
C LEU A 86 10.19 0.16 3.08
N LEU A 87 10.72 -0.80 2.33
CA LEU A 87 12.09 -1.24 2.51
C LEU A 87 13.07 -0.07 2.35
N LYS A 88 12.69 0.89 1.51
CA LYS A 88 13.52 2.06 1.27
C LYS A 88 13.30 3.12 2.33
N ILE A 89 12.04 3.36 2.68
CA ILE A 89 11.71 4.35 3.69
C ILE A 89 12.27 3.96 5.05
N ILE A 90 12.24 2.67 5.35
CA ILE A 90 12.76 2.17 6.62
C ILE A 90 14.28 2.21 6.65
N CYS A 91 14.90 1.85 5.52
CA CYS A 91 16.35 1.84 5.42
C CYS A 91 16.91 3.25 5.64
N ALA A 92 16.26 4.24 5.07
CA ALA A 92 16.70 5.63 5.21
C ALA A 92 16.65 6.07 6.67
N PHE A 93 15.61 5.65 7.37
CA PHE A 93 15.45 5.99 8.78
C PHE A 93 16.64 5.51 9.61
N GLN A 94 16.97 4.23 9.47
CA GLN A 94 18.09 3.65 10.20
C GLN A 94 19.42 4.22 9.71
N LEU A 95 19.47 4.59 8.44
CA LEU A 95 20.67 5.16 7.85
C LEU A 95 21.10 6.42 8.59
N ASP A 96 20.13 7.16 9.11
CA ASP A 96 20.41 8.39 9.83
C ASP A 96 20.12 8.21 11.33
N THR A 97 18.85 8.06 11.67
CA THR A 97 18.44 7.89 13.05
C THR A 97 19.08 6.65 13.66
N GLY A 98 19.14 5.58 12.87
CA GLY A 98 19.73 4.34 13.34
C GLY A 98 18.94 3.72 14.48
N LEU A 99 17.64 3.98 14.51
CA LEU A 99 16.77 3.44 15.55
C LEU A 99 16.15 2.11 15.10
N GLU A 100 15.63 1.36 16.06
CA GLU A 100 15.00 0.07 15.77
C GLU A 100 13.74 0.26 14.92
N TYR A 101 13.24 -0.84 14.37
CA TYR A 101 12.05 -0.81 13.54
C TYR A 101 10.99 -1.77 14.06
N ALA A 102 11.28 -3.06 13.96
CA ALA A 102 10.35 -4.08 14.43
C ALA A 102 10.99 -5.47 14.36
N ASN A 103 11.02 -6.16 15.50
CA ASN A 103 11.60 -7.50 15.57
C ASN A 103 13.07 -7.47 15.18
N MET B 1 25.42 25.79 4.85
CA MET B 1 24.03 26.27 5.01
C MET B 1 23.40 26.60 3.66
N GLU B 2 23.71 25.79 2.66
CA GLU B 2 23.18 25.98 1.32
C GLU B 2 21.68 25.70 1.28
N PRO B 3 21.26 24.45 1.60
CA PRO B 3 19.86 24.06 1.61
C PRO B 3 19.08 24.68 2.76
N ASP B 4 17.78 24.40 2.82
CA ASP B 4 16.93 24.93 3.88
C ASP B 4 16.02 23.84 4.43
N GLY B 5 15.57 24.03 5.67
CA GLY B 5 14.69 23.05 6.29
C GLY B 5 15.45 22.09 7.19
N ARG B 6 16.35 22.62 8.00
CA ARG B 6 17.14 21.80 8.92
C ARG B 6 17.97 20.78 8.15
N GLY B 7 18.89 20.12 8.85
CA GLY B 7 19.73 19.12 8.22
C GLY B 7 19.32 17.70 8.59
N ALA B 8 18.05 17.38 8.35
CA ALA B 8 17.54 16.05 8.65
C ALA B 8 16.20 15.81 7.96
N TRP B 9 15.76 14.55 7.98
CA TRP B 9 14.49 14.19 7.35
C TRP B 9 14.52 14.50 5.85
N ALA B 10 15.67 14.30 5.24
CA ALA B 10 15.83 14.56 3.81
C ALA B 10 15.47 13.33 2.99
N HIS B 11 16.15 12.22 3.29
CA HIS B 11 15.90 10.96 2.57
C HIS B 11 14.45 10.51 2.74
N SER B 12 13.86 10.85 3.88
CA SER B 12 12.48 10.49 4.16
C SER B 12 11.52 11.23 3.24
N ARG B 13 11.82 12.50 2.98
CA ARG B 13 10.98 13.33 2.11
C ARG B 13 10.95 12.76 0.70
N ALA B 14 12.06 12.18 0.27
CA ALA B 14 12.16 11.61 -1.07
C ALA B 14 11.36 10.31 -1.16
N ALA B 15 11.67 9.37 -0.27
CA ALA B 15 10.98 8.08 -0.26
C ALA B 15 9.48 8.26 -0.04
N LEU B 16 9.12 9.31 0.71
CA LEU B 16 7.72 9.60 0.99
C LEU B 16 6.93 9.82 -0.30
N ASP B 17 7.39 10.77 -1.10
CA ASP B 17 6.72 11.08 -2.37
C ASP B 17 6.69 9.86 -3.28
N ARG B 18 7.73 9.04 -3.20
CA ARG B 18 7.83 7.83 -4.02
C ARG B 18 6.65 6.90 -3.76
N LEU B 19 6.28 6.77 -2.48
CA LEU B 19 5.17 5.91 -2.09
C LEU B 19 3.83 6.53 -2.52
N GLU B 20 3.78 7.86 -2.53
CA GLU B 20 2.56 8.57 -2.91
C GLU B 20 2.19 8.26 -4.37
N LYS B 21 3.19 7.96 -5.19
CA LYS B 21 2.97 7.65 -6.59
C LYS B 21 1.95 6.52 -6.75
N LEU B 22 1.92 5.61 -5.77
CA LEU B 22 1.01 4.48 -5.79
C LEU B 22 -0.39 4.91 -5.35
N LEU B 23 -0.45 5.90 -4.48
CA LEU B 23 -1.72 6.41 -3.97
C LEU B 23 -2.38 7.35 -4.97
N ARG B 24 -1.55 8.02 -5.77
CA ARG B 24 -2.05 8.96 -6.77
C ARG B 24 -3.05 8.28 -7.71
N CYS B 25 -4.27 8.81 -7.75
CA CYS B 25 -5.32 8.25 -8.60
C CYS B 25 -4.96 8.41 -10.08
N SER B 26 -5.55 7.57 -10.91
CA SER B 26 -5.30 7.61 -12.35
C SER B 26 -6.06 8.75 -13.00
N ARG B 27 -7.26 9.03 -12.48
CA ARG B 27 -8.09 10.11 -13.00
C ARG B 27 -7.96 11.36 -12.14
N CYS B 28 -8.27 11.23 -10.86
CA CYS B 28 -8.18 12.35 -9.93
C CYS B 28 -6.76 12.90 -9.85
N THR B 29 -5.79 12.09 -10.28
CA THR B 29 -4.38 12.49 -10.26
C THR B 29 -4.01 13.16 -8.93
N ASN B 30 -4.28 12.46 -7.84
CA ASN B 30 -3.97 12.98 -6.51
C ASN B 30 -4.34 11.95 -5.44
N ILE B 31 -4.23 12.36 -4.18
CA ILE B 31 -4.56 11.47 -3.06
C ILE B 31 -6.00 10.99 -3.15
N LEU B 32 -6.23 9.74 -2.76
CA LEU B 32 -7.56 9.16 -2.80
C LEU B 32 -7.98 8.65 -1.42
N ARG B 33 -9.28 8.62 -1.17
CA ARG B 33 -9.81 8.16 0.10
C ARG B 33 -10.94 7.14 -0.12
N GLU B 34 -10.78 5.96 0.47
CA GLU B 34 -11.78 4.90 0.33
C GLU B 34 -12.06 4.62 -1.15
N PRO B 35 -11.00 4.37 -1.94
CA PRO B 35 -11.14 4.08 -3.37
C PRO B 35 -11.65 2.68 -3.65
N VAL B 36 -11.77 2.34 -4.92
CA VAL B 36 -12.24 1.04 -5.33
C VAL B 36 -11.32 0.43 -6.39
N CYS B 37 -11.17 -0.89 -6.35
CA CYS B 37 -10.31 -1.58 -7.30
C CYS B 37 -10.77 -1.32 -8.74
N LEU B 38 -11.54 -2.24 -9.30
CA LEU B 38 -12.05 -2.10 -10.67
C LEU B 38 -10.94 -2.38 -11.69
N GLY B 39 -9.82 -1.68 -11.54
CA GLY B 39 -8.71 -1.87 -12.46
C GLY B 39 -7.97 -3.16 -12.21
N GLY B 40 -8.60 -4.28 -12.55
CA GLY B 40 -7.98 -5.58 -12.36
C GLY B 40 -6.60 -5.65 -12.96
N CYS B 41 -6.42 -5.00 -14.11
CA CYS B 41 -5.13 -4.97 -14.79
C CYS B 41 -4.03 -4.45 -13.88
N GLU B 42 -3.87 -3.13 -13.84
CA GLU B 42 -2.84 -2.52 -13.00
C GLU B 42 -3.20 -1.05 -12.68
N HIS B 43 -4.49 -0.72 -12.77
CA HIS B 43 -4.94 0.64 -12.50
C HIS B 43 -5.86 0.68 -11.29
N ILE B 44 -5.99 1.86 -10.69
CA ILE B 44 -6.85 2.04 -9.52
C ILE B 44 -7.44 3.45 -9.50
N PHE B 45 -8.65 3.56 -8.96
CA PHE B 45 -9.32 4.86 -8.89
C PHE B 45 -10.12 4.98 -7.59
N CYS B 46 -10.71 6.16 -7.39
CA CYS B 46 -11.50 6.43 -6.19
C CYS B 46 -12.86 5.72 -6.27
N SER B 47 -13.68 5.93 -5.26
CA SER B 47 -15.00 5.32 -5.21
C SER B 47 -15.95 5.97 -6.23
N ASN B 48 -15.82 7.28 -6.39
CA ASN B 48 -16.66 8.01 -7.33
C ASN B 48 -15.95 8.20 -8.67
N CYS B 49 -14.93 7.39 -8.92
CA CYS B 49 -14.17 7.47 -10.16
C CYS B 49 -14.68 6.45 -11.18
N VAL B 50 -14.77 5.19 -10.76
CA VAL B 50 -15.24 4.13 -11.63
C VAL B 50 -16.76 4.10 -11.69
N SER B 51 -17.41 4.56 -10.62
CA SER B 51 -18.87 4.57 -10.55
C SER B 51 -19.49 5.14 -11.82
N ASP B 52 -18.74 6.01 -12.49
CA ASP B 52 -19.22 6.64 -13.72
C ASP B 52 -19.61 5.58 -14.76
N CYS B 53 -18.99 4.41 -14.66
CA CYS B 53 -19.28 3.31 -15.59
C CYS B 53 -18.50 2.06 -15.22
N ILE B 54 -19.04 1.29 -14.26
CA ILE B 54 -18.40 0.06 -13.82
C ILE B 54 -18.61 -1.06 -14.84
N GLY B 55 -19.78 -1.05 -15.47
CA GLY B 55 -20.09 -2.07 -16.46
C GLY B 55 -19.01 -2.18 -17.53
N THR B 56 -18.28 -1.09 -17.74
CA THR B 56 -17.22 -1.07 -18.74
C THR B 56 -15.93 -1.65 -18.17
N GLY B 57 -15.26 -0.89 -17.33
CA GLY B 57 -14.02 -1.35 -16.73
C GLY B 57 -13.02 -0.23 -16.54
N CYS B 58 -11.91 -0.29 -17.27
CA CYS B 58 -10.88 0.72 -17.18
C CYS B 58 -10.85 1.59 -18.44
N PRO B 59 -10.76 2.93 -18.28
CA PRO B 59 -10.75 3.86 -19.41
C PRO B 59 -9.38 3.93 -20.09
N VAL B 60 -8.36 3.37 -19.46
CA VAL B 60 -7.01 3.39 -20.02
C VAL B 60 -6.60 2.01 -20.52
N CYS B 61 -6.42 1.08 -19.59
CA CYS B 61 -6.02 -0.28 -19.94
C CYS B 61 -7.10 -0.98 -20.76
N TYR B 62 -8.31 -0.41 -20.76
CA TYR B 62 -9.42 -1.01 -21.50
C TYR B 62 -9.81 -2.36 -20.92
N THR B 63 -9.40 -2.61 -19.67
CA THR B 63 -9.71 -3.87 -19.01
C THR B 63 -11.11 -3.83 -18.39
N PRO B 64 -11.86 -4.94 -18.49
CA PRO B 64 -13.22 -5.02 -17.94
C PRO B 64 -13.22 -5.01 -16.42
N ALA B 65 -14.24 -4.37 -15.85
CA ALA B 65 -14.36 -4.28 -14.39
C ALA B 65 -14.38 -5.67 -13.75
N TRP B 66 -13.23 -6.12 -13.28
CA TRP B 66 -13.11 -7.42 -12.64
C TRP B 66 -14.07 -7.55 -11.46
N ILE B 67 -14.46 -6.42 -10.90
CA ILE B 67 -15.37 -6.41 -9.77
C ILE B 67 -16.75 -5.89 -10.16
N GLN B 68 -17.73 -6.79 -10.18
CA GLN B 68 -19.10 -6.43 -10.55
C GLN B 68 -19.65 -5.35 -9.62
N ASP B 69 -19.20 -5.38 -8.37
CA ASP B 69 -19.64 -4.40 -7.39
C ASP B 69 -18.55 -3.36 -7.12
N LEU B 70 -18.77 -2.54 -6.10
CA LEU B 70 -17.80 -1.50 -5.74
C LEU B 70 -17.04 -1.87 -4.48
N LYS B 71 -15.96 -2.63 -4.64
CA LYS B 71 -15.15 -3.07 -3.51
C LYS B 71 -14.37 -1.90 -2.93
N ILE B 72 -13.73 -2.14 -1.79
CA ILE B 72 -12.94 -1.10 -1.12
C ILE B 72 -11.55 -1.60 -0.78
N ASN B 73 -10.55 -0.74 -0.98
CA ASN B 73 -9.17 -1.09 -0.68
C ASN B 73 -8.78 -0.64 0.73
N ARG B 74 -9.11 -1.46 1.72
CA ARG B 74 -8.81 -1.14 3.11
C ARG B 74 -7.31 -0.95 3.31
N GLN B 75 -6.52 -1.64 2.51
CA GLN B 75 -5.06 -1.55 2.60
C GLN B 75 -4.57 -0.23 2.01
N LEU B 76 -4.99 0.06 0.78
CA LEU B 76 -4.58 1.28 0.10
C LEU B 76 -5.03 2.51 0.90
N ASP B 77 -6.19 2.40 1.55
CA ASP B 77 -6.72 3.50 2.34
C ASP B 77 -5.78 3.83 3.51
N SER B 78 -5.29 2.79 4.18
CA SER B 78 -4.39 2.97 5.30
C SER B 78 -3.14 3.73 4.88
N MET B 79 -2.73 3.53 3.63
CA MET B 79 -1.55 4.20 3.09
C MET B 79 -1.80 5.69 2.94
N ILE B 80 -3.04 6.05 2.64
CA ILE B 80 -3.43 7.44 2.47
C ILE B 80 -3.18 8.23 3.76
N GLN B 81 -3.64 7.67 4.87
CA GLN B 81 -3.47 8.32 6.17
C GLN B 81 -2.04 8.17 6.66
N LEU B 82 -1.39 7.08 6.29
CA LEU B 82 -0.01 6.82 6.68
C LEU B 82 0.94 7.76 5.96
N CYS B 83 0.83 7.82 4.64
CA CYS B 83 1.68 8.68 3.83
C CYS B 83 1.53 10.15 4.24
N SER B 84 0.32 10.50 4.67
CA SER B 84 0.03 11.87 5.08
C SER B 84 0.76 12.20 6.38
N LYS B 85 0.94 11.20 7.23
CA LYS B 85 1.61 11.38 8.51
C LYS B 85 3.06 11.80 8.30
N LEU B 86 3.76 11.10 7.41
CA LEU B 86 5.16 11.40 7.12
C LEU B 86 5.31 12.84 6.61
N ARG B 87 4.40 13.26 5.75
CA ARG B 87 4.43 14.60 5.19
C ARG B 87 4.33 15.64 6.30
N ASN B 88 3.47 15.40 7.27
CA ASN B 88 3.27 16.32 8.39
C ASN B 88 4.47 16.28 9.33
N LEU B 89 4.98 15.08 9.60
CA LEU B 89 6.13 14.92 10.48
C LEU B 89 7.37 15.56 9.88
N LEU B 90 7.48 15.52 8.55
CA LEU B 90 8.63 16.10 7.86
C LEU B 90 8.50 17.62 7.78
N HIS B 91 7.28 18.11 7.66
CA HIS B 91 7.03 19.53 7.58
C HIS B 91 7.52 20.24 8.84
N ASP B 92 6.78 20.08 9.92
CA ASP B 92 7.13 20.71 11.19
C ASP B 92 7.05 19.71 12.34
N ASN B 93 7.55 20.10 13.51
CA ASN B 93 7.53 19.24 14.68
C ASN B 93 6.49 19.71 15.68
N GLU B 94 6.40 21.02 15.87
CA GLU B 94 5.44 21.60 16.80
C GLU B 94 4.02 21.47 16.27
N LEU B 95 3.37 20.36 16.61
CA LEU B 95 2.00 20.12 16.16
C LEU B 95 1.00 20.86 17.04
N SER B 96 0.11 21.63 16.41
CA SER B 96 -0.89 22.39 17.13
C SER B 96 -2.17 22.52 16.31
N ASP B 97 -2.05 23.11 15.13
CA ASP B 97 -3.20 23.30 14.24
C ASP B 97 -4.27 24.15 14.92
ZN ZN C . 2.68 -14.99 2.10
ZN ZN D . -11.69 -12.33 2.27
ZN ZN E . -9.83 9.66 -8.48
ZN ZN F . -6.34 -0.35 -16.47
N MET A 1 23.22 9.12 16.46
CA MET A 1 22.29 10.27 16.24
C MET A 1 20.86 9.78 16.02
N ASP A 2 20.03 9.93 17.04
CA ASP A 2 18.64 9.49 16.96
C ASP A 2 17.73 10.68 16.66
N LEU A 3 18.25 11.65 15.91
CA LEU A 3 17.48 12.84 15.56
C LEU A 3 16.99 13.56 16.80
N SER A 4 17.77 13.48 17.88
CA SER A 4 17.41 14.12 19.13
C SER A 4 16.09 13.57 19.68
N ALA A 5 15.67 12.42 19.19
CA ALA A 5 14.43 11.79 19.64
C ALA A 5 13.24 12.74 19.48
N LEU A 6 13.39 13.71 18.58
CA LEU A 6 12.32 14.68 18.34
C LEU A 6 11.28 14.12 17.38
N ARG A 7 10.11 13.76 17.92
CA ARG A 7 9.03 13.20 17.11
C ARG A 7 9.53 12.08 16.20
N VAL A 8 10.57 11.38 16.64
CA VAL A 8 11.15 10.29 15.87
C VAL A 8 10.37 9.00 16.07
N GLU A 9 9.78 8.85 17.27
CA GLU A 9 9.00 7.66 17.59
C GLU A 9 7.66 7.67 16.85
N GLU A 10 7.13 8.87 16.62
CA GLU A 10 5.86 9.02 15.93
C GLU A 10 5.96 8.52 14.49
N VAL A 11 7.06 8.86 13.82
CA VAL A 11 7.27 8.44 12.45
C VAL A 11 7.30 6.92 12.33
N GLN A 12 7.90 6.27 13.33
CA GLN A 12 8.00 4.81 13.33
C GLN A 12 6.61 4.18 13.31
N ASN A 13 5.68 4.77 14.06
CA ASN A 13 4.32 4.26 14.13
C ASN A 13 3.66 4.27 12.75
N VAL A 14 3.91 5.34 11.99
CA VAL A 14 3.34 5.48 10.66
C VAL A 14 3.98 4.49 9.69
N ILE A 15 5.30 4.34 9.79
CA ILE A 15 6.04 3.43 8.92
C ILE A 15 5.67 1.99 9.22
N ASN A 16 5.37 1.71 10.48
CA ASN A 16 5.00 0.35 10.89
C ASN A 16 3.62 -0.03 10.34
N ALA A 17 2.63 0.82 10.59
CA ALA A 17 1.27 0.57 10.12
C ALA A 17 1.24 0.44 8.60
N MET A 18 2.02 1.28 7.93
CA MET A 18 2.08 1.26 6.47
C MET A 18 2.51 -0.12 5.96
N GLN A 19 3.51 -0.70 6.63
CA GLN A 19 4.01 -2.02 6.24
C GLN A 19 2.92 -3.08 6.40
N LYS A 20 2.11 -2.93 7.45
CA LYS A 20 1.04 -3.87 7.72
C LYS A 20 0.06 -3.91 6.55
N ILE A 21 -0.24 -2.75 5.99
CA ILE A 21 -1.16 -2.66 4.87
C ILE A 21 -0.61 -3.39 3.65
N LEU A 22 0.71 -3.44 3.54
CA LEU A 22 1.37 -4.12 2.43
C LEU A 22 2.07 -5.38 2.92
N GLU A 23 1.52 -5.99 3.96
CA GLU A 23 2.09 -7.21 4.53
C GLU A 23 1.45 -8.46 3.90
N CYS A 24 1.67 -9.60 4.52
CA CYS A 24 1.13 -10.86 4.04
C CYS A 24 0.05 -11.40 4.98
N PRO A 25 -1.05 -11.93 4.42
CA PRO A 25 -2.16 -12.46 5.22
C PRO A 25 -2.07 -13.95 5.50
N ILE A 26 -0.91 -14.56 5.25
CA ILE A 26 -0.76 -15.99 5.49
C ILE A 26 0.62 -16.35 6.07
N CYS A 27 1.69 -15.92 5.39
CA CYS A 27 3.04 -16.22 5.85
C CYS A 27 3.71 -14.99 6.47
N LEU A 28 3.00 -13.86 6.46
CA LEU A 28 3.54 -12.63 7.04
C LEU A 28 4.86 -12.23 6.38
N GLU A 29 5.00 -12.53 5.09
CA GLU A 29 6.21 -12.18 4.36
C GLU A 29 5.94 -11.07 3.36
N LEU A 30 6.73 -10.00 3.44
CA LEU A 30 6.59 -8.86 2.54
C LEU A 30 6.29 -9.31 1.11
N ILE A 31 5.00 -9.28 0.76
CA ILE A 31 4.56 -9.71 -0.57
C ILE A 31 5.39 -9.07 -1.67
N LYS A 32 5.73 -9.87 -2.68
CA LYS A 32 6.53 -9.40 -3.80
C LYS A 32 5.68 -9.31 -5.06
N GLU A 33 4.78 -10.28 -5.23
CA GLU A 33 3.89 -10.30 -6.39
C GLU A 33 2.45 -10.10 -5.96
N PRO A 34 2.05 -8.83 -5.74
CA PRO A 34 0.67 -8.50 -5.32
C PRO A 34 -0.39 -9.20 -6.16
N VAL A 35 -0.96 -10.26 -5.62
CA VAL A 35 -1.99 -11.01 -6.32
C VAL A 35 -3.37 -10.72 -5.74
N SER A 36 -4.26 -10.21 -6.56
CA SER A 36 -5.61 -9.88 -6.13
C SER A 36 -6.55 -11.07 -6.27
N THR A 37 -6.94 -11.66 -5.14
CA THR A 37 -7.84 -12.81 -5.15
C THR A 37 -9.29 -12.36 -5.35
N LYS A 38 -10.14 -13.30 -5.73
CA LYS A 38 -11.56 -13.03 -5.97
C LYS A 38 -12.17 -12.19 -4.85
N CYS A 39 -11.63 -12.33 -3.65
CA CYS A 39 -12.13 -11.58 -2.50
C CYS A 39 -11.40 -10.25 -2.32
N ASP A 40 -10.78 -9.77 -3.39
CA ASP A 40 -10.05 -8.51 -3.36
C ASP A 40 -8.98 -8.51 -2.29
N HIS A 41 -8.10 -9.52 -2.33
CA HIS A 41 -7.02 -9.63 -1.35
C HIS A 41 -5.67 -9.76 -2.04
N ILE A 42 -4.65 -9.12 -1.47
CA ILE A 42 -3.31 -9.17 -2.03
C ILE A 42 -2.50 -10.32 -1.44
N PHE A 43 -1.89 -11.11 -2.32
CA PHE A 43 -1.08 -12.25 -1.89
C PHE A 43 0.30 -12.20 -2.54
N CYS A 44 1.11 -13.23 -2.29
CA CYS A 44 2.45 -13.31 -2.85
C CYS A 44 2.51 -14.31 -4.01
N LYS A 45 1.34 -14.55 -4.62
CA LYS A 45 1.26 -15.50 -5.74
C LYS A 45 1.48 -16.93 -5.27
N PHE A 46 2.69 -17.21 -4.79
CA PHE A 46 3.03 -18.55 -4.32
C PHE A 46 2.11 -18.98 -3.19
N CYS A 47 1.61 -18.01 -2.43
CA CYS A 47 0.71 -18.30 -1.31
C CYS A 47 -0.51 -19.09 -1.78
N MET A 48 -1.03 -18.73 -2.94
CA MET A 48 -2.20 -19.40 -3.50
C MET A 48 -1.85 -20.85 -3.88
N LEU A 49 -0.62 -21.05 -4.32
CA LEU A 49 -0.17 -22.38 -4.72
C LEU A 49 -0.18 -23.33 -3.52
N LYS A 50 0.48 -22.92 -2.45
CA LYS A 50 0.56 -23.74 -1.24
C LYS A 50 -0.82 -23.85 -0.59
N LEU A 51 -1.58 -22.76 -0.63
CA LEU A 51 -2.92 -22.73 -0.05
C LEU A 51 -3.82 -23.76 -0.72
N LEU A 52 -3.65 -23.91 -2.03
CA LEU A 52 -4.46 -24.87 -2.79
C LEU A 52 -3.91 -26.28 -2.62
N ASN A 53 -2.60 -26.39 -2.43
CA ASN A 53 -1.96 -27.68 -2.26
C ASN A 53 -2.51 -28.41 -1.04
N GLN A 54 -2.48 -27.73 0.10
CA GLN A 54 -2.98 -28.30 1.35
C GLN A 54 -4.51 -28.30 1.37
N LYS A 55 -5.10 -29.05 0.45
CA LYS A 55 -6.56 -29.13 0.36
C LYS A 55 -6.98 -30.05 -0.79
N LYS A 56 -6.22 -30.03 -1.87
CA LYS A 56 -6.52 -30.85 -3.04
C LYS A 56 -7.81 -30.41 -3.71
N GLY A 57 -8.23 -29.17 -3.43
CA GLY A 57 -9.45 -28.66 -4.02
C GLY A 57 -9.48 -27.14 -4.02
N PRO A 58 -10.66 -26.53 -4.22
CA PRO A 58 -10.81 -25.07 -4.25
C PRO A 58 -10.20 -24.41 -3.01
N SER A 59 -9.38 -23.39 -3.23
CA SER A 59 -8.74 -22.67 -2.14
C SER A 59 -9.78 -22.10 -1.17
N GLN A 60 -9.31 -21.60 -0.03
CA GLN A 60 -10.19 -21.03 0.97
C GLN A 60 -9.63 -19.73 1.52
N CYS A 61 -10.18 -18.60 1.07
CA CYS A 61 -9.74 -17.29 1.50
C CYS A 61 -9.60 -17.22 3.02
N PRO A 62 -8.36 -17.16 3.54
CA PRO A 62 -8.11 -17.09 4.98
C PRO A 62 -8.39 -15.69 5.55
N LEU A 63 -8.74 -14.75 4.67
CA LEU A 63 -9.02 -13.38 5.09
C LEU A 63 -10.47 -13.26 5.58
N CYS A 64 -11.37 -14.00 4.95
CA CYS A 64 -12.79 -13.97 5.32
C CYS A 64 -13.24 -15.32 5.85
N LYS A 65 -13.04 -16.36 5.04
CA LYS A 65 -13.44 -17.71 5.42
C LYS A 65 -13.27 -18.69 4.26
N ASN A 66 -13.53 -18.21 3.05
CA ASN A 66 -13.40 -19.04 1.84
C ASN A 66 -14.06 -18.36 0.65
N ASP A 67 -13.39 -18.42 -0.50
CA ASP A 67 -13.92 -17.81 -1.72
C ASP A 67 -12.85 -17.79 -2.82
N ILE A 68 -12.10 -18.88 -2.93
CA ILE A 68 -11.05 -18.99 -3.94
C ILE A 68 -10.95 -20.40 -4.49
N THR A 69 -10.47 -20.52 -5.72
CA THR A 69 -10.31 -21.83 -6.36
C THR A 69 -8.89 -22.02 -6.89
N LYS A 70 -8.66 -23.16 -7.52
CA LYS A 70 -7.34 -23.47 -8.08
C LYS A 70 -6.94 -22.43 -9.12
N ARG A 71 -7.93 -21.90 -9.83
CA ARG A 71 -7.66 -20.90 -10.86
C ARG A 71 -8.67 -19.76 -10.77
N SER A 72 -8.31 -18.72 -10.02
CA SER A 72 -9.18 -17.56 -9.84
C SER A 72 -8.40 -16.38 -9.29
N LEU A 73 -7.12 -16.30 -9.63
CA LEU A 73 -6.26 -15.22 -9.17
C LEU A 73 -6.26 -14.05 -10.16
N GLN A 74 -5.65 -12.95 -9.77
CA GLN A 74 -5.58 -11.77 -10.62
C GLN A 74 -4.18 -11.18 -10.62
N GLU A 75 -3.32 -11.70 -11.49
CA GLU A 75 -1.94 -11.22 -11.59
C GLU A 75 -1.90 -9.74 -11.93
N SER A 76 -1.63 -8.91 -10.93
CA SER A 76 -1.56 -7.47 -11.13
C SER A 76 -0.32 -6.88 -10.45
N THR A 77 -0.19 -5.57 -10.49
CA THR A 77 0.95 -4.89 -9.89
C THR A 77 0.57 -3.47 -9.46
N ARG A 78 -0.08 -3.37 -8.30
CA ARG A 78 -0.50 -2.08 -7.77
C ARG A 78 0.18 -1.79 -6.44
N PHE A 79 0.23 -2.80 -5.58
CA PHE A 79 0.85 -2.66 -4.26
C PHE A 79 2.36 -2.91 -4.32
N SER A 80 2.82 -3.44 -5.45
CA SER A 80 4.24 -3.74 -5.64
C SER A 80 5.09 -2.50 -5.38
N GLN A 81 4.74 -1.40 -6.04
CA GLN A 81 5.47 -0.14 -5.89
C GLN A 81 5.32 0.39 -4.46
N LEU A 82 4.17 0.11 -3.85
CA LEU A 82 3.92 0.58 -2.49
C LEU A 82 4.72 -0.23 -1.48
N VAL A 83 4.93 -1.51 -1.78
CA VAL A 83 5.69 -2.39 -0.91
C VAL A 83 7.19 -2.13 -1.02
N GLU A 84 7.64 -1.87 -2.24
CA GLU A 84 9.06 -1.59 -2.49
C GLU A 84 9.42 -0.19 -1.99
N GLU A 85 8.61 0.79 -2.35
CA GLU A 85 8.85 2.17 -1.93
C GLU A 85 8.90 2.28 -0.42
N LEU A 86 8.01 1.56 0.26
CA LEU A 86 7.95 1.58 1.71
C LEU A 86 9.27 1.13 2.31
N LEU A 87 9.83 0.04 1.77
CA LEU A 87 11.10 -0.49 2.24
C LEU A 87 12.19 0.58 2.18
N LYS A 88 12.09 1.47 1.19
CA LYS A 88 13.06 2.53 1.03
C LYS A 88 12.89 3.59 2.11
N ILE A 89 11.64 3.81 2.53
CA ILE A 89 11.34 4.79 3.56
C ILE A 89 11.91 4.36 4.91
N ILE A 90 11.86 3.05 5.17
CA ILE A 90 12.37 2.50 6.42
C ILE A 90 13.89 2.57 6.47
N CYS A 91 14.53 2.22 5.35
CA CYS A 91 15.98 2.24 5.27
C CYS A 91 16.53 3.64 5.52
N ALA A 92 15.89 4.63 4.90
CA ALA A 92 16.31 6.02 5.06
C ALA A 92 16.23 6.45 6.52
N PHE A 93 15.24 5.93 7.23
CA PHE A 93 15.04 6.26 8.64
C PHE A 93 16.27 5.87 9.46
N GLN A 94 16.68 4.62 9.35
CA GLN A 94 17.84 4.12 10.08
C GLN A 94 19.10 4.88 9.68
N LEU A 95 19.13 5.35 8.44
CA LEU A 95 20.29 6.07 7.92
C LEU A 95 20.55 7.33 8.75
N ASP A 96 19.47 8.06 9.06
CA ASP A 96 19.58 9.29 9.84
C ASP A 96 19.31 9.02 11.31
N THR A 97 18.07 8.68 11.63
CA THR A 97 17.67 8.40 13.00
C THR A 97 18.43 7.20 13.55
N GLY A 98 18.33 6.06 12.85
CA GLY A 98 19.01 4.87 13.28
C GLY A 98 18.21 4.07 14.27
N LEU A 99 16.89 4.20 14.22
CA LEU A 99 16.01 3.48 15.13
C LEU A 99 15.65 2.10 14.58
N GLU A 100 15.17 1.23 15.45
CA GLU A 100 14.80 -0.13 15.06
C GLU A 100 13.47 -0.13 14.31
N TYR A 101 13.22 -1.21 13.56
CA TYR A 101 11.99 -1.32 12.79
C TYR A 101 11.35 -2.69 13.03
N ALA A 102 10.08 -2.81 12.65
CA ALA A 102 9.34 -4.06 12.81
C ALA A 102 9.26 -4.83 11.49
N ASN A 103 9.23 -6.15 11.59
CA ASN A 103 9.15 -6.99 10.41
C ASN A 103 7.76 -7.60 10.26
N MET B 1 31.78 28.39 9.49
CA MET B 1 31.09 29.61 8.99
C MET B 1 29.79 29.25 8.29
N GLU B 2 29.08 28.26 8.83
CA GLU B 2 27.82 27.83 8.26
C GLU B 2 28.01 27.33 6.82
N PRO B 3 28.34 26.04 6.65
CA PRO B 3 28.55 25.45 5.32
C PRO B 3 27.25 25.32 4.53
N ASP B 4 26.14 25.18 5.25
CA ASP B 4 24.83 25.04 4.62
C ASP B 4 23.72 25.26 5.62
N GLY B 5 23.79 24.55 6.75
CA GLY B 5 22.78 24.68 7.78
C GLY B 5 22.35 23.35 8.35
N ARG B 6 22.46 22.30 7.55
CA ARG B 6 22.08 20.96 7.99
C ARG B 6 20.61 20.90 8.38
N GLY B 7 20.04 19.70 8.36
CA GLY B 7 18.65 19.54 8.72
C GLY B 7 18.20 18.10 8.65
N ALA B 8 17.13 17.77 9.38
CA ALA B 8 16.60 16.42 9.40
C ALA B 8 15.32 16.32 8.57
N TRP B 9 14.75 15.12 8.53
CA TRP B 9 13.52 14.89 7.78
C TRP B 9 13.72 15.20 6.30
N ALA B 10 14.94 14.98 5.81
CA ALA B 10 15.26 15.24 4.42
C ALA B 10 14.85 14.07 3.53
N HIS B 11 15.48 12.92 3.74
CA HIS B 11 15.17 11.72 2.97
C HIS B 11 13.71 11.31 3.15
N SER B 12 13.17 11.59 4.34
CA SER B 12 11.79 11.23 4.64
C SER B 12 10.83 12.00 3.73
N ARG B 13 11.22 13.20 3.34
CA ARG B 13 10.39 14.02 2.47
C ARG B 13 10.38 13.47 1.05
N ALA B 14 11.54 13.05 0.57
CA ALA B 14 11.67 12.50 -0.77
C ALA B 14 10.98 11.14 -0.88
N ALA B 15 11.09 10.36 0.19
CA ALA B 15 10.48 9.03 0.23
C ALA B 15 8.96 9.11 0.39
N LEU B 16 8.52 10.08 1.20
CA LEU B 16 7.09 10.26 1.45
C LEU B 16 6.35 10.58 0.14
N ASP B 17 6.84 11.58 -0.58
CA ASP B 17 6.23 11.99 -1.84
C ASP B 17 6.25 10.84 -2.84
N ARG B 18 7.28 10.02 -2.76
CA ARG B 18 7.42 8.87 -3.67
C ARG B 18 6.25 7.91 -3.52
N LEU B 19 5.73 7.81 -2.30
CA LEU B 19 4.61 6.93 -2.03
C LEU B 19 3.30 7.51 -2.58
N GLU B 20 3.19 8.83 -2.54
CA GLU B 20 2.01 9.52 -3.03
C GLU B 20 1.77 9.20 -4.51
N LYS B 21 2.86 9.08 -5.26
CA LYS B 21 2.77 8.77 -6.69
C LYS B 21 2.04 7.46 -6.92
N LEU B 22 2.08 6.57 -5.93
CA LEU B 22 1.42 5.27 -6.03
C LEU B 22 -0.05 5.37 -5.62
N LEU B 23 -0.36 6.39 -4.82
CA LEU B 23 -1.73 6.59 -4.35
C LEU B 23 -2.47 7.60 -5.22
N ARG B 24 -1.71 8.49 -5.88
CA ARG B 24 -2.30 9.51 -6.74
C ARG B 24 -3.21 8.88 -7.79
N CYS B 25 -4.49 9.27 -7.78
CA CYS B 25 -5.45 8.75 -8.73
C CYS B 25 -5.02 9.00 -10.17
N SER B 26 -5.51 8.18 -11.09
CA SER B 26 -5.17 8.32 -12.50
C SER B 26 -6.03 9.38 -13.16
N ARG B 27 -7.25 9.53 -12.69
CA ARG B 27 -8.17 10.52 -13.25
C ARG B 27 -8.23 11.77 -12.37
N CYS B 28 -8.65 11.59 -11.12
CA CYS B 28 -8.74 12.69 -10.17
C CYS B 28 -7.38 13.33 -9.94
N THR B 29 -6.31 12.61 -10.26
CA THR B 29 -4.94 13.09 -10.08
C THR B 29 -4.76 13.76 -8.72
N ASN B 30 -5.15 13.06 -7.67
CA ASN B 30 -5.03 13.58 -6.31
C ASN B 30 -4.97 12.44 -5.30
N ILE B 31 -4.95 12.79 -4.02
CA ILE B 31 -4.88 11.80 -2.95
C ILE B 31 -6.15 10.94 -2.93
N LEU B 32 -5.97 9.63 -3.03
CA LEU B 32 -7.09 8.70 -3.02
C LEU B 32 -7.90 8.84 -1.74
N ARG B 33 -9.19 8.52 -1.82
CA ARG B 33 -10.08 8.60 -0.67
C ARG B 33 -11.26 7.64 -0.84
N GLU B 34 -11.18 6.50 -0.17
CA GLU B 34 -12.24 5.50 -0.25
C GLU B 34 -12.49 5.11 -1.71
N PRO B 35 -11.43 4.73 -2.44
CA PRO B 35 -11.56 4.34 -3.85
C PRO B 35 -12.18 2.97 -4.03
N VAL B 36 -12.20 2.49 -5.27
CA VAL B 36 -12.77 1.19 -5.59
C VAL B 36 -11.89 0.43 -6.58
N CYS B 37 -11.85 -0.89 -6.44
CA CYS B 37 -11.05 -1.72 -7.32
C CYS B 37 -11.82 -2.06 -8.60
N LEU B 38 -11.34 -1.56 -9.73
CA LEU B 38 -11.98 -1.81 -11.02
C LEU B 38 -12.09 -3.30 -11.29
N GLY B 39 -10.97 -3.99 -11.24
CA GLY B 39 -10.96 -5.43 -11.49
C GLY B 39 -9.62 -6.06 -11.19
N GLY B 40 -8.92 -6.46 -12.26
CA GLY B 40 -7.61 -7.08 -12.09
C GLY B 40 -6.64 -6.70 -13.19
N CYS B 41 -6.75 -5.46 -13.66
CA CYS B 41 -5.88 -4.96 -14.71
C CYS B 41 -5.03 -3.80 -14.22
N GLU B 42 -4.71 -3.81 -12.92
CA GLU B 42 -3.90 -2.76 -12.32
C GLU B 42 -4.63 -1.42 -12.34
N HIS B 43 -5.93 -1.44 -12.61
CA HIS B 43 -6.73 -0.22 -12.65
C HIS B 43 -7.28 0.12 -11.28
N ILE B 44 -6.97 1.32 -10.79
CA ILE B 44 -7.44 1.76 -9.48
C ILE B 44 -7.83 3.23 -9.51
N PHE B 45 -9.04 3.53 -9.03
CA PHE B 45 -9.53 4.89 -8.99
C PHE B 45 -10.46 5.11 -7.80
N CYS B 46 -10.87 6.36 -7.59
CA CYS B 46 -11.75 6.69 -6.48
C CYS B 46 -13.06 5.92 -6.59
N SER B 47 -13.99 6.20 -5.68
CA SER B 47 -15.29 5.54 -5.67
C SER B 47 -16.33 6.35 -6.43
N ASN B 48 -15.87 7.17 -7.37
CA ASN B 48 -16.78 8.01 -8.16
C ASN B 48 -16.22 8.23 -9.57
N CYS B 49 -15.31 7.36 -9.98
CA CYS B 49 -14.71 7.47 -11.31
C CYS B 49 -15.06 6.27 -12.17
N VAL B 50 -14.59 5.10 -11.76
CA VAL B 50 -14.85 3.86 -12.50
C VAL B 50 -16.34 3.55 -12.57
N SER B 51 -17.09 4.09 -11.61
CA SER B 51 -18.54 3.87 -11.56
C SER B 51 -19.20 4.05 -12.93
N ASP B 52 -18.57 4.84 -13.80
CA ASP B 52 -19.10 5.08 -15.13
C ASP B 52 -18.61 4.02 -16.12
N CYS B 53 -18.22 2.86 -15.61
CA CYS B 53 -17.73 1.77 -16.44
C CYS B 53 -17.39 0.55 -15.58
N ILE B 54 -18.21 0.31 -14.56
CA ILE B 54 -18.01 -0.80 -13.65
C ILE B 54 -19.21 -1.75 -13.66
N GLY B 55 -18.98 -2.99 -13.27
CA GLY B 55 -20.05 -3.97 -13.25
C GLY B 55 -20.26 -4.62 -14.60
N THR B 56 -19.19 -4.65 -15.41
CA THR B 56 -19.25 -5.25 -16.74
C THR B 56 -17.85 -5.54 -17.26
N GLY B 57 -16.94 -4.59 -17.09
CA GLY B 57 -15.58 -4.77 -17.55
C GLY B 57 -14.97 -3.47 -18.04
N CYS B 58 -13.70 -3.25 -17.67
CA CYS B 58 -13.00 -2.04 -18.08
C CYS B 58 -12.64 -2.08 -19.58
N PRO B 59 -13.24 -1.19 -20.38
CA PRO B 59 -12.98 -1.14 -21.82
C PRO B 59 -11.65 -0.46 -22.16
N VAL B 60 -10.95 0.00 -21.12
CA VAL B 60 -9.67 0.67 -21.32
C VAL B 60 -8.50 -0.28 -21.08
N CYS B 61 -8.73 -1.27 -20.23
CA CYS B 61 -7.69 -2.25 -19.92
C CYS B 61 -7.99 -3.60 -20.57
N TYR B 62 -9.25 -3.81 -20.97
CA TYR B 62 -9.65 -5.05 -21.62
C TYR B 62 -9.57 -6.22 -20.64
N THR B 63 -10.15 -6.05 -19.46
CA THR B 63 -10.14 -7.09 -18.45
C THR B 63 -11.49 -7.16 -17.73
N PRO B 64 -11.97 -8.38 -17.43
CA PRO B 64 -13.25 -8.56 -16.74
C PRO B 64 -13.32 -7.80 -15.43
N ALA B 65 -14.54 -7.62 -14.92
CA ALA B 65 -14.75 -6.90 -13.67
C ALA B 65 -15.41 -7.80 -12.63
N TRP B 66 -14.58 -8.57 -11.92
CA TRP B 66 -15.08 -9.48 -10.89
C TRP B 66 -15.86 -8.72 -9.82
N ILE B 67 -15.55 -7.44 -9.66
CA ILE B 67 -16.22 -6.61 -8.67
C ILE B 67 -17.58 -6.14 -9.18
N GLN B 68 -18.59 -6.98 -9.00
CA GLN B 68 -19.94 -6.64 -9.44
C GLN B 68 -20.44 -5.37 -8.77
N ASP B 69 -19.98 -5.15 -7.55
CA ASP B 69 -20.38 -3.96 -6.79
C ASP B 69 -19.18 -3.06 -6.52
N LEU B 70 -19.45 -1.77 -6.29
CA LEU B 70 -18.39 -0.81 -6.02
C LEU B 70 -17.71 -1.11 -4.68
N LYS B 71 -16.88 -2.14 -4.67
CA LYS B 71 -16.16 -2.53 -3.46
C LYS B 71 -15.26 -1.40 -2.98
N ILE B 72 -14.63 -1.60 -1.82
CA ILE B 72 -13.74 -0.60 -1.25
C ILE B 72 -12.41 -1.22 -0.84
N ASN B 73 -11.32 -0.49 -1.11
CA ASN B 73 -9.98 -0.96 -0.76
C ASN B 73 -9.55 -0.43 0.60
N ARG B 74 -9.78 -1.23 1.64
CA ARG B 74 -9.40 -0.83 3.00
C ARG B 74 -7.91 -0.55 3.10
N GLN B 75 -7.12 -1.25 2.29
CA GLN B 75 -5.68 -1.06 2.29
C GLN B 75 -5.29 0.26 1.66
N LEU B 76 -5.88 0.55 0.49
CA LEU B 76 -5.60 1.79 -0.21
C LEU B 76 -5.99 3.00 0.64
N ASP B 77 -7.19 2.94 1.21
CA ASP B 77 -7.68 4.02 2.05
C ASP B 77 -6.77 4.22 3.26
N SER B 78 -6.41 3.13 3.90
CA SER B 78 -5.54 3.18 5.08
C SER B 78 -4.20 3.81 4.71
N MET B 79 -3.74 3.55 3.49
CA MET B 79 -2.47 4.10 3.01
C MET B 79 -2.53 5.61 2.97
N ILE B 80 -3.71 6.16 2.70
CA ILE B 80 -3.89 7.60 2.63
C ILE B 80 -3.67 8.25 3.99
N GLN B 81 -4.34 7.72 5.01
CA GLN B 81 -4.23 8.23 6.36
C GLN B 81 -2.80 8.05 6.89
N LEU B 82 -2.14 6.98 6.43
CA LEU B 82 -0.78 6.68 6.86
C LEU B 82 0.19 7.77 6.37
N CYS B 83 0.14 8.04 5.08
CA CYS B 83 1.01 9.06 4.49
C CYS B 83 0.74 10.43 5.09
N SER B 84 -0.49 10.66 5.50
CA SER B 84 -0.88 11.93 6.10
C SER B 84 -0.05 12.23 7.35
N LYS B 85 0.08 11.23 8.22
CA LYS B 85 0.85 11.38 9.45
C LYS B 85 2.30 11.72 9.14
N LEU B 86 2.91 10.96 8.24
CA LEU B 86 4.31 11.18 7.86
C LEU B 86 4.49 12.59 7.32
N ARG B 87 3.49 13.09 6.60
CA ARG B 87 3.55 14.43 6.02
C ARG B 87 3.56 15.49 7.12
N ASN B 88 2.67 15.33 8.09
CA ASN B 88 2.58 16.28 9.20
C ASN B 88 3.80 16.16 10.11
N LEU B 89 4.25 14.93 10.34
CA LEU B 89 5.39 14.68 11.20
C LEU B 89 6.64 15.37 10.66
N LEU B 90 6.84 15.28 9.35
CA LEU B 90 7.99 15.89 8.71
C LEU B 90 7.98 17.41 8.89
N HIS B 91 6.78 17.99 8.83
CA HIS B 91 6.62 19.44 9.00
C HIS B 91 7.13 19.88 10.37
N ASP B 92 6.37 19.55 11.41
CA ASP B 92 6.74 19.93 12.77
C ASP B 92 6.85 21.44 12.91
N ASN B 93 5.97 22.15 12.22
CA ASN B 93 5.95 23.60 12.27
C ASN B 93 7.28 24.19 11.79
N GLU B 94 7.39 25.51 11.82
CA GLU B 94 8.61 26.18 11.39
C GLU B 94 8.85 27.45 12.20
N LEU B 95 8.51 27.39 13.49
CA LEU B 95 8.68 28.54 14.38
C LEU B 95 8.41 28.14 15.83
N SER B 96 9.22 28.67 16.75
CA SER B 96 9.07 28.38 18.16
C SER B 96 9.33 29.61 19.00
N ASP B 97 8.34 30.49 19.10
CA ASP B 97 8.48 31.72 19.88
C ASP B 97 9.61 32.58 19.34
ZN ZN C . 3.06 -14.78 1.43
ZN ZN D . -11.88 -12.93 0.92
ZN ZN E . -10.45 9.23 -9.02
ZN ZN F . -8.92 -1.57 -16.63
N MET A 1 25.58 9.95 15.77
CA MET A 1 24.38 10.76 15.41
C MET A 1 23.10 10.04 15.79
N ASP A 2 22.01 10.79 15.89
CA ASP A 2 20.71 10.22 16.25
C ASP A 2 19.58 11.13 15.78
N LEU A 3 19.79 11.83 14.68
CA LEU A 3 18.79 12.72 14.12
C LEU A 3 18.36 13.77 15.16
N SER A 4 19.27 14.09 16.08
CA SER A 4 18.99 15.06 17.12
C SER A 4 17.85 14.60 18.03
N ALA A 5 17.52 13.31 17.96
CA ALA A 5 16.45 12.74 18.78
C ALA A 5 15.15 13.50 18.60
N LEU A 6 15.01 14.23 17.49
CA LEU A 6 13.80 14.99 17.23
C LEU A 6 12.67 14.05 16.82
N ARG A 7 11.80 13.74 17.79
CA ARG A 7 10.68 12.84 17.53
C ARG A 7 11.18 11.45 17.19
N VAL A 8 11.51 11.24 15.91
CA VAL A 8 12.02 9.96 15.44
C VAL A 8 11.00 8.84 15.65
N GLU A 9 10.84 8.42 16.91
CA GLU A 9 9.90 7.35 17.24
C GLU A 9 8.55 7.56 16.56
N GLU A 10 8.20 8.82 16.33
CA GLU A 10 6.94 9.17 15.69
C GLU A 10 6.92 8.67 14.25
N VAL A 11 7.88 9.11 13.46
CA VAL A 11 7.97 8.71 12.06
C VAL A 11 8.10 7.20 11.93
N GLN A 12 8.91 6.61 12.82
CA GLN A 12 9.11 5.16 12.81
C GLN A 12 7.79 4.42 12.89
N ASN A 13 6.90 4.88 13.76
CA ASN A 13 5.60 4.27 13.94
C ASN A 13 4.81 4.29 12.63
N VAL A 14 4.97 5.37 11.88
CA VAL A 14 4.28 5.52 10.60
C VAL A 14 4.77 4.50 9.58
N ILE A 15 6.03 4.08 9.72
CA ILE A 15 6.61 3.10 8.81
C ILE A 15 6.03 1.71 9.07
N ASN A 16 5.67 1.44 10.32
CA ASN A 16 5.11 0.14 10.69
C ASN A 16 3.66 0.03 10.21
N ALA A 17 2.85 1.03 10.51
CA ALA A 17 1.45 1.04 10.11
C ALA A 17 1.32 0.94 8.59
N MET A 18 2.16 1.69 7.88
CA MET A 18 2.14 1.70 6.42
C MET A 18 2.51 0.33 5.87
N GLN A 19 3.54 -0.28 6.45
CA GLN A 19 4.01 -1.60 6.01
C GLN A 19 2.93 -2.65 6.25
N LYS A 20 2.25 -2.57 7.39
CA LYS A 20 1.20 -3.53 7.73
C LYS A 20 0.13 -3.57 6.64
N ILE A 21 -0.04 -2.46 5.94
CA ILE A 21 -1.02 -2.37 4.87
C ILE A 21 -0.64 -3.25 3.69
N LEU A 22 0.66 -3.46 3.51
CA LEU A 22 1.15 -4.30 2.42
C LEU A 22 1.87 -5.53 2.95
N GLU A 23 1.45 -5.99 4.13
CA GLU A 23 2.05 -7.17 4.74
C GLU A 23 1.39 -8.44 4.21
N CYS A 24 1.67 -9.56 4.86
CA CYS A 24 1.13 -10.85 4.45
C CYS A 24 0.20 -11.41 5.53
N PRO A 25 -0.99 -11.91 5.15
CA PRO A 25 -1.96 -12.45 6.08
C PRO A 25 -1.86 -13.96 6.30
N ILE A 26 -0.78 -14.58 5.80
CA ILE A 26 -0.62 -16.03 5.97
C ILE A 26 0.78 -16.39 6.46
N CYS A 27 1.81 -15.70 5.96
CA CYS A 27 3.18 -15.99 6.37
C CYS A 27 3.91 -14.71 6.81
N LEU A 28 3.18 -13.60 6.86
CA LEU A 28 3.76 -12.33 7.29
C LEU A 28 5.01 -11.98 6.48
N GLU A 29 5.05 -12.42 5.22
CA GLU A 29 6.19 -12.15 4.36
C GLU A 29 5.87 -11.01 3.39
N LEU A 30 6.67 -9.94 3.46
CA LEU A 30 6.49 -8.78 2.59
C LEU A 30 6.07 -9.20 1.18
N ILE A 31 4.79 -9.07 0.88
CA ILE A 31 4.25 -9.45 -0.41
C ILE A 31 4.99 -8.77 -1.56
N LYS A 32 5.78 -9.54 -2.29
CA LYS A 32 6.55 -9.02 -3.41
C LYS A 32 5.69 -9.01 -4.68
N GLU A 33 4.86 -10.03 -4.83
CA GLU A 33 3.98 -10.13 -5.99
C GLU A 33 2.52 -9.96 -5.57
N PRO A 34 1.99 -8.73 -5.66
CA PRO A 34 0.60 -8.44 -5.28
C PRO A 34 -0.40 -9.21 -6.13
N VAL A 35 -1.08 -10.16 -5.50
CA VAL A 35 -2.08 -10.98 -6.19
C VAL A 35 -3.46 -10.76 -5.60
N SER A 36 -4.41 -10.36 -6.44
CA SER A 36 -5.78 -10.12 -5.98
C SER A 36 -6.61 -11.39 -6.05
N THR A 37 -6.84 -11.99 -4.89
CA THR A 37 -7.62 -13.23 -4.81
C THR A 37 -9.09 -12.96 -5.11
N LYS A 38 -9.83 -14.02 -5.42
CA LYS A 38 -11.25 -13.92 -5.74
C LYS A 38 -12.00 -13.06 -4.72
N CYS A 39 -11.47 -13.00 -3.50
CA CYS A 39 -12.10 -12.22 -2.43
C CYS A 39 -11.53 -10.80 -2.39
N ASP A 40 -11.00 -10.34 -3.51
CA ASP A 40 -10.43 -8.99 -3.60
C ASP A 40 -9.37 -8.77 -2.54
N HIS A 41 -8.59 -9.81 -2.24
CA HIS A 41 -7.54 -9.71 -1.23
C HIS A 41 -6.16 -9.86 -1.87
N ILE A 42 -5.16 -9.21 -1.28
CA ILE A 42 -3.80 -9.27 -1.79
C ILE A 42 -3.03 -10.44 -1.19
N PHE A 43 -2.09 -10.98 -1.97
CA PHE A 43 -1.29 -12.11 -1.52
C PHE A 43 0.08 -12.10 -2.19
N CYS A 44 0.89 -13.12 -1.90
CA CYS A 44 2.22 -13.22 -2.49
C CYS A 44 2.24 -14.21 -3.65
N LYS A 45 1.08 -14.43 -4.25
CA LYS A 45 0.96 -15.36 -5.38
C LYS A 45 1.20 -16.80 -4.93
N PHE A 46 2.44 -17.09 -4.55
CA PHE A 46 2.80 -18.43 -4.09
C PHE A 46 1.96 -18.85 -2.90
N CYS A 47 1.49 -17.88 -2.13
CA CYS A 47 0.66 -18.15 -0.96
C CYS A 47 -0.54 -19.02 -1.32
N MET A 48 -1.01 -18.88 -2.56
CA MET A 48 -2.16 -19.65 -3.03
C MET A 48 -1.80 -21.13 -3.16
N LEU A 49 -0.59 -21.41 -3.61
CA LEU A 49 -0.13 -22.78 -3.78
C LEU A 49 -0.11 -23.52 -2.44
N LYS A 50 0.36 -22.84 -1.40
CA LYS A 50 0.43 -23.44 -0.06
C LYS A 50 -0.95 -23.52 0.57
N LEU A 51 -1.81 -22.54 0.25
CA LEU A 51 -3.16 -22.51 0.78
C LEU A 51 -4.05 -23.53 0.09
N LEU A 52 -4.07 -23.49 -1.23
CA LEU A 52 -4.88 -24.42 -2.02
C LEU A 52 -4.47 -25.87 -1.75
N ASN A 53 -3.18 -26.06 -1.46
CA ASN A 53 -2.67 -27.40 -1.18
C ASN A 53 -2.94 -27.80 0.27
N GLN A 54 -2.93 -26.81 1.17
CA GLN A 54 -3.17 -27.05 2.57
C GLN A 54 -4.57 -27.62 2.79
N LYS A 55 -4.63 -28.81 3.38
CA LYS A 55 -5.91 -29.47 3.65
C LYS A 55 -6.67 -29.71 2.36
N LYS A 56 -7.88 -30.25 2.48
CA LYS A 56 -8.71 -30.55 1.32
C LYS A 56 -9.68 -29.39 1.05
N GLY A 57 -10.21 -29.36 -0.17
CA GLY A 57 -11.14 -28.30 -0.54
C GLY A 57 -10.43 -27.03 -0.98
N PRO A 58 -11.19 -25.97 -1.29
CA PRO A 58 -10.61 -24.69 -1.72
C PRO A 58 -9.53 -24.18 -0.78
N SER A 59 -8.98 -23.02 -1.07
CA SER A 59 -7.94 -22.42 -0.25
C SER A 59 -8.55 -21.69 0.94
N GLN A 60 -9.74 -21.13 0.75
CA GLN A 60 -10.42 -20.39 1.80
C GLN A 60 -9.61 -19.18 2.23
N CYS A 61 -10.18 -17.99 2.02
CA CYS A 61 -9.51 -16.75 2.39
C CYS A 61 -9.40 -16.62 3.91
N PRO A 62 -8.18 -16.62 4.44
CA PRO A 62 -7.95 -16.49 5.88
C PRO A 62 -8.20 -15.08 6.40
N LEU A 63 -8.44 -14.15 5.48
CA LEU A 63 -8.69 -12.76 5.85
C LEU A 63 -10.12 -12.58 6.34
N CYS A 64 -11.04 -13.40 5.82
CA CYS A 64 -12.44 -13.32 6.23
C CYS A 64 -13.13 -14.68 6.09
N LYS A 65 -12.33 -15.75 6.17
CA LYS A 65 -12.87 -17.10 6.05
C LYS A 65 -13.67 -17.28 4.77
N ASN A 66 -13.23 -16.60 3.71
CA ASN A 66 -13.91 -16.69 2.42
C ASN A 66 -13.61 -18.02 1.73
N ASP A 67 -13.95 -18.11 0.46
CA ASP A 67 -13.72 -19.33 -0.31
C ASP A 67 -12.98 -19.02 -1.60
N ILE A 68 -11.68 -19.33 -1.64
CA ILE A 68 -10.87 -19.09 -2.81
C ILE A 68 -10.51 -20.39 -3.51
N THR A 69 -10.54 -20.37 -4.84
CA THR A 69 -10.23 -21.56 -5.62
C THR A 69 -9.34 -21.21 -6.82
N LYS A 70 -8.67 -22.21 -7.37
CA LYS A 70 -7.79 -22.01 -8.52
C LYS A 70 -8.57 -21.44 -9.71
N ARG A 71 -7.84 -20.86 -10.66
CA ARG A 71 -8.46 -20.28 -11.85
C ARG A 71 -9.42 -19.15 -11.47
N SER A 72 -8.96 -18.27 -10.59
CA SER A 72 -9.77 -17.13 -10.15
C SER A 72 -8.91 -15.90 -9.94
N LEU A 73 -7.97 -15.99 -9.02
CA LEU A 73 -7.08 -14.87 -8.72
C LEU A 73 -6.29 -14.47 -9.96
N GLN A 74 -5.63 -13.30 -9.88
CA GLN A 74 -4.83 -12.81 -11.00
C GLN A 74 -3.78 -11.82 -10.52
N GLU A 75 -2.79 -11.55 -11.37
CA GLU A 75 -1.72 -10.62 -11.04
C GLU A 75 -2.11 -9.19 -11.39
N SER A 76 -2.52 -8.43 -10.38
CA SER A 76 -2.91 -7.04 -10.59
C SER A 76 -1.93 -6.08 -9.90
N THR A 77 -1.25 -5.28 -10.70
CA THR A 77 -0.29 -4.33 -10.16
C THR A 77 -0.99 -3.22 -9.37
N ARG A 78 -1.45 -3.57 -8.18
CA ARG A 78 -2.14 -2.61 -7.32
C ARG A 78 -1.32 -2.31 -6.08
N PHE A 79 -0.63 -3.32 -5.56
CA PHE A 79 0.21 -3.17 -4.38
C PHE A 79 1.61 -3.69 -4.64
N SER A 80 2.18 -3.30 -5.77
CA SER A 80 3.53 -3.73 -6.14
C SER A 80 4.55 -2.66 -5.78
N GLN A 81 4.54 -1.55 -6.52
CA GLN A 81 5.47 -0.46 -6.27
C GLN A 81 5.30 0.09 -4.85
N LEU A 82 4.15 -0.16 -4.24
CA LEU A 82 3.88 0.30 -2.89
C LEU A 82 4.66 -0.52 -1.87
N VAL A 83 4.92 -1.78 -2.19
CA VAL A 83 5.67 -2.67 -1.30
C VAL A 83 7.17 -2.40 -1.42
N GLU A 84 7.63 -2.18 -2.65
CA GLU A 84 9.04 -1.91 -2.89
C GLU A 84 9.45 -0.57 -2.30
N GLU A 85 8.62 0.46 -2.55
CA GLU A 85 8.89 1.80 -2.05
C GLU A 85 8.96 1.79 -0.52
N LEU A 86 8.10 0.99 0.10
CA LEU A 86 8.06 0.90 1.55
C LEU A 86 9.41 0.48 2.11
N LEU A 87 10.02 -0.52 1.47
CA LEU A 87 11.33 -1.01 1.89
C LEU A 87 12.38 0.09 1.81
N LYS A 88 12.24 0.95 0.81
CA LYS A 88 13.17 2.06 0.63
C LYS A 88 13.02 3.08 1.74
N ILE A 89 11.78 3.33 2.14
CA ILE A 89 11.50 4.29 3.21
C ILE A 89 12.10 3.83 4.53
N ILE A 90 11.99 2.52 4.80
CA ILE A 90 12.53 1.95 6.02
C ILE A 90 14.05 2.01 6.03
N CYS A 91 14.65 1.76 4.87
CA CYS A 91 16.10 1.78 4.75
C CYS A 91 16.65 3.16 5.10
N ALA A 92 15.94 4.20 4.67
CA ALA A 92 16.36 5.57 4.94
C ALA A 92 16.44 5.83 6.45
N PHE A 93 15.43 5.39 7.18
CA PHE A 93 15.38 5.57 8.62
C PHE A 93 16.58 4.88 9.29
N GLN A 94 17.09 3.83 8.64
CA GLN A 94 18.22 3.09 9.17
C GLN A 94 19.54 3.74 8.76
N LEU A 95 19.52 4.45 7.63
CA LEU A 95 20.72 5.11 7.13
C LEU A 95 21.23 6.16 8.12
N ASP A 96 20.44 7.21 8.30
CA ASP A 96 20.81 8.28 9.23
C ASP A 96 20.32 7.99 10.64
N THR A 97 19.00 7.89 10.79
CA THR A 97 18.40 7.61 12.10
C THR A 97 18.97 6.33 12.69
N GLY A 98 19.14 5.31 11.85
CA GLY A 98 19.67 4.04 12.32
C GLY A 98 18.85 3.43 13.44
N LEU A 99 17.57 3.75 13.48
CA LEU A 99 16.67 3.23 14.51
C LEU A 99 16.31 1.77 14.22
N GLU A 100 15.46 1.21 15.07
CA GLU A 100 15.02 -0.18 14.91
C GLU A 100 13.67 -0.25 14.20
N TYR A 101 13.57 -1.12 13.21
CA TYR A 101 12.33 -1.29 12.47
C TYR A 101 11.68 -2.63 12.78
N ALA A 102 10.40 -2.76 12.45
CA ALA A 102 9.66 -3.99 12.70
C ALA A 102 10.31 -5.17 11.99
N ASN A 103 10.31 -5.11 10.67
CA ASN A 103 10.90 -6.19 9.85
C ASN A 103 12.28 -5.79 9.35
N MET B 1 17.75 32.30 5.52
CA MET B 1 16.97 31.35 6.35
C MET B 1 16.01 30.52 5.51
N GLU B 2 16.41 29.29 5.22
CA GLU B 2 15.58 28.40 4.41
C GLU B 2 16.24 27.03 4.26
N PRO B 3 17.44 26.98 3.65
CA PRO B 3 18.17 25.73 3.43
C PRO B 3 18.75 25.18 4.73
N ASP B 4 18.52 23.89 4.98
CA ASP B 4 19.01 23.24 6.19
C ASP B 4 18.44 23.91 7.44
N GLY B 5 18.47 23.19 8.56
CA GLY B 5 17.95 23.73 9.81
C GLY B 5 18.38 22.91 11.01
N ARG B 6 18.21 21.59 10.91
CA ARG B 6 18.58 20.70 11.99
C ARG B 6 19.33 19.47 11.47
N GLY B 7 18.61 18.61 10.75
CA GLY B 7 19.23 17.41 10.21
C GLY B 7 18.33 16.19 10.33
N ALA B 8 17.05 16.36 10.00
CA ALA B 8 16.09 15.28 10.07
C ALA B 8 15.04 15.39 8.97
N TRP B 9 14.35 14.29 8.70
CA TRP B 9 13.32 14.27 7.66
C TRP B 9 13.90 14.64 6.30
N ALA B 10 15.06 14.06 5.99
CA ALA B 10 15.72 14.32 4.72
C ALA B 10 15.59 13.13 3.79
N HIS B 11 16.28 12.03 4.13
CA HIS B 11 16.25 10.82 3.31
C HIS B 11 14.87 10.18 3.37
N SER B 12 14.19 10.33 4.50
CA SER B 12 12.85 9.76 4.67
C SER B 12 11.82 10.55 3.88
N ARG B 13 12.02 11.86 3.77
CA ARG B 13 11.11 12.72 3.04
C ARG B 13 11.03 12.30 1.58
N ALA B 14 12.17 12.07 0.97
CA ALA B 14 12.23 11.66 -0.43
C ALA B 14 11.50 10.34 -0.65
N ALA B 15 11.75 9.39 0.24
CA ALA B 15 11.12 8.08 0.15
C ALA B 15 9.59 8.19 0.22
N LEU B 16 9.11 9.06 1.10
CA LEU B 16 7.69 9.27 1.27
C LEU B 16 7.05 9.74 -0.04
N ASP B 17 7.72 10.65 -0.73
CA ASP B 17 7.22 11.18 -2.00
C ASP B 17 7.06 10.07 -3.02
N ARG B 18 7.91 9.05 -2.92
CA ARG B 18 7.87 7.92 -3.84
C ARG B 18 6.55 7.18 -3.73
N LEU B 19 6.18 6.79 -2.51
CA LEU B 19 4.94 6.07 -2.28
C LEU B 19 3.74 6.92 -2.67
N GLU B 20 3.88 8.23 -2.54
CA GLU B 20 2.80 9.17 -2.88
C GLU B 20 2.42 9.03 -4.35
N LYS B 21 3.42 8.81 -5.21
CA LYS B 21 3.18 8.67 -6.63
C LYS B 21 2.22 7.51 -6.91
N LEU B 22 2.26 6.50 -6.05
CA LEU B 22 1.40 5.34 -6.20
C LEU B 22 -0.04 5.68 -5.83
N LEU B 23 -0.20 6.57 -4.87
CA LEU B 23 -1.53 6.99 -4.42
C LEU B 23 -2.15 8.00 -5.37
N ARG B 24 -1.31 8.66 -6.17
CA ARG B 24 -1.78 9.65 -7.12
C ARG B 24 -2.76 9.03 -8.11
N CYS B 25 -3.96 9.60 -8.18
CA CYS B 25 -4.99 9.10 -9.09
C CYS B 25 -4.52 9.16 -10.53
N SER B 26 -5.10 8.31 -11.38
CA SER B 26 -4.74 8.27 -12.79
C SER B 26 -5.33 9.46 -13.54
N ARG B 27 -6.53 9.88 -13.12
CA ARG B 27 -7.20 11.00 -13.75
C ARG B 27 -7.06 12.27 -12.91
N CYS B 28 -7.54 12.21 -11.67
CA CYS B 28 -7.46 13.34 -10.77
C CYS B 28 -6.00 13.75 -10.51
N THR B 29 -5.09 12.83 -10.78
CA THR B 29 -3.65 13.08 -10.57
C THR B 29 -3.39 13.76 -9.24
N ASN B 30 -4.01 13.24 -8.18
CA ASN B 30 -3.85 13.79 -6.84
C ASN B 30 -4.02 12.71 -5.78
N ILE B 31 -3.98 13.12 -4.51
CA ILE B 31 -4.13 12.18 -3.40
C ILE B 31 -5.49 11.49 -3.46
N LEU B 32 -5.46 10.16 -3.57
CA LEU B 32 -6.69 9.37 -3.62
C LEU B 32 -7.55 9.61 -2.39
N ARG B 33 -8.84 9.33 -2.52
CA ARG B 33 -9.77 9.50 -1.41
C ARG B 33 -10.98 8.58 -1.58
N GLU B 34 -10.98 7.48 -0.84
CA GLU B 34 -12.06 6.51 -0.91
C GLU B 34 -12.30 6.07 -2.35
N PRO B 35 -11.24 5.63 -3.04
CA PRO B 35 -11.32 5.19 -4.44
C PRO B 35 -11.95 3.80 -4.57
N VAL B 36 -11.85 3.24 -5.77
CA VAL B 36 -12.41 1.91 -6.04
C VAL B 36 -11.62 1.21 -7.14
N CYS B 37 -11.41 -0.09 -6.96
CA CYS B 37 -10.68 -0.88 -7.94
C CYS B 37 -11.35 -0.82 -9.31
N LEU B 38 -10.92 -1.67 -10.23
CA LEU B 38 -11.49 -1.69 -11.57
C LEU B 38 -12.09 -3.06 -11.88
N GLY B 39 -11.24 -4.07 -12.01
CA GLY B 39 -11.71 -5.41 -12.31
C GLY B 39 -10.59 -6.44 -12.25
N GLY B 40 -10.21 -6.95 -13.42
CA GLY B 40 -9.16 -7.94 -13.48
C GLY B 40 -7.92 -7.44 -14.20
N CYS B 41 -7.70 -6.14 -14.14
CA CYS B 41 -6.55 -5.53 -14.79
C CYS B 41 -5.61 -4.91 -13.74
N GLU B 42 -4.98 -3.79 -14.08
CA GLU B 42 -4.05 -3.12 -13.17
C GLU B 42 -4.30 -1.62 -13.16
N HIS B 43 -5.57 -1.24 -13.12
CA HIS B 43 -5.93 0.19 -13.10
C HIS B 43 -6.80 0.51 -11.88
N ILE B 44 -6.65 1.71 -11.37
CA ILE B 44 -7.42 2.16 -10.21
C ILE B 44 -7.67 3.66 -10.26
N PHE B 45 -8.86 4.07 -9.84
CA PHE B 45 -9.20 5.49 -9.84
C PHE B 45 -10.21 5.81 -8.74
N CYS B 46 -10.31 7.07 -8.37
CA CYS B 46 -11.24 7.49 -7.33
C CYS B 46 -12.67 7.13 -7.70
N SER B 47 -13.55 7.12 -6.70
CA SER B 47 -14.95 6.79 -6.92
C SER B 47 -15.59 7.73 -7.94
N ASN B 48 -14.99 8.90 -8.13
CA ASN B 48 -15.51 9.88 -9.07
C ASN B 48 -14.75 9.83 -10.40
N CYS B 49 -14.09 8.71 -10.67
CA CYS B 49 -13.34 8.56 -11.90
C CYS B 49 -13.45 7.13 -12.43
N VAL B 50 -13.13 6.16 -11.57
CA VAL B 50 -13.18 4.76 -11.95
C VAL B 50 -14.59 4.35 -12.37
N SER B 51 -15.59 4.87 -11.66
CA SER B 51 -16.99 4.56 -11.95
C SER B 51 -17.33 4.88 -13.40
N ASP B 52 -16.54 5.76 -14.02
CA ASP B 52 -16.77 6.16 -15.41
C ASP B 52 -16.94 4.94 -16.31
N CYS B 53 -16.35 3.82 -15.92
CA CYS B 53 -16.44 2.59 -16.71
C CYS B 53 -16.28 1.36 -15.82
N ILE B 54 -17.34 1.02 -15.10
CA ILE B 54 -17.34 -0.14 -14.22
C ILE B 54 -18.49 -1.08 -14.53
N GLY B 55 -18.35 -2.34 -14.14
CA GLY B 55 -19.39 -3.32 -14.40
C GLY B 55 -19.39 -3.80 -15.84
N THR B 56 -18.24 -3.71 -16.49
CA THR B 56 -18.11 -4.13 -17.88
C THR B 56 -16.66 -4.44 -18.23
N GLY B 57 -15.76 -3.55 -17.80
CA GLY B 57 -14.35 -3.74 -18.08
C GLY B 57 -13.65 -2.44 -18.43
N CYS B 58 -12.44 -2.27 -17.90
CA CYS B 58 -11.65 -1.07 -18.16
C CYS B 58 -11.44 -0.86 -19.66
N PRO B 59 -11.63 0.38 -20.15
CA PRO B 59 -11.46 0.70 -21.57
C PRO B 59 -9.99 0.86 -21.96
N VAL B 60 -9.14 1.14 -20.98
CA VAL B 60 -7.72 1.31 -21.23
C VAL B 60 -6.97 -0.02 -21.14
N CYS B 61 -7.49 -0.92 -20.32
CA CYS B 61 -6.87 -2.23 -20.13
C CYS B 61 -7.57 -3.29 -20.98
N TYR B 62 -8.83 -3.03 -21.33
CA TYR B 62 -9.61 -3.97 -22.13
C TYR B 62 -9.80 -5.29 -21.41
N THR B 63 -9.99 -5.20 -20.10
CA THR B 63 -10.19 -6.40 -19.28
C THR B 63 -11.55 -6.36 -18.58
N PRO B 64 -12.29 -7.49 -18.58
CA PRO B 64 -13.61 -7.57 -17.95
C PRO B 64 -13.58 -7.11 -16.49
N ALA B 65 -14.65 -6.44 -16.06
CA ALA B 65 -14.73 -5.95 -14.70
C ALA B 65 -15.14 -7.07 -13.75
N TRP B 66 -14.14 -7.75 -13.21
CA TRP B 66 -14.40 -8.85 -12.27
C TRP B 66 -15.18 -8.38 -11.05
N ILE B 67 -15.07 -7.10 -10.74
CA ILE B 67 -15.78 -6.52 -9.62
C ILE B 67 -17.04 -5.79 -10.07
N GLN B 68 -18.15 -6.52 -10.14
CA GLN B 68 -19.42 -5.96 -10.57
C GLN B 68 -19.83 -4.81 -9.65
N ASP B 69 -19.40 -4.88 -8.39
CA ASP B 69 -19.73 -3.85 -7.42
C ASP B 69 -18.50 -2.99 -7.11
N LEU B 70 -18.73 -1.69 -6.91
CA LEU B 70 -17.65 -0.77 -6.60
C LEU B 70 -17.01 -1.10 -5.27
N LYS B 71 -16.13 -2.09 -5.26
CA LYS B 71 -15.45 -2.50 -4.03
C LYS B 71 -14.42 -1.46 -3.60
N ILE B 72 -14.35 -1.20 -2.30
CA ILE B 72 -13.41 -0.23 -1.77
C ILE B 72 -12.21 -0.90 -1.11
N ASN B 73 -11.02 -0.39 -1.41
CA ASN B 73 -9.80 -0.95 -0.84
C ASN B 73 -9.34 -0.13 0.37
N ARG B 74 -9.78 -0.55 1.54
CA ARG B 74 -9.43 0.14 2.78
C ARG B 74 -7.91 0.26 2.94
N GLN B 75 -7.18 -0.70 2.38
CA GLN B 75 -5.72 -0.70 2.45
C GLN B 75 -5.15 0.53 1.75
N LEU B 76 -5.56 0.74 0.49
CA LEU B 76 -5.08 1.87 -0.27
C LEU B 76 -5.44 3.19 0.42
N ASP B 77 -6.70 3.31 0.81
CA ASP B 77 -7.18 4.51 1.49
C ASP B 77 -6.49 4.68 2.84
N SER B 78 -6.45 3.60 3.62
CA SER B 78 -5.82 3.62 4.93
C SER B 78 -4.38 4.11 4.83
N MET B 79 -3.74 3.83 3.71
CA MET B 79 -2.36 4.23 3.48
C MET B 79 -2.28 5.74 3.26
N ILE B 80 -3.32 6.30 2.65
CA ILE B 80 -3.36 7.74 2.39
C ILE B 80 -3.24 8.53 3.69
N GLN B 81 -4.03 8.14 4.68
CA GLN B 81 -4.00 8.81 5.98
C GLN B 81 -2.62 8.69 6.62
N LEU B 82 -2.01 7.51 6.47
CA LEU B 82 -0.69 7.26 7.01
C LEU B 82 0.35 8.17 6.35
N CYS B 83 0.28 8.25 5.03
CA CYS B 83 1.21 9.09 4.27
C CYS B 83 1.14 10.54 4.75
N SER B 84 -0.06 10.98 5.09
CA SER B 84 -0.27 12.34 5.58
C SER B 84 0.50 12.57 6.88
N LYS B 85 0.58 11.52 7.69
CA LYS B 85 1.29 11.60 8.97
C LYS B 85 2.75 11.98 8.74
N LEU B 86 3.42 11.26 7.86
CA LEU B 86 4.82 11.53 7.56
C LEU B 86 5.00 12.94 7.01
N ARG B 87 4.01 13.40 6.26
CA ARG B 87 4.05 14.75 5.68
C ARG B 87 4.16 15.81 6.77
N ASN B 88 3.35 15.64 7.82
CA ASN B 88 3.36 16.58 8.93
C ASN B 88 4.59 16.38 9.81
N LEU B 89 5.03 15.13 9.92
CA LEU B 89 6.19 14.80 10.73
C LEU B 89 7.47 15.29 10.06
N LEU B 90 7.47 15.31 8.73
CA LEU B 90 8.64 15.76 7.97
C LEU B 90 8.78 17.27 8.04
N HIS B 91 7.64 17.96 8.13
CA HIS B 91 7.64 19.42 8.20
C HIS B 91 8.20 19.90 9.53
N ASP B 92 7.42 19.76 10.59
CA ASP B 92 7.85 20.19 11.92
C ASP B 92 7.67 19.06 12.94
N ASN B 93 7.97 19.35 14.19
CA ASN B 93 7.83 18.37 15.26
C ASN B 93 7.19 18.99 16.50
N GLU B 94 6.32 19.96 16.28
CA GLU B 94 5.64 20.64 17.38
C GLU B 94 6.65 21.31 18.31
N LEU B 95 6.72 22.64 18.25
CA LEU B 95 7.64 23.40 19.08
C LEU B 95 6.89 24.21 20.13
N SER B 96 5.71 24.71 19.75
CA SER B 96 4.89 25.50 20.65
C SER B 96 3.56 25.85 20.01
N ASP B 97 2.57 26.21 20.83
CA ASP B 97 1.25 26.56 20.35
C ASP B 97 1.18 28.04 19.98
ZN ZN C . 3.11 -14.64 1.76
ZN ZN D . -11.27 -12.61 1.93
ZN ZN E . -9.85 10.33 -10.08
ZN ZN F . -7.67 -1.18 -16.63
N MET A 1 22.75 9.25 18.94
CA MET A 1 22.09 10.19 17.99
C MET A 1 20.63 9.82 17.78
N ASP A 2 19.75 10.40 18.59
CA ASP A 2 18.33 10.15 18.49
C ASP A 2 17.62 11.24 17.71
N LEU A 3 18.34 11.84 16.76
CA LEU A 3 17.78 12.90 15.94
C LEU A 3 17.27 14.05 16.80
N SER A 4 18.04 14.40 17.83
CA SER A 4 17.66 15.47 18.74
C SER A 4 16.28 15.23 19.35
N ALA A 5 15.85 13.97 19.34
CA ALA A 5 14.54 13.60 19.90
C ALA A 5 13.42 14.44 19.29
N LEU A 6 13.66 14.99 18.10
CA LEU A 6 12.65 15.81 17.43
C LEU A 6 11.72 14.94 16.59
N ARG A 7 10.70 14.39 17.23
CA ARG A 7 9.72 13.53 16.55
C ARG A 7 10.43 12.38 15.83
N VAL A 8 10.77 11.35 16.59
CA VAL A 8 11.44 10.18 16.03
C VAL A 8 10.70 8.90 16.40
N GLU A 9 10.30 8.79 17.66
CA GLU A 9 9.58 7.61 18.14
C GLU A 9 8.25 7.46 17.41
N GLU A 10 7.48 8.54 17.36
CA GLU A 10 6.19 8.53 16.69
C GLU A 10 6.34 8.21 15.20
N VAL A 11 7.49 8.57 14.65
CA VAL A 11 7.77 8.34 13.24
C VAL A 11 7.95 6.85 12.96
N GLN A 12 8.45 6.13 13.95
CA GLN A 12 8.67 4.69 13.81
C GLN A 12 7.35 3.94 13.82
N ASN A 13 6.39 4.41 14.61
CA ASN A 13 5.08 3.79 14.70
C ASN A 13 4.34 3.88 13.37
N VAL A 14 4.46 5.02 12.71
CA VAL A 14 3.81 5.24 11.42
C VAL A 14 4.27 4.21 10.39
N ILE A 15 5.58 4.15 10.18
CA ILE A 15 6.15 3.21 9.21
C ILE A 15 5.76 1.77 9.54
N ASN A 16 5.54 1.49 10.82
CA ASN A 16 5.15 0.16 11.26
C ASN A 16 3.80 -0.23 10.67
N ALA A 17 2.79 0.58 10.96
CA ALA A 17 1.44 0.32 10.46
C ALA A 17 1.43 0.28 8.93
N MET A 18 2.32 1.06 8.32
CA MET A 18 2.42 1.12 6.87
C MET A 18 2.87 -0.22 6.31
N GLN A 19 3.73 -0.91 7.05
CA GLN A 19 4.24 -2.20 6.64
C GLN A 19 3.13 -3.26 6.66
N LYS A 20 2.21 -3.10 7.60
CA LYS A 20 1.10 -4.03 7.73
C LYS A 20 0.26 -4.07 6.45
N ILE A 21 0.05 -2.90 5.86
CA ILE A 21 -0.71 -2.79 4.62
C ILE A 21 0.01 -3.49 3.47
N LEU A 22 1.34 -3.48 3.52
CA LEU A 22 2.15 -4.11 2.49
C LEU A 22 2.78 -5.39 3.01
N GLU A 23 2.08 -6.05 3.94
CA GLU A 23 2.58 -7.29 4.53
C GLU A 23 1.95 -8.52 3.87
N CYS A 24 2.18 -9.68 4.46
CA CYS A 24 1.65 -10.94 3.95
C CYS A 24 0.58 -11.50 4.89
N PRO A 25 -0.49 -12.08 4.34
CA PRO A 25 -1.59 -12.63 5.13
C PRO A 25 -1.46 -14.13 5.46
N ILE A 26 -0.50 -14.82 4.85
CA ILE A 26 -0.35 -16.25 5.12
C ILE A 26 1.10 -16.65 5.42
N CYS A 27 2.06 -15.96 4.82
CA CYS A 27 3.46 -16.26 5.03
C CYS A 27 4.14 -15.21 5.92
N LEU A 28 3.46 -14.08 6.10
CA LEU A 28 4.00 -13.00 6.93
C LEU A 28 5.32 -12.50 6.36
N GLU A 29 5.50 -12.65 5.05
CA GLU A 29 6.73 -12.21 4.40
C GLU A 29 6.46 -11.04 3.45
N LEU A 30 7.21 -9.96 3.63
CA LEU A 30 7.06 -8.76 2.80
C LEU A 30 6.78 -9.13 1.35
N ILE A 31 5.51 -9.03 0.96
CA ILE A 31 5.09 -9.37 -0.40
C ILE A 31 5.94 -8.65 -1.45
N LYS A 32 6.25 -9.35 -2.54
CA LYS A 32 7.05 -8.78 -3.61
C LYS A 32 6.25 -8.73 -4.91
N GLU A 33 5.48 -9.79 -5.16
CA GLU A 33 4.66 -9.87 -6.37
C GLU A 33 3.17 -9.75 -6.01
N PRO A 34 2.62 -8.53 -6.06
CA PRO A 34 1.20 -8.30 -5.75
C PRO A 34 0.27 -9.27 -6.44
N VAL A 35 -0.50 -10.01 -5.65
CA VAL A 35 -1.46 -10.98 -6.19
C VAL A 35 -2.83 -10.74 -5.61
N SER A 36 -3.82 -10.54 -6.48
CA SER A 36 -5.18 -10.28 -6.04
C SER A 36 -6.08 -11.51 -6.25
N THR A 37 -6.82 -11.88 -5.21
CA THR A 37 -7.72 -13.04 -5.28
C THR A 37 -9.14 -12.57 -5.59
N LYS A 38 -9.98 -13.51 -6.00
CA LYS A 38 -11.37 -13.22 -6.35
C LYS A 38 -12.05 -12.37 -5.27
N CYS A 39 -11.57 -12.45 -4.03
CA CYS A 39 -12.15 -11.69 -2.93
C CYS A 39 -11.55 -10.30 -2.85
N ASP A 40 -10.78 -9.90 -3.86
CA ASP A 40 -10.15 -8.59 -3.88
C ASP A 40 -9.16 -8.45 -2.73
N HIS A 41 -8.35 -9.49 -2.54
CA HIS A 41 -7.36 -9.50 -1.46
C HIS A 41 -5.95 -9.35 -2.03
N ILE A 42 -4.95 -9.48 -1.16
CA ILE A 42 -3.56 -9.37 -1.58
C ILE A 42 -2.71 -10.50 -1.01
N PHE A 43 -1.62 -10.83 -1.69
CA PHE A 43 -0.72 -11.90 -1.26
C PHE A 43 0.70 -11.66 -1.77
N CYS A 44 1.62 -12.50 -1.33
CA CYS A 44 3.02 -12.38 -1.75
C CYS A 44 3.34 -13.33 -2.90
N LYS A 45 2.32 -13.66 -3.69
CA LYS A 45 2.49 -14.57 -4.83
C LYS A 45 2.92 -15.95 -4.35
N PHE A 46 2.45 -16.98 -5.05
CA PHE A 46 2.77 -18.36 -4.71
C PHE A 46 2.01 -18.83 -3.46
N CYS A 47 1.14 -17.98 -2.94
CA CYS A 47 0.36 -18.31 -1.76
C CYS A 47 -0.77 -19.26 -2.12
N MET A 48 -1.31 -19.10 -3.32
CA MET A 48 -2.40 -19.95 -3.80
C MET A 48 -1.93 -21.38 -3.97
N LEU A 49 -0.74 -21.55 -4.52
CA LEU A 49 -0.17 -22.88 -4.72
C LEU A 49 -0.01 -23.60 -3.40
N LYS A 50 0.52 -22.90 -2.41
CA LYS A 50 0.73 -23.47 -1.08
C LYS A 50 -0.59 -23.56 -0.32
N LEU A 51 -1.48 -22.60 -0.60
CA LEU A 51 -2.79 -22.56 0.06
C LEU A 51 -3.69 -23.66 -0.48
N LEU A 52 -3.50 -24.01 -1.75
CA LEU A 52 -4.30 -25.05 -2.38
C LEU A 52 -3.66 -26.42 -2.18
N ASN A 53 -2.33 -26.46 -2.19
CA ASN A 53 -1.61 -27.71 -2.00
C ASN A 53 -1.66 -28.17 -0.55
N GLN A 54 -1.66 -27.20 0.37
CA GLN A 54 -1.72 -27.50 1.79
C GLN A 54 -2.96 -28.30 2.13
N LYS A 55 -4.04 -28.06 1.39
CA LYS A 55 -5.30 -28.76 1.61
C LYS A 55 -5.45 -29.93 0.64
N LYS A 56 -6.59 -30.61 0.71
CA LYS A 56 -6.86 -31.74 -0.15
C LYS A 56 -7.95 -31.43 -1.18
N GLY A 57 -8.21 -30.14 -1.38
CA GLY A 57 -9.23 -29.73 -2.33
C GLY A 57 -9.20 -28.24 -2.62
N PRO A 58 -10.34 -27.66 -3.02
CA PRO A 58 -10.43 -26.23 -3.33
C PRO A 58 -9.79 -25.35 -2.25
N SER A 59 -9.17 -24.25 -2.67
CA SER A 59 -8.54 -23.33 -1.74
C SER A 59 -9.53 -22.81 -0.72
N GLN A 60 -9.10 -21.82 0.06
CA GLN A 60 -9.97 -21.23 1.08
C GLN A 60 -9.38 -19.92 1.59
N CYS A 61 -9.99 -18.81 1.16
CA CYS A 61 -9.55 -17.48 1.56
C CYS A 61 -9.28 -17.41 3.06
N PRO A 62 -8.01 -17.41 3.47
CA PRO A 62 -7.64 -17.35 4.90
C PRO A 62 -8.02 -16.02 5.54
N LEU A 63 -8.38 -15.04 4.72
CA LEU A 63 -8.76 -13.73 5.21
C LEU A 63 -10.19 -13.73 5.74
N CYS A 64 -11.03 -14.58 5.15
CA CYS A 64 -12.43 -14.68 5.56
C CYS A 64 -12.74 -16.09 6.07
N LYS A 65 -12.58 -17.07 5.19
CA LYS A 65 -12.85 -18.47 5.54
C LYS A 65 -12.77 -19.36 4.30
N ASN A 66 -13.13 -18.81 3.15
CA ASN A 66 -13.10 -19.55 1.89
C ASN A 66 -13.71 -18.74 0.76
N ASP A 67 -13.07 -18.79 -0.41
CA ASP A 67 -13.56 -18.06 -1.58
C ASP A 67 -12.53 -18.06 -2.70
N ILE A 68 -11.85 -19.20 -2.87
CA ILE A 68 -10.82 -19.32 -3.91
C ILE A 68 -10.70 -20.78 -4.37
N THR A 69 -10.45 -20.97 -5.66
CA THR A 69 -10.31 -22.30 -6.22
C THR A 69 -9.34 -22.30 -7.40
N LYS A 70 -8.30 -21.50 -7.30
CA LYS A 70 -7.29 -21.40 -8.35
C LYS A 70 -7.92 -20.96 -9.66
N ARG A 71 -7.09 -20.49 -10.59
CA ARG A 71 -7.57 -20.03 -11.89
C ARG A 71 -8.57 -18.89 -11.72
N SER A 72 -8.06 -17.72 -11.32
CA SER A 72 -8.90 -16.55 -11.13
C SER A 72 -8.06 -15.31 -10.87
N LEU A 73 -7.22 -15.38 -9.84
CA LEU A 73 -6.35 -14.26 -9.49
C LEU A 73 -5.42 -13.89 -10.63
N GLN A 74 -4.56 -12.91 -10.41
CA GLN A 74 -3.63 -12.47 -11.42
C GLN A 74 -2.65 -11.44 -10.84
N GLU A 75 -1.37 -11.57 -11.22
CA GLU A 75 -0.35 -10.67 -10.73
C GLU A 75 -0.57 -9.26 -11.29
N SER A 76 -1.11 -8.38 -10.45
CA SER A 76 -1.37 -7.00 -10.85
C SER A 76 -0.31 -6.06 -10.29
N THR A 77 -0.33 -4.82 -10.76
CA THR A 77 0.64 -3.82 -10.31
C THR A 77 -0.05 -2.74 -9.47
N ARG A 78 -0.44 -3.12 -8.26
CA ARG A 78 -1.10 -2.19 -7.35
C ARG A 78 -0.28 -1.99 -6.08
N PHE A 79 -0.12 -3.06 -5.30
CA PHE A 79 0.64 -3.01 -4.07
C PHE A 79 2.07 -3.51 -4.28
N SER A 80 2.64 -3.17 -5.43
CA SER A 80 4.00 -3.58 -5.76
C SER A 80 5.02 -2.58 -5.24
N GLN A 81 5.04 -1.40 -5.84
CA GLN A 81 5.96 -0.35 -5.43
C GLN A 81 5.68 0.10 -4.00
N LEU A 82 4.43 -0.03 -3.57
CA LEU A 82 4.05 0.36 -2.22
C LEU A 82 4.84 -0.41 -1.18
N VAL A 83 5.20 -1.64 -1.53
CA VAL A 83 5.97 -2.50 -0.64
C VAL A 83 7.45 -2.11 -0.64
N GLU A 84 8.03 -2.05 -1.83
CA GLU A 84 9.43 -1.69 -1.96
C GLU A 84 9.68 -0.26 -1.52
N GLU A 85 8.73 0.62 -1.81
CA GLU A 85 8.83 2.03 -1.43
C GLU A 85 8.97 2.17 0.08
N LEU A 86 8.10 1.48 0.81
CA LEU A 86 8.12 1.53 2.28
C LEU A 86 9.48 1.08 2.81
N LEU A 87 9.97 -0.04 2.29
CA LEU A 87 11.26 -0.59 2.72
C LEU A 87 12.36 0.47 2.59
N LYS A 88 12.21 1.36 1.62
CA LYS A 88 13.19 2.42 1.40
C LYS A 88 13.05 3.51 2.45
N ILE A 89 11.83 3.71 2.94
CA ILE A 89 11.56 4.72 3.95
C ILE A 89 12.19 4.33 5.29
N ILE A 90 12.26 3.03 5.55
CA ILE A 90 12.83 2.53 6.78
C ILE A 90 14.36 2.55 6.73
N CYS A 91 14.90 2.19 5.57
CA CYS A 91 16.35 2.18 5.39
C CYS A 91 16.96 3.56 5.63
N ALA A 92 16.39 4.57 4.98
CA ALA A 92 16.87 5.94 5.12
C ALA A 92 16.78 6.40 6.57
N PHE A 93 15.62 6.17 7.19
CA PHE A 93 15.41 6.56 8.58
C PHE A 93 16.42 5.88 9.49
N GLN A 94 16.59 4.57 9.32
CA GLN A 94 17.53 3.81 10.13
C GLN A 94 18.95 4.34 9.97
N LEU A 95 19.25 4.87 8.78
CA LEU A 95 20.56 5.41 8.50
C LEU A 95 20.91 6.55 9.45
N ASP A 96 19.98 7.48 9.63
CA ASP A 96 20.18 8.62 10.52
C ASP A 96 19.77 8.28 11.95
N THR A 97 18.47 8.05 12.15
CA THR A 97 17.96 7.71 13.47
C THR A 97 18.47 6.35 13.92
N GLY A 98 18.25 5.33 13.09
CA GLY A 98 18.70 4.00 13.42
C GLY A 98 17.94 3.41 14.60
N LEU A 99 16.70 3.84 14.77
CA LEU A 99 15.86 3.35 15.85
C LEU A 99 15.27 1.98 15.51
N GLU A 100 14.72 1.31 16.52
CA GLU A 100 14.13 -0.01 16.33
C GLU A 100 12.91 0.07 15.42
N TYR A 101 12.73 -0.97 14.59
CA TYR A 101 11.61 -1.01 13.67
C TYR A 101 10.87 -2.35 13.77
N ALA A 102 11.58 -3.42 13.43
CA ALA A 102 11.01 -4.77 13.49
C ALA A 102 12.09 -5.83 13.34
N ASN A 103 12.02 -6.85 14.19
CA ASN A 103 12.99 -7.93 14.16
C ASN A 103 12.95 -8.65 12.81
N MET B 1 32.20 18.61 -0.60
CA MET B 1 31.23 19.64 -0.13
C MET B 1 29.92 18.99 0.31
N GLU B 2 29.29 19.58 1.33
CA GLU B 2 28.03 19.06 1.84
C GLU B 2 26.86 19.53 0.99
N PRO B 3 25.79 18.71 0.92
CA PRO B 3 24.60 19.05 0.13
C PRO B 3 23.80 20.20 0.75
N ASP B 4 22.70 20.56 0.10
CA ASP B 4 21.85 21.64 0.58
C ASP B 4 20.57 21.09 1.22
N GLY B 5 19.77 21.98 1.77
CA GLY B 5 18.53 21.56 2.40
C GLY B 5 18.64 21.52 3.92
N ARG B 6 18.55 20.32 4.47
CA ARG B 6 18.63 20.13 5.92
C ARG B 6 19.45 18.89 6.27
N GLY B 7 20.07 18.91 7.44
CA GLY B 7 20.87 17.78 7.87
C GLY B 7 20.04 16.56 8.20
N ALA B 8 19.95 16.24 9.49
CA ALA B 8 19.18 15.09 9.94
C ALA B 8 17.70 15.28 9.64
N TRP B 9 16.98 14.17 9.52
CA TRP B 9 15.55 14.20 9.23
C TRP B 9 15.28 14.91 7.90
N ALA B 10 15.22 14.12 6.83
CA ALA B 10 14.96 14.66 5.50
C ALA B 10 14.80 13.54 4.47
N HIS B 11 15.64 12.51 4.59
CA HIS B 11 15.58 11.37 3.67
C HIS B 11 14.20 10.72 3.70
N SER B 12 13.54 10.80 4.85
CA SER B 12 12.21 10.22 5.01
C SER B 12 11.16 11.06 4.27
N ARG B 13 11.38 12.36 4.22
CA ARG B 13 10.45 13.26 3.55
C ARG B 13 10.31 12.90 2.07
N ALA B 14 11.44 12.80 1.38
CA ALA B 14 11.44 12.46 -0.04
C ALA B 14 10.77 11.11 -0.28
N ALA B 15 11.07 10.15 0.59
CA ALA B 15 10.50 8.81 0.48
C ALA B 15 9.00 8.83 0.70
N LEU B 16 8.54 9.75 1.56
CA LEU B 16 7.12 9.88 1.85
C LEU B 16 6.32 10.15 0.58
N ASP B 17 6.81 11.07 -0.23
CA ASP B 17 6.16 11.43 -1.48
C ASP B 17 6.17 10.26 -2.45
N ARG B 18 7.22 9.45 -2.39
CA ARG B 18 7.36 8.29 -3.26
C ARG B 18 6.22 7.31 -3.05
N LEU B 19 5.72 7.26 -1.82
CA LEU B 19 4.61 6.37 -1.48
C LEU B 19 3.29 6.90 -2.03
N GLU B 20 3.10 8.21 -1.93
CA GLU B 20 1.88 8.85 -2.40
C GLU B 20 1.69 8.61 -3.90
N LYS B 21 2.79 8.38 -4.61
CA LYS B 21 2.74 8.15 -6.05
C LYS B 21 1.78 7.01 -6.38
N LEU B 22 1.68 6.04 -5.48
CA LEU B 22 0.78 4.90 -5.67
C LEU B 22 -0.57 5.13 -5.00
N LEU B 23 -0.87 6.38 -4.68
CA LEU B 23 -2.13 6.72 -4.03
C LEU B 23 -2.83 7.85 -4.77
N ARG B 24 -2.06 8.85 -5.21
CA ARG B 24 -2.62 9.99 -5.93
C ARG B 24 -3.58 9.53 -7.03
N CYS B 25 -4.88 9.70 -6.78
CA CYS B 25 -5.90 9.30 -7.74
C CYS B 25 -5.61 9.86 -9.13
N SER B 26 -6.09 9.17 -10.15
CA SER B 26 -5.89 9.59 -11.53
C SER B 26 -6.95 10.60 -11.96
N ARG B 27 -8.15 10.46 -11.40
CA ARG B 27 -9.26 11.35 -11.73
C ARG B 27 -9.25 12.58 -10.83
N CYS B 28 -9.33 12.35 -9.52
CA CYS B 28 -9.33 13.43 -8.54
C CYS B 28 -7.97 14.13 -8.48
N THR B 29 -6.95 13.51 -9.09
CA THR B 29 -5.60 14.06 -9.11
C THR B 29 -5.20 14.60 -7.73
N ASN B 30 -5.38 13.76 -6.71
CA ASN B 30 -5.04 14.14 -5.34
C ASN B 30 -5.09 12.93 -4.41
N ILE B 31 -5.10 13.18 -3.12
CA ILE B 31 -5.14 12.11 -2.13
C ILE B 31 -6.37 11.23 -2.33
N LEU B 32 -6.31 10.00 -1.83
CA LEU B 32 -7.42 9.06 -1.96
C LEU B 32 -8.27 9.03 -0.71
N ARG B 33 -9.47 8.46 -0.84
CA ARG B 33 -10.39 8.37 0.29
C ARG B 33 -11.56 7.45 -0.07
N GLU B 34 -11.63 6.31 0.61
CA GLU B 34 -12.71 5.34 0.37
C GLU B 34 -12.87 5.08 -1.13
N PRO B 35 -11.77 4.77 -1.84
CA PRO B 35 -11.80 4.50 -3.28
C PRO B 35 -12.35 3.12 -3.61
N VAL B 36 -12.46 2.83 -4.90
CA VAL B 36 -12.96 1.55 -5.36
C VAL B 36 -12.12 1.00 -6.50
N CYS B 37 -11.84 -0.30 -6.47
CA CYS B 37 -11.03 -0.94 -7.51
C CYS B 37 -11.67 -0.75 -8.88
N LEU B 38 -10.93 -1.09 -9.92
CA LEU B 38 -11.42 -0.96 -11.30
C LEU B 38 -11.90 -2.31 -11.83
N GLY B 39 -11.01 -3.30 -11.77
CA GLY B 39 -11.36 -4.63 -12.25
C GLY B 39 -10.18 -5.59 -12.21
N GLY B 40 -9.63 -5.88 -13.38
CA GLY B 40 -8.50 -6.79 -13.45
C GLY B 40 -7.31 -6.19 -14.18
N CYS B 41 -7.08 -4.90 -13.97
CA CYS B 41 -5.98 -4.20 -14.61
C CYS B 41 -5.05 -3.58 -13.55
N GLU B 42 -4.48 -2.42 -13.86
CA GLU B 42 -3.58 -1.74 -12.93
C GLU B 42 -4.00 -0.28 -12.74
N HIS B 43 -5.31 -0.06 -12.61
CA HIS B 43 -5.84 1.28 -12.41
C HIS B 43 -6.81 1.32 -11.24
N ILE B 44 -6.76 2.41 -10.48
CA ILE B 44 -7.65 2.58 -9.33
C ILE B 44 -8.11 4.03 -9.20
N PHE B 45 -9.32 4.21 -8.70
CA PHE B 45 -9.87 5.56 -8.53
C PHE B 45 -10.76 5.63 -7.30
N CYS B 46 -11.17 6.84 -6.94
CA CYS B 46 -12.02 7.05 -5.78
C CYS B 46 -13.36 6.32 -5.95
N SER B 47 -14.21 6.42 -4.93
CA SER B 47 -15.51 5.78 -4.97
C SER B 47 -16.44 6.48 -5.95
N ASN B 48 -16.24 7.79 -6.11
CA ASN B 48 -17.07 8.57 -7.02
C ASN B 48 -16.41 8.69 -8.40
N CYS B 49 -15.44 7.82 -8.68
CA CYS B 49 -14.74 7.84 -9.95
C CYS B 49 -15.28 6.75 -10.88
N VAL B 50 -15.06 5.49 -10.50
CA VAL B 50 -15.52 4.36 -11.31
C VAL B 50 -17.03 4.16 -11.16
N SER B 51 -17.56 4.52 -10.00
CA SER B 51 -18.98 4.37 -9.73
C SER B 51 -19.83 4.94 -10.86
N ASP B 52 -19.28 5.93 -11.57
CA ASP B 52 -19.97 6.55 -12.68
C ASP B 52 -20.10 5.59 -13.86
N CYS B 53 -19.00 4.95 -14.21
CA CYS B 53 -18.98 4.00 -15.32
C CYS B 53 -18.16 2.76 -14.97
N ILE B 54 -18.55 2.09 -13.89
CA ILE B 54 -17.86 0.90 -13.44
C ILE B 54 -18.57 -0.35 -13.97
N GLY B 55 -17.79 -1.33 -14.40
CA GLY B 55 -18.35 -2.56 -14.93
C GLY B 55 -18.08 -2.72 -16.41
N THR B 56 -17.95 -1.58 -17.09
CA THR B 56 -17.67 -1.58 -18.53
C THR B 56 -16.21 -1.92 -18.79
N GLY B 57 -15.35 -1.59 -17.84
CA GLY B 57 -13.93 -1.86 -17.98
C GLY B 57 -13.13 -0.61 -18.31
N CYS B 58 -11.96 -0.49 -17.70
CA CYS B 58 -11.10 0.67 -17.92
C CYS B 58 -10.75 0.81 -19.41
N PRO B 59 -10.97 2.00 -19.99
CA PRO B 59 -10.69 2.25 -21.40
C PRO B 59 -9.19 2.49 -21.66
N VAL B 60 -8.45 2.78 -20.60
CA VAL B 60 -7.02 3.02 -20.72
C VAL B 60 -6.21 1.73 -20.59
N CYS B 61 -6.77 0.78 -19.84
CA CYS B 61 -6.11 -0.51 -19.64
C CYS B 61 -6.59 -1.55 -20.63
N TYR B 62 -7.75 -1.29 -21.24
CA TYR B 62 -8.32 -2.21 -22.22
C TYR B 62 -8.70 -3.54 -21.56
N THR B 63 -9.19 -3.46 -20.32
CA THR B 63 -9.60 -4.65 -19.59
C THR B 63 -10.97 -4.44 -18.96
N PRO B 64 -11.83 -5.48 -18.99
CA PRO B 64 -13.17 -5.41 -18.41
C PRO B 64 -13.15 -5.33 -16.89
N ALA B 65 -14.07 -4.56 -16.32
CA ALA B 65 -14.16 -4.40 -14.88
C ALA B 65 -14.53 -5.72 -14.21
N TRP B 66 -13.53 -6.49 -13.82
CA TRP B 66 -13.74 -7.77 -13.16
C TRP B 66 -14.59 -7.61 -11.89
N ILE B 67 -14.56 -6.41 -11.33
CA ILE B 67 -15.32 -6.12 -10.12
C ILE B 67 -16.66 -5.48 -10.44
N GLN B 68 -17.66 -6.30 -10.72
CA GLN B 68 -18.99 -5.80 -11.05
C GLN B 68 -19.55 -4.95 -9.92
N ASP B 69 -19.10 -5.21 -8.69
CA ASP B 69 -19.56 -4.46 -7.53
C ASP B 69 -18.54 -3.40 -7.14
N LEU B 70 -18.97 -2.46 -6.30
CA LEU B 70 -18.09 -1.39 -5.85
C LEU B 70 -17.22 -1.85 -4.68
N LYS B 71 -16.23 -2.68 -4.98
CA LYS B 71 -15.33 -3.19 -3.97
C LYS B 71 -14.42 -2.10 -3.43
N ILE B 72 -14.24 -2.07 -2.12
CA ILE B 72 -13.39 -1.06 -1.48
C ILE B 72 -12.12 -1.68 -0.93
N ASN B 73 -10.99 -1.02 -1.19
CA ASN B 73 -9.70 -1.50 -0.71
C ASN B 73 -9.34 -0.87 0.63
N ARG B 74 -9.75 -1.53 1.71
CA ARG B 74 -9.47 -1.04 3.05
C ARG B 74 -7.97 -0.83 3.27
N GLN B 75 -7.16 -1.62 2.58
CA GLN B 75 -5.72 -1.52 2.70
C GLN B 75 -5.22 -0.18 2.18
N LEU B 76 -5.56 0.14 0.94
CA LEU B 76 -5.16 1.40 0.32
C LEU B 76 -5.69 2.59 1.12
N ASP B 77 -6.84 2.40 1.75
CA ASP B 77 -7.47 3.45 2.55
C ASP B 77 -6.60 3.78 3.76
N SER B 78 -6.22 2.75 4.50
CA SER B 78 -5.38 2.93 5.69
C SER B 78 -4.05 3.57 5.31
N MET B 79 -3.57 3.26 4.11
CA MET B 79 -2.31 3.81 3.63
C MET B 79 -2.36 5.34 3.57
N ILE B 80 -3.47 5.87 3.10
CA ILE B 80 -3.65 7.31 3.00
C ILE B 80 -3.53 7.98 4.37
N GLN B 81 -4.38 7.53 5.30
CA GLN B 81 -4.37 8.08 6.66
C GLN B 81 -2.99 7.91 7.29
N LEU B 82 -2.31 6.84 6.93
CA LEU B 82 -0.98 6.56 7.46
C LEU B 82 0.00 7.69 7.09
N CYS B 83 0.07 8.01 5.81
CA CYS B 83 0.95 9.06 5.33
C CYS B 83 0.63 10.38 6.02
N SER B 84 -0.64 10.58 6.35
CA SER B 84 -1.07 11.80 7.02
C SER B 84 -0.34 11.97 8.35
N LYS B 85 -0.15 10.86 9.06
CA LYS B 85 0.53 10.88 10.36
C LYS B 85 1.97 11.36 10.18
N LEU B 86 2.67 10.77 9.21
CA LEU B 86 4.05 11.13 8.95
C LEU B 86 4.17 12.60 8.57
N ARG B 87 3.18 13.10 7.82
CA ARG B 87 3.17 14.49 7.39
C ARG B 87 3.18 15.43 8.60
N ASN B 88 2.45 15.06 9.64
CA ASN B 88 2.37 15.86 10.86
C ASN B 88 3.71 15.86 11.59
N LEU B 89 4.42 14.75 11.51
CA LEU B 89 5.72 14.63 12.17
C LEU B 89 6.79 15.39 11.40
N LEU B 90 6.63 15.48 10.09
CA LEU B 90 7.59 16.18 9.24
C LEU B 90 7.44 17.69 9.39
N HIS B 91 6.21 18.13 9.66
CA HIS B 91 5.93 19.55 9.83
C HIS B 91 5.09 19.80 11.07
N ASP B 92 5.71 20.40 12.09
CA ASP B 92 5.03 20.69 13.33
C ASP B 92 4.97 22.19 13.59
N ASN B 93 4.91 22.97 12.51
CA ASN B 93 4.85 24.42 12.61
C ASN B 93 3.96 25.01 11.51
N GLU B 94 4.27 24.66 10.27
CA GLU B 94 3.50 25.15 9.13
C GLU B 94 2.04 24.72 9.23
N LEU B 95 1.24 25.52 9.93
CA LEU B 95 -0.18 25.22 10.11
C LEU B 95 -1.03 26.44 9.78
N SER B 96 -0.65 27.59 10.30
CA SER B 96 -1.38 28.83 10.07
C SER B 96 -0.43 30.03 10.02
N ASP B 97 -0.99 31.21 9.79
CA ASP B 97 -0.19 32.43 9.72
C ASP B 97 0.84 32.34 8.60
ZN ZN C . 2.35 -15.35 1.39
ZN ZN D . -11.76 -12.97 1.42
ZN ZN E . -10.77 10.06 -7.61
ZN ZN F . -7.39 0.31 -16.07
N MET A 1 23.13 9.55 14.75
CA MET A 1 22.70 10.77 15.47
C MET A 1 21.23 11.06 15.27
N ASP A 2 20.49 11.16 16.36
CA ASP A 2 19.06 11.42 16.30
C ASP A 2 18.78 12.75 15.60
N LEU A 3 17.59 12.86 15.01
CA LEU A 3 17.21 14.09 14.32
C LEU A 3 16.65 15.12 15.29
N SER A 4 17.46 15.49 16.28
CA SER A 4 17.06 16.46 17.28
C SER A 4 15.89 15.94 18.12
N ALA A 5 15.65 14.63 18.06
CA ALA A 5 14.56 14.02 18.82
C ALA A 5 13.23 14.71 18.56
N LEU A 6 13.13 15.39 17.41
CA LEU A 6 11.90 16.09 17.05
C LEU A 6 10.71 15.13 17.07
N ARG A 7 10.97 13.87 16.76
CA ARG A 7 9.93 12.85 16.74
C ARG A 7 10.54 11.46 16.74
N VAL A 8 10.97 11.00 15.57
CA VAL A 8 11.59 9.69 15.42
C VAL A 8 10.61 8.57 15.76
N GLU A 9 10.30 8.41 17.05
CA GLU A 9 9.38 7.38 17.49
C GLU A 9 8.03 7.52 16.79
N GLU A 10 7.67 8.76 16.45
CA GLU A 10 6.41 9.01 15.78
C GLU A 10 6.45 8.53 14.33
N VAL A 11 7.38 9.08 13.56
CA VAL A 11 7.53 8.71 12.16
C VAL A 11 7.82 7.22 12.02
N GLN A 12 8.65 6.69 12.93
CA GLN A 12 9.02 5.28 12.91
C GLN A 12 7.78 4.40 12.92
N ASN A 13 6.83 4.71 13.80
CA ASN A 13 5.60 3.94 13.91
C ASN A 13 4.82 4.00 12.60
N VAL A 14 4.94 5.11 11.89
CA VAL A 14 4.25 5.30 10.63
C VAL A 14 4.81 4.37 9.55
N ILE A 15 6.13 4.27 9.50
CA ILE A 15 6.79 3.41 8.52
C ILE A 15 6.34 1.96 8.67
N ASN A 16 6.28 1.49 9.90
CA ASN A 16 5.86 0.13 10.19
C ASN A 16 4.39 -0.08 9.86
N ALA A 17 3.56 0.88 10.30
CA ALA A 17 2.12 0.81 10.06
C ALA A 17 1.83 0.75 8.57
N MET A 18 2.66 1.41 7.78
CA MET A 18 2.47 1.43 6.33
C MET A 18 2.81 0.07 5.72
N GLN A 19 3.75 -0.63 6.34
CA GLN A 19 4.16 -1.95 5.86
C GLN A 19 3.04 -2.97 6.04
N LYS A 20 2.20 -2.75 7.05
CA LYS A 20 1.08 -3.65 7.31
C LYS A 20 0.18 -3.79 6.08
N ILE A 21 0.05 -2.71 5.32
CA ILE A 21 -0.78 -2.70 4.13
C ILE A 21 -0.16 -3.57 3.03
N LEU A 22 1.15 -3.79 3.11
CA LEU A 22 1.85 -4.60 2.13
C LEU A 22 2.47 -5.83 2.78
N GLU A 23 1.72 -6.45 3.69
CA GLU A 23 2.19 -7.64 4.38
C GLU A 23 1.52 -8.90 3.84
N CYS A 24 1.81 -10.04 4.46
CA CYS A 24 1.25 -11.31 4.04
C CYS A 24 0.23 -11.81 5.05
N PRO A 25 -0.89 -12.40 4.58
CA PRO A 25 -1.96 -12.88 5.45
C PRO A 25 -1.85 -14.36 5.83
N ILE A 26 -0.93 -15.11 5.21
CA ILE A 26 -0.80 -16.53 5.52
C ILE A 26 0.64 -16.93 5.82
N CYS A 27 1.60 -16.29 5.15
CA CYS A 27 3.01 -16.60 5.36
C CYS A 27 3.72 -15.52 6.17
N LEU A 28 3.06 -14.36 6.31
CA LEU A 28 3.64 -13.25 7.06
C LEU A 28 4.95 -12.80 6.43
N GLU A 29 5.10 -13.04 5.12
CA GLU A 29 6.32 -12.65 4.42
C GLU A 29 6.04 -11.52 3.43
N LEU A 30 6.79 -10.42 3.57
CA LEU A 30 6.62 -9.25 2.70
C LEU A 30 6.33 -9.67 1.27
N ILE A 31 5.06 -9.55 0.88
CA ILE A 31 4.62 -9.93 -0.47
C ILE A 31 5.47 -9.24 -1.53
N LYS A 32 5.85 -10.01 -2.55
CA LYS A 32 6.66 -9.48 -3.64
C LYS A 32 5.86 -9.45 -4.94
N GLU A 33 5.02 -10.46 -5.13
CA GLU A 33 4.19 -10.54 -6.32
C GLU A 33 2.71 -10.42 -5.96
N PRO A 34 2.22 -9.18 -5.78
CA PRO A 34 0.83 -8.93 -5.42
C PRO A 34 -0.16 -9.68 -6.31
N VAL A 35 -1.23 -10.19 -5.70
CA VAL A 35 -2.24 -10.94 -6.44
C VAL A 35 -3.61 -10.77 -5.80
N SER A 36 -4.58 -10.36 -6.61
CA SER A 36 -5.94 -10.15 -6.11
C SER A 36 -6.80 -11.40 -6.33
N THR A 37 -7.26 -11.98 -5.22
CA THR A 37 -8.09 -13.18 -5.30
C THR A 37 -9.54 -12.81 -5.62
N LYS A 38 -10.32 -13.80 -6.06
CA LYS A 38 -11.72 -13.58 -6.42
C LYS A 38 -12.46 -12.79 -5.34
N CYS A 39 -12.01 -12.91 -4.10
CA CYS A 39 -12.65 -12.20 -2.99
C CYS A 39 -12.00 -10.85 -2.75
N ASP A 40 -11.22 -10.37 -3.73
CA ASP A 40 -10.55 -9.07 -3.62
C ASP A 40 -9.55 -9.10 -2.48
N HIS A 41 -8.81 -10.21 -2.36
CA HIS A 41 -7.81 -10.35 -1.31
C HIS A 41 -6.39 -10.29 -1.88
N ILE A 42 -5.46 -9.79 -1.09
CA ILE A 42 -4.07 -9.69 -1.53
C ILE A 42 -3.23 -10.84 -0.98
N PHE A 43 -2.19 -11.20 -1.74
CA PHE A 43 -1.30 -12.28 -1.34
C PHE A 43 0.06 -12.13 -2.03
N CYS A 44 1.02 -12.97 -1.64
CA CYS A 44 2.35 -12.92 -2.23
C CYS A 44 2.50 -13.98 -3.33
N LYS A 45 1.40 -14.29 -3.99
CA LYS A 45 1.40 -15.28 -5.07
C LYS A 45 1.60 -16.69 -4.51
N PHE A 46 2.75 -16.93 -3.90
CA PHE A 46 3.07 -18.24 -3.34
C PHE A 46 1.92 -18.77 -2.49
N CYS A 47 1.14 -17.86 -1.90
CA CYS A 47 0.01 -18.25 -1.07
C CYS A 47 -1.00 -19.05 -1.87
N MET A 48 -1.21 -18.66 -3.12
CA MET A 48 -2.16 -19.33 -4.00
C MET A 48 -1.77 -20.79 -4.17
N LEU A 49 -0.48 -21.06 -4.26
CA LEU A 49 0.03 -22.42 -4.43
C LEU A 49 -0.20 -23.23 -3.16
N LYS A 50 0.16 -22.66 -2.02
CA LYS A 50 0.00 -23.34 -0.74
C LYS A 50 -1.48 -23.46 -0.37
N LEU A 51 -2.25 -22.42 -0.69
CA LEU A 51 -3.69 -22.42 -0.39
C LEU A 51 -4.43 -23.40 -1.29
N LEU A 52 -3.91 -23.58 -2.51
CA LEU A 52 -4.54 -24.47 -3.48
C LEU A 52 -4.11 -25.92 -3.23
N ASN A 53 -2.88 -26.09 -2.78
CA ASN A 53 -2.35 -27.43 -2.50
C ASN A 53 -2.42 -27.76 -1.01
N GLN A 54 -2.93 -26.82 -0.22
CA GLN A 54 -3.05 -27.02 1.23
C GLN A 54 -3.93 -28.23 1.53
N LYS A 55 -5.23 -28.05 1.38
CA LYS A 55 -6.19 -29.13 1.64
C LYS A 55 -6.66 -29.77 0.34
N LYS A 56 -5.81 -29.73 -0.68
CA LYS A 56 -6.13 -30.31 -1.98
C LYS A 56 -7.37 -29.63 -2.58
N GLY A 57 -7.51 -29.73 -3.90
CA GLY A 57 -8.63 -29.12 -4.57
C GLY A 57 -8.59 -27.60 -4.52
N PRO A 58 -9.75 -26.94 -4.66
CA PRO A 58 -9.83 -25.47 -4.64
C PRO A 58 -9.16 -24.87 -3.41
N SER A 59 -8.69 -23.64 -3.54
CA SER A 59 -8.02 -22.96 -2.43
C SER A 59 -9.03 -22.34 -1.48
N GLN A 60 -8.79 -22.46 -0.19
CA GLN A 60 -9.68 -21.92 0.82
C GLN A 60 -9.20 -20.55 1.31
N CYS A 61 -9.98 -19.52 1.02
CA CYS A 61 -9.63 -18.16 1.42
C CYS A 61 -9.39 -18.08 2.93
N PRO A 62 -8.16 -17.75 3.35
CA PRO A 62 -7.81 -17.63 4.77
C PRO A 62 -8.12 -16.26 5.35
N LEU A 63 -9.24 -15.69 4.94
CA LEU A 63 -9.65 -14.37 5.42
C LEU A 63 -11.13 -14.37 5.83
N CYS A 64 -11.97 -14.92 4.97
CA CYS A 64 -13.40 -14.97 5.24
C CYS A 64 -13.97 -16.36 4.91
N LYS A 65 -13.12 -17.38 5.01
CA LYS A 65 -13.54 -18.75 4.73
C LYS A 65 -14.14 -18.87 3.33
N ASN A 66 -13.77 -17.94 2.46
CA ASN A 66 -14.28 -17.94 1.08
C ASN A 66 -13.89 -19.23 0.36
N ASP A 67 -14.05 -19.24 -0.96
CA ASP A 67 -13.72 -20.41 -1.76
C ASP A 67 -13.07 -20.00 -3.07
N ILE A 68 -11.78 -20.30 -3.21
CA ILE A 68 -11.04 -19.96 -4.43
C ILE A 68 -10.86 -21.18 -5.31
N THR A 69 -10.96 -20.99 -6.61
CA THR A 69 -10.80 -22.09 -7.57
C THR A 69 -9.92 -21.68 -8.74
N LYS A 70 -8.76 -21.10 -8.44
CA LYS A 70 -7.82 -20.67 -9.47
C LYS A 70 -8.50 -19.70 -10.45
N ARG A 71 -7.77 -19.35 -11.51
CA ARG A 71 -8.29 -18.44 -12.53
C ARG A 71 -8.41 -17.02 -11.99
N SER A 72 -9.24 -16.83 -10.98
CA SER A 72 -9.44 -15.52 -10.38
C SER A 72 -8.13 -14.92 -9.88
N LEU A 73 -7.15 -15.80 -9.64
CA LEU A 73 -5.84 -15.35 -9.15
C LEU A 73 -5.08 -14.61 -10.24
N GLN A 74 -4.98 -13.29 -10.10
CA GLN A 74 -4.28 -12.46 -11.06
C GLN A 74 -3.28 -11.54 -10.37
N GLU A 75 -2.01 -11.63 -10.77
CA GLU A 75 -0.97 -10.81 -10.18
C GLU A 75 -1.27 -9.32 -10.38
N SER A 76 -1.44 -8.61 -9.27
CA SER A 76 -1.73 -7.18 -9.32
C SER A 76 -0.44 -6.35 -9.28
N THR A 77 -0.51 -5.12 -9.77
CA THR A 77 0.64 -4.23 -9.78
C THR A 77 0.44 -3.05 -8.84
N ARG A 78 -0.82 -2.75 -8.52
CA ARG A 78 -1.14 -1.64 -7.64
C ARG A 78 -0.44 -1.80 -6.28
N PHE A 79 -0.32 -3.04 -5.83
CA PHE A 79 0.32 -3.31 -4.54
C PHE A 79 1.74 -3.85 -4.75
N SER A 80 2.33 -3.55 -5.90
CA SER A 80 3.68 -4.01 -6.21
C SER A 80 4.70 -2.96 -5.79
N GLN A 81 4.57 -1.76 -6.34
CA GLN A 81 5.48 -0.66 -6.02
C GLN A 81 5.30 -0.23 -4.57
N LEU A 82 4.10 -0.44 -4.03
CA LEU A 82 3.82 -0.08 -2.65
C LEU A 82 4.75 -0.82 -1.69
N VAL A 83 5.14 -2.03 -2.08
CA VAL A 83 6.02 -2.84 -1.25
C VAL A 83 7.46 -2.34 -1.33
N GLU A 84 7.99 -2.26 -2.55
CA GLU A 84 9.36 -1.79 -2.76
C GLU A 84 9.53 -0.37 -2.23
N GLU A 85 8.52 0.47 -2.42
CA GLU A 85 8.56 1.85 -1.96
C GLU A 85 8.73 1.91 -0.45
N LEU A 86 8.00 1.05 0.25
CA LEU A 86 8.07 1.01 1.71
C LEU A 86 9.49 0.71 2.18
N LEU A 87 10.18 -0.15 1.46
CA LEU A 87 11.56 -0.52 1.80
C LEU A 87 12.46 0.71 1.79
N LYS A 88 12.29 1.57 0.79
CA LYS A 88 13.09 2.77 0.67
C LYS A 88 12.78 3.74 1.81
N ILE A 89 11.53 3.73 2.27
CA ILE A 89 11.11 4.60 3.36
C ILE A 89 11.65 4.11 4.70
N ILE A 90 11.79 2.79 4.83
CA ILE A 90 12.30 2.20 6.06
C ILE A 90 13.81 2.30 6.14
N CYS A 91 14.48 1.94 5.05
CA CYS A 91 15.94 2.00 4.99
C CYS A 91 16.44 3.42 5.23
N ALA A 92 15.82 4.38 4.56
CA ALA A 92 16.19 5.78 4.70
C ALA A 92 16.06 6.24 6.14
N PHE A 93 14.96 5.87 6.78
CA PHE A 93 14.71 6.25 8.17
C PHE A 93 15.85 5.80 9.07
N GLN A 94 16.49 4.69 8.70
CA GLN A 94 17.59 4.15 9.48
C GLN A 94 18.87 4.96 9.23
N LEU A 95 19.00 5.48 8.03
CA LEU A 95 20.17 6.27 7.67
C LEU A 95 20.28 7.53 8.53
N ASP A 96 19.14 8.07 8.92
CA ASP A 96 19.10 9.27 9.76
C ASP A 96 18.93 8.90 11.22
N THR A 97 17.72 8.46 11.57
CA THR A 97 17.42 8.08 12.95
C THR A 97 18.34 6.95 13.42
N GLY A 98 18.32 5.84 12.68
CA GLY A 98 19.15 4.70 13.04
C GLY A 98 18.47 3.76 14.00
N LEU A 99 17.13 3.73 13.96
CA LEU A 99 16.36 2.86 14.84
C LEU A 99 16.10 1.51 14.17
N GLU A 100 15.68 0.53 14.97
CA GLU A 100 15.38 -0.80 14.46
C GLU A 100 14.02 -0.83 13.78
N TYR A 101 13.86 -1.74 12.83
CA TYR A 101 12.61 -1.88 12.10
C TYR A 101 11.91 -3.19 12.46
N ALA A 102 10.58 -3.19 12.37
CA ALA A 102 9.81 -4.38 12.68
C ALA A 102 10.01 -4.80 14.13
N ASN A 103 9.00 -4.58 14.96
CA ASN A 103 9.07 -4.93 16.37
C ASN A 103 10.22 -4.21 17.06
N MET B 1 21.84 26.21 16.19
CA MET B 1 22.18 27.62 16.48
C MET B 1 22.93 28.26 15.31
N GLU B 2 23.83 27.50 14.71
CA GLU B 2 24.62 27.98 13.57
C GLU B 2 24.28 27.19 12.31
N PRO B 3 23.22 27.61 11.60
CA PRO B 3 22.80 26.93 10.35
C PRO B 3 23.94 26.79 9.36
N ASP B 4 24.66 25.68 9.45
CA ASP B 4 25.77 25.42 8.55
C ASP B 4 25.42 24.35 7.52
N GLY B 5 24.55 23.42 7.91
CA GLY B 5 24.13 22.38 7.00
C GLY B 5 23.46 21.22 7.73
N ARG B 6 22.49 21.56 8.59
CA ARG B 6 21.77 20.54 9.35
C ARG B 6 20.35 20.37 8.80
N GLY B 7 20.06 19.17 8.29
CA GLY B 7 18.75 18.90 7.74
C GLY B 7 18.19 17.59 8.23
N ALA B 8 16.90 17.57 8.56
CA ALA B 8 16.24 16.36 9.05
C ALA B 8 14.91 16.14 8.32
N TRP B 9 14.45 14.90 8.32
CA TRP B 9 13.20 14.55 7.67
C TRP B 9 13.24 14.88 6.19
N ALA B 10 14.44 14.79 5.60
CA ALA B 10 14.61 15.08 4.18
C ALA B 10 14.30 13.87 3.33
N HIS B 11 15.05 12.79 3.53
CA HIS B 11 14.85 11.56 2.77
C HIS B 11 13.45 11.00 3.00
N SER B 12 12.91 11.25 4.20
CA SER B 12 11.58 10.78 4.54
C SER B 12 10.52 11.39 3.63
N ARG B 13 10.78 12.62 3.19
CA ARG B 13 9.85 13.32 2.31
C ARG B 13 9.90 12.74 0.90
N ALA B 14 11.11 12.51 0.40
CA ALA B 14 11.29 11.96 -0.94
C ALA B 14 10.63 10.59 -1.06
N ALA B 15 10.84 9.74 -0.06
CA ALA B 15 10.26 8.40 -0.06
C ALA B 15 8.75 8.47 0.04
N LEU B 16 8.24 9.43 0.80
CA LEU B 16 6.81 9.59 0.99
C LEU B 16 6.11 9.85 -0.35
N ASP B 17 6.68 10.75 -1.15
CA ASP B 17 6.13 11.09 -2.45
C ASP B 17 6.11 9.87 -3.37
N ARG B 18 7.13 9.02 -3.22
CA ARG B 18 7.23 7.81 -4.04
C ARG B 18 6.01 6.93 -3.86
N LEU B 19 5.51 6.85 -2.63
CA LEU B 19 4.35 6.03 -2.32
C LEU B 19 3.06 6.74 -2.76
N GLU B 20 3.09 8.08 -2.73
CA GLU B 20 1.93 8.87 -3.14
C GLU B 20 1.53 8.56 -4.57
N LYS B 21 2.50 8.21 -5.40
CA LYS B 21 2.25 7.89 -6.80
C LYS B 21 1.23 6.76 -6.93
N LEU B 22 1.22 5.87 -5.94
CA LEU B 22 0.30 4.74 -5.94
C LEU B 22 -0.89 4.99 -5.02
N LEU B 23 -1.11 6.26 -4.68
CA LEU B 23 -2.21 6.64 -3.79
C LEU B 23 -3.13 7.66 -4.47
N ARG B 24 -2.52 8.62 -5.17
CA ARG B 24 -3.28 9.65 -5.87
C ARG B 24 -4.29 9.03 -6.83
N CYS B 25 -5.54 9.46 -6.75
CA CYS B 25 -6.59 8.96 -7.62
C CYS B 25 -6.26 9.21 -9.09
N SER B 26 -6.85 8.40 -9.96
CA SER B 26 -6.61 8.53 -11.40
C SER B 26 -7.44 9.67 -11.98
N ARG B 27 -8.63 9.88 -11.43
CA ARG B 27 -9.51 10.95 -11.88
C ARG B 27 -9.44 12.15 -10.95
N CYS B 28 -9.79 11.93 -9.68
CA CYS B 28 -9.77 13.00 -8.69
C CYS B 28 -8.37 13.62 -8.58
N THR B 29 -7.36 12.86 -8.99
CA THR B 29 -5.98 13.33 -8.94
C THR B 29 -5.67 14.03 -7.62
N ASN B 30 -5.77 13.27 -6.52
CA ASN B 30 -5.51 13.81 -5.20
C ASN B 30 -5.43 12.70 -4.17
N ILE B 31 -5.21 13.06 -2.90
CA ILE B 31 -5.12 12.10 -1.82
C ILE B 31 -6.47 11.45 -1.55
N LEU B 32 -6.87 10.54 -2.42
CA LEU B 32 -8.15 9.84 -2.28
C LEU B 32 -8.29 9.24 -0.89
N ARG B 33 -9.49 8.75 -0.58
CA ARG B 33 -9.77 8.15 0.72
C ARG B 33 -10.85 7.08 0.59
N GLU B 34 -10.53 5.87 1.03
CA GLU B 34 -11.47 4.75 0.96
C GLU B 34 -11.94 4.54 -0.48
N PRO B 35 -10.99 4.40 -1.43
CA PRO B 35 -11.31 4.20 -2.85
C PRO B 35 -11.93 2.84 -3.11
N VAL B 36 -12.14 2.54 -4.39
CA VAL B 36 -12.74 1.27 -4.80
C VAL B 36 -11.92 0.61 -5.91
N CYS B 37 -11.87 -0.72 -5.89
CA CYS B 37 -11.12 -1.46 -6.90
C CYS B 37 -11.85 -1.45 -8.23
N LEU B 38 -11.09 -1.31 -9.31
CA LEU B 38 -11.66 -1.29 -10.66
C LEU B 38 -12.34 -2.61 -10.98
N GLY B 39 -11.56 -3.69 -11.02
CA GLY B 39 -12.11 -5.00 -11.32
C GLY B 39 -11.04 -6.08 -11.34
N GLY B 40 -9.97 -5.85 -12.08
CA GLY B 40 -8.91 -6.82 -12.16
C GLY B 40 -7.77 -6.36 -13.06
N CYS B 41 -7.39 -5.09 -12.94
CA CYS B 41 -6.31 -4.54 -13.75
C CYS B 41 -5.19 -4.00 -12.87
N GLU B 42 -5.38 -2.78 -12.36
CA GLU B 42 -4.39 -2.15 -11.49
C GLU B 42 -4.85 -0.75 -11.10
N HIS B 43 -5.53 -0.08 -12.02
CA HIS B 43 -6.03 1.27 -11.77
C HIS B 43 -6.88 1.33 -10.51
N ILE B 44 -6.72 2.39 -9.75
CA ILE B 44 -7.49 2.58 -8.51
C ILE B 44 -8.10 3.97 -8.44
N PHE B 45 -9.40 4.03 -8.17
CA PHE B 45 -10.11 5.30 -8.09
C PHE B 45 -10.91 5.39 -6.79
N CYS B 46 -11.37 6.59 -6.47
CA CYS B 46 -12.17 6.81 -5.27
C CYS B 46 -13.46 6.00 -5.32
N SER B 47 -14.36 6.29 -4.38
CA SER B 47 -15.64 5.59 -4.33
C SER B 47 -16.73 6.39 -5.02
N ASN B 48 -16.34 7.20 -6.01
CA ASN B 48 -17.29 8.02 -6.75
C ASN B 48 -16.74 8.38 -8.13
N CYS B 49 -15.81 7.57 -8.64
CA CYS B 49 -15.21 7.80 -9.93
C CYS B 49 -15.19 6.52 -10.77
N VAL B 50 -14.69 5.44 -10.17
CA VAL B 50 -14.61 4.16 -10.84
C VAL B 50 -15.99 3.70 -11.32
N SER B 51 -17.02 4.08 -10.56
CA SER B 51 -18.39 3.70 -10.90
C SER B 51 -18.82 4.35 -12.23
N ASP B 52 -18.40 3.73 -13.33
CA ASP B 52 -18.75 4.23 -14.65
C ASP B 52 -18.77 3.10 -15.67
N CYS B 53 -17.74 2.27 -15.64
CA CYS B 53 -17.65 1.14 -16.56
C CYS B 53 -17.38 -0.16 -15.80
N ILE B 54 -18.02 -0.30 -14.64
CA ILE B 54 -17.85 -1.49 -13.82
C ILE B 54 -18.57 -2.68 -14.42
N GLY B 55 -19.69 -2.40 -15.11
CA GLY B 55 -20.45 -3.47 -15.73
C GLY B 55 -19.66 -4.22 -16.78
N THR B 56 -18.70 -3.53 -17.39
CA THR B 56 -17.86 -4.15 -18.42
C THR B 56 -16.47 -4.45 -17.87
N GLY B 57 -15.87 -3.46 -17.21
CA GLY B 57 -14.54 -3.64 -16.65
C GLY B 57 -13.78 -2.33 -16.53
N CYS B 58 -12.67 -2.24 -17.23
CA CYS B 58 -11.84 -1.04 -17.20
C CYS B 58 -11.76 -0.41 -18.60
N PRO B 59 -11.92 0.92 -18.69
CA PRO B 59 -11.87 1.63 -19.97
C PRO B 59 -10.43 1.85 -20.45
N VAL B 60 -9.47 1.70 -19.55
CA VAL B 60 -8.07 1.89 -19.89
C VAL B 60 -7.38 0.56 -20.21
N CYS B 61 -7.26 -0.29 -19.20
CA CYS B 61 -6.62 -1.59 -19.36
C CYS B 61 -7.51 -2.54 -20.18
N TYR B 62 -8.78 -2.17 -20.34
CA TYR B 62 -9.71 -2.99 -21.10
C TYR B 62 -9.88 -4.36 -20.44
N THR B 63 -9.67 -4.42 -19.14
CA THR B 63 -9.81 -5.66 -18.39
C THR B 63 -11.21 -5.80 -17.80
N PRO B 64 -11.88 -6.94 -18.03
CA PRO B 64 -13.24 -7.18 -17.51
C PRO B 64 -13.31 -6.97 -16.00
N ALA B 65 -14.44 -6.42 -15.54
CA ALA B 65 -14.64 -6.17 -14.12
C ALA B 65 -14.79 -7.49 -13.36
N TRP B 66 -13.83 -7.78 -12.48
CA TRP B 66 -13.86 -9.00 -11.69
C TRP B 66 -14.51 -8.77 -10.33
N ILE B 67 -15.23 -7.66 -10.20
CA ILE B 67 -15.89 -7.33 -8.95
C ILE B 67 -17.40 -7.25 -9.13
N GLN B 68 -17.84 -6.66 -10.24
CA GLN B 68 -19.26 -6.52 -10.54
C GLN B 68 -19.96 -5.68 -9.47
N ASP B 69 -19.18 -4.96 -8.66
CA ASP B 69 -19.72 -4.13 -7.61
C ASP B 69 -18.71 -3.08 -7.16
N LEU B 70 -19.07 -2.30 -6.15
CA LEU B 70 -18.19 -1.26 -5.63
C LEU B 70 -17.67 -1.63 -4.26
N LYS B 71 -16.52 -2.30 -4.23
CA LYS B 71 -15.91 -2.72 -2.97
C LYS B 71 -15.07 -1.60 -2.38
N ILE B 72 -14.33 -1.91 -1.31
CA ILE B 72 -13.49 -0.92 -0.65
C ILE B 72 -12.09 -1.46 -0.41
N ASN B 73 -11.08 -0.64 -0.70
CA ASN B 73 -9.69 -1.04 -0.52
C ASN B 73 -9.27 -0.87 0.94
N ARG B 74 -9.62 -1.85 1.77
CA ARG B 74 -9.29 -1.81 3.19
C ARG B 74 -7.79 -1.67 3.40
N GLN B 75 -7.01 -2.23 2.49
CA GLN B 75 -5.55 -2.17 2.57
C GLN B 75 -5.03 -0.85 2.04
N LEU B 76 -5.38 -0.54 0.79
CA LEU B 76 -4.94 0.70 0.17
C LEU B 76 -5.45 1.91 0.96
N ASP B 77 -6.70 1.84 1.40
CA ASP B 77 -7.30 2.92 2.16
C ASP B 77 -6.50 3.19 3.43
N SER B 78 -6.19 2.12 4.16
CA SER B 78 -5.41 2.25 5.40
C SER B 78 -4.08 2.93 5.12
N MET B 79 -3.56 2.73 3.91
CA MET B 79 -2.29 3.33 3.53
C MET B 79 -2.45 4.84 3.34
N ILE B 80 -3.62 5.25 2.89
CA ILE B 80 -3.91 6.67 2.68
C ILE B 80 -3.72 7.46 3.97
N GLN B 81 -4.37 6.98 5.03
CA GLN B 81 -4.28 7.63 6.33
C GLN B 81 -2.84 7.63 6.84
N LEU B 82 -2.10 6.59 6.46
CA LEU B 82 -0.70 6.45 6.87
C LEU B 82 0.14 7.61 6.31
N CYS B 83 0.02 7.83 5.01
CA CYS B 83 0.77 8.90 4.35
C CYS B 83 0.44 10.25 4.97
N SER B 84 -0.80 10.40 5.44
CA SER B 84 -1.24 11.64 6.07
C SER B 84 -0.39 11.96 7.29
N LYS B 85 -0.09 10.93 8.08
CA LYS B 85 0.72 11.10 9.28
C LYS B 85 2.10 11.66 8.93
N LEU B 86 2.76 11.02 7.98
CA LEU B 86 4.09 11.45 7.55
C LEU B 86 4.04 12.85 6.95
N ARG B 87 2.95 13.15 6.24
CA ARG B 87 2.78 14.45 5.61
C ARG B 87 2.81 15.57 6.65
N ASN B 88 2.24 15.30 7.82
CA ASN B 88 2.20 16.29 8.90
C ASN B 88 3.45 16.19 9.76
N LEU B 89 3.99 14.97 9.87
CA LEU B 89 5.19 14.75 10.67
C LEU B 89 6.39 15.47 10.08
N LEU B 90 6.39 15.61 8.75
CA LEU B 90 7.48 16.28 8.06
C LEU B 90 7.17 17.76 7.87
N HIS B 91 5.89 18.09 7.73
CA HIS B 91 5.47 19.47 7.55
C HIS B 91 5.87 20.33 8.74
N ASP B 92 5.72 19.79 9.93
CA ASP B 92 6.07 20.51 11.16
C ASP B 92 7.56 20.83 11.18
N ASN B 93 7.93 21.94 10.55
CA ASN B 93 9.32 22.37 10.51
C ASN B 93 9.43 23.86 10.21
N GLU B 94 10.50 24.49 10.70
CA GLU B 94 10.72 25.91 10.49
C GLU B 94 11.85 26.15 9.48
N LEU B 95 11.96 27.38 9.02
CA LEU B 95 13.00 27.74 8.05
C LEU B 95 13.53 29.14 8.32
N SER B 96 13.59 29.50 9.60
CA SER B 96 14.09 30.81 10.00
C SER B 96 13.25 31.93 9.39
N ASP B 97 12.37 32.52 10.21
CA ASP B 97 11.50 33.59 9.74
C ASP B 97 12.32 34.83 9.40
ZN ZN C . 2.57 -15.69 1.58
ZN ZN D . -12.03 -13.74 0.91
ZN ZN E . -11.44 9.95 -7.62
ZN ZN F . -7.40 -0.83 -15.44
N MET A 1 22.40 9.17 18.27
CA MET A 1 21.95 10.56 17.97
C MET A 1 20.42 10.66 17.92
N ASP A 2 19.78 9.64 17.35
CA ASP A 2 18.33 9.61 17.25
C ASP A 2 17.80 10.84 16.49
N LEU A 3 18.61 11.35 15.57
CA LEU A 3 18.23 12.52 14.79
C LEU A 3 17.89 13.69 15.70
N SER A 4 18.64 13.83 16.79
CA SER A 4 18.41 14.91 17.74
C SER A 4 17.02 14.81 18.37
N ALA A 5 16.45 13.61 18.33
CA ALA A 5 15.12 13.39 18.90
C ALA A 5 14.09 14.35 18.31
N LEU A 6 14.38 14.87 17.12
CA LEU A 6 13.47 15.80 16.45
C LEU A 6 12.10 15.18 16.24
N ARG A 7 12.08 14.00 15.63
CA ARG A 7 10.83 13.31 15.37
C ARG A 7 11.09 11.93 14.76
N VAL A 8 11.98 11.17 15.38
CA VAL A 8 12.33 9.84 14.90
C VAL A 8 11.34 8.80 15.42
N GLU A 9 10.81 9.04 16.61
CA GLU A 9 9.85 8.11 17.22
C GLU A 9 8.53 8.14 16.48
N GLU A 10 8.11 9.34 16.07
CA GLU A 10 6.85 9.50 15.36
C GLU A 10 6.92 8.87 13.97
N VAL A 11 7.94 9.24 13.21
CA VAL A 11 8.13 8.71 11.86
C VAL A 11 8.27 7.19 11.89
N GLN A 12 9.11 6.69 12.78
CA GLN A 12 9.33 5.26 12.92
C GLN A 12 8.00 4.50 13.08
N ASN A 13 7.07 5.13 13.78
CA ASN A 13 5.76 4.52 14.00
C ASN A 13 4.95 4.46 12.70
N VAL A 14 5.19 5.42 11.82
CA VAL A 14 4.48 5.47 10.54
C VAL A 14 5.01 4.39 9.59
N ILE A 15 6.32 4.16 9.64
CA ILE A 15 6.94 3.16 8.77
C ILE A 15 6.45 1.75 9.10
N ASN A 16 6.14 1.54 10.38
CA ASN A 16 5.66 0.23 10.84
C ASN A 16 4.23 -0.01 10.37
N ALA A 17 3.38 0.99 10.52
CA ALA A 17 1.99 0.89 10.10
C ALA A 17 1.87 0.58 8.61
N MET A 18 2.67 1.28 7.81
CA MET A 18 2.66 1.07 6.37
C MET A 18 2.97 -0.38 6.01
N GLN A 19 3.93 -0.96 6.73
CA GLN A 19 4.32 -2.35 6.48
C GLN A 19 3.14 -3.28 6.68
N LYS A 20 2.33 -3.01 7.70
CA LYS A 20 1.17 -3.84 7.99
C LYS A 20 0.22 -3.86 6.81
N ILE A 21 0.18 -2.76 6.06
CA ILE A 21 -0.69 -2.65 4.90
C ILE A 21 -0.18 -3.54 3.77
N LEU A 22 1.14 -3.72 3.71
CA LEU A 22 1.75 -4.54 2.67
C LEU A 22 2.20 -5.88 3.26
N GLU A 23 1.50 -6.35 4.29
CA GLU A 23 1.84 -7.61 4.94
C GLU A 23 1.16 -8.78 4.24
N CYS A 24 1.22 -9.95 4.87
CA CYS A 24 0.62 -11.15 4.32
C CYS A 24 -0.53 -11.65 5.20
N PRO A 25 -1.65 -12.08 4.58
CA PRO A 25 -2.82 -12.55 5.30
C PRO A 25 -2.86 -14.07 5.51
N ILE A 26 -1.74 -14.75 5.26
CA ILE A 26 -1.71 -16.21 5.43
C ILE A 26 -0.43 -16.69 6.10
N CYS A 27 0.71 -16.11 5.75
CA CYS A 27 1.99 -16.51 6.33
C CYS A 27 2.73 -15.31 6.94
N LEU A 28 2.11 -14.14 6.89
CA LEU A 28 2.72 -12.93 7.45
C LEU A 28 4.08 -12.65 6.82
N GLU A 29 4.25 -13.06 5.56
CA GLU A 29 5.51 -12.85 4.86
C GLU A 29 5.39 -11.70 3.87
N LEU A 30 6.19 -10.65 4.06
CA LEU A 30 6.17 -9.48 3.17
C LEU A 30 5.97 -9.89 1.71
N ILE A 31 4.72 -9.80 1.26
CA ILE A 31 4.38 -10.17 -0.11
C ILE A 31 5.30 -9.50 -1.13
N LYS A 32 5.79 -10.30 -2.08
CA LYS A 32 6.68 -9.79 -3.11
C LYS A 32 5.98 -9.74 -4.47
N GLU A 33 5.08 -10.69 -4.69
CA GLU A 33 4.33 -10.75 -5.94
C GLU A 33 2.84 -10.53 -5.70
N PRO A 34 2.42 -9.27 -5.55
CA PRO A 34 1.01 -8.93 -5.30
C PRO A 34 0.07 -9.58 -6.31
N VAL A 35 -0.99 -10.21 -5.78
CA VAL A 35 -1.97 -10.87 -6.63
C VAL A 35 -3.37 -10.74 -6.03
N SER A 36 -4.28 -10.14 -6.79
CA SER A 36 -5.65 -9.95 -6.33
C SER A 36 -6.44 -11.26 -6.40
N THR A 37 -7.09 -11.61 -5.29
CA THR A 37 -7.88 -12.83 -5.23
C THR A 37 -9.35 -12.54 -5.50
N LYS A 38 -10.11 -13.59 -5.81
CA LYS A 38 -11.53 -13.45 -6.11
C LYS A 38 -12.24 -12.60 -5.05
N CYS A 39 -11.72 -12.61 -3.83
CA CYS A 39 -12.31 -11.84 -2.74
C CYS A 39 -11.60 -10.50 -2.57
N ASP A 40 -11.01 -9.99 -3.66
CA ASP A 40 -10.31 -8.72 -3.63
C ASP A 40 -9.24 -8.70 -2.54
N HIS A 41 -8.39 -9.72 -2.53
CA HIS A 41 -7.32 -9.82 -1.54
C HIS A 41 -5.96 -9.99 -2.21
N ILE A 42 -4.92 -9.50 -1.53
CA ILE A 42 -3.56 -9.62 -2.07
C ILE A 42 -2.82 -10.80 -1.46
N PHE A 43 -2.08 -11.52 -2.30
CA PHE A 43 -1.32 -12.68 -1.86
C PHE A 43 0.08 -12.68 -2.47
N CYS A 44 0.88 -13.67 -2.09
CA CYS A 44 2.24 -13.78 -2.59
C CYS A 44 2.32 -14.80 -3.73
N LYS A 45 1.23 -14.94 -4.48
CA LYS A 45 1.17 -15.88 -5.59
C LYS A 45 1.31 -17.32 -5.10
N PHE A 46 2.53 -17.71 -4.75
CA PHE A 46 2.80 -19.06 -4.27
C PHE A 46 1.86 -19.42 -3.11
N CYS A 47 1.38 -18.41 -2.39
CA CYS A 47 0.48 -18.64 -1.27
C CYS A 47 -0.76 -19.38 -1.71
N MET A 48 -1.17 -19.15 -2.96
CA MET A 48 -2.35 -19.81 -3.51
C MET A 48 -2.11 -21.30 -3.70
N LEU A 49 -0.89 -21.65 -4.10
CA LEU A 49 -0.52 -23.04 -4.31
C LEU A 49 -0.69 -23.85 -3.03
N LYS A 50 -0.02 -23.41 -1.97
CA LYS A 50 -0.11 -24.09 -0.68
C LYS A 50 -1.54 -24.12 -0.17
N LEU A 51 -2.26 -23.03 -0.37
CA LEU A 51 -3.64 -22.92 0.06
C LEU A 51 -4.54 -23.84 -0.76
N LEU A 52 -4.19 -24.01 -2.04
CA LEU A 52 -4.97 -24.85 -2.93
C LEU A 52 -4.68 -26.33 -2.67
N ASN A 53 -3.45 -26.62 -2.24
CA ASN A 53 -3.05 -28.00 -1.96
C ASN A 53 -3.26 -28.34 -0.49
N GLN A 54 -3.35 -27.32 0.35
CA GLN A 54 -3.54 -27.51 1.79
C GLN A 54 -4.76 -28.39 2.05
N LYS A 55 -5.75 -28.30 1.17
CA LYS A 55 -6.98 -29.09 1.33
C LYS A 55 -7.41 -29.70 -0.01
N LYS A 56 -6.45 -29.86 -0.92
CA LYS A 56 -6.74 -30.42 -2.23
C LYS A 56 -7.74 -29.57 -3.00
N GLY A 57 -7.70 -29.65 -4.32
CA GLY A 57 -8.61 -28.88 -5.14
C GLY A 57 -8.53 -27.38 -4.85
N PRO A 58 -9.60 -26.62 -5.15
CA PRO A 58 -9.63 -25.18 -4.91
C PRO A 58 -9.23 -24.82 -3.49
N SER A 59 -8.81 -23.57 -3.31
CA SER A 59 -8.39 -23.09 -2.00
C SER A 59 -9.56 -22.47 -1.24
N GLN A 60 -9.27 -21.91 -0.07
CA GLN A 60 -10.31 -21.29 0.75
C GLN A 60 -9.86 -19.92 1.25
N CYS A 61 -10.52 -18.87 0.77
CA CYS A 61 -10.19 -17.51 1.18
C CYS A 61 -10.28 -17.35 2.70
N PRO A 62 -9.13 -17.20 3.38
CA PRO A 62 -9.09 -17.04 4.84
C PRO A 62 -9.54 -15.66 5.29
N LEU A 63 -9.60 -14.72 4.37
CA LEU A 63 -10.01 -13.35 4.68
C LEU A 63 -11.53 -13.25 4.78
N CYS A 64 -12.23 -14.11 4.05
CA CYS A 64 -13.69 -14.11 4.07
C CYS A 64 -14.25 -15.53 4.08
N LYS A 65 -13.44 -16.48 4.53
CA LYS A 65 -13.85 -17.88 4.59
C LYS A 65 -14.49 -18.33 3.27
N ASN A 66 -14.09 -17.70 2.18
CA ASN A 66 -14.62 -18.04 0.87
C ASN A 66 -13.90 -19.24 0.27
N ASP A 67 -14.14 -19.51 -1.01
CA ASP A 67 -13.52 -20.63 -1.69
C ASP A 67 -12.78 -20.17 -2.94
N ILE A 68 -11.46 -20.07 -2.84
CA ILE A 68 -10.64 -19.63 -3.96
C ILE A 68 -10.35 -20.79 -4.90
N THR A 69 -10.00 -20.45 -6.15
CA THR A 69 -9.70 -21.47 -7.15
C THR A 69 -8.43 -21.12 -7.92
N LYS A 70 -8.11 -21.91 -8.94
CA LYS A 70 -6.92 -21.68 -9.75
C LYS A 70 -7.27 -20.94 -11.03
N ARG A 71 -8.26 -20.06 -10.95
CA ARG A 71 -8.70 -19.28 -12.11
C ARG A 71 -9.64 -18.16 -11.68
N SER A 72 -9.40 -17.60 -10.51
CA SER A 72 -10.23 -16.51 -9.99
C SER A 72 -9.39 -15.26 -9.74
N LEU A 73 -8.21 -15.45 -9.16
CA LEU A 73 -7.31 -14.34 -8.87
C LEU A 73 -6.92 -13.60 -10.15
N GLN A 74 -6.29 -12.44 -9.98
CA GLN A 74 -5.87 -11.64 -11.12
C GLN A 74 -4.50 -11.01 -10.86
N GLU A 75 -3.44 -11.70 -11.25
CA GLU A 75 -2.08 -11.21 -11.05
C GLU A 75 -1.89 -9.85 -11.72
N SER A 76 -1.91 -8.79 -10.92
CA SER A 76 -1.74 -7.43 -11.43
C SER A 76 -0.69 -6.69 -10.63
N THR A 77 -0.51 -5.41 -10.96
CA THR A 77 0.48 -4.57 -10.27
C THR A 77 -0.20 -3.46 -9.47
N ARG A 78 -0.60 -3.78 -8.25
CA ARG A 78 -1.27 -2.81 -7.39
C ARG A 78 -0.42 -2.50 -6.16
N PHE A 79 -0.02 -3.54 -5.45
CA PHE A 79 0.80 -3.39 -4.25
C PHE A 79 2.22 -3.87 -4.51
N SER A 80 2.69 -3.69 -5.74
CA SER A 80 4.04 -4.10 -6.11
C SER A 80 5.06 -3.02 -5.77
N GLN A 81 4.70 -1.77 -6.02
CA GLN A 81 5.59 -0.65 -5.74
C GLN A 81 5.47 -0.22 -4.28
N LEU A 82 4.28 -0.40 -3.72
CA LEU A 82 4.04 -0.03 -2.32
C LEU A 82 4.91 -0.86 -1.38
N VAL A 83 5.21 -2.09 -1.79
CA VAL A 83 6.03 -2.99 -0.98
C VAL A 83 7.51 -2.69 -1.20
N GLU A 84 7.86 -2.32 -2.42
CA GLU A 84 9.24 -2.01 -2.77
C GLU A 84 9.64 -0.64 -2.25
N GLU A 85 8.82 0.36 -2.53
CA GLU A 85 9.08 1.72 -2.08
C GLU A 85 9.18 1.78 -0.56
N LEU A 86 8.28 1.06 0.11
CA LEU A 86 8.26 1.04 1.57
C LEU A 86 9.60 0.56 2.12
N LEU A 87 10.11 -0.54 1.56
CA LEU A 87 11.39 -1.10 1.99
C LEU A 87 12.50 -0.06 1.86
N LYS A 88 12.37 0.83 0.89
CA LYS A 88 13.36 1.87 0.65
C LYS A 88 13.26 2.95 1.73
N ILE A 89 12.04 3.26 2.14
CA ILE A 89 11.81 4.27 3.16
C ILE A 89 12.36 3.81 4.51
N ILE A 90 12.31 2.51 4.75
CA ILE A 90 12.81 1.95 6.01
C ILE A 90 14.32 2.07 6.10
N CYS A 91 15.00 1.79 4.99
CA CYS A 91 16.46 1.87 4.93
C CYS A 91 16.92 3.32 5.14
N ALA A 92 16.16 4.26 4.61
CA ALA A 92 16.50 5.67 4.74
C ALA A 92 16.56 6.09 6.19
N PHE A 93 15.61 5.60 6.99
CA PHE A 93 15.56 5.91 8.41
C PHE A 93 16.84 5.49 9.12
N GLN A 94 17.19 4.21 9.00
CA GLN A 94 18.40 3.68 9.62
C GLN A 94 19.64 4.36 9.06
N LEU A 95 19.57 4.77 7.79
CA LEU A 95 20.69 5.43 7.13
C LEU A 95 21.06 6.71 7.86
N ASP A 96 20.04 7.48 8.26
CA ASP A 96 20.27 8.73 8.97
C ASP A 96 20.11 8.54 10.48
N THR A 97 18.90 8.23 10.91
CA THR A 97 18.63 8.02 12.33
C THR A 97 19.51 6.91 12.90
N GLY A 98 19.42 5.72 12.29
CA GLY A 98 20.20 4.60 12.76
C GLY A 98 19.48 3.77 13.81
N LEU A 99 18.16 3.81 13.77
CA LEU A 99 17.35 3.05 14.73
C LEU A 99 16.96 1.70 14.18
N GLU A 100 16.49 0.82 15.05
CA GLU A 100 16.08 -0.52 14.64
C GLU A 100 14.64 -0.53 14.14
N TYR A 101 14.43 -1.14 12.98
CA TYR A 101 13.10 -1.21 12.39
C TYR A 101 12.34 -2.42 12.92
N ALA A 102 13.04 -3.53 13.10
CA ALA A 102 12.43 -4.75 13.61
C ALA A 102 13.48 -5.83 13.87
N ASN A 103 14.17 -5.71 15.00
CA ASN A 103 15.21 -6.68 15.36
C ASN A 103 15.31 -6.83 16.87
N MET B 1 21.48 26.36 4.84
CA MET B 1 22.89 26.84 4.86
C MET B 1 23.41 26.97 6.29
N GLU B 2 22.55 27.43 7.18
CA GLU B 2 22.92 27.60 8.58
C GLU B 2 22.35 26.48 9.44
N PRO B 3 23.00 26.17 10.58
CA PRO B 3 22.55 25.12 11.49
C PRO B 3 21.26 25.49 12.22
N ASP B 4 20.16 24.85 11.83
CA ASP B 4 18.86 25.11 12.44
C ASP B 4 17.95 23.90 12.31
N GLY B 5 17.79 23.42 11.09
CA GLY B 5 16.93 22.27 10.85
C GLY B 5 16.61 22.08 9.38
N ARG B 6 17.61 22.26 8.53
CA ARG B 6 17.42 22.10 7.09
C ARG B 6 18.03 20.80 6.59
N GLY B 7 19.11 20.37 7.26
CA GLY B 7 19.77 19.13 6.87
C GLY B 7 19.20 17.92 7.57
N ALA B 8 17.89 17.77 7.52
CA ALA B 8 17.22 16.65 8.16
C ALA B 8 15.87 16.37 7.52
N TRP B 9 15.39 15.14 7.64
CA TRP B 9 14.11 14.74 7.06
C TRP B 9 14.12 14.93 5.55
N ALA B 10 15.29 14.75 4.94
CA ALA B 10 15.42 14.90 3.50
C ALA B 10 15.06 13.61 2.78
N HIS B 11 15.80 12.54 3.08
CA HIS B 11 15.55 11.25 2.46
C HIS B 11 14.14 10.75 2.76
N SER B 12 13.62 11.13 3.93
CA SER B 12 12.28 10.73 4.33
C SER B 12 11.22 11.42 3.49
N ARG B 13 11.50 12.67 3.11
CA ARG B 13 10.57 13.45 2.30
C ARG B 13 10.57 12.96 0.86
N ALA B 14 11.77 12.73 0.33
CA ALA B 14 11.91 12.26 -1.05
C ALA B 14 11.21 10.92 -1.25
N ALA B 15 11.50 9.98 -0.36
CA ALA B 15 10.90 8.65 -0.45
C ALA B 15 9.38 8.73 -0.35
N LEU B 16 8.89 9.72 0.38
CA LEU B 16 7.45 9.89 0.56
C LEU B 16 6.77 10.15 -0.78
N ASP B 17 7.36 11.05 -1.58
CA ASP B 17 6.81 11.37 -2.89
C ASP B 17 6.74 10.13 -3.77
N ARG B 18 7.73 9.27 -3.65
CA ARG B 18 7.79 8.04 -4.44
C ARG B 18 6.59 7.15 -4.14
N LEU B 19 6.22 7.07 -2.87
CA LEU B 19 5.08 6.25 -2.47
C LEU B 19 3.77 6.87 -2.92
N GLU B 20 3.74 8.20 -2.99
CA GLU B 20 2.54 8.92 -3.41
C GLU B 20 2.12 8.50 -4.82
N LYS B 21 3.09 8.31 -5.69
CA LYS B 21 2.82 7.91 -7.07
C LYS B 21 2.02 6.61 -7.11
N LEU B 22 2.17 5.79 -6.06
CA LEU B 22 1.46 4.53 -5.98
C LEU B 22 0.02 4.73 -5.54
N LEU B 23 -0.21 5.76 -4.74
CA LEU B 23 -1.55 6.07 -4.24
C LEU B 23 -2.27 7.06 -5.15
N ARG B 24 -1.49 7.87 -5.87
CA ARG B 24 -2.06 8.86 -6.78
C ARG B 24 -3.05 8.22 -7.74
N CYS B 25 -4.29 8.71 -7.72
CA CYS B 25 -5.34 8.19 -8.59
C CYS B 25 -4.92 8.23 -10.05
N SER B 26 -5.43 7.30 -10.84
CA SER B 26 -5.11 7.23 -12.27
C SER B 26 -5.85 8.32 -13.04
N ARG B 27 -7.03 8.68 -12.56
CA ARG B 27 -7.85 9.70 -13.20
C ARG B 27 -7.66 11.06 -12.53
N CYS B 28 -7.96 11.13 -11.24
CA CYS B 28 -7.82 12.35 -10.48
C CYS B 28 -6.36 12.80 -10.40
N THR B 29 -5.44 11.88 -10.71
CA THR B 29 -4.01 12.18 -10.68
C THR B 29 -3.62 12.96 -9.42
N ASN B 30 -4.14 12.52 -8.29
CA ASN B 30 -3.86 13.17 -7.01
C ASN B 30 -4.08 12.21 -5.85
N ILE B 31 -4.00 12.73 -4.63
CA ILE B 31 -4.19 11.92 -3.44
C ILE B 31 -5.63 11.45 -3.32
N LEU B 32 -5.81 10.15 -3.12
CA LEU B 32 -7.14 9.56 -3.00
C LEU B 32 -7.37 9.04 -1.58
N ARG B 33 -8.62 9.03 -1.15
CA ARG B 33 -8.98 8.56 0.18
C ARG B 33 -10.09 7.51 0.10
N GLU B 34 -9.79 6.31 0.59
CA GLU B 34 -10.75 5.22 0.57
C GLU B 34 -11.21 4.92 -0.86
N PRO B 35 -10.25 4.66 -1.77
CA PRO B 35 -10.56 4.36 -3.16
C PRO B 35 -11.27 3.03 -3.33
N VAL B 36 -11.63 2.71 -4.58
CA VAL B 36 -12.33 1.46 -4.86
C VAL B 36 -11.59 0.65 -5.93
N CYS B 37 -11.66 -0.67 -5.82
CA CYS B 37 -10.99 -1.55 -6.76
C CYS B 37 -11.77 -1.63 -8.07
N LEU B 38 -11.06 -1.53 -9.19
CA LEU B 38 -11.70 -1.59 -10.51
C LEU B 38 -12.45 -2.91 -10.69
N GLY B 39 -11.72 -4.01 -10.58
CA GLY B 39 -12.33 -5.32 -10.73
C GLY B 39 -11.31 -6.44 -10.76
N GLY B 40 -10.49 -6.46 -11.81
CA GLY B 40 -9.48 -7.50 -11.93
C GLY B 40 -8.33 -7.09 -12.83
N CYS B 41 -7.90 -5.83 -12.70
CA CYS B 41 -6.80 -5.32 -13.51
C CYS B 41 -5.69 -4.78 -12.60
N GLU B 42 -5.01 -3.72 -13.04
CA GLU B 42 -3.93 -3.13 -12.26
C GLU B 42 -4.09 -1.61 -12.16
N HIS B 43 -5.33 -1.17 -11.93
CA HIS B 43 -5.60 0.25 -11.81
C HIS B 43 -6.53 0.53 -10.62
N ILE B 44 -6.23 1.57 -9.88
CA ILE B 44 -7.03 1.95 -8.72
C ILE B 44 -7.47 3.40 -8.80
N PHE B 45 -8.70 3.67 -8.38
CA PHE B 45 -9.25 5.02 -8.41
C PHE B 45 -10.05 5.31 -7.15
N CYS B 46 -10.48 6.56 -6.99
CA CYS B 46 -11.26 6.96 -5.84
C CYS B 46 -12.59 6.21 -5.79
N SER B 47 -13.43 6.55 -4.82
CA SER B 47 -14.73 5.90 -4.66
C SER B 47 -15.85 6.78 -5.20
N ASN B 48 -15.51 7.65 -6.16
CA ASN B 48 -16.50 8.55 -6.74
C ASN B 48 -16.17 8.87 -8.20
N CYS B 49 -15.32 8.05 -8.80
CA CYS B 49 -14.93 8.25 -10.19
C CYS B 49 -14.99 6.94 -10.98
N VAL B 50 -14.48 5.87 -10.38
CA VAL B 50 -14.48 4.57 -11.03
C VAL B 50 -15.90 4.07 -11.26
N SER B 51 -16.81 4.46 -10.39
CA SER B 51 -18.21 4.06 -10.50
C SER B 51 -18.77 4.37 -11.88
N ASP B 52 -18.25 5.43 -12.50
CA ASP B 52 -18.70 5.84 -13.82
C ASP B 52 -18.47 4.72 -14.83
N CYS B 53 -19.55 4.06 -15.23
CA CYS B 53 -19.47 2.97 -16.19
C CYS B 53 -18.56 1.86 -15.67
N ILE B 54 -18.44 1.76 -14.35
CA ILE B 54 -17.60 0.75 -13.73
C ILE B 54 -17.97 -0.65 -14.22
N GLY B 55 -19.26 -0.91 -14.33
CA GLY B 55 -19.73 -2.22 -14.78
C GLY B 55 -19.49 -2.43 -16.27
N THR B 56 -18.23 -2.56 -16.66
CA THR B 56 -17.89 -2.76 -18.06
C THR B 56 -16.46 -3.27 -18.21
N GLY B 57 -15.54 -2.66 -17.46
CA GLY B 57 -14.14 -3.07 -17.52
C GLY B 57 -13.23 -1.92 -17.89
N CYS B 58 -12.07 -1.86 -17.25
CA CYS B 58 -11.09 -0.80 -17.51
C CYS B 58 -10.72 -0.77 -18.99
N PRO B 59 -10.70 0.44 -19.60
CA PRO B 59 -10.36 0.59 -21.01
C PRO B 59 -8.85 0.60 -21.26
N VAL B 60 -8.08 0.86 -20.20
CA VAL B 60 -6.63 0.90 -20.31
C VAL B 60 -6.02 -0.47 -20.01
N CYS B 61 -6.72 -1.27 -19.22
CA CYS B 61 -6.24 -2.60 -18.85
C CYS B 61 -6.97 -3.67 -19.66
N TYR B 62 -8.17 -3.35 -20.14
CA TYR B 62 -8.96 -4.29 -20.92
C TYR B 62 -9.33 -5.52 -20.08
N THR B 63 -9.64 -5.28 -18.81
CA THR B 63 -10.01 -6.36 -17.90
C THR B 63 -11.46 -6.22 -17.45
N PRO B 64 -12.18 -7.35 -17.31
CA PRO B 64 -13.58 -7.33 -16.89
C PRO B 64 -13.74 -6.97 -15.41
N ALA B 65 -14.80 -6.24 -15.10
CA ALA B 65 -15.07 -5.83 -13.72
C ALA B 65 -15.67 -6.97 -12.91
N TRP B 66 -14.92 -7.45 -11.93
CA TRP B 66 -15.37 -8.54 -11.08
C TRP B 66 -16.02 -8.01 -9.80
N ILE B 67 -16.41 -6.74 -9.80
CA ILE B 67 -17.03 -6.14 -8.64
C ILE B 67 -18.36 -5.47 -9.01
N GLN B 68 -19.44 -6.22 -8.88
CA GLN B 68 -20.78 -5.72 -9.19
C GLN B 68 -21.11 -4.50 -8.34
N ASP B 69 -20.54 -4.44 -7.15
CA ASP B 69 -20.78 -3.33 -6.24
C ASP B 69 -19.55 -2.44 -6.13
N LEU B 70 -19.63 -1.42 -5.28
CA LEU B 70 -18.52 -0.49 -5.08
C LEU B 70 -17.75 -0.83 -3.80
N LYS B 71 -16.88 -1.82 -3.88
CA LYS B 71 -16.08 -2.23 -2.73
C LYS B 71 -15.16 -1.11 -2.27
N ILE B 72 -14.45 -1.34 -1.17
CA ILE B 72 -13.53 -0.35 -0.64
C ILE B 72 -12.17 -0.97 -0.33
N ASN B 73 -11.11 -0.28 -0.74
CA ASN B 73 -9.75 -0.76 -0.51
C ASN B 73 -9.29 -0.42 0.90
N ARG B 74 -9.53 -1.32 1.84
CA ARG B 74 -9.14 -1.12 3.23
C ARG B 74 -7.64 -0.90 3.35
N GLN B 75 -6.87 -1.66 2.58
CA GLN B 75 -5.42 -1.55 2.60
C GLN B 75 -4.96 -0.22 2.01
N LEU B 76 -5.36 0.05 0.78
CA LEU B 76 -4.99 1.29 0.10
C LEU B 76 -5.50 2.50 0.88
N ASP B 77 -6.69 2.37 1.45
CA ASP B 77 -7.29 3.45 2.23
C ASP B 77 -6.38 3.89 3.36
N SER B 78 -6.06 2.96 4.26
CA SER B 78 -5.18 3.26 5.39
C SER B 78 -3.81 3.70 4.90
N MET B 79 -3.40 3.17 3.75
CA MET B 79 -2.10 3.50 3.17
C MET B 79 -2.01 4.99 2.88
N ILE B 80 -3.11 5.58 2.42
CA ILE B 80 -3.16 6.99 2.11
C ILE B 80 -2.99 7.83 3.37
N GLN B 81 -3.70 7.44 4.43
CA GLN B 81 -3.63 8.16 5.70
C GLN B 81 -2.20 8.17 6.24
N LEU B 82 -1.45 7.12 5.93
CA LEU B 82 -0.07 7.00 6.38
C LEU B 82 0.81 8.07 5.72
N CYS B 83 0.62 8.25 4.42
CA CYS B 83 1.40 9.23 3.67
C CYS B 83 1.18 10.64 4.24
N SER B 84 -0.03 10.90 4.69
CA SER B 84 -0.36 12.21 5.26
C SER B 84 0.38 12.42 6.57
N LYS B 85 0.61 11.33 7.30
CA LYS B 85 1.31 11.40 8.58
C LYS B 85 2.72 11.96 8.40
N LEU B 86 3.45 11.42 7.42
CA LEU B 86 4.80 11.86 7.14
C LEU B 86 4.83 13.34 6.76
N ARG B 87 3.79 13.78 6.05
CA ARG B 87 3.69 15.17 5.64
C ARG B 87 3.68 16.11 6.84
N ASN B 88 2.99 15.69 7.90
CA ASN B 88 2.92 16.49 9.12
C ASN B 88 4.23 16.43 9.90
N LEU B 89 4.82 15.24 9.96
CA LEU B 89 6.08 15.04 10.67
C LEU B 89 7.23 15.74 9.95
N LEU B 90 7.13 15.81 8.63
CA LEU B 90 8.15 16.45 7.82
C LEU B 90 8.07 17.97 7.91
N HIS B 91 6.89 18.51 7.61
CA HIS B 91 6.68 19.94 7.66
C HIS B 91 6.59 20.43 9.11
N ASP B 92 6.10 19.57 9.99
CA ASP B 92 5.98 19.92 11.41
C ASP B 92 5.06 21.11 11.59
N ASN B 93 4.48 21.23 12.79
CA ASN B 93 3.59 22.34 13.11
C ASN B 93 4.28 23.37 13.99
N GLU B 94 4.31 24.61 13.51
CA GLU B 94 4.94 25.70 14.26
C GLU B 94 4.58 27.05 13.66
N LEU B 95 4.84 28.12 14.41
CA LEU B 95 4.54 29.47 13.96
C LEU B 95 5.60 30.45 14.44
N SER B 96 5.45 31.71 14.04
CA SER B 96 6.40 32.75 14.44
C SER B 96 6.07 33.29 15.82
N ASP B 97 6.89 34.21 16.30
CA ASP B 97 6.69 34.81 17.62
C ASP B 97 6.79 36.33 17.55
ZN ZN C . 2.62 -15.08 1.82
ZN ZN D . -12.37 -12.96 0.75
ZN ZN E . -10.25 9.01 -8.58
ZN ZN F . -7.28 -1.07 -15.35
#